data_9LTV
#
_entry.id   9LTV
#
_cell.length_a   1.00
_cell.length_b   1.00
_cell.length_c   1.00
_cell.angle_alpha   90.00
_cell.angle_beta   90.00
_cell.angle_gamma   90.00
#
_symmetry.space_group_name_H-M   'P 1'
#
loop_
_entity.id
_entity.type
_entity.pdbx_description
1 polymer 'Antenna pigment protein beta chain'
2 polymer 'Antenna pigment protein alpha chain'
3 polymer 'Protein LRC'
4 polymer 'Photosynthetic reaction center cytochrome c subunit'
5 polymer 'Reaction center protein H chain'
6 polymer 'Reaction center protein L chain'
7 polymer 'Reaction center protein M chain'
8 non-polymer 'BACTERIOCHLOROPHYLL A'
9 non-polymer SPEROIDENONE
10 non-polymer 'PROTOPORPHYRIN IX CONTAINING FE'
11 non-polymer UBIQUINONE-10
12 non-polymer 'BACTERIOPHEOPHYTIN A'
13 non-polymer 'FE (III) ION'
#
loop_
_entity_poly.entity_id
_entity_poly.type
_entity_poly.pdbx_seq_one_letter_code
_entity_poly.pdbx_strand_id
1 'polypeptide(L)' DLSFTGLTDEQAQELHSVYMSGLWLFSAVAVVAHLATFIWRPWF 0,2,4,6,8,b,d,f,h,j,l,n,p,x
2 'polypeptide(L)' MSKFYKIWLIFDPRRVFVAQGVFLFLLAAMIHLVLLSTEHFNWFELAAANA 1,3,5,7,9,a,c,e,g,i,k,m,o,w
3 'polypeptide(L)' DMTCTITCWGIGVLLGIMTTVGLMVVGWSFLQGAFMGVLAWLIVGGVLAVAVCGKDNAEQIRAEMAAARERVRGAT A
4 'polypeptide(L)'
;KWFDEWNSKNPTDIYKPAIVVGVAGGAVFAAALLVSMGQPLATDSMQTGPRGTGMSVPEFVSDLDTPDPTIEVFLASTSD
PVIPEEGAQTAGEAYENVDPVLADLTVENYDRLLAAMRSWTGIPDLLEDPDHYQSKVAINMIQMNQTINEEWAGHVYANA
EVGVTCFTCHRGQAVPSEVWYRIDPVTENTSGWASVQNRATSLSQFTSLPSDALYQYLLNYEQIAVHDLESRVETLPGDP
TWQNTERTYSLMNYFSNSLGRNCVFCHNSRAFYDPAQHTPQWATAMLGISMVQELNNEWIVPIGEAHLPPERLGPVYNDV
PKLACKTCHKGYQQPLQGLNVVADWPELATTEGPFYD
;
C
5 'polypeptide(L)'
;EETFFGNFDLASLSLWLFYGFFALLIYYLQTENMREGYPLEDEDGNTAANQGPFPLPKEKTFKLQHGRGELTLPGEDVQR
RDNLALRKTAHGNGFPMEPTGDPMLDGVGPASWSKRRDVPELDAHGHPKIVPMSAAEGFGVSAGTDPRGLPVMAGDGEIV
GLVSDMWIDEAEQLVRYLELELDPEWGDGKRLVQRQMVRIKSDRVKVRSIYGKHFKNVPKTKSPNQVTLLEEDKIMAYYA
GGTLYADESRLEPQL
;
H
6 'polypeptide(L)'
;ALLSFERKYRVRGGTLIGGDLFDFWVGPFYVGFFGVTTAFFALLGTILIFWGASQQGTFNPWLINIAPPDLSYGLGMAPL
MEGGLWQIITICAIGAFVSWALREVEICRKLGMGYHVPFAFSVAIFAYVTLVVFRPLLMGAWGHGFPYGIWSHLDWVSNT
GYAYLHFHYNPAHMLAVTFFFTTTLALALHGALVLSAANPPKGEEVKGPDNEDTFFRDFIGYSIGTLGIHRVGLLLALNA
GFWSAVCIIISGPVWTKGWPEWWNWWLEMPIWP
;
L
7 'polypeptide(L)'
;PEYQNIFTQVQVQGPAELGVDNENNLTEERTTGTGFSQLIGWIGNAQLGPIYLGWFGIISLVTGTLWFNIVGFNMLSQVG
YSIPEFIRQLFWLALEPPSPEYGLRMPPLDDGGWFIIASFFLLVSVISWWLRTYQLAEMHKMGKHVAWAFAAAIWLFLVL
GLFRPILMGSWSEAVPYGIFPHLDWTTAFSIRYGNLYYNPFHALSIVFLYGSVLLFAMHGATILAVTRFGGDRELEQIYD
RGTASERAGLFWRWTMGFNATMEGIHRWAWWFAVLTPITGGIGILLTGTVVDNWFLWAVEHNFAPDYTQDYGYEAYTTYD
GFLGR
;
M
#
# COMPACT_ATOMS: atom_id res chain seq x y z
N ASP A 1 34.53 5.48 46.33
CA ASP A 1 35.39 5.47 45.16
C ASP A 1 34.63 5.02 43.92
N LEU A 2 33.38 4.60 44.13
CA LEU A 2 32.54 4.13 43.03
C LEU A 2 32.18 5.28 42.09
N SER A 3 32.32 5.04 40.79
CA SER A 3 31.98 6.04 39.78
C SER A 3 31.66 5.32 38.48
N PHE A 4 30.46 5.57 37.95
CA PHE A 4 30.00 4.91 36.73
C PHE A 4 30.22 5.76 35.48
N THR A 5 30.81 6.95 35.61
CA THR A 5 30.95 7.86 34.49
C THR A 5 32.39 8.22 34.14
N GLY A 6 33.32 8.12 35.08
CA GLY A 6 34.70 8.50 34.86
C GLY A 6 35.11 9.84 35.44
N LEU A 7 34.14 10.65 35.85
CA LEU A 7 34.46 11.93 36.48
C LEU A 7 34.98 11.72 37.89
N THR A 8 35.83 12.65 38.33
CA THR A 8 36.40 12.58 39.66
C THR A 8 35.47 13.26 40.67
N ASP A 9 35.88 13.28 41.93
CA ASP A 9 35.05 13.88 42.97
C ASP A 9 35.06 15.39 42.86
N GLU A 10 36.24 15.99 42.68
CA GLU A 10 36.33 17.45 42.65
C GLU A 10 35.63 18.04 41.43
N GLN A 11 35.79 17.41 40.27
CA GLN A 11 35.09 17.87 39.08
C GLN A 11 33.58 17.77 39.25
N ALA A 12 33.11 16.67 39.86
CA ALA A 12 31.69 16.54 40.13
C ALA A 12 31.20 17.62 41.08
N GLN A 13 31.97 17.94 42.12
CA GLN A 13 31.58 18.99 43.04
C GLN A 13 31.49 20.34 42.34
N GLU A 14 32.48 20.66 41.50
CA GLU A 14 32.45 21.94 40.78
C GLU A 14 31.27 22.02 39.83
N LEU A 15 31.01 20.94 39.08
CA LEU A 15 29.90 20.92 38.15
C LEU A 15 28.56 21.05 38.89
N HIS A 16 28.43 20.37 40.03
CA HIS A 16 27.21 20.48 40.81
C HIS A 16 27.04 21.88 41.38
N SER A 17 28.14 22.53 41.77
CA SER A 17 28.04 23.89 42.30
C SER A 17 27.53 24.86 41.23
N VAL A 18 28.11 24.80 40.03
CA VAL A 18 27.65 25.72 38.99
C VAL A 18 26.22 25.39 38.56
N TYR A 19 25.89 24.10 38.54
CA TYR A 19 24.51 23.71 38.22
C TYR A 19 23.53 24.24 39.25
N MET A 20 23.89 24.18 40.53
CA MET A 20 23.00 24.70 41.57
C MET A 20 22.90 26.22 41.50
N SER A 21 23.98 26.90 41.11
CA SER A 21 23.89 28.35 40.91
C SER A 21 22.89 28.69 39.81
N GLY A 22 22.99 27.99 38.68
CA GLY A 22 22.02 28.21 37.62
C GLY A 22 20.61 27.88 38.04
N LEU A 23 20.44 26.79 38.79
CA LEU A 23 19.13 26.41 39.28
C LEU A 23 18.54 27.48 40.21
N TRP A 24 19.37 28.05 41.08
CA TRP A 24 18.89 29.09 41.98
C TRP A 24 18.50 30.35 41.22
N LEU A 25 19.28 30.72 40.19
CA LEU A 25 18.90 31.87 39.37
C LEU A 25 17.55 31.63 38.68
N PHE A 26 17.38 30.44 38.10
CA PHE A 26 16.12 30.09 37.45
C PHE A 26 14.96 30.14 38.43
N SER A 27 15.16 29.57 39.63
CA SER A 27 14.10 29.53 40.63
C SER A 27 13.74 30.94 41.12
N ALA A 28 14.73 31.80 41.29
CA ALA A 28 14.45 33.17 41.71
C ALA A 28 13.62 33.90 40.66
N VAL A 29 14.01 33.77 39.39
CA VAL A 29 13.24 34.43 38.33
C VAL A 29 11.82 33.89 38.29
N ALA A 30 11.66 32.56 38.37
CA ALA A 30 10.34 31.96 38.34
C ALA A 30 9.48 32.41 39.53
N VAL A 31 10.09 32.50 40.71
CA VAL A 31 9.35 32.91 41.91
C VAL A 31 8.86 34.35 41.76
N VAL A 32 9.74 35.24 41.28
CA VAL A 32 9.34 36.62 41.08
C VAL A 32 8.20 36.72 40.07
N ALA A 33 8.30 35.97 38.97
CA ALA A 33 7.25 36.01 37.95
C ALA A 33 5.93 35.49 38.50
N HIS A 34 5.98 34.37 39.25
CA HIS A 34 4.75 33.81 39.80
C HIS A 34 4.11 34.74 40.81
N LEU A 35 4.91 35.39 41.65
CA LEU A 35 4.35 36.33 42.62
C LEU A 35 3.70 37.52 41.93
N ALA A 36 4.37 38.06 40.90
CA ALA A 36 3.79 39.18 40.16
C ALA A 36 2.48 38.77 39.49
N THR A 37 2.44 37.57 38.89
CA THR A 37 1.22 37.09 38.26
C THR A 37 0.10 36.92 39.28
N PHE A 38 0.41 36.35 40.45
CA PHE A 38 -0.61 36.17 41.47
C PHE A 38 -1.16 37.51 41.95
N ILE A 39 -0.28 38.51 42.11
CA ILE A 39 -0.75 39.84 42.45
C ILE A 39 -1.65 40.38 41.35
N TRP A 40 -1.29 40.12 40.08
CA TRP A 40 -2.12 40.55 38.96
C TRP A 40 -3.47 39.84 38.96
N ARG A 41 -3.47 38.53 39.20
CA ARG A 41 -4.68 37.72 39.08
C ARG A 41 -4.54 36.50 39.98
N PRO A 42 -5.08 36.54 41.20
CA PRO A 42 -5.02 35.36 42.08
C PRO A 42 -5.86 34.22 41.53
N TRP A 43 -5.43 33.00 41.82
CA TRP A 43 -6.12 31.79 41.38
C TRP A 43 -6.60 30.93 42.54
N PHE A 44 -6.56 31.44 43.77
CA PHE A 44 -7.01 30.67 44.93
C PHE A 44 -8.12 31.41 45.66
N MET B 1 -4.63 -57.55 30.08
CA MET B 1 -4.93 -56.43 30.96
C MET B 1 -3.82 -56.23 31.98
N SER B 2 -3.10 -57.31 32.30
CA SER B 2 -2.03 -57.26 33.29
C SER B 2 -0.71 -56.80 32.71
N LYS B 3 -0.62 -56.54 31.40
CA LYS B 3 0.58 -56.06 30.77
C LYS B 3 0.39 -54.67 30.16
N PHE B 4 -0.42 -53.83 30.81
CA PHE B 4 -0.65 -52.47 30.35
C PHE B 4 0.48 -51.52 30.74
N TYR B 5 1.38 -51.94 31.63
CA TYR B 5 2.49 -51.09 32.07
C TYR B 5 3.52 -50.85 30.97
N LYS B 6 3.47 -51.62 29.88
CA LYS B 6 4.45 -51.48 28.81
C LYS B 6 4.25 -50.23 27.97
N ILE B 7 3.18 -49.49 28.18
CA ILE B 7 2.92 -48.29 27.39
C ILE B 7 4.00 -47.24 27.60
N TRP B 8 4.60 -47.20 28.80
CA TRP B 8 5.64 -46.23 29.10
C TRP B 8 6.97 -46.58 28.42
N LEU B 9 7.11 -47.79 27.88
CA LEU B 9 8.28 -48.13 27.09
C LEU B 9 8.19 -47.61 25.66
N ILE B 10 7.03 -47.08 25.27
CA ILE B 10 6.82 -46.56 23.93
C ILE B 10 6.76 -45.04 23.91
N PHE B 11 6.07 -44.44 24.87
CA PHE B 11 5.89 -43.00 24.95
C PHE B 11 6.62 -42.43 26.16
N ASP B 12 7.25 -41.28 25.98
CA ASP B 12 7.93 -40.61 27.08
C ASP B 12 6.90 -40.02 28.03
N PRO B 13 6.98 -40.30 29.34
CA PRO B 13 5.91 -39.86 30.25
C PRO B 13 5.75 -38.35 30.36
N ARG B 14 6.79 -37.56 30.06
CA ARG B 14 6.69 -36.11 30.22
C ARG B 14 5.64 -35.52 29.28
N ARG B 15 5.77 -35.84 27.98
CA ARG B 15 4.82 -35.32 26.99
C ARG B 15 3.42 -35.85 27.25
N VAL B 16 3.32 -37.12 27.64
CA VAL B 16 2.01 -37.71 27.93
C VAL B 16 1.35 -36.97 29.10
N PHE B 17 2.11 -36.71 30.16
CA PHE B 17 1.55 -36.02 31.32
C PHE B 17 1.12 -34.60 30.96
N VAL B 18 1.94 -33.88 30.20
CA VAL B 18 1.59 -32.51 29.83
C VAL B 18 0.33 -32.50 28.97
N ALA B 19 0.26 -33.39 27.97
CA ALA B 19 -0.91 -33.44 27.11
C ALA B 19 -2.15 -33.84 27.88
N GLN B 20 -2.02 -34.79 28.80
CA GLN B 20 -3.17 -35.21 29.61
C GLN B 20 -3.69 -34.07 30.46
N GLY B 21 -2.79 -33.33 31.11
CA GLY B 21 -3.23 -32.20 31.92
C GLY B 21 -3.93 -31.14 31.10
N VAL B 22 -3.33 -30.77 29.96
CA VAL B 22 -3.92 -29.73 29.11
C VAL B 22 -5.29 -30.19 28.60
N PHE B 23 -5.38 -31.44 28.14
CA PHE B 23 -6.63 -31.95 27.60
C PHE B 23 -7.71 -32.00 28.68
N LEU B 24 -7.37 -32.46 29.88
CA LEU B 24 -8.34 -32.54 30.96
C LEU B 24 -8.86 -31.16 31.34
N PHE B 25 -7.95 -30.19 31.48
CA PHE B 25 -8.39 -28.85 31.85
C PHE B 25 -9.28 -28.23 30.77
N LEU B 26 -8.88 -28.36 29.51
CA LEU B 26 -9.67 -27.79 28.42
C LEU B 26 -11.05 -28.44 28.34
N LEU B 27 -11.11 -29.77 28.48
CA LEU B 27 -12.38 -30.46 28.42
C LEU B 27 -13.28 -30.05 29.58
N ALA B 28 -12.73 -29.93 30.79
CA ALA B 28 -13.53 -29.51 31.93
C ALA B 28 -14.06 -28.10 31.73
N ALA B 29 -13.22 -27.18 31.25
CA ALA B 29 -13.69 -25.82 31.00
C ALA B 29 -14.79 -25.80 29.95
N MET B 30 -14.61 -26.58 28.88
CA MET B 30 -15.63 -26.61 27.82
C MET B 30 -16.95 -27.17 28.34
N ILE B 31 -16.89 -28.22 29.16
CA ILE B 31 -18.13 -28.83 29.67
C ILE B 31 -18.83 -27.87 30.63
N HIS B 32 -18.07 -27.20 31.50
CA HIS B 32 -18.68 -26.22 32.39
C HIS B 32 -19.32 -25.07 31.60
N LEU B 33 -18.65 -24.60 30.56
CA LEU B 33 -19.22 -23.54 29.73
C LEU B 33 -20.47 -24.01 29.00
N VAL B 34 -20.48 -25.25 28.52
CA VAL B 34 -21.65 -25.79 27.84
C VAL B 34 -22.83 -25.86 28.81
N LEU B 35 -22.57 -26.31 30.03
CA LEU B 35 -23.64 -26.31 31.04
C LEU B 35 -24.11 -24.89 31.34
N LEU B 36 -23.19 -23.92 31.30
CA LEU B 36 -23.59 -22.52 31.49
C LEU B 36 -24.43 -22.01 30.33
N SER B 37 -24.25 -22.58 29.14
CA SER B 37 -24.92 -22.04 27.95
C SER B 37 -26.41 -22.34 27.90
N THR B 38 -26.92 -23.20 28.77
CA THR B 38 -28.33 -23.56 28.76
C THR B 38 -29.09 -22.77 29.82
N GLU B 39 -30.40 -23.00 29.88
CA GLU B 39 -31.27 -22.34 30.85
C GLU B 39 -31.62 -23.23 32.02
N HIS B 40 -31.74 -24.55 31.80
CA HIS B 40 -32.15 -25.45 32.87
C HIS B 40 -31.07 -25.59 33.94
N PHE B 41 -29.80 -25.68 33.54
CA PHE B 41 -28.72 -25.95 34.46
C PHE B 41 -27.86 -24.73 34.76
N ASN B 42 -28.29 -23.53 34.37
CA ASN B 42 -27.57 -22.30 34.67
C ASN B 42 -27.80 -21.99 36.15
N TRP B 43 -26.83 -22.36 36.99
CA TRP B 43 -27.04 -22.28 38.43
C TRP B 43 -27.12 -20.85 38.94
N PHE B 44 -26.38 -19.92 38.33
CA PHE B 44 -26.46 -18.52 38.74
C PHE B 44 -27.87 -17.97 38.51
N GLU B 45 -28.43 -18.22 37.33
CA GLU B 45 -29.78 -17.73 37.04
C GLU B 45 -30.83 -18.46 37.89
N LEU B 46 -30.61 -19.75 38.18
CA LEU B 46 -31.52 -20.47 39.06
C LEU B 46 -31.52 -19.88 40.46
N ALA B 47 -30.34 -19.53 40.98
CA ALA B 47 -30.26 -18.87 42.27
C ALA B 47 -30.91 -17.49 42.23
N ALA B 48 -30.73 -16.76 41.12
CA ALA B 48 -31.36 -15.46 40.99
C ALA B 48 -32.88 -15.56 40.96
N ALA B 49 -33.41 -16.64 40.38
CA ALA B 49 -34.85 -16.82 40.26
C ALA B 49 -35.49 -17.38 41.52
N ASN B 50 -34.70 -17.79 42.51
CA ASN B 50 -35.22 -18.34 43.76
C ASN B 50 -35.16 -17.35 44.90
N ALA B 51 -34.90 -16.08 44.63
CA ALA B 51 -34.84 -15.06 45.67
C ALA B 51 -35.89 -13.99 45.45
N ASP C 1 13.78 -57.51 25.55
CA ASP C 1 12.72 -56.63 26.04
C ASP C 1 12.68 -55.33 25.25
N LEU C 2 11.59 -55.13 24.50
CA LEU C 2 11.47 -53.96 23.65
C LEU C 2 11.33 -52.69 24.49
N SER C 3 11.93 -51.61 24.01
CA SER C 3 11.84 -50.32 24.69
C SER C 3 12.19 -49.23 23.68
N PHE C 4 11.21 -48.37 23.37
CA PHE C 4 11.44 -47.26 22.45
C PHE C 4 11.81 -45.97 23.17
N THR C 5 11.77 -45.96 24.51
CA THR C 5 12.15 -44.81 25.31
C THR C 5 13.48 -44.99 26.02
N GLY C 6 13.78 -46.21 26.46
CA GLY C 6 14.96 -46.51 27.23
C GLY C 6 14.68 -46.99 28.64
N LEU C 7 13.43 -46.96 29.08
CA LEU C 7 13.07 -47.45 30.39
C LEU C 7 13.19 -48.98 30.45
N THR C 8 13.46 -49.48 31.65
CA THR C 8 13.53 -50.91 31.88
C THR C 8 12.17 -51.45 32.29
N ASP C 9 12.04 -52.79 32.27
CA ASP C 9 10.79 -53.42 32.68
C ASP C 9 10.50 -53.16 34.16
N GLU C 10 11.52 -53.22 35.01
CA GLU C 10 11.32 -52.96 36.43
C GLU C 10 10.91 -51.52 36.68
N GLN C 11 11.52 -50.57 35.96
CA GLN C 11 11.20 -49.16 36.17
C GLN C 11 9.81 -48.80 35.66
N ALA C 12 9.30 -49.55 34.68
CA ALA C 12 8.03 -49.25 34.03
C ALA C 12 6.84 -49.85 34.77
N GLN C 13 7.01 -50.22 36.04
CA GLN C 13 5.92 -50.76 36.85
C GLN C 13 5.52 -49.84 37.99
N GLU C 14 6.50 -49.25 38.68
CA GLU C 14 6.20 -48.31 39.76
C GLU C 14 5.45 -47.09 39.23
N LEU C 15 5.89 -46.57 38.08
CA LEU C 15 5.22 -45.42 37.49
C LEU C 15 3.78 -45.76 37.10
N HIS C 16 3.58 -46.95 36.54
CA HIS C 16 2.24 -47.39 36.18
C HIS C 16 1.36 -47.52 37.43
N SER C 17 1.91 -48.05 38.51
CA SER C 17 1.14 -48.19 39.76
C SER C 17 0.74 -46.83 40.30
N VAL C 18 1.67 -45.87 40.32
CA VAL C 18 1.35 -44.53 40.82
C VAL C 18 0.32 -43.85 39.93
N TYR C 19 0.46 -44.01 38.61
CA TYR C 19 -0.52 -43.43 37.69
C TYR C 19 -1.90 -44.04 37.88
N MET C 20 -1.95 -45.36 38.11
CA MET C 20 -3.22 -46.02 38.38
C MET C 20 -3.85 -45.52 39.67
N SER C 21 -3.04 -45.32 40.71
CA SER C 21 -3.56 -44.78 41.97
C SER C 21 -4.13 -43.37 41.77
N GLY C 22 -3.41 -42.53 41.03
CA GLY C 22 -3.92 -41.20 40.74
C GLY C 22 -5.21 -41.23 39.94
N LEU C 23 -5.28 -42.13 38.96
CA LEU C 23 -6.50 -42.29 38.17
C LEU C 23 -7.66 -42.74 39.05
N TRP C 24 -7.41 -43.66 39.98
CA TRP C 24 -8.47 -44.10 40.89
C TRP C 24 -8.96 -42.97 41.78
N LEU C 25 -8.03 -42.16 42.30
CA LEU C 25 -8.43 -41.02 43.12
C LEU C 25 -9.26 -40.03 42.32
N PHE C 26 -8.83 -39.73 41.08
CA PHE C 26 -9.59 -38.82 40.23
C PHE C 26 -10.97 -39.39 39.92
N SER C 27 -11.05 -40.69 39.65
CA SER C 27 -12.33 -41.31 39.37
C SER C 27 -13.27 -41.25 40.56
N ALA C 28 -12.73 -41.49 41.76
CA ALA C 28 -13.57 -41.41 42.97
C ALA C 28 -14.09 -39.98 43.18
N VAL C 29 -13.22 -38.98 43.00
CA VAL C 29 -13.66 -37.60 43.16
C VAL C 29 -14.74 -37.26 42.13
N ALA C 30 -14.53 -37.67 40.88
CA ALA C 30 -15.51 -37.40 39.82
C ALA C 30 -16.83 -38.10 40.11
N VAL C 31 -16.78 -39.33 40.61
CA VAL C 31 -18.00 -40.07 40.93
C VAL C 31 -18.77 -39.36 42.04
N VAL C 32 -18.06 -38.89 43.08
CA VAL C 32 -18.72 -38.17 44.16
C VAL C 32 -19.37 -36.90 43.63
N ALA C 33 -18.64 -36.16 42.79
CA ALA C 33 -19.19 -34.91 42.25
C ALA C 33 -20.41 -35.18 41.39
N HIS C 34 -20.37 -36.22 40.55
CA HIS C 34 -21.50 -36.53 39.69
C HIS C 34 -22.70 -37.00 40.51
N LEU C 35 -22.46 -37.77 41.57
CA LEU C 35 -23.57 -38.17 42.44
C LEU C 35 -24.21 -36.97 43.10
N ALA C 36 -23.40 -36.03 43.58
CA ALA C 36 -23.95 -34.81 44.18
C ALA C 36 -24.77 -34.02 43.16
N THR C 37 -24.26 -33.88 41.94
CA THR C 37 -24.98 -33.14 40.91
C THR C 37 -26.28 -33.83 40.53
N PHE C 38 -26.26 -35.17 40.45
CA PHE C 38 -27.47 -35.92 40.16
C PHE C 38 -28.51 -35.74 41.27
N ILE C 39 -28.05 -35.71 42.52
CA ILE C 39 -28.96 -35.44 43.63
C ILE C 39 -29.57 -34.05 43.50
N TRP C 40 -28.74 -33.06 43.15
CA TRP C 40 -29.23 -31.69 43.05
C TRP C 40 -30.23 -31.54 41.91
N ARG C 41 -29.89 -32.05 40.72
CA ARG C 41 -30.74 -31.89 39.56
C ARG C 41 -30.58 -33.07 38.60
N PRO C 42 -31.54 -33.99 38.57
CA PRO C 42 -31.42 -35.14 37.67
C PRO C 42 -31.57 -34.72 36.21
N TRP C 43 -30.96 -35.53 35.34
CA TRP C 43 -31.06 -35.31 33.90
C TRP C 43 -31.42 -36.56 33.11
N PHE C 44 -31.76 -37.65 33.79
CA PHE C 44 -32.14 -38.88 33.09
C PHE C 44 -33.55 -39.32 33.49
N MET D 1 -0.33 -43.26 46.00
CA MET D 1 -0.57 -42.06 46.77
C MET D 1 0.69 -41.60 47.50
N SER D 2 1.30 -42.51 48.25
CA SER D 2 2.51 -42.20 49.00
C SER D 2 3.73 -41.99 48.11
N LYS D 3 3.64 -42.33 46.82
CA LYS D 3 4.74 -42.17 45.88
C LYS D 3 4.56 -40.94 45.00
N PHE D 4 3.68 -40.01 45.39
CA PHE D 4 3.44 -38.82 44.60
C PHE D 4 4.65 -37.90 44.53
N TYR D 5 5.61 -38.06 45.44
CA TYR D 5 6.82 -37.24 45.44
C TYR D 5 7.70 -37.48 44.22
N LYS D 6 7.47 -38.56 43.47
CA LYS D 6 8.29 -38.89 42.33
C LYS D 6 8.07 -37.96 41.14
N ILE D 7 7.06 -37.10 41.20
CA ILE D 7 6.83 -36.14 40.10
C ILE D 7 8.02 -35.21 39.93
N TRP D 8 8.77 -34.96 41.00
CA TRP D 8 9.93 -34.09 40.92
C TRP D 8 11.15 -34.79 40.33
N LEU D 9 11.08 -36.11 40.14
CA LEU D 9 12.08 -36.83 39.37
C LEU D 9 11.77 -36.85 37.88
N ILE D 10 10.60 -36.35 37.48
CA ILE D 10 10.17 -36.31 36.09
C ILE D 10 10.06 -34.88 35.58
N PHE D 11 9.55 -33.96 36.39
CA PHE D 11 9.30 -32.59 35.98
C PHE D 11 10.24 -31.64 36.72
N ASP D 12 10.67 -30.59 36.03
CA ASP D 12 11.50 -29.56 36.64
C ASP D 12 10.63 -28.64 37.49
N PRO D 13 10.92 -28.46 38.78
CA PRO D 13 10.07 -27.58 39.61
C PRO D 13 10.02 -26.15 39.13
N ARG D 14 11.09 -25.63 38.52
CA ARG D 14 11.15 -24.22 38.17
C ARG D 14 10.05 -23.83 37.18
N ARG D 15 9.85 -24.65 36.14
CA ARG D 15 8.85 -24.32 35.13
C ARG D 15 7.44 -24.54 35.66
N VAL D 16 7.21 -25.65 36.37
CA VAL D 16 5.87 -25.96 36.83
C VAL D 16 5.43 -24.96 37.89
N PHE D 17 6.36 -24.41 38.67
CA PHE D 17 5.98 -23.40 39.67
C PHE D 17 5.41 -22.16 39.00
N VAL D 18 6.12 -21.66 37.97
CA VAL D 18 5.64 -20.48 37.25
C VAL D 18 4.33 -20.78 36.54
N ALA D 19 4.22 -21.96 35.93
CA ALA D 19 2.98 -22.33 35.26
C ALA D 19 1.81 -22.37 36.24
N GLN D 20 2.02 -22.96 37.42
CA GLN D 20 0.99 -23.04 38.42
C GLN D 20 0.57 -21.65 38.90
N GLY D 21 1.54 -20.76 39.15
CA GLY D 21 1.21 -19.42 39.58
C GLY D 21 0.39 -18.67 38.54
N VAL D 22 0.83 -18.73 37.28
CA VAL D 22 0.11 -18.04 36.20
C VAL D 22 -1.30 -18.59 36.06
N PHE D 23 -1.43 -19.92 36.07
CA PHE D 23 -2.74 -20.54 35.90
C PHE D 23 -3.68 -20.18 37.05
N LEU D 24 -3.18 -20.21 38.29
CA LEU D 24 -4.00 -19.88 39.43
C LEU D 24 -4.47 -18.43 39.37
N PHE D 25 -3.55 -17.51 39.05
CA PHE D 25 -3.95 -16.10 38.96
C PHE D 25 -4.98 -15.89 37.85
N LEU D 26 -4.77 -16.50 36.69
CA LEU D 26 -5.72 -16.34 35.60
C LEU D 26 -7.09 -16.91 35.96
N LEU D 27 -7.12 -18.08 36.60
CA LEU D 27 -8.39 -18.69 36.98
C LEU D 27 -9.13 -17.83 38.00
N ALA D 28 -8.41 -17.32 39.00
CA ALA D 28 -9.05 -16.45 39.98
C ALA D 28 -9.59 -15.18 39.32
N ALA D 29 -8.81 -14.60 38.40
CA ALA D 29 -9.25 -13.39 37.72
C ALA D 29 -10.51 -13.63 36.90
N MET D 30 -10.55 -14.75 36.15
CA MET D 30 -11.72 -14.99 35.32
C MET D 30 -12.94 -15.36 36.15
N ILE D 31 -12.75 -16.05 37.28
CA ILE D 31 -13.89 -16.35 38.14
C ILE D 31 -14.46 -15.07 38.77
N HIS D 32 -13.58 -14.18 39.24
CA HIS D 32 -14.05 -12.92 39.79
C HIS D 32 -14.74 -12.08 38.70
N LEU D 33 -14.21 -12.12 37.47
CA LEU D 33 -14.85 -11.42 36.36
C LEU D 33 -16.24 -11.97 36.07
N VAL D 34 -16.38 -13.30 36.07
CA VAL D 34 -17.67 -13.92 35.83
C VAL D 34 -18.66 -13.52 36.91
N LEU D 35 -18.21 -13.50 38.18
CA LEU D 35 -19.07 -13.04 39.26
C LEU D 35 -19.50 -11.59 39.05
N LEU D 36 -18.56 -10.74 38.62
CA LEU D 36 -18.89 -9.33 38.37
C LEU D 36 -19.83 -9.15 37.19
N SER D 37 -19.85 -10.09 36.24
CA SER D 37 -20.65 -9.94 35.03
C SER D 37 -22.13 -10.25 35.25
N THR D 38 -22.50 -10.82 36.39
CA THR D 38 -23.88 -11.23 36.64
C THR D 38 -24.61 -10.18 37.49
N GLU D 39 -25.94 -10.21 37.40
CA GLU D 39 -26.79 -9.28 38.13
C GLU D 39 -27.19 -9.78 39.51
N HIS D 40 -26.85 -11.02 39.86
CA HIS D 40 -27.21 -11.58 41.15
C HIS D 40 -26.09 -11.57 42.17
N PHE D 41 -24.83 -11.58 41.72
CA PHE D 41 -23.67 -11.62 42.61
C PHE D 41 -22.78 -10.41 42.45
N ASN D 42 -23.30 -9.32 41.89
CA ASN D 42 -22.53 -8.07 41.74
C ASN D 42 -22.63 -7.31 43.05
N TRP D 43 -21.57 -7.40 43.86
CA TRP D 43 -21.58 -6.75 45.17
C TRP D 43 -21.55 -5.23 45.08
N PHE D 44 -20.94 -4.67 44.02
CA PHE D 44 -20.92 -3.22 43.87
C PHE D 44 -22.33 -2.68 43.68
N GLU D 45 -23.15 -3.36 42.88
CA GLU D 45 -24.54 -2.95 42.70
C GLU D 45 -25.39 -3.30 43.92
N LEU D 46 -25.01 -4.37 44.65
CA LEU D 46 -25.72 -4.70 45.88
C LEU D 46 -25.54 -3.62 46.92
N ALA D 47 -24.35 -3.03 47.01
CA ALA D 47 -24.11 -1.94 47.95
C ALA D 47 -24.98 -0.73 47.62
N ALA D 48 -25.11 -0.40 46.34
CA ALA D 48 -25.94 0.74 45.95
C ALA D 48 -27.42 0.46 46.17
N ALA D 49 -27.87 -0.76 45.87
CA ALA D 49 -29.28 -1.08 46.01
C ALA D 49 -29.71 -1.10 47.47
N ASN D 50 -28.87 -1.64 48.36
CA ASN D 50 -29.24 -1.75 49.77
C ASN D 50 -29.36 -0.38 50.42
N ALA D 51 -28.44 0.53 50.11
CA ALA D 51 -28.46 1.87 50.71
C ALA D 51 -29.07 2.88 49.74
N ASP E 1 18.25 -45.56 39.80
CA ASP E 1 16.95 -44.91 39.79
C ASP E 1 16.75 -44.11 38.50
N LEU E 2 15.49 -43.78 38.21
CA LEU E 2 15.13 -43.01 37.03
C LEU E 2 14.92 -41.56 37.44
N SER E 3 15.67 -40.66 36.80
CA SER E 3 15.62 -39.23 37.12
C SER E 3 15.97 -38.44 35.87
N PHE E 4 14.97 -37.82 35.24
CA PHE E 4 15.20 -36.99 34.07
C PHE E 4 15.68 -35.59 34.40
N THR E 5 15.58 -35.16 35.66
CA THR E 5 15.93 -33.80 36.04
C THR E 5 17.13 -33.73 36.97
N GLY E 6 17.84 -34.83 37.19
CA GLY E 6 19.02 -34.80 38.05
C GLY E 6 18.73 -34.50 39.51
N LEU E 7 17.71 -35.11 40.08
CA LEU E 7 17.38 -34.96 41.49
C LEU E 7 17.34 -36.32 42.18
N THR E 8 17.64 -36.31 43.48
CA THR E 8 17.65 -37.52 44.27
C THR E 8 16.29 -37.73 44.94
N ASP E 9 16.18 -38.83 45.69
CA ASP E 9 14.93 -39.17 46.34
C ASP E 9 14.63 -38.26 47.52
N GLU E 10 15.63 -38.01 48.37
CA GLU E 10 15.41 -37.23 49.59
C GLU E 10 15.07 -35.78 49.25
N GLN E 11 15.75 -35.19 48.27
CA GLN E 11 15.43 -33.83 47.85
C GLN E 11 14.00 -33.75 47.32
N ALA E 12 13.60 -34.73 46.53
CA ALA E 12 12.23 -34.77 46.01
C ALA E 12 11.22 -34.89 47.13
N GLN E 13 11.50 -35.71 48.14
CA GLN E 13 10.59 -35.85 49.27
C GLN E 13 10.48 -34.54 50.05
N GLU E 14 11.61 -33.85 50.27
CA GLU E 14 11.57 -32.57 50.97
C GLU E 14 10.76 -31.54 50.20
N LEU E 15 10.98 -31.46 48.89
CA LEU E 15 10.23 -30.51 48.07
C LEU E 15 8.75 -30.85 48.07
N HIS E 16 8.41 -32.14 48.00
CA HIS E 16 7.03 -32.55 48.05
C HIS E 16 6.38 -32.19 49.38
N SER E 17 7.11 -32.34 50.48
CA SER E 17 6.56 -32.00 51.79
C SER E 17 6.27 -30.49 51.88
N VAL E 18 7.22 -29.66 51.43
CA VAL E 18 7.01 -28.22 51.49
C VAL E 18 5.84 -27.81 50.58
N TYR E 19 5.79 -28.39 49.37
CA TYR E 19 4.70 -28.09 48.45
C TYR E 19 3.36 -28.52 49.02
N MET E 20 3.32 -29.67 49.69
CA MET E 20 2.09 -30.13 50.32
C MET E 20 1.64 -29.20 51.44
N SER E 21 2.59 -28.72 52.26
CA SER E 21 2.23 -27.76 53.30
C SER E 21 1.63 -26.50 52.71
N GLY E 22 2.27 -25.95 51.67
CA GLY E 22 1.72 -24.78 51.01
C GLY E 22 0.35 -25.03 50.42
N LEU E 23 0.16 -26.19 49.78
CA LEU E 23 -1.12 -26.54 49.20
C LEU E 23 -2.21 -26.66 50.26
N TRP E 24 -1.88 -27.26 51.40
CA TRP E 24 -2.86 -27.38 52.48
C TRP E 24 -3.25 -26.01 53.01
N LEU E 25 -2.28 -25.11 53.20
CA LEU E 25 -2.61 -23.76 53.65
C LEU E 25 -3.51 -23.04 52.65
N PHE E 26 -3.18 -23.14 51.36
CA PHE E 26 -4.00 -22.50 50.34
C PHE E 26 -5.41 -23.08 50.32
N SER E 27 -5.54 -24.40 50.44
CA SER E 27 -6.84 -25.03 50.44
C SER E 27 -7.66 -24.61 51.65
N ALA E 28 -7.02 -24.49 52.81
CA ALA E 28 -7.72 -24.03 54.00
C ALA E 28 -8.24 -22.60 53.83
N VAL E 29 -7.40 -21.73 53.25
CA VAL E 29 -7.85 -20.36 53.00
C VAL E 29 -9.03 -20.35 52.04
N ALA E 30 -8.96 -21.15 50.97
CA ALA E 30 -10.05 -21.21 50.00
C ALA E 30 -11.33 -21.73 50.64
N VAL E 31 -11.22 -22.75 51.51
CA VAL E 31 -12.40 -23.30 52.17
C VAL E 31 -13.03 -22.26 53.07
N VAL E 32 -12.21 -21.52 53.83
CA VAL E 32 -12.77 -20.47 54.69
C VAL E 32 -13.48 -19.41 53.86
N ALA E 33 -12.87 -18.99 52.76
CA ALA E 33 -13.49 -17.98 51.90
C ALA E 33 -14.80 -18.48 51.32
N HIS E 34 -14.84 -19.73 50.86
CA HIS E 34 -16.06 -20.28 50.29
C HIS E 34 -17.17 -20.40 51.33
N LEU E 35 -16.82 -20.83 52.55
CA LEU E 35 -17.82 -20.89 53.61
C LEU E 35 -18.39 -19.51 53.92
N ALA E 36 -17.51 -18.50 54.01
CA ALA E 36 -17.99 -17.15 54.27
C ALA E 36 -18.91 -16.66 53.16
N THR E 37 -18.53 -16.89 51.90
CA THR E 37 -19.36 -16.45 50.79
C THR E 37 -20.71 -17.16 50.77
N PHE E 38 -20.71 -18.47 51.03
CA PHE E 38 -21.97 -19.21 51.05
C PHE E 38 -22.87 -18.73 52.19
N ILE E 39 -22.29 -18.42 53.35
CA ILE E 39 -23.08 -17.87 54.44
C ILE E 39 -23.67 -16.52 54.04
N TRP E 40 -22.86 -15.66 53.40
CA TRP E 40 -23.33 -14.34 53.02
C TRP E 40 -24.41 -14.42 51.93
N ARG E 41 -24.19 -15.24 50.91
CA ARG E 41 -25.11 -15.32 49.78
C ARG E 41 -25.10 -16.75 49.24
N PRO E 42 -26.12 -17.55 49.55
CA PRO E 42 -26.17 -18.92 49.03
C PRO E 42 -26.36 -18.93 47.52
N TRP E 43 -25.79 -19.96 46.89
CA TRP E 43 -25.92 -20.15 45.45
C TRP E 43 -26.50 -21.51 45.09
N PHE E 44 -27.01 -22.26 46.06
CA PHE E 44 -27.58 -23.57 45.80
C PHE E 44 -29.01 -23.66 46.32
N MET F 1 6.03 -24.90 57.07
CA MET F 1 5.87 -23.45 57.01
C MET F 1 7.14 -22.74 57.48
N SER F 2 7.93 -23.42 58.30
CA SER F 2 9.18 -22.88 58.79
C SER F 2 10.34 -23.09 57.82
N LYS F 3 10.11 -23.77 56.71
CA LYS F 3 11.15 -24.05 55.71
C LYS F 3 10.82 -23.43 54.37
N PHE F 4 10.05 -22.33 54.37
CA PHE F 4 9.68 -21.65 53.14
C PHE F 4 10.82 -20.84 52.54
N TYR F 5 11.93 -20.68 53.25
CA TYR F 5 13.06 -19.93 52.74
C TYR F 5 13.74 -20.59 51.55
N LYS F 6 13.46 -21.87 51.30
CA LYS F 6 14.10 -22.60 50.22
C LYS F 6 13.63 -22.16 48.84
N ILE F 7 12.61 -21.30 48.76
CA ILE F 7 12.16 -20.79 47.46
C ILE F 7 13.27 -20.00 46.78
N TRP F 8 14.17 -19.38 47.56
CA TRP F 8 15.30 -18.66 47.01
C TRP F 8 16.39 -19.58 46.49
N LEU F 9 16.34 -20.87 46.83
CA LEU F 9 17.23 -21.86 46.23
C LEU F 9 16.68 -22.38 44.91
N ILE F 10 15.47 -21.99 44.54
CA ILE F 10 14.85 -22.39 43.28
C ILE F 10 14.76 -21.21 42.31
N PHE F 11 14.48 -20.02 42.81
CA PHE F 11 14.24 -18.85 41.98
C PHE F 11 15.29 -17.77 42.24
N ASP F 12 15.54 -16.97 41.20
CA ASP F 12 16.46 -15.84 41.33
C ASP F 12 15.82 -14.74 42.18
N PRO F 13 16.65 -13.98 42.91
CA PRO F 13 16.11 -12.89 43.75
C PRO F 13 15.75 -11.63 42.99
N ARG F 14 16.14 -11.49 41.73
CA ARG F 14 15.89 -10.28 40.95
C ARG F 14 14.66 -10.39 40.07
N ARG F 15 14.49 -11.54 39.40
CA ARG F 15 13.31 -11.75 38.57
C ARG F 15 12.04 -11.70 39.40
N VAL F 16 12.06 -12.33 40.57
CA VAL F 16 10.90 -12.32 41.45
C VAL F 16 10.56 -10.90 41.88
N PHE F 17 11.57 -10.10 42.22
CA PHE F 17 11.32 -8.72 42.65
C PHE F 17 10.71 -7.90 41.52
N VAL F 18 11.26 -8.01 40.31
CA VAL F 18 10.74 -7.23 39.20
C VAL F 18 9.29 -7.62 38.89
N ALA F 19 9.04 -8.93 38.82
CA ALA F 19 7.69 -9.40 38.53
C ALA F 19 6.71 -8.97 39.61
N GLN F 20 7.12 -9.06 40.88
CA GLN F 20 6.25 -8.67 41.97
C GLN F 20 5.92 -7.18 41.90
N GLY F 21 6.92 -6.34 41.62
CA GLY F 21 6.66 -4.91 41.53
C GLY F 21 5.68 -4.57 40.42
N VAL F 22 5.91 -5.13 39.22
CA VAL F 22 5.02 -4.84 38.10
C VAL F 22 3.62 -5.34 38.38
N PHE F 23 3.52 -6.57 38.90
CA PHE F 23 2.22 -7.16 39.21
C PHE F 23 1.46 -6.34 40.25
N LEU F 24 2.14 -5.92 41.32
CA LEU F 24 1.49 -5.15 42.36
C LEU F 24 0.98 -3.82 41.83
N PHE F 25 1.81 -3.11 41.06
CA PHE F 25 1.37 -1.82 40.54
C PHE F 25 0.18 -1.99 39.60
N LEU F 26 0.23 -2.97 38.70
CA LEU F 26 -0.87 -3.17 37.77
C LEU F 26 -2.16 -3.53 38.50
N LEU F 27 -2.07 -4.43 39.49
CA LEU F 27 -3.26 -4.82 40.22
C LEU F 27 -3.85 -3.66 41.01
N ALA F 28 -3.01 -2.87 41.66
CA ALA F 28 -3.50 -1.72 42.41
C ALA F 28 -4.20 -0.72 41.49
N ALA F 29 -3.59 -0.43 40.33
CA ALA F 29 -4.21 0.49 39.39
C ALA F 29 -5.55 -0.04 38.90
N MET F 30 -5.61 -1.33 38.58
CA MET F 30 -6.86 -1.92 38.08
C MET F 30 -7.95 -1.87 39.14
N ILE F 31 -7.61 -2.17 40.40
CA ILE F 31 -8.61 -2.15 41.46
C ILE F 31 -9.12 -0.73 41.71
N HIS F 32 -8.20 0.25 41.73
CA HIS F 32 -8.63 1.64 41.91
C HIS F 32 -9.54 2.08 40.77
N LEU F 33 -9.19 1.72 39.53
CA LEU F 33 -10.05 2.06 38.39
C LEU F 33 -11.42 1.41 38.50
N VAL F 34 -11.45 0.13 38.89
CA VAL F 34 -12.73 -0.56 39.04
C VAL F 34 -13.59 0.12 40.10
N LEU F 35 -12.96 0.54 41.21
CA LEU F 35 -13.69 1.28 42.23
C LEU F 35 -14.25 2.59 41.67
N LEU F 36 -13.46 3.28 40.84
CA LEU F 36 -13.90 4.55 40.29
C LEU F 36 -15.09 4.43 39.35
N SER F 37 -15.39 3.23 38.84
CA SER F 37 -16.46 3.08 37.86
C SER F 37 -17.84 2.99 38.47
N THR F 38 -17.96 2.77 39.77
CA THR F 38 -19.26 2.62 40.40
C THR F 38 -19.81 3.96 40.88
N GLU F 39 -21.11 3.98 41.15
CA GLU F 39 -21.80 5.18 41.61
C GLU F 39 -21.77 5.32 43.13
N HIS F 40 -21.30 4.32 43.86
CA HIS F 40 -21.30 4.35 45.31
C HIS F 40 -19.91 4.53 45.92
N PHE F 41 -18.85 4.25 45.17
CA PHE F 41 -17.49 4.27 45.70
C PHE F 41 -16.60 5.26 44.95
N ASN F 42 -17.18 6.27 44.31
CA ASN F 42 -16.42 7.30 43.59
C ASN F 42 -16.33 8.51 44.51
N TRP F 43 -15.17 8.68 45.14
CA TRP F 43 -14.98 9.75 46.11
C TRP F 43 -15.16 11.14 45.57
N PHE F 44 -14.81 11.33 44.31
CA PHE F 44 -14.99 12.63 43.68
C PHE F 44 -16.47 12.99 43.58
N GLU F 45 -17.30 12.06 43.09
CA GLU F 45 -18.71 12.34 42.96
C GLU F 45 -19.41 12.45 44.31
N LEU F 46 -18.98 11.67 45.29
CA LEU F 46 -19.55 11.78 46.63
C LEU F 46 -19.23 13.13 47.26
N ALA F 47 -17.99 13.60 47.08
CA ALA F 47 -17.64 14.94 47.57
C ALA F 47 -18.43 16.02 46.83
N ALA F 48 -18.62 15.85 45.53
CA ALA F 48 -19.40 16.82 44.76
C ALA F 48 -20.85 16.86 45.23
N ALA F 49 -21.44 15.70 45.50
CA ALA F 49 -22.85 15.65 45.89
C ALA F 49 -23.07 16.12 47.33
N ASN F 50 -22.04 16.07 48.18
CA ASN F 50 -22.15 16.49 49.57
C ASN F 50 -21.78 17.95 49.77
N ALA F 51 -21.92 18.77 48.73
CA ALA F 51 -21.59 20.19 48.83
C ALA F 51 -22.72 21.05 48.27
N ASP G 1 23.51 -30.08 49.67
CA ASP G 1 22.25 -29.35 49.66
C ASP G 1 21.83 -29.01 48.23
N LEU G 2 20.56 -29.23 47.92
CA LEU G 2 20.05 -28.95 46.58
C LEU G 2 20.03 -27.44 46.33
N SER G 3 20.57 -27.02 45.18
CA SER G 3 20.62 -25.61 44.84
C SER G 3 20.60 -25.46 43.32
N PHE G 4 20.01 -24.36 42.86
CA PHE G 4 19.96 -24.04 41.45
C PHE G 4 20.43 -22.63 41.11
N THR G 5 20.38 -21.70 42.06
CA THR G 5 20.80 -20.33 41.80
C THR G 5 22.17 -20.00 42.37
N GLY G 6 22.75 -20.92 43.15
CA GLY G 6 24.05 -20.71 43.76
C GLY G 6 24.01 -20.15 45.16
N LEU G 7 22.84 -19.74 45.64
CA LEU G 7 22.72 -19.23 47.00
C LEU G 7 22.86 -20.36 48.02
N THR G 8 23.32 -20.00 49.21
CA THR G 8 23.49 -20.95 50.30
C THR G 8 22.31 -20.88 51.25
N ASP G 9 22.35 -21.73 52.29
CA ASP G 9 21.27 -21.77 53.25
C ASP G 9 21.17 -20.47 54.05
N GLU G 10 22.32 -19.93 54.49
CA GLU G 10 22.30 -18.74 55.33
C GLU G 10 21.90 -17.51 54.54
N GLN G 11 22.42 -17.37 53.32
CA GLN G 11 22.03 -16.24 52.48
C GLN G 11 20.54 -16.26 52.17
N ALA G 12 20.02 -17.45 51.83
CA ALA G 12 18.60 -17.58 51.56
C ALA G 12 17.77 -17.27 52.80
N GLN G 13 18.23 -17.74 53.97
CA GLN G 13 17.50 -17.47 55.20
C GLN G 13 17.45 -15.97 55.51
N GLU G 14 18.58 -15.28 55.36
CA GLU G 14 18.61 -13.85 55.62
C GLU G 14 17.74 -13.09 54.61
N LEU G 15 17.81 -13.48 53.34
CA LEU G 15 16.99 -12.84 52.32
C LEU G 15 15.50 -13.04 52.62
N HIS G 16 15.12 -14.26 53.02
CA HIS G 16 13.73 -14.51 53.39
C HIS G 16 13.34 -13.68 54.60
N SER G 17 14.24 -13.55 55.58
CA SER G 17 13.94 -12.77 56.77
C SER G 17 13.61 -11.32 56.41
N VAL G 18 14.48 -10.68 55.62
CA VAL G 18 14.21 -9.29 55.25
C VAL G 18 13.00 -9.19 54.33
N TYR G 19 12.78 -10.20 53.46
CA TYR G 19 11.63 -10.19 52.57
C TYR G 19 10.33 -10.20 53.37
N MET G 20 10.21 -11.10 54.35
CA MET G 20 9.02 -11.11 55.19
C MET G 20 8.94 -9.89 56.08
N SER G 21 10.09 -9.31 56.47
CA SER G 21 10.06 -8.07 57.24
C SER G 21 9.39 -6.96 56.45
N GLY G 22 9.72 -6.83 55.18
CA GLY G 22 9.03 -5.87 54.33
C GLY G 22 7.58 -6.24 54.06
N LEU G 23 7.33 -7.54 53.85
CA LEU G 23 5.99 -8.00 53.53
C LEU G 23 5.01 -7.74 54.66
N TRP G 24 5.44 -7.93 55.90
CA TRP G 24 4.56 -7.69 57.04
C TRP G 24 4.18 -6.22 57.15
N LEU G 25 5.14 -5.32 56.91
CA LEU G 25 4.83 -3.89 56.91
C LEU G 25 3.84 -3.55 55.81
N PHE G 26 4.06 -4.09 54.60
CA PHE G 26 3.13 -3.82 53.50
C PHE G 26 1.74 -4.33 53.82
N SER G 27 1.65 -5.54 54.37
CA SER G 27 0.35 -6.11 54.71
C SER G 27 -0.34 -5.32 55.81
N ALA G 28 0.42 -4.84 56.80
CA ALA G 28 -0.16 -4.04 57.87
C ALA G 28 -0.72 -2.73 57.33
N VAL G 29 0.03 -2.07 56.43
CA VAL G 29 -0.48 -0.84 55.83
C VAL G 29 -1.74 -1.10 55.03
N ALA G 30 -1.75 -2.20 54.26
CA ALA G 30 -2.93 -2.55 53.48
C ALA G 30 -4.13 -2.84 54.39
N VAL G 31 -3.89 -3.52 55.51
CA VAL G 31 -4.97 -3.84 56.43
C VAL G 31 -5.54 -2.57 57.06
N VAL G 32 -4.66 -1.65 57.46
CA VAL G 32 -5.14 -0.38 58.02
C VAL G 32 -5.97 0.37 57.00
N ALA G 33 -5.49 0.43 55.76
CA ALA G 33 -6.24 1.13 54.71
C ALA G 33 -7.60 0.46 54.48
N HIS G 34 -7.64 -0.87 54.45
CA HIS G 34 -8.90 -1.57 54.22
C HIS G 34 -9.88 -1.34 55.36
N LEU G 35 -9.39 -1.35 56.61
CA LEU G 35 -10.26 -1.09 57.75
C LEU G 35 -10.80 0.33 57.71
N ALA G 36 -9.96 1.30 57.37
CA ALA G 36 -10.42 2.68 57.25
C ALA G 36 -11.48 2.81 56.16
N THR G 37 -11.27 2.16 55.01
CA THR G 37 -12.24 2.21 53.93
C THR G 37 -13.56 1.57 54.33
N PHE G 38 -13.49 0.44 55.04
CA PHE G 38 -14.72 -0.22 55.49
C PHE G 38 -15.47 0.63 56.49
N ILE G 39 -14.74 1.32 57.38
CA ILE G 39 -15.39 2.24 58.32
C ILE G 39 -16.06 3.38 57.58
N TRP G 40 -15.38 3.93 56.57
CA TRP G 40 -15.94 5.06 55.83
C TRP G 40 -17.11 4.63 54.95
N ARG G 41 -16.86 3.72 54.00
CA ARG G 41 -17.87 3.27 53.05
C ARG G 41 -17.92 1.74 53.10
N PRO G 42 -18.80 1.18 53.93
CA PRO G 42 -18.84 -0.27 54.08
C PRO G 42 -19.34 -0.97 52.83
N TRP G 43 -18.87 -2.20 52.65
CA TRP G 43 -19.37 -3.12 51.64
C TRP G 43 -19.94 -4.35 52.34
N PHE G 44 -20.28 -5.37 51.53
CA PHE G 44 -20.96 -6.57 52.02
C PHE G 44 -22.28 -6.22 52.70
N MET H 1 14.16 -4.60 58.63
CA MET H 1 13.78 -3.18 58.57
C MET H 1 15.02 -2.30 58.45
N SER H 2 16.08 -2.67 59.15
CA SER H 2 17.34 -1.94 59.12
C SER H 2 18.32 -2.49 58.09
N LYS H 3 17.96 -3.56 57.40
CA LYS H 3 18.79 -4.16 56.37
C LYS H 3 18.22 -3.93 54.96
N PHE H 4 17.42 -2.88 54.80
CA PHE H 4 16.88 -2.54 53.48
C PHE H 4 17.92 -1.96 52.55
N TYR H 5 19.11 -1.63 53.06
CA TYR H 5 20.18 -1.09 52.22
C TYR H 5 20.65 -2.11 51.18
N LYS H 6 20.43 -3.41 51.41
CA LYS H 6 20.95 -4.45 50.53
C LYS H 6 20.25 -4.47 49.17
N ILE H 7 19.18 -3.71 48.98
CA ILE H 7 18.47 -3.69 47.71
C ILE H 7 19.39 -3.20 46.59
N TRP H 8 20.40 -2.38 46.92
CA TRP H 8 21.33 -1.89 45.92
C TRP H 8 22.37 -2.93 45.52
N LEU H 9 22.43 -4.07 46.22
CA LEU H 9 23.30 -5.16 45.80
C LEU H 9 22.69 -6.01 44.69
N ILE H 10 21.42 -5.76 44.35
CA ILE H 10 20.71 -6.54 43.34
C ILE H 10 20.34 -5.68 42.13
N PHE H 11 19.88 -4.45 42.37
CA PHE H 11 19.39 -3.58 41.32
C PHE H 11 20.46 -2.57 40.90
N ASP H 12 20.60 -2.39 39.60
CA ASP H 12 21.51 -1.38 39.06
C ASP H 12 20.94 0.01 39.34
N PRO H 13 21.69 0.90 39.99
CA PRO H 13 21.14 2.23 40.30
C PRO H 13 20.70 3.04 39.08
N ARG H 14 21.37 2.88 37.93
CA ARG H 14 21.03 3.69 36.76
C ARG H 14 19.60 3.40 36.29
N ARG H 15 19.29 2.12 36.09
CA ARG H 15 17.97 1.74 35.60
C ARG H 15 16.89 2.16 36.59
N VAL H 16 17.15 1.94 37.89
CA VAL H 16 16.18 2.30 38.91
C VAL H 16 15.93 3.80 38.91
N PHE H 17 16.99 4.60 38.78
CA PHE H 17 16.84 6.05 38.77
C PHE H 17 16.04 6.52 37.56
N VAL H 18 16.34 5.98 36.38
CA VAL H 18 15.62 6.40 35.18
C VAL H 18 14.15 6.02 35.29
N ALA H 19 13.87 4.78 35.71
CA ALA H 19 12.50 4.32 35.84
C ALA H 19 11.76 5.15 36.89
N GLN H 20 12.43 5.48 38.00
CA GLN H 20 11.80 6.28 39.04
C GLN H 20 11.43 7.66 38.53
N GLY H 21 12.34 8.30 37.80
CA GLY H 21 12.03 9.62 37.27
C GLY H 21 10.85 9.59 36.31
N VAL H 22 10.88 8.65 35.35
CA VAL H 22 9.79 8.57 34.37
C VAL H 22 8.47 8.26 35.07
N PHE H 23 8.49 7.30 36.00
CA PHE H 23 7.28 6.91 36.71
C PHE H 23 6.71 8.06 37.53
N LEU H 24 7.56 8.79 38.24
CA LEU H 24 7.08 9.90 39.06
C LEU H 24 6.46 10.98 38.20
N PHE H 25 7.12 11.37 37.11
CA PHE H 25 6.56 12.42 36.28
C PHE H 25 5.25 11.99 35.64
N LEU H 26 5.19 10.75 35.12
CA LEU H 26 3.97 10.28 34.49
C LEU H 26 2.83 10.18 35.49
N LEU H 27 3.11 9.68 36.70
CA LEU H 27 2.07 9.58 37.71
C LEU H 27 1.56 10.95 38.13
N ALA H 28 2.46 11.93 38.29
CA ALA H 28 2.04 13.28 38.65
C ALA H 28 1.16 13.88 37.56
N ALA H 29 1.57 13.73 36.29
CA ALA H 29 0.78 14.27 35.20
C ALA H 29 -0.59 13.60 35.11
N MET H 30 -0.62 12.28 35.29
CA MET H 30 -1.89 11.56 35.21
C MET H 30 -2.83 11.96 36.34
N ILE H 31 -2.31 12.12 37.56
CA ILE H 31 -3.16 12.55 38.67
C ILE H 31 -3.66 13.96 38.44
N HIS H 32 -2.80 14.85 37.96
CA HIS H 32 -3.24 16.23 37.68
C HIS H 32 -4.35 16.24 36.63
N LEU H 33 -4.19 15.44 35.57
CA LEU H 33 -5.23 15.39 34.54
C LEU H 33 -6.53 14.80 35.07
N VAL H 34 -6.43 13.74 35.89
CA VAL H 34 -7.64 13.14 36.46
C VAL H 34 -8.37 14.15 37.34
N LEU H 35 -7.66 14.95 38.10
CA LEU H 35 -8.35 15.98 38.87
C LEU H 35 -8.96 16.99 37.91
N LEU H 36 -8.20 17.40 36.89
CA LEU H 36 -8.72 18.38 35.95
C LEU H 36 -9.97 17.91 35.23
N SER H 37 -10.21 16.60 35.15
CA SER H 37 -11.35 16.07 34.41
C SER H 37 -12.66 16.17 35.18
N THR H 38 -12.63 16.59 36.44
CA THR H 38 -13.84 16.69 37.25
C THR H 38 -14.31 18.14 37.35
N GLU H 39 -15.46 18.33 37.99
CA GLU H 39 -16.05 19.65 38.14
C GLU H 39 -15.72 20.29 39.49
N HIS H 40 -15.63 19.49 40.56
CA HIS H 40 -15.38 20.02 41.89
C HIS H 40 -13.92 20.43 42.08
N PHE H 41 -12.98 19.74 41.44
CA PHE H 41 -11.56 19.92 41.70
C PHE H 41 -10.85 20.69 40.60
N ASN H 42 -11.57 21.26 39.65
CA ASN H 42 -10.99 22.08 38.59
C ASN H 42 -10.83 23.49 39.13
N TRP H 43 -9.59 23.91 39.36
CA TRP H 43 -9.36 25.22 39.95
C TRP H 43 -9.59 26.36 38.96
N PHE H 44 -9.43 26.11 37.66
CA PHE H 44 -9.69 27.15 36.67
C PHE H 44 -11.16 27.53 36.64
N GLU H 45 -12.04 26.53 36.63
CA GLU H 45 -13.48 26.81 36.62
C GLU H 45 -13.92 27.42 37.94
N LEU H 46 -13.33 26.98 39.05
CA LEU H 46 -13.65 27.59 40.34
C LEU H 46 -13.24 29.06 40.37
N ALA H 47 -12.05 29.38 39.83
CA ALA H 47 -11.64 30.77 39.77
C ALA H 47 -12.54 31.58 38.85
N ALA H 48 -12.96 31.00 37.73
CA ALA H 48 -13.86 31.71 36.82
C ALA H 48 -15.21 31.99 37.46
N ALA H 49 -15.75 31.01 38.19
CA ALA H 49 -17.05 31.18 38.84
C ALA H 49 -16.97 32.02 40.11
N ASN H 50 -15.77 32.18 40.69
CA ASN H 50 -15.64 32.99 41.89
C ASN H 50 -15.98 34.45 41.62
N ALA H 51 -15.52 34.98 40.49
CA ALA H 51 -15.80 36.37 40.14
C ALA H 51 -17.01 36.48 39.22
N ASP I 1 30.37 -11.54 51.49
CA ASP I 1 28.98 -11.14 51.38
C ASP I 1 28.48 -11.27 49.94
N LEU I 2 27.18 -11.52 49.79
CA LEU I 2 26.58 -11.66 48.48
C LEU I 2 26.56 -10.31 47.76
N SER I 3 26.76 -10.34 46.44
CA SER I 3 26.76 -9.13 45.64
C SER I 3 26.48 -9.50 44.19
N PHE I 4 25.36 -9.00 43.65
CA PHE I 4 25.02 -9.23 42.25
C PHE I 4 25.50 -8.09 41.35
N THR I 5 25.18 -6.85 41.72
CA THR I 5 25.58 -5.71 40.90
C THR I 5 27.09 -5.55 40.86
N GLY I 6 27.76 -5.72 41.99
CA GLY I 6 29.20 -5.55 42.08
C GLY I 6 29.64 -4.57 43.14
N LEU I 7 28.72 -3.91 43.83
CA LEU I 7 29.07 -2.96 44.88
C LEU I 7 29.44 -3.71 46.17
N THR I 8 29.90 -2.94 47.15
CA THR I 8 30.24 -3.48 48.46
C THR I 8 29.20 -3.04 49.48
N ASP I 9 29.44 -3.42 50.75
CA ASP I 9 28.51 -3.09 51.82
C ASP I 9 28.48 -1.60 52.10
N GLU I 10 29.66 -0.98 52.23
CA GLU I 10 29.74 0.42 52.61
C GLU I 10 29.14 1.32 51.53
N GLN I 11 29.44 1.04 50.27
CA GLN I 11 28.90 1.84 49.18
C GLN I 11 27.38 1.74 49.13
N ALA I 12 26.84 0.53 49.30
CA ALA I 12 25.40 0.35 49.30
C ALA I 12 24.76 1.09 50.46
N GLN I 13 25.38 1.03 51.65
CA GLN I 13 24.82 1.74 52.81
C GLN I 13 24.82 3.24 52.58
N GLU I 14 25.90 3.79 52.03
CA GLU I 14 25.95 5.24 51.78
C GLU I 14 24.93 5.65 50.73
N LEU I 15 24.81 4.87 49.65
CA LEU I 15 23.84 5.19 48.62
C LEU I 15 22.42 5.12 49.17
N HIS I 16 22.13 4.12 49.99
CA HIS I 16 20.81 4.02 50.60
C HIS I 16 20.54 5.19 51.55
N SER I 17 21.56 5.62 52.29
CA SER I 17 21.38 6.78 53.17
C SER I 17 21.00 8.02 52.38
N VAL I 18 21.73 8.29 51.30
CA VAL I 18 21.43 9.46 50.48
C VAL I 18 20.04 9.33 49.85
N TYR I 19 19.71 8.14 49.35
CA TYR I 19 18.41 7.92 48.72
C TYR I 19 17.28 8.13 49.71
N MET I 20 17.42 7.60 50.93
CA MET I 20 16.39 7.78 51.94
C MET I 20 16.27 9.23 52.38
N SER I 21 17.39 9.96 52.46
CA SER I 21 17.32 11.38 52.77
C SER I 21 16.49 12.14 51.73
N GLY I 22 16.81 11.92 50.44
CA GLY I 22 16.03 12.56 49.39
C GLY I 22 14.57 12.15 49.41
N LEU I 23 14.32 10.86 49.64
CA LEU I 23 12.94 10.36 49.69
C LEU I 23 12.16 11.00 50.83
N TRP I 24 12.78 11.15 52.00
CA TRP I 24 12.12 11.79 53.13
C TRP I 24 11.81 13.25 52.84
N LEU I 25 12.75 13.97 52.21
CA LEU I 25 12.47 15.35 51.84
C LEU I 25 11.29 15.45 50.88
N PHE I 26 11.28 14.60 49.84
CA PHE I 26 10.21 14.63 48.87
C PHE I 26 8.87 14.28 49.51
N SER I 27 8.87 13.27 50.41
CA SER I 27 7.65 12.87 51.09
C SER I 27 7.12 13.97 52.00
N ALA I 28 8.01 14.68 52.70
CA ALA I 28 7.57 15.80 53.53
C ALA I 28 6.94 16.90 52.68
N VAL I 29 7.56 17.23 51.55
CA VAL I 29 7.00 18.24 50.67
C VAL I 29 5.62 17.81 50.18
N ALA I 30 5.48 16.55 49.77
CA ALA I 30 4.20 16.05 49.31
C ALA I 30 3.15 16.07 50.42
N VAL I 31 3.55 15.76 51.66
CA VAL I 31 2.62 15.78 52.78
C VAL I 31 2.11 17.19 53.02
N VAL I 32 3.01 18.18 52.99
CA VAL I 32 2.59 19.57 53.16
C VAL I 32 1.63 19.98 52.05
N ALA I 33 1.94 19.60 50.81
CA ALA I 33 1.07 19.94 49.68
C ALA I 33 -0.31 19.32 49.85
N HIS I 34 -0.35 18.05 50.24
CA HIS I 34 -1.64 17.38 50.42
C HIS I 34 -2.45 18.00 51.54
N LEU I 35 -1.79 18.35 52.65
CA LEU I 35 -2.51 19.00 53.75
C LEU I 35 -3.09 20.35 53.31
N ALA I 36 -2.29 21.14 52.58
CA ALA I 36 -2.80 22.43 52.09
C ALA I 36 -3.96 22.23 51.13
N THR I 37 -3.87 21.24 50.24
CA THR I 37 -4.98 20.98 49.31
C THR I 37 -6.23 20.54 50.04
N PHE I 38 -6.08 19.68 51.06
CA PHE I 38 -7.25 19.24 51.84
C PHE I 38 -7.89 20.41 52.57
N ILE I 39 -7.09 21.31 53.12
CA ILE I 39 -7.65 22.49 53.76
C ILE I 39 -8.37 23.36 52.74
N TRP I 40 -7.79 23.50 51.55
CA TRP I 40 -8.39 24.36 50.53
C TRP I 40 -9.70 23.80 50.02
N ARG I 41 -9.73 22.50 49.71
CA ARG I 41 -10.94 21.85 49.19
C ARG I 41 -10.93 20.40 49.66
N PRO I 42 -11.63 20.09 50.75
CA PRO I 42 -11.52 18.75 51.33
C PRO I 42 -12.39 17.73 50.63
N TRP I 43 -11.87 16.51 50.55
CA TRP I 43 -12.64 15.34 50.12
C TRP I 43 -13.02 14.52 51.34
N PHE I 44 -13.56 13.32 51.10
CA PHE I 44 -14.04 12.44 52.17
C PHE I 44 -15.15 13.11 52.98
N MET J 1 21.68 15.33 52.00
CA MET J 1 21.61 16.56 51.24
C MET J 1 23.01 17.04 50.85
N SER J 2 23.95 16.89 51.76
CA SER J 2 25.32 17.36 51.52
C SER J 2 26.02 16.57 50.43
N LYS J 3 25.65 15.31 50.21
CA LYS J 3 26.29 14.46 49.20
C LYS J 3 25.45 14.34 47.93
N PHE J 4 24.70 15.37 47.58
CA PHE J 4 23.84 15.29 46.39
C PHE J 4 24.62 15.37 45.10
N TYR J 5 25.88 15.79 45.15
CA TYR J 5 26.70 15.94 43.94
C TYR J 5 27.01 14.62 43.28
N LYS J 6 26.92 13.53 44.04
CA LYS J 6 27.21 12.22 43.50
C LYS J 6 26.05 11.69 42.66
N ILE J 7 25.56 12.50 41.74
CA ILE J 7 24.49 12.09 40.87
C ILE J 7 25.17 12.19 39.54
N TRP J 8 26.35 12.81 39.54
CA TRP J 8 27.10 12.92 38.32
C TRP J 8 28.05 11.77 38.36
N LEU J 9 27.94 10.97 39.40
CA LEU J 9 28.86 9.87 39.52
C LEU J 9 28.13 8.73 38.95
N ILE J 10 26.92 9.00 38.46
CA ILE J 10 26.10 7.95 37.88
C ILE J 10 25.60 8.33 36.49
N PHE J 11 25.21 9.58 36.32
CA PHE J 11 24.61 10.00 35.07
C PHE J 11 25.50 10.81 34.18
N ASP J 12 25.29 10.67 32.88
CA ASP J 12 26.08 11.43 31.91
C ASP J 12 25.47 12.82 31.74
N PRO J 13 26.21 13.89 32.05
CA PRO J 13 25.62 15.24 31.94
C PRO J 13 25.22 15.63 30.54
N ARG J 14 25.85 15.07 29.51
CA ARG J 14 25.59 15.49 28.14
C ARG J 14 24.14 15.23 27.75
N ARG J 15 23.62 14.03 28.07
CA ARG J 15 22.23 13.73 27.77
C ARG J 15 21.28 14.48 28.70
N VAL J 16 21.68 14.63 29.96
CA VAL J 16 20.82 15.27 30.95
C VAL J 16 20.54 16.71 30.57
N PHE J 17 21.56 17.44 30.10
CA PHE J 17 21.36 18.84 29.76
C PHE J 17 20.38 19.01 28.62
N VAL J 18 20.52 18.21 27.56
CA VAL J 18 19.63 18.30 26.41
C VAL J 18 18.21 17.93 26.81
N ALA J 19 18.06 16.84 27.55
CA ALA J 19 16.74 16.42 27.98
C ALA J 19 16.08 17.48 28.86
N GLN J 20 16.86 18.08 29.76
CA GLN J 20 16.32 19.12 30.63
C GLN J 20 15.86 20.32 29.82
N GLY J 21 16.67 20.76 28.85
CA GLY J 21 16.26 21.91 28.04
C GLY J 21 14.97 21.64 27.28
N VAL J 22 14.90 20.49 26.60
CA VAL J 22 13.71 20.17 25.83
C VAL J 22 12.49 20.07 26.72
N PHE J 23 12.63 19.37 27.86
CA PHE J 23 11.52 19.19 28.78
C PHE J 23 11.03 20.53 29.34
N LEU J 24 11.96 21.41 29.73
CA LEU J 24 11.58 22.70 30.28
C LEU J 24 10.83 23.52 29.25
N PHE J 25 11.34 23.57 28.01
CA PHE J 25 10.65 24.35 26.99
C PHE J 25 9.26 23.81 26.72
N LEU J 26 9.13 22.47 26.60
CA LEU J 26 7.84 21.89 26.32
C LEU J 26 6.85 22.13 27.46
N LEU J 27 7.31 22.01 28.70
CA LEU J 27 6.45 22.24 29.85
C LEU J 27 5.97 23.69 29.89
N ALA J 28 6.88 24.65 29.67
CA ALA J 28 6.49 26.05 29.68
C ALA J 28 5.49 26.35 28.57
N ALA J 29 5.73 25.82 27.37
CA ALA J 29 4.81 26.05 26.26
C ALA J 29 3.44 25.45 26.56
N MET J 30 3.40 24.24 27.12
CA MET J 30 2.12 23.61 27.42
C MET J 30 1.35 24.41 28.46
N ILE J 31 2.04 24.89 29.51
CA ILE J 31 1.36 25.67 30.53
C ILE J 31 0.83 26.98 29.96
N HIS J 32 1.63 27.65 29.13
CA HIS J 32 1.16 28.89 28.51
C HIS J 32 -0.08 28.64 27.64
N LEU J 33 -0.05 27.56 26.85
CA LEU J 33 -1.19 27.23 26.02
C LEU J 33 -2.42 26.89 26.85
N VAL J 34 -2.23 26.16 27.96
CA VAL J 34 -3.35 25.82 28.83
C VAL J 34 -3.97 27.07 29.43
N LEU J 35 -3.13 28.01 29.87
CA LEU J 35 -3.65 29.28 30.38
C LEU J 35 -4.41 30.04 29.30
N LEU J 36 -3.89 30.02 28.06
CA LEU J 36 -4.59 30.70 26.97
C LEU J 36 -5.91 30.03 26.63
N SER J 37 -6.03 28.72 26.86
CA SER J 37 -7.22 27.98 26.48
C SER J 37 -8.43 28.27 27.35
N THR J 38 -8.25 28.90 28.50
CA THR J 38 -9.36 29.22 29.38
C THR J 38 -10.02 30.52 28.95
N GLU J 39 -10.92 31.04 29.78
CA GLU J 39 -11.58 32.32 29.54
C GLU J 39 -11.20 33.38 30.56
N HIS J 40 -11.00 32.99 31.82
CA HIS J 40 -10.66 33.95 32.86
C HIS J 40 -9.21 34.40 32.80
N PHE J 41 -8.30 33.56 32.30
CA PHE J 41 -6.87 33.84 32.35
C PHE J 41 -6.30 34.25 31.00
N ASN J 42 -7.14 34.43 29.98
CA ASN J 42 -6.68 34.88 28.68
C ASN J 42 -6.41 36.38 28.74
N TRP J 43 -5.13 36.75 28.78
CA TRP J 43 -4.77 38.16 28.94
C TRP J 43 -4.85 38.96 27.64
N PHE J 44 -4.90 38.28 26.49
CA PHE J 44 -5.06 39.00 25.23
C PHE J 44 -6.47 39.57 25.10
N GLU J 45 -7.46 38.75 25.45
CA GLU J 45 -8.85 39.17 25.38
C GLU J 45 -9.24 40.09 26.52
N LEU J 46 -8.49 40.06 27.60
CA LEU J 46 -8.76 40.93 28.73
C LEU J 46 -8.47 42.38 28.37
N ALA J 47 -7.45 42.63 27.56
CA ALA J 47 -7.15 43.99 27.14
C ALA J 47 -8.28 44.57 26.30
N ALA J 48 -8.84 43.77 25.40
CA ALA J 48 -9.96 44.23 24.59
C ALA J 48 -11.21 44.43 25.43
N ALA J 49 -11.46 43.51 26.38
CA ALA J 49 -12.65 43.62 27.22
C ALA J 49 -12.60 44.83 28.15
N ASN J 50 -11.41 45.34 28.43
CA ASN J 50 -11.25 46.52 29.28
C ASN J 50 -11.16 47.81 28.48
N ALA J 51 -11.32 47.75 27.16
CA ALA J 51 -11.26 48.94 26.33
C ALA J 51 -12.66 49.37 25.90
N ASP K 1 11.82 -36.00 -2.50
CA ASP K 1 10.52 -36.64 -2.70
C ASP K 1 9.40 -35.61 -2.74
N MET K 2 9.66 -34.50 -3.43
CA MET K 2 8.65 -33.44 -3.56
C MET K 2 7.53 -33.85 -4.51
N THR K 3 7.81 -34.77 -5.43
CA THR K 3 6.79 -35.20 -6.39
C THR K 3 5.63 -35.88 -5.70
N CYS K 4 5.90 -36.71 -4.69
CA CYS K 4 4.82 -37.37 -3.95
C CYS K 4 3.98 -36.34 -3.21
N THR K 5 4.63 -35.31 -2.65
CA THR K 5 3.88 -34.27 -1.95
C THR K 5 2.99 -33.50 -2.92
N ILE K 6 3.50 -33.19 -4.12
CA ILE K 6 2.68 -32.50 -5.12
C ILE K 6 1.52 -33.39 -5.56
N THR K 7 1.77 -34.71 -5.68
CA THR K 7 0.69 -35.62 -6.02
C THR K 7 -0.38 -35.65 -4.94
N CYS K 8 0.03 -35.64 -3.67
CA CYS K 8 -0.93 -35.60 -2.57
C CYS K 8 -1.73 -34.29 -2.59
N TRP K 9 -1.07 -33.17 -2.88
CA TRP K 9 -1.78 -31.90 -2.99
C TRP K 9 -2.80 -31.92 -4.12
N GLY K 10 -2.43 -32.50 -5.27
CA GLY K 10 -3.37 -32.63 -6.36
C GLY K 10 -4.55 -33.52 -6.02
N ILE K 11 -4.28 -34.62 -5.30
CA ILE K 11 -5.35 -35.49 -4.85
C ILE K 11 -6.29 -34.74 -3.91
N GLY K 12 -5.72 -33.91 -3.01
CA GLY K 12 -6.56 -33.11 -2.13
C GLY K 12 -7.41 -32.11 -2.89
N VAL K 13 -6.84 -31.48 -3.93
CA VAL K 13 -7.60 -30.53 -4.74
C VAL K 13 -8.76 -31.25 -5.44
N LEU K 14 -8.47 -32.42 -6.02
CA LEU K 14 -9.52 -33.19 -6.70
C LEU K 14 -10.61 -33.61 -5.72
N LEU K 15 -10.21 -34.02 -4.51
CA LEU K 15 -11.20 -34.40 -3.50
C LEU K 15 -12.04 -33.22 -3.09
N GLY K 16 -11.44 -32.03 -2.97
CA GLY K 16 -12.21 -30.84 -2.68
C GLY K 16 -13.22 -30.52 -3.76
N ILE K 17 -12.81 -30.65 -5.02
CA ILE K 17 -13.75 -30.41 -6.13
C ILE K 17 -14.89 -31.42 -6.08
N MET K 18 -14.57 -32.70 -5.84
CA MET K 18 -15.59 -33.74 -5.79
C MET K 18 -16.57 -33.48 -4.64
N THR K 19 -16.05 -33.12 -3.47
CA THR K 19 -16.92 -32.83 -2.34
C THR K 19 -17.79 -31.60 -2.60
N THR K 20 -17.23 -30.60 -3.28
CA THR K 20 -18.01 -29.41 -3.63
C THR K 20 -19.17 -29.78 -4.54
N VAL K 21 -18.90 -30.59 -5.57
CA VAL K 21 -19.97 -30.99 -6.49
C VAL K 21 -21.01 -31.85 -5.77
N GLY K 22 -20.55 -32.75 -4.88
CA GLY K 22 -21.48 -33.53 -4.09
C GLY K 22 -22.37 -32.67 -3.21
N LEU K 23 -21.80 -31.60 -2.65
CA LEU K 23 -22.60 -30.68 -1.83
C LEU K 23 -23.60 -29.92 -2.67
N MET K 24 -23.25 -29.57 -3.91
CA MET K 24 -24.27 -29.06 -4.83
C MET K 24 -25.39 -30.08 -5.02
N VAL K 25 -25.02 -31.35 -5.17
CA VAL K 25 -26.03 -32.40 -5.39
C VAL K 25 -26.95 -32.51 -4.19
N VAL K 26 -26.39 -32.43 -2.97
CA VAL K 26 -27.21 -32.58 -1.77
C VAL K 26 -28.23 -31.45 -1.66
N GLY K 27 -27.84 -30.24 -2.04
CA GLY K 27 -28.76 -29.11 -1.97
C GLY K 27 -28.18 -27.84 -1.38
N TRP K 28 -26.87 -27.79 -1.21
CA TRP K 28 -26.21 -26.57 -0.76
C TRP K 28 -26.00 -25.61 -1.92
N SER K 29 -25.42 -24.45 -1.62
CA SER K 29 -25.13 -23.46 -2.64
C SER K 29 -23.68 -23.59 -3.10
N PHE K 30 -23.25 -22.68 -3.97
CA PHE K 30 -21.90 -22.76 -4.52
C PHE K 30 -20.85 -22.46 -3.45
N LEU K 31 -21.01 -21.35 -2.72
CA LEU K 31 -19.99 -20.94 -1.77
C LEU K 31 -19.98 -21.84 -0.53
N GLN K 32 -21.16 -22.28 -0.09
CA GLN K 32 -21.23 -23.19 1.05
C GLN K 32 -20.50 -24.49 0.74
N GLY K 33 -20.70 -25.04 -0.45
CA GLY K 33 -19.95 -26.22 -0.84
C GLY K 33 -18.47 -25.95 -1.03
N ALA K 34 -18.14 -24.78 -1.57
CA ALA K 34 -16.74 -24.45 -1.85
C ALA K 34 -15.93 -24.34 -0.57
N PHE K 35 -16.52 -23.76 0.48
CA PHE K 35 -15.80 -23.62 1.75
C PHE K 35 -15.45 -25.00 2.33
N MET K 36 -16.43 -25.91 2.36
CA MET K 36 -16.17 -27.25 2.88
C MET K 36 -15.19 -28.00 1.98
N GLY K 37 -15.28 -27.79 0.66
CA GLY K 37 -14.32 -28.41 -0.24
C GLY K 37 -12.90 -27.95 0.00
N VAL K 38 -12.73 -26.65 0.24
CA VAL K 38 -11.40 -26.11 0.54
C VAL K 38 -10.88 -26.67 1.85
N LEU K 39 -11.77 -26.80 2.85
CA LEU K 39 -11.37 -27.40 4.12
C LEU K 39 -10.84 -28.77 3.86
N ALA K 40 -11.62 -29.58 3.16
CA ALA K 40 -11.19 -30.93 2.85
C ALA K 40 -9.86 -30.97 2.11
N TRP K 41 -9.60 -29.99 1.25
CA TRP K 41 -8.37 -29.98 0.51
C TRP K 41 -7.23 -29.87 1.47
N LEU K 42 -7.23 -28.81 2.25
CA LEU K 42 -6.14 -28.57 3.16
C LEU K 42 -5.98 -29.65 4.17
N ILE K 43 -7.08 -30.16 4.73
CA ILE K 43 -6.87 -31.12 5.80
C ILE K 43 -6.37 -32.45 5.25
N VAL K 44 -7.05 -32.99 4.24
CA VAL K 44 -6.71 -34.31 3.72
C VAL K 44 -5.36 -34.27 3.01
N GLY K 45 -5.08 -33.20 2.25
CA GLY K 45 -3.78 -33.09 1.61
C GLY K 45 -2.64 -33.04 2.61
N GLY K 46 -2.80 -32.24 3.67
CA GLY K 46 -1.76 -32.21 4.69
C GLY K 46 -1.58 -33.54 5.38
N VAL K 47 -2.68 -34.20 5.72
CA VAL K 47 -2.59 -35.49 6.40
C VAL K 47 -1.90 -36.53 5.52
N LEU K 48 -2.28 -36.59 4.24
CA LEU K 48 -1.67 -37.55 3.32
C LEU K 48 -0.19 -37.24 3.09
N ALA K 49 0.15 -35.96 2.94
CA ALA K 49 1.55 -35.60 2.72
C ALA K 49 2.40 -35.94 3.93
N VAL K 50 1.90 -35.69 5.15
CA VAL K 50 2.68 -36.01 6.34
C VAL K 50 2.79 -37.53 6.53
N ALA K 51 1.69 -38.25 6.30
CA ALA K 51 1.66 -39.68 6.61
C ALA K 51 2.28 -40.52 5.49
N VAL K 52 1.70 -40.45 4.29
CA VAL K 52 2.13 -41.33 3.21
C VAL K 52 3.54 -41.02 2.76
N CYS K 53 3.83 -39.73 2.52
CA CYS K 53 5.16 -39.34 2.09
C CYS K 53 6.19 -39.37 3.22
N GLY K 54 5.75 -39.58 4.46
CA GLY K 54 6.67 -39.81 5.55
C GLY K 54 7.22 -41.22 5.60
N LYS K 55 6.75 -42.09 4.71
CA LYS K 55 7.26 -43.46 4.60
C LYS K 55 8.34 -43.53 3.53
N ASP K 56 9.48 -42.90 3.83
CA ASP K 56 10.58 -42.86 2.88
C ASP K 56 11.11 -44.27 2.61
N ASN K 57 11.52 -44.50 1.37
CA ASN K 57 11.84 -45.85 0.92
C ASN K 57 13.04 -46.40 1.65
N ALA K 58 12.86 -47.59 2.26
CA ALA K 58 13.91 -48.33 2.92
C ALA K 58 13.37 -49.70 3.27
N GLU K 59 14.22 -50.73 3.12
CA GLU K 59 13.84 -52.11 3.42
C GLU K 59 14.58 -52.65 4.64
N GLN K 60 15.92 -52.61 4.62
CA GLN K 60 16.71 -52.98 5.78
C GLN K 60 17.39 -51.80 6.44
N ILE K 61 17.50 -50.66 5.75
CA ILE K 61 18.07 -49.46 6.36
C ILE K 61 17.19 -48.98 7.50
N ARG K 62 15.87 -49.10 7.35
CA ARG K 62 14.94 -48.62 8.38
C ARG K 62 15.15 -49.35 9.70
N ALA K 63 15.36 -50.67 9.65
CA ALA K 63 15.47 -51.46 10.88
C ALA K 63 16.71 -51.07 11.68
N GLU K 64 17.89 -51.04 11.03
CA GLU K 64 19.10 -50.63 11.72
C GLU K 64 19.04 -49.17 12.13
N MET K 65 18.42 -48.32 11.30
CA MET K 65 18.18 -46.94 11.68
C MET K 65 17.25 -46.85 12.88
N ALA K 66 16.20 -47.70 12.92
CA ALA K 66 15.37 -47.77 14.10
C ALA K 66 16.12 -48.35 15.28
N ALA K 67 16.95 -49.37 15.04
CA ALA K 67 17.70 -50.00 16.12
C ALA K 67 18.76 -49.05 16.68
N ALA K 68 19.33 -48.20 15.81
CA ALA K 68 20.36 -47.28 16.26
C ALA K 68 19.82 -46.30 17.30
N ARG K 69 18.61 -45.78 17.08
CA ARG K 69 18.01 -44.88 18.06
C ARG K 69 17.58 -45.60 19.32
N GLU K 70 17.37 -46.92 19.26
CA GLU K 70 17.10 -47.70 20.46
C GLU K 70 18.34 -47.89 21.33
N ARG K 71 19.53 -47.63 20.78
CA ARG K 71 20.77 -47.69 21.54
C ARG K 71 21.18 -46.33 22.11
N VAL K 72 20.94 -45.25 21.37
CA VAL K 72 21.19 -43.92 21.91
C VAL K 72 20.30 -43.66 23.12
N ARG K 73 19.02 -44.01 23.01
CA ARG K 73 18.14 -44.00 24.17
C ARG K 73 18.47 -45.18 25.09
N GLY K 74 18.14 -45.01 26.37
CA GLY K 74 18.50 -45.98 27.38
C GLY K 74 19.78 -45.68 28.10
N ALA K 75 20.64 -44.83 27.55
CA ALA K 75 21.87 -44.41 28.21
C ALA K 75 21.99 -42.89 28.27
N THR K 76 20.93 -42.16 27.94
CA THR K 76 20.96 -40.71 27.97
C THR K 76 19.93 -40.16 28.95
N LYS L 1 13.77 -43.69 -49.86
CA LYS L 1 14.64 -42.95 -50.77
C LYS L 1 16.09 -43.36 -50.54
N TRP L 2 17.03 -42.47 -50.88
CA TRP L 2 18.43 -42.75 -50.59
C TRP L 2 18.68 -42.82 -49.09
N PHE L 3 18.24 -41.78 -48.35
CA PHE L 3 18.30 -41.72 -46.91
C PHE L 3 17.53 -40.47 -46.50
N ASP L 4 17.53 -40.11 -45.21
CA ASP L 4 16.99 -38.80 -44.84
C ASP L 4 18.09 -37.77 -44.62
N GLU L 5 19.27 -37.93 -45.23
CA GLU L 5 20.47 -37.13 -44.98
C GLU L 5 20.58 -36.77 -43.50
N TRP L 6 20.32 -37.76 -42.65
CA TRP L 6 20.32 -37.55 -41.23
C TRP L 6 21.55 -38.24 -40.61
N ASN L 7 22.73 -38.04 -41.18
CA ASN L 7 23.98 -38.55 -40.61
C ASN L 7 24.81 -37.41 -40.03
N SER L 8 25.19 -36.45 -40.86
CA SER L 8 25.95 -35.30 -40.42
C SER L 8 25.45 -33.99 -41.02
N LYS L 9 24.43 -34.06 -41.89
CA LYS L 9 23.84 -32.88 -42.49
C LYS L 9 22.57 -32.46 -41.77
N ASN L 10 22.22 -33.13 -40.67
CA ASN L 10 20.98 -32.86 -39.93
C ASN L 10 21.27 -32.70 -38.43
N PRO L 11 21.98 -31.59 -38.04
CA PRO L 11 22.08 -31.44 -36.59
C PRO L 11 20.94 -30.50 -36.26
N THR L 12 19.72 -31.01 -36.11
CA THR L 12 18.58 -30.10 -35.93
C THR L 12 17.66 -30.40 -34.79
N ASP L 13 17.05 -29.36 -34.23
CA ASP L 13 16.06 -29.54 -33.19
C ASP L 13 14.76 -29.56 -33.93
N ILE L 14 14.33 -30.72 -34.39
CA ILE L 14 13.11 -30.85 -35.18
C ILE L 14 11.83 -30.29 -34.55
N TYR L 15 11.82 -30.09 -33.25
CA TYR L 15 10.59 -29.65 -32.61
C TYR L 15 10.56 -28.21 -32.21
N LYS L 16 11.71 -27.56 -32.13
CA LYS L 16 11.75 -26.18 -31.67
C LYS L 16 10.69 -25.24 -32.26
N PRO L 17 10.58 -25.13 -33.61
CA PRO L 17 9.58 -24.19 -34.13
C PRO L 17 8.15 -24.54 -33.75
N ALA L 18 7.77 -25.81 -33.86
CA ALA L 18 6.41 -26.22 -33.55
C ALA L 18 6.02 -25.96 -32.11
N ILE L 19 6.95 -26.14 -31.18
CA ILE L 19 6.65 -25.77 -29.80
C ILE L 19 6.24 -24.31 -29.69
N VAL L 20 6.94 -23.41 -30.38
CA VAL L 20 6.56 -22.00 -30.38
C VAL L 20 5.20 -21.81 -31.02
N VAL L 21 4.92 -22.53 -32.11
CA VAL L 21 3.62 -22.43 -32.77
C VAL L 21 2.51 -22.87 -31.82
N GLY L 22 2.72 -23.98 -31.12
CA GLY L 22 1.73 -24.47 -30.18
C GLY L 22 1.54 -23.55 -28.99
N VAL L 23 2.62 -22.94 -28.51
CA VAL L 23 2.53 -21.98 -27.41
C VAL L 23 1.73 -20.76 -27.86
N ALA L 24 1.92 -20.34 -29.11
CA ALA L 24 1.17 -19.23 -29.67
C ALA L 24 -0.33 -19.50 -29.64
N GLY L 25 -0.73 -20.72 -29.97
CA GLY L 25 -2.14 -21.07 -29.96
C GLY L 25 -2.67 -21.34 -28.57
N GLY L 26 -1.79 -21.33 -27.58
CA GLY L 26 -2.19 -21.54 -26.20
C GLY L 26 -2.76 -20.31 -25.55
N ALA L 27 -2.04 -19.19 -25.63
CA ALA L 27 -2.53 -17.94 -25.04
C ALA L 27 -3.75 -17.40 -25.76
N VAL L 28 -3.90 -17.68 -27.06
CA VAL L 28 -5.09 -17.26 -27.80
C VAL L 28 -6.29 -18.17 -27.52
N PHE L 29 -6.06 -19.35 -26.95
CA PHE L 29 -7.14 -20.22 -26.52
C PHE L 29 -7.63 -19.91 -25.11
N ALA L 30 -6.74 -19.58 -24.18
CA ALA L 30 -7.12 -19.25 -22.81
C ALA L 30 -7.80 -17.89 -22.70
N ALA L 31 -7.51 -16.96 -23.61
CA ALA L 31 -8.18 -15.66 -23.59
C ALA L 31 -9.67 -15.79 -23.84
N ALA L 32 -10.06 -16.66 -24.78
CA ALA L 32 -11.49 -16.87 -25.04
C ALA L 32 -12.18 -17.48 -23.82
N LEU L 33 -11.53 -18.45 -23.17
CA LEU L 33 -12.11 -19.05 -21.98
C LEU L 33 -12.18 -18.08 -20.81
N LEU L 34 -11.26 -17.13 -20.73
CA LEU L 34 -11.32 -16.14 -19.68
C LEU L 34 -12.41 -15.12 -19.93
N VAL L 35 -12.52 -14.63 -21.17
CA VAL L 35 -13.59 -13.70 -21.47
C VAL L 35 -14.95 -14.38 -21.47
N SER L 36 -14.97 -15.72 -21.54
CA SER L 36 -16.23 -16.45 -21.43
C SER L 36 -16.84 -16.32 -20.04
N MET L 37 -16.02 -16.03 -19.03
CA MET L 37 -16.50 -15.86 -17.67
C MET L 37 -16.89 -14.40 -17.42
N GLY L 38 -18.10 -14.05 -17.86
CA GLY L 38 -18.64 -12.72 -17.63
C GLY L 38 -19.43 -12.13 -18.76
N GLN L 39 -19.12 -12.54 -20.00
CA GLN L 39 -19.81 -11.98 -21.17
C GLN L 39 -21.21 -12.57 -21.35
N PRO L 40 -21.41 -13.89 -21.20
CA PRO L 40 -22.79 -14.41 -21.23
C PRO L 40 -23.70 -13.82 -20.17
N LEU L 41 -23.16 -13.38 -19.03
CA LEU L 41 -23.92 -12.71 -17.99
C LEU L 41 -23.74 -11.20 -18.19
N ALA L 42 -24.45 -10.67 -19.17
CA ALA L 42 -24.34 -9.26 -19.50
C ALA L 42 -24.97 -8.38 -18.41
N THR L 43 -24.62 -7.10 -18.45
CA THR L 43 -25.08 -6.15 -17.44
C THR L 43 -25.36 -4.81 -18.13
N ASP L 44 -26.39 -4.12 -17.62
CA ASP L 44 -26.75 -2.80 -18.12
C ASP L 44 -26.75 -1.81 -16.96
N SER L 45 -26.47 -0.55 -17.27
CA SER L 45 -26.31 0.48 -16.26
C SER L 45 -27.15 1.69 -16.61
N MET L 46 -27.54 2.43 -15.56
CA MET L 46 -28.40 3.60 -15.69
C MET L 46 -27.67 4.81 -15.10
N GLN L 47 -27.48 5.85 -15.92
CA GLN L 47 -26.70 7.00 -15.51
C GLN L 47 -27.56 7.97 -14.71
N THR L 48 -27.03 8.41 -13.56
CA THR L 48 -27.76 9.31 -12.66
C THR L 48 -27.00 10.60 -12.37
N GLY L 49 -25.93 10.90 -13.10
CA GLY L 49 -25.15 12.08 -12.83
C GLY L 49 -24.27 12.50 -14.00
N PRO L 50 -23.45 13.53 -13.79
CA PRO L 50 -22.57 14.02 -14.85
C PRO L 50 -21.55 12.97 -15.27
N ARG L 51 -21.08 13.08 -16.51
CA ARG L 51 -20.12 12.15 -17.07
C ARG L 51 -18.77 12.11 -16.42
N GLY L 52 -18.32 10.92 -16.09
CA GLY L 52 -17.04 10.79 -15.44
C GLY L 52 -17.07 10.79 -13.92
N THR L 53 -18.25 10.99 -13.31
CA THR L 53 -18.33 11.03 -11.85
C THR L 53 -18.51 9.65 -11.23
N GLY L 54 -18.83 8.63 -12.03
CA GLY L 54 -19.06 7.30 -11.49
C GLY L 54 -20.45 7.07 -10.96
N MET L 55 -21.42 7.91 -11.33
CA MET L 55 -22.78 7.86 -10.81
C MET L 55 -23.63 7.02 -11.75
N SER L 56 -23.85 5.75 -11.38
CA SER L 56 -24.66 4.86 -12.20
C SER L 56 -25.16 3.71 -11.35
N VAL L 57 -26.16 3.00 -11.88
CA VAL L 57 -26.78 1.87 -11.20
C VAL L 57 -26.71 0.64 -12.10
N PRO L 58 -25.95 -0.39 -11.73
CA PRO L 58 -25.85 -1.58 -12.58
C PRO L 58 -26.93 -2.61 -12.28
N GLU L 59 -27.34 -3.32 -13.35
CA GLU L 59 -28.34 -4.36 -13.25
C GLU L 59 -28.04 -5.43 -14.29
N PHE L 60 -28.33 -6.68 -13.93
CA PHE L 60 -28.22 -7.78 -14.89
C PHE L 60 -29.32 -7.69 -15.93
N VAL L 61 -28.97 -8.01 -17.17
CA VAL L 61 -29.95 -7.95 -18.27
C VAL L 61 -31.02 -9.02 -18.07
N SER L 62 -30.62 -10.21 -17.60
CA SER L 62 -31.58 -11.28 -17.37
C SER L 62 -32.55 -10.97 -16.24
N ASP L 63 -32.16 -10.09 -15.32
CA ASP L 63 -33.05 -9.67 -14.24
C ASP L 63 -33.93 -8.50 -14.61
N LEU L 64 -33.54 -7.72 -15.62
CA LEU L 64 -34.39 -6.61 -16.06
C LEU L 64 -35.60 -7.10 -16.84
N ASP L 65 -35.50 -8.27 -17.46
CA ASP L 65 -36.58 -8.82 -18.27
C ASP L 65 -37.60 -9.59 -17.44
N THR L 66 -37.31 -9.84 -16.16
CA THR L 66 -38.24 -10.57 -15.30
C THR L 66 -39.13 -9.56 -14.58
N PRO L 67 -40.43 -9.54 -14.84
CA PRO L 67 -41.30 -8.57 -14.15
C PRO L 67 -41.61 -8.97 -12.72
N ASP L 68 -42.41 -8.16 -12.04
CA ASP L 68 -42.88 -8.52 -10.71
C ASP L 68 -43.87 -9.68 -10.83
N PRO L 69 -43.63 -10.81 -10.17
CA PRO L 69 -44.53 -11.96 -10.30
C PRO L 69 -45.93 -11.74 -9.75
N THR L 70 -46.24 -10.57 -9.19
CA THR L 70 -47.56 -10.28 -8.67
C THR L 70 -48.36 -9.32 -9.54
N ILE L 71 -47.77 -8.79 -10.61
CA ILE L 71 -48.51 -7.89 -11.49
C ILE L 71 -49.62 -8.65 -12.20
N GLU L 72 -49.33 -9.86 -12.69
CA GLU L 72 -50.34 -10.64 -13.40
C GLU L 72 -51.47 -11.07 -12.48
N VAL L 73 -51.20 -11.18 -11.18
CA VAL L 73 -52.24 -11.57 -10.24
C VAL L 73 -53.25 -10.43 -10.06
N PHE L 74 -52.77 -9.18 -10.01
CA PHE L 74 -53.67 -8.06 -9.86
C PHE L 74 -54.58 -7.88 -11.06
N LEU L 75 -54.04 -8.05 -12.28
CA LEU L 75 -54.83 -7.85 -13.48
C LEU L 75 -55.88 -8.94 -13.68
N ALA L 76 -55.77 -10.05 -12.96
CA ALA L 76 -56.76 -11.12 -13.03
C ALA L 76 -57.82 -11.01 -11.93
N SER L 77 -57.76 -9.97 -11.10
CA SER L 77 -58.70 -9.80 -10.00
C SER L 77 -59.24 -8.38 -9.94
N THR L 78 -59.23 -7.66 -11.06
CA THR L 78 -59.74 -6.31 -11.13
C THR L 78 -60.86 -6.24 -12.17
N SER L 79 -61.66 -5.17 -12.07
CA SER L 79 -62.81 -5.02 -12.96
C SER L 79 -63.08 -3.54 -13.17
N ASP L 80 -63.81 -3.25 -14.25
CA ASP L 80 -64.15 -1.88 -14.58
C ASP L 80 -65.28 -1.37 -13.68
N PRO L 81 -65.31 -0.07 -13.39
CA PRO L 81 -66.39 0.48 -12.57
C PRO L 81 -67.70 0.53 -13.34
N VAL L 82 -68.78 0.63 -12.58
CA VAL L 82 -70.13 0.72 -13.12
C VAL L 82 -70.64 2.13 -12.89
N ILE L 83 -70.98 2.83 -13.96
CA ILE L 83 -71.44 4.22 -13.84
C ILE L 83 -72.80 4.24 -13.15
N PRO L 84 -72.97 5.04 -12.09
CA PRO L 84 -74.27 5.08 -11.41
C PRO L 84 -75.38 5.59 -12.32
N GLU L 85 -76.56 5.01 -12.18
CA GLU L 85 -77.72 5.37 -12.98
C GLU L 85 -78.54 6.44 -12.24
N GLU L 86 -79.74 6.72 -12.73
CA GLU L 86 -80.63 7.69 -12.11
C GLU L 86 -81.48 6.98 -11.07
N GLY L 87 -81.37 7.42 -9.81
CA GLY L 87 -82.11 6.81 -8.73
C GLY L 87 -81.74 5.36 -8.48
N ALA L 88 -80.44 5.06 -8.51
CA ALA L 88 -79.99 3.69 -8.26
C ALA L 88 -80.13 3.34 -6.79
N GLN L 89 -80.45 2.07 -6.52
CA GLN L 89 -80.62 1.60 -5.15
C GLN L 89 -79.26 1.40 -4.50
N THR L 90 -79.05 2.04 -3.36
CA THR L 90 -77.78 1.96 -2.64
C THR L 90 -77.71 0.69 -1.81
N ALA L 91 -76.50 0.35 -1.38
CA ALA L 91 -76.29 -0.84 -0.58
C ALA L 91 -76.89 -0.71 0.82
N GLY L 92 -77.20 0.51 1.27
CA GLY L 92 -77.82 0.69 2.56
C GLY L 92 -79.28 0.30 2.59
N GLU L 93 -79.94 0.26 1.43
CA GLU L 93 -81.34 -0.13 1.34
C GLU L 93 -81.52 -1.61 1.01
N ALA L 94 -80.43 -2.37 0.89
CA ALA L 94 -80.50 -3.79 0.57
C ALA L 94 -79.94 -4.69 1.65
N TYR L 95 -79.05 -4.20 2.50
CA TYR L 95 -78.47 -4.99 3.60
C TYR L 95 -78.36 -4.09 4.82
N GLU L 96 -77.64 -4.58 5.83
CA GLU L 96 -77.33 -3.82 7.04
C GLU L 96 -75.82 -3.72 7.13
N ASN L 97 -75.26 -2.57 6.72
CA ASN L 97 -73.82 -2.42 6.60
C ASN L 97 -73.31 -1.18 7.34
N VAL L 98 -72.03 -0.85 7.14
CA VAL L 98 -71.39 0.26 7.82
C VAL L 98 -71.56 1.52 6.99
N ASP L 99 -71.54 2.67 7.66
CA ASP L 99 -71.78 3.93 6.97
C ASP L 99 -70.75 4.26 5.88
N PRO L 100 -69.42 4.05 6.09
CA PRO L 100 -68.48 4.27 4.99
C PRO L 100 -68.88 3.60 3.68
N VAL L 101 -69.43 2.39 3.77
CA VAL L 101 -69.81 1.63 2.59
C VAL L 101 -71.32 1.59 2.41
N LEU L 102 -72.03 2.59 2.94
CA LEU L 102 -73.49 2.61 2.87
C LEU L 102 -74.01 3.39 1.66
N ALA L 103 -73.28 4.41 1.21
CA ALA L 103 -73.73 5.22 0.09
C ALA L 103 -73.40 4.61 -1.27
N ASP L 104 -72.63 3.53 -1.29
CA ASP L 104 -72.28 2.89 -2.54
C ASP L 104 -73.51 2.23 -3.16
N LEU L 105 -73.40 1.93 -4.45
CA LEU L 105 -74.46 1.22 -5.17
C LEU L 105 -74.39 -0.28 -4.85
N THR L 106 -75.36 -1.02 -5.38
CA THR L 106 -75.36 -2.47 -5.18
C THR L 106 -74.25 -3.12 -5.99
N VAL L 107 -74.10 -2.73 -7.26
CA VAL L 107 -73.07 -3.33 -8.11
C VAL L 107 -71.67 -2.92 -7.63
N GLU L 108 -71.53 -1.67 -7.18
CA GLU L 108 -70.23 -1.23 -6.66
C GLU L 108 -69.87 -1.96 -5.37
N ASN L 109 -70.84 -2.13 -4.47
CA ASN L 109 -70.59 -2.93 -3.27
C ASN L 109 -70.23 -4.36 -3.63
N TYR L 110 -70.91 -4.92 -4.64
CA TYR L 110 -70.61 -6.28 -5.07
C TYR L 110 -69.18 -6.41 -5.58
N ASP L 111 -68.79 -5.54 -6.51
CA ASP L 111 -67.49 -5.71 -7.14
C ASP L 111 -66.34 -5.11 -6.34
N ARG L 112 -66.60 -4.54 -5.17
CA ARG L 112 -65.51 -4.09 -4.33
C ARG L 112 -65.39 -5.00 -3.16
N LEU L 113 -66.50 -5.51 -2.67
CA LEU L 113 -66.46 -6.30 -1.45
C LEU L 113 -65.82 -7.66 -1.70
N LEU L 114 -66.40 -8.46 -2.59
CA LEU L 114 -65.95 -9.82 -2.82
C LEU L 114 -64.87 -9.89 -3.89
N ALA L 115 -65.13 -9.29 -5.06
CA ALA L 115 -64.21 -9.42 -6.18
C ALA L 115 -62.84 -8.80 -5.89
N ALA L 116 -62.76 -7.84 -4.97
CA ALA L 116 -61.50 -7.16 -4.71
C ALA L 116 -60.95 -7.41 -3.31
N MET L 117 -61.70 -7.08 -2.26
CA MET L 117 -61.13 -7.09 -0.92
C MET L 117 -60.98 -8.49 -0.34
N ARG L 118 -61.91 -9.40 -0.65
CA ARG L 118 -61.82 -10.75 -0.10
C ARG L 118 -60.77 -11.60 -0.79
N SER L 119 -60.11 -11.11 -1.84
CA SER L 119 -59.06 -11.84 -2.54
C SER L 119 -57.72 -11.17 -2.34
N TRP L 120 -57.69 -9.86 -2.29
CA TRP L 120 -56.47 -9.10 -2.12
C TRP L 120 -55.93 -9.37 -0.76
N THR L 121 -56.80 -9.46 0.22
CA THR L 121 -56.36 -9.88 1.54
C THR L 121 -56.96 -11.24 1.44
N GLY L 122 -56.28 -12.31 1.79
CA GLY L 122 -56.88 -13.61 1.56
C GLY L 122 -57.91 -14.10 2.57
N ILE L 123 -58.83 -13.24 3.01
CA ILE L 123 -59.83 -13.61 3.99
C ILE L 123 -61.11 -13.84 3.23
N PRO L 124 -61.52 -15.10 3.10
CA PRO L 124 -62.69 -15.36 2.25
C PRO L 124 -64.03 -14.81 2.78
N ASP L 125 -64.14 -14.56 4.07
CA ASP L 125 -65.38 -14.11 4.65
C ASP L 125 -65.27 -12.76 5.29
N LEU L 126 -64.50 -11.86 4.68
CA LEU L 126 -64.34 -10.54 5.24
C LEU L 126 -65.62 -9.75 5.23
N LEU L 127 -65.86 -8.98 6.27
CA LEU L 127 -67.04 -8.13 6.39
C LEU L 127 -68.38 -8.84 6.42
N GLU L 128 -68.37 -10.07 6.91
CA GLU L 128 -69.62 -10.83 7.03
C GLU L 128 -70.15 -10.72 8.44
N ASP L 129 -69.33 -11.06 9.44
CA ASP L 129 -69.81 -10.88 10.81
C ASP L 129 -69.30 -9.56 11.35
N PRO L 130 -70.19 -8.60 11.65
CA PRO L 130 -69.72 -7.27 12.08
C PRO L 130 -68.98 -7.26 13.40
N ASP L 131 -69.05 -8.32 14.18
CA ASP L 131 -68.44 -8.29 15.51
C ASP L 131 -67.04 -8.83 15.51
N HIS L 132 -66.61 -9.38 14.39
CA HIS L 132 -65.28 -9.96 14.31
C HIS L 132 -64.31 -8.83 14.19
N TYR L 133 -63.10 -8.99 14.70
CA TYR L 133 -62.13 -7.91 14.76
C TYR L 133 -61.59 -7.55 13.37
N GLN L 134 -61.57 -8.52 12.45
CA GLN L 134 -61.05 -8.24 11.11
C GLN L 134 -61.93 -7.23 10.38
N SER L 135 -63.25 -7.30 10.56
CA SER L 135 -64.13 -6.32 9.94
C SER L 135 -63.85 -4.92 10.47
N LYS L 136 -63.67 -4.79 11.79
CA LYS L 136 -63.39 -3.49 12.39
C LYS L 136 -62.06 -2.94 11.91
N VAL L 137 -61.07 -3.83 11.69
CA VAL L 137 -59.79 -3.38 11.16
C VAL L 137 -59.96 -2.92 9.71
N ALA L 138 -60.69 -3.69 8.90
CA ALA L 138 -60.83 -3.36 7.49
C ALA L 138 -61.58 -2.05 7.28
N ILE L 139 -62.57 -1.77 8.13
CA ILE L 139 -63.31 -0.52 8.01
C ILE L 139 -62.37 0.68 8.18
N ASN L 140 -61.45 0.59 9.15
CA ASN L 140 -60.47 1.65 9.34
C ASN L 140 -59.45 1.68 8.20
N MET L 141 -59.09 0.51 7.68
CA MET L 141 -58.10 0.45 6.60
C MET L 141 -58.63 1.11 5.33
N ILE L 142 -59.94 1.01 5.09
CA ILE L 142 -60.52 1.69 3.93
C ILE L 142 -60.30 3.19 4.01
N GLN L 143 -60.58 3.78 5.18
CA GLN L 143 -60.40 5.21 5.37
C GLN L 143 -58.92 5.58 5.31
N MET L 144 -58.04 4.73 5.85
CA MET L 144 -56.62 4.99 5.76
C MET L 144 -56.15 5.02 4.31
N ASN L 145 -56.63 4.08 3.49
CA ASN L 145 -56.29 4.07 2.08
C ASN L 145 -56.79 5.32 1.37
N GLN L 146 -58.02 5.74 1.71
CA GLN L 146 -58.55 6.96 1.10
C GLN L 146 -57.69 8.17 1.47
N THR L 147 -57.29 8.29 2.73
CA THR L 147 -56.44 9.40 3.15
C THR L 147 -55.08 9.35 2.46
N ILE L 148 -54.52 8.15 2.30
CA ILE L 148 -53.25 8.01 1.60
C ILE L 148 -53.37 8.51 0.17
N ASN L 149 -54.44 8.11 -0.51
CA ASN L 149 -54.60 8.50 -1.90
C ASN L 149 -54.92 9.98 -2.06
N GLU L 150 -55.57 10.59 -1.07
CA GLU L 150 -55.99 11.98 -1.20
C GLU L 150 -54.93 12.97 -0.73
N GLU L 151 -54.50 12.84 0.52
CA GLU L 151 -53.67 13.86 1.16
C GLU L 151 -52.17 13.67 0.91
N TRP L 152 -51.76 12.61 0.24
CA TRP L 152 -50.35 12.34 0.00
C TRP L 152 -50.08 12.15 -1.48
N ALA L 153 -50.71 12.96 -2.32
CA ALA L 153 -50.52 12.86 -3.77
C ALA L 153 -49.13 13.30 -4.21
N GLY L 154 -48.41 14.04 -3.38
CA GLY L 154 -47.07 14.47 -3.73
C GLY L 154 -46.07 13.34 -3.77
N HIS L 155 -46.38 12.20 -3.16
CA HIS L 155 -45.49 11.04 -3.14
C HIS L 155 -45.97 9.93 -4.06
N VAL L 156 -47.25 9.55 -3.98
CA VAL L 156 -47.74 8.44 -4.80
C VAL L 156 -48.03 8.86 -6.23
N TYR L 157 -48.32 10.14 -6.47
CA TYR L 157 -48.53 10.66 -7.82
C TYR L 157 -47.35 11.52 -8.27
N ALA L 158 -46.14 11.08 -7.91
CA ALA L 158 -44.95 11.90 -8.15
C ALA L 158 -44.69 12.09 -9.64
N ASN L 159 -44.80 11.02 -10.43
CA ASN L 159 -44.51 11.06 -11.85
C ASN L 159 -45.70 10.76 -12.73
N ALA L 160 -46.66 9.96 -12.28
CA ALA L 160 -47.83 9.62 -13.06
C ALA L 160 -48.94 9.23 -12.10
N GLU L 161 -50.07 8.78 -12.66
CA GLU L 161 -51.23 8.39 -11.87
C GLU L 161 -51.01 6.96 -11.38
N VAL L 162 -50.35 6.83 -10.23
CA VAL L 162 -50.12 5.54 -9.58
C VAL L 162 -50.66 5.64 -8.17
N GLY L 163 -51.67 4.86 -7.86
CA GLY L 163 -52.30 4.89 -6.55
C GLY L 163 -51.89 3.71 -5.68
N VAL L 164 -52.71 3.47 -4.65
CA VAL L 164 -52.50 2.37 -3.73
C VAL L 164 -53.85 1.71 -3.45
N THR L 165 -53.85 0.39 -3.37
CA THR L 165 -55.03 -0.38 -3.00
C THR L 165 -54.66 -1.39 -1.92
N CYS L 166 -55.58 -2.31 -1.60
CA CYS L 166 -55.25 -3.39 -0.68
C CYS L 166 -54.15 -4.28 -1.24
N PHE L 167 -54.11 -4.42 -2.57
CA PHE L 167 -53.08 -5.24 -3.20
C PHE L 167 -51.81 -4.42 -3.41
N THR L 168 -51.33 -3.77 -2.37
CA THR L 168 -50.02 -3.12 -2.37
C THR L 168 -49.19 -3.55 -1.17
N CYS L 169 -49.80 -3.71 -0.01
CA CYS L 169 -49.16 -4.32 1.14
C CYS L 169 -49.53 -5.80 1.28
N HIS L 170 -50.83 -6.10 1.32
CA HIS L 170 -51.27 -7.47 1.13
C HIS L 170 -51.10 -7.87 -0.33
N ARG L 171 -50.59 -9.07 -0.55
CA ARG L 171 -50.47 -9.65 -1.88
C ARG L 171 -51.13 -11.02 -1.90
N GLY L 172 -52.32 -11.09 -1.33
CA GLY L 172 -53.00 -12.34 -1.09
C GLY L 172 -52.86 -12.88 0.32
N GLN L 173 -52.27 -12.10 1.23
CA GLN L 173 -52.01 -12.53 2.59
C GLN L 173 -52.78 -11.68 3.59
N ALA L 174 -53.12 -12.27 4.73
CA ALA L 174 -53.73 -11.52 5.83
C ALA L 174 -52.72 -10.56 6.46
N VAL L 175 -51.46 -10.95 6.48
CA VAL L 175 -50.33 -10.17 6.99
C VAL L 175 -49.51 -9.67 5.81
N PRO L 176 -49.42 -8.36 5.57
CA PRO L 176 -48.48 -7.85 4.57
C PRO L 176 -47.06 -8.21 4.94
N SER L 177 -46.28 -8.50 3.92
CA SER L 177 -44.89 -8.84 4.18
C SER L 177 -44.11 -7.58 4.55
N GLU L 178 -42.92 -7.81 5.08
CA GLU L 178 -41.98 -6.74 5.43
C GLU L 178 -42.57 -5.81 6.50
N VAL L 179 -43.11 -6.41 7.56
CA VAL L 179 -43.49 -5.68 8.76
C VAL L 179 -42.43 -5.92 9.82
N TRP L 180 -42.23 -4.94 10.69
CA TRP L 180 -41.13 -4.96 11.63
C TRP L 180 -41.63 -4.71 13.04
N TYR L 181 -40.86 -5.18 14.01
CA TYR L 181 -41.11 -4.99 15.43
C TYR L 181 -39.89 -4.34 16.08
N ARG L 182 -39.90 -4.25 17.40
CA ARG L 182 -38.80 -3.67 18.16
C ARG L 182 -37.96 -4.79 18.75
N ILE L 183 -36.66 -4.80 18.42
CA ILE L 183 -35.74 -5.84 18.86
C ILE L 183 -34.47 -5.20 19.42
N ASP L 184 -34.58 -3.98 19.95
CA ASP L 184 -33.42 -3.14 20.21
C ASP L 184 -32.34 -3.80 21.06
N PRO L 185 -32.63 -4.44 22.21
CA PRO L 185 -31.55 -5.15 22.92
C PRO L 185 -31.17 -6.43 22.19
N VAL L 186 -30.02 -6.42 21.52
CA VAL L 186 -29.59 -7.58 20.73
C VAL L 186 -28.46 -8.35 21.40
N THR L 187 -27.85 -7.82 22.45
CA THR L 187 -26.77 -8.49 23.16
C THR L 187 -27.12 -8.54 24.65
N GLU L 188 -26.26 -9.21 25.41
CA GLU L 188 -26.41 -9.32 26.85
C GLU L 188 -25.27 -8.62 27.56
N ASN L 189 -25.54 -8.21 28.80
CA ASN L 189 -24.56 -7.51 29.64
C ASN L 189 -24.06 -6.23 28.96
N THR L 190 -24.98 -5.50 28.34
CA THR L 190 -24.68 -4.24 27.69
C THR L 190 -25.74 -3.21 28.08
N SER L 191 -25.35 -1.93 28.08
CA SER L 191 -26.21 -0.88 28.62
C SER L 191 -26.63 0.15 27.59
N GLY L 192 -25.68 0.76 26.89
CA GLY L 192 -26.02 1.90 26.04
C GLY L 192 -25.85 1.66 24.55
N TRP L 193 -24.93 2.41 23.94
CA TRP L 193 -24.66 2.24 22.52
C TRP L 193 -24.13 0.86 22.18
N ALA L 194 -23.64 0.12 23.18
CA ALA L 194 -23.10 -1.21 22.98
C ALA L 194 -24.19 -2.30 22.96
N SER L 195 -25.45 -1.92 23.12
CA SER L 195 -26.54 -2.87 23.27
C SER L 195 -27.43 -2.96 22.03
N VAL L 196 -27.06 -2.31 20.92
CA VAL L 196 -27.95 -2.21 19.77
C VAL L 196 -27.31 -2.56 18.45
N GLN L 197 -25.98 -2.63 18.32
CA GLN L 197 -25.37 -2.68 17.00
C GLN L 197 -24.57 -3.94 16.72
N ASN L 198 -23.69 -4.34 17.63
CA ASN L 198 -22.63 -5.30 17.29
C ASN L 198 -23.20 -6.73 17.21
N ARG L 199 -24.05 -6.92 16.20
CA ARG L 199 -24.63 -8.23 15.92
C ARG L 199 -25.34 -8.16 14.57
N ALA L 200 -25.30 -9.27 13.83
CA ALA L 200 -26.02 -9.41 12.57
C ALA L 200 -27.42 -9.91 12.87
N THR L 201 -28.42 -9.04 12.76
CA THR L 201 -29.79 -9.35 13.11
C THR L 201 -30.67 -9.22 11.87
N SER L 202 -31.99 -9.38 12.08
CA SER L 202 -32.94 -9.30 10.98
C SER L 202 -33.22 -7.87 10.54
N LEU L 203 -32.89 -6.88 11.38
CA LEU L 203 -33.10 -5.48 11.02
C LEU L 203 -31.84 -4.82 10.47
N SER L 204 -30.66 -5.21 10.93
CA SER L 204 -29.43 -4.77 10.29
C SER L 204 -29.28 -5.48 8.94
N GLN L 205 -28.83 -4.74 7.94
CA GLN L 205 -28.78 -5.24 6.56
C GLN L 205 -27.44 -5.94 6.32
N PHE L 206 -27.28 -7.09 6.99
CA PHE L 206 -26.09 -7.93 6.91
C PHE L 206 -24.83 -7.22 7.40
N THR L 207 -24.99 -6.14 8.15
CA THR L 207 -23.88 -5.36 8.68
C THR L 207 -23.88 -5.45 10.20
N SER L 208 -22.90 -4.78 10.81
CA SER L 208 -22.81 -4.62 12.25
C SER L 208 -23.34 -3.25 12.70
N LEU L 209 -23.96 -2.51 11.79
CA LEU L 209 -24.45 -1.18 12.11
C LEU L 209 -25.65 -1.27 13.07
N PRO L 210 -25.97 -0.19 13.76
CA PRO L 210 -27.06 -0.24 14.75
C PRO L 210 -28.38 -0.70 14.15
N SER L 211 -29.08 -1.56 14.89
CA SER L 211 -30.41 -2.01 14.53
C SER L 211 -31.50 -1.19 15.24
N ASP L 212 -31.11 -0.13 15.95
CA ASP L 212 -32.08 0.74 16.60
C ASP L 212 -32.84 1.60 15.61
N ALA L 213 -32.39 1.66 14.35
CA ALA L 213 -33.04 2.47 13.34
C ALA L 213 -34.43 1.92 13.03
N LEU L 214 -35.20 2.72 12.29
CA LEU L 214 -36.59 2.47 11.92
C LEU L 214 -37.52 2.63 13.11
N TYR L 215 -36.96 2.83 14.29
CA TYR L 215 -37.71 3.06 15.52
C TYR L 215 -37.52 4.46 16.06
N GLN L 216 -36.30 4.99 15.99
CA GLN L 216 -36.04 6.37 16.37
C GLN L 216 -36.33 7.35 15.25
N TYR L 217 -36.41 6.88 14.01
CA TYR L 217 -36.57 7.73 12.84
C TYR L 217 -37.95 7.64 12.21
N LEU L 218 -38.41 6.43 11.89
CA LEU L 218 -39.68 6.24 11.19
C LEU L 218 -40.85 6.04 12.14
N LEU L 219 -40.61 5.97 13.44
CA LEU L 219 -41.69 5.97 14.44
C LEU L 219 -41.62 7.18 15.34
N ASN L 220 -40.48 7.43 15.96
CA ASN L 220 -40.25 8.67 16.70
C ASN L 220 -39.71 9.73 15.76
N TYR L 221 -39.39 10.90 16.30
CA TYR L 221 -38.94 12.05 15.51
C TYR L 221 -37.57 12.48 16.02
N GLU L 222 -36.53 11.87 15.48
CA GLU L 222 -35.15 12.20 15.82
C GLU L 222 -34.43 12.76 14.59
N GLN L 223 -33.42 13.60 14.86
CA GLN L 223 -32.68 14.23 13.78
C GLN L 223 -31.88 13.21 13.00
N ILE L 224 -31.78 13.42 11.68
CA ILE L 224 -31.07 12.51 10.80
C ILE L 224 -29.78 13.16 10.32
N ALA L 225 -29.80 14.48 10.15
CA ALA L 225 -28.62 15.20 9.69
C ALA L 225 -27.51 15.15 10.73
N VAL L 226 -26.26 15.05 10.26
CA VAL L 226 -25.12 14.92 11.16
C VAL L 226 -24.02 15.90 10.76
N HIS L 227 -24.14 16.51 9.59
CA HIS L 227 -23.05 17.30 9.05
C HIS L 227 -22.99 18.69 9.70
N ASP L 228 -21.81 19.31 9.57
CA ASP L 228 -21.61 20.69 9.96
C ASP L 228 -21.63 21.59 8.73
N LEU L 229 -22.24 22.76 8.85
CA LEU L 229 -22.46 23.63 7.71
C LEU L 229 -21.41 24.73 7.57
N GLU L 230 -20.32 24.64 8.31
CA GLU L 230 -19.19 25.55 8.13
C GLU L 230 -17.90 24.74 8.23
N SER L 231 -16.84 25.29 7.63
CA SER L 231 -15.55 24.61 7.64
C SER L 231 -14.97 24.52 9.05
N ARG L 232 -15.16 25.57 9.85
CA ARG L 232 -14.71 25.60 11.24
C ARG L 232 -15.88 25.96 12.12
N VAL L 233 -16.19 25.08 13.08
CA VAL L 233 -17.31 25.25 14.01
C VAL L 233 -16.83 24.93 15.41
N GLU L 234 -17.29 25.69 16.39
CA GLU L 234 -16.98 25.43 17.79
C GLU L 234 -17.82 24.25 18.26
N THR L 235 -17.16 23.17 18.65
CA THR L 235 -17.86 21.95 19.02
C THR L 235 -18.37 22.04 20.46
N LEU L 236 -19.60 21.60 20.67
CA LEU L 236 -20.24 21.63 21.97
C LEU L 236 -20.81 20.25 22.32
N PRO L 237 -20.93 19.93 23.61
CA PRO L 237 -21.61 18.69 23.99
C PRO L 237 -23.06 18.68 23.52
N GLY L 238 -23.53 17.51 23.11
CA GLY L 238 -24.85 17.37 22.53
C GLY L 238 -24.87 17.38 21.02
N ASP L 239 -23.76 17.72 20.38
CA ASP L 239 -23.67 17.71 18.93
C ASP L 239 -23.64 16.28 18.42
N PRO L 240 -24.03 16.06 17.16
CA PRO L 240 -23.97 14.70 16.61
C PRO L 240 -22.55 14.17 16.54
N THR L 241 -22.42 12.86 16.73
CA THR L 241 -21.15 12.15 16.67
C THR L 241 -21.20 11.10 15.57
N TRP L 242 -20.17 10.26 15.50
CA TRP L 242 -20.10 9.24 14.46
C TRP L 242 -21.06 8.07 14.75
N GLN L 243 -21.58 7.96 15.96
CA GLN L 243 -22.56 6.91 16.26
C GLN L 243 -23.92 7.26 15.64
N ASN L 244 -24.32 8.52 15.73
CA ASN L 244 -25.50 8.97 14.98
C ASN L 244 -25.31 8.77 13.49
N THR L 245 -24.08 9.00 13.00
CA THR L 245 -23.77 8.74 11.60
C THR L 245 -23.93 7.27 11.26
N GLU L 246 -23.53 6.38 12.16
CA GLU L 246 -23.70 4.94 11.91
C GLU L 246 -25.18 4.56 11.90
N ARG L 247 -26.00 5.06 12.81
CA ARG L 247 -27.45 4.81 12.78
C ARG L 247 -28.14 5.35 11.55
N THR L 248 -27.61 6.40 10.94
CA THR L 248 -28.15 6.92 9.71
C THR L 248 -27.69 6.03 8.59
N TYR L 249 -26.46 5.58 8.58
CA TYR L 249 -25.96 4.65 7.58
C TYR L 249 -26.74 3.40 7.58
N SER L 250 -27.21 2.94 8.70
CA SER L 250 -28.07 1.78 8.75
C SER L 250 -29.44 2.08 8.20
N LEU L 251 -29.97 3.26 8.45
CA LEU L 251 -31.26 3.65 7.86
C LEU L 251 -31.15 3.76 6.34
N MET L 252 -30.05 4.32 5.85
CA MET L 252 -29.91 4.49 4.40
C MET L 252 -29.60 3.17 3.70
N ASN L 253 -28.90 2.25 4.36
CA ASN L 253 -28.79 0.89 3.85
C ASN L 253 -30.17 0.26 3.70
N TYR L 254 -31.04 0.47 4.70
CA TYR L 254 -32.40 -0.04 4.58
C TYR L 254 -33.13 0.62 3.41
N PHE L 255 -32.95 1.92 3.23
CA PHE L 255 -33.56 2.61 2.09
C PHE L 255 -33.15 1.97 0.77
N SER L 256 -31.83 1.79 0.58
CA SER L 256 -31.32 1.24 -0.68
C SER L 256 -31.81 -0.18 -0.90
N ASN L 257 -31.82 -1.01 0.15
CA ASN L 257 -32.32 -2.37 -0.01
C ASN L 257 -33.83 -2.41 -0.21
N SER L 258 -34.55 -1.37 0.23
CA SER L 258 -35.99 -1.30 0.01
C SER L 258 -36.32 -0.92 -1.42
N LEU L 259 -35.56 -0.01 -2.01
CA LEU L 259 -35.83 0.40 -3.39
C LEU L 259 -35.10 -0.44 -4.42
N GLY L 260 -34.11 -1.23 -4.03
CA GLY L 260 -33.31 -1.95 -5.00
C GLY L 260 -32.32 -1.09 -5.75
N ARG L 261 -31.95 0.04 -5.19
CA ARG L 261 -31.01 0.98 -5.79
C ARG L 261 -29.80 1.14 -4.86
N ASN L 262 -28.93 2.09 -5.18
CA ASN L 262 -27.72 2.29 -4.39
C ASN L 262 -27.59 3.73 -3.91
N CYS L 263 -26.44 4.07 -3.32
CA CYS L 263 -26.27 5.38 -2.72
C CYS L 263 -26.27 6.49 -3.77
N VAL L 264 -25.62 6.27 -4.91
CA VAL L 264 -25.54 7.30 -5.95
C VAL L 264 -26.90 7.59 -6.56
N PHE L 265 -27.87 6.71 -6.37
CA PHE L 265 -29.28 7.06 -6.57
C PHE L 265 -29.69 8.01 -5.45
N CYS L 266 -30.03 9.24 -5.82
CA CYS L 266 -30.45 10.36 -4.96
C CYS L 266 -29.31 11.09 -4.26
N HIS L 267 -28.06 10.69 -4.43
CA HIS L 267 -26.98 11.33 -3.69
C HIS L 267 -25.73 11.50 -4.53
N ASN L 268 -24.95 12.51 -4.18
CA ASN L 268 -23.56 12.67 -4.62
C ASN L 268 -22.69 12.46 -3.38
N SER L 269 -21.85 11.42 -3.43
CA SER L 269 -21.15 10.97 -2.23
C SER L 269 -20.06 11.93 -1.77
N ARG L 270 -19.62 12.87 -2.61
CA ARG L 270 -18.62 13.83 -2.17
C ARG L 270 -19.20 14.91 -1.27
N ALA L 271 -20.52 15.08 -1.26
CA ALA L 271 -21.19 15.99 -0.33
C ALA L 271 -22.59 15.43 -0.09
N PHE L 272 -22.75 14.70 1.01
CA PHE L 272 -24.04 14.09 1.34
C PHE L 272 -25.04 15.11 1.86
N TYR L 273 -24.61 16.32 2.17
CA TYR L 273 -25.47 17.33 2.78
C TYR L 273 -25.93 18.41 1.81
N ASP L 274 -25.19 18.65 0.73
CA ASP L 274 -25.42 19.81 -0.11
C ASP L 274 -26.71 19.65 -0.91
N PRO L 275 -27.69 20.55 -0.77
CA PRO L 275 -28.93 20.44 -1.55
C PRO L 275 -28.75 20.75 -3.03
N ALA L 276 -27.62 21.32 -3.43
CA ALA L 276 -27.37 21.62 -4.83
C ALA L 276 -26.79 20.44 -5.59
N GLN L 277 -26.54 19.32 -4.92
CA GLN L 277 -25.94 18.14 -5.55
C GLN L 277 -26.83 16.91 -5.42
N HIS L 278 -28.11 17.09 -5.13
CA HIS L 278 -29.07 15.99 -5.04
C HIS L 278 -29.80 15.81 -6.36
N THR L 279 -30.58 14.74 -6.43
CA THR L 279 -31.45 14.44 -7.56
C THR L 279 -32.91 14.65 -7.18
N PRO L 280 -33.82 14.69 -8.16
CA PRO L 280 -35.24 14.89 -7.82
C PRO L 280 -35.84 13.81 -6.95
N GLN L 281 -35.27 12.60 -6.92
CA GLN L 281 -35.82 11.53 -6.09
C GLN L 281 -35.60 11.78 -4.60
N TRP L 282 -34.66 12.65 -4.26
CA TRP L 282 -34.41 13.01 -2.86
C TRP L 282 -35.63 13.65 -2.23
N ALA L 283 -36.32 14.53 -2.97
CA ALA L 283 -37.51 15.17 -2.43
C ALA L 283 -38.64 14.16 -2.25
N THR L 284 -38.78 13.22 -3.18
CA THR L 284 -39.79 12.18 -3.03
C THR L 284 -39.52 11.33 -1.79
N ALA L 285 -38.25 10.98 -1.55
CA ALA L 285 -37.92 10.25 -0.33
C ALA L 285 -38.20 11.07 0.91
N MET L 286 -37.92 12.37 0.87
CA MET L 286 -38.18 13.24 2.00
C MET L 286 -39.67 13.31 2.32
N LEU L 287 -40.52 13.34 1.29
CA LEU L 287 -41.95 13.28 1.50
C LEU L 287 -42.38 11.91 2.03
N GLY L 288 -41.76 10.84 1.52
CA GLY L 288 -42.11 9.51 1.99
C GLY L 288 -41.79 9.28 3.45
N ILE L 289 -40.74 9.92 3.95
CA ILE L 289 -40.40 9.80 5.37
C ILE L 289 -41.56 10.32 6.23
N SER L 290 -42.06 11.52 5.91
CA SER L 290 -43.17 12.09 6.66
C SER L 290 -44.43 11.25 6.49
N MET L 291 -44.67 10.74 5.28
CA MET L 291 -45.85 9.90 5.06
C MET L 291 -45.79 8.64 5.92
N VAL L 292 -44.62 8.01 5.99
CA VAL L 292 -44.47 6.80 6.80
C VAL L 292 -44.66 7.11 8.28
N GLN L 293 -44.10 8.24 8.74
CA GLN L 293 -44.27 8.63 10.14
C GLN L 293 -45.74 8.83 10.48
N GLU L 294 -46.46 9.56 9.61
CA GLU L 294 -47.88 9.80 9.86
C GLU L 294 -48.67 8.49 9.85
N LEU L 295 -48.39 7.61 8.89
CA LEU L 295 -49.11 6.35 8.80
C LEU L 295 -48.88 5.48 10.04
N ASN L 296 -47.64 5.45 10.53
CA ASN L 296 -47.36 4.64 11.72
C ASN L 296 -48.00 5.24 12.97
N ASN L 297 -47.86 6.55 13.17
CA ASN L 297 -48.28 7.15 14.43
C ASN L 297 -49.77 7.48 14.48
N GLU L 298 -50.48 7.47 13.35
CA GLU L 298 -51.88 7.88 13.34
C GLU L 298 -52.86 6.75 13.09
N TRP L 299 -52.53 5.78 12.24
CA TRP L 299 -53.49 4.77 11.83
C TRP L 299 -53.11 3.37 12.25
N ILE L 300 -51.88 2.93 11.93
CA ILE L 300 -51.53 1.51 12.07
C ILE L 300 -51.42 1.12 13.54
N VAL L 301 -50.82 1.98 14.36
CA VAL L 301 -50.55 1.66 15.76
C VAL L 301 -51.80 1.81 16.62
N PRO L 302 -52.59 2.89 16.49
CA PRO L 302 -53.80 2.99 17.35
C PRO L 302 -54.75 1.82 17.20
N ILE L 303 -54.92 1.29 15.99
CA ILE L 303 -55.66 0.06 15.79
C ILE L 303 -54.69 -1.10 15.92
N GLY L 304 -55.22 -2.30 16.16
CA GLY L 304 -54.35 -3.42 16.44
C GLY L 304 -54.03 -3.50 17.93
N GLU L 305 -53.85 -2.34 18.55
CA GLU L 305 -53.73 -2.27 20.00
C GLU L 305 -55.06 -2.52 20.70
N ALA L 306 -56.17 -2.54 19.94
CA ALA L 306 -57.48 -2.77 20.51
C ALA L 306 -58.22 -3.96 19.91
N HIS L 307 -57.73 -4.55 18.82
CA HIS L 307 -58.47 -5.62 18.16
C HIS L 307 -57.61 -6.86 17.90
N LEU L 308 -56.31 -6.68 17.67
CA LEU L 308 -55.48 -7.78 17.23
C LEU L 308 -55.34 -8.84 18.33
N PRO L 309 -55.34 -10.11 17.97
CA PRO L 309 -55.17 -11.18 18.97
C PRO L 309 -53.75 -11.20 19.49
N PRO L 310 -53.51 -11.85 20.64
CA PRO L 310 -52.15 -11.90 21.19
C PRO L 310 -51.14 -12.62 20.30
N GLU L 311 -51.60 -13.47 19.39
CA GLU L 311 -50.71 -14.28 18.57
C GLU L 311 -49.99 -13.47 17.48
N ARG L 312 -50.26 -12.17 17.38
CA ARG L 312 -49.70 -11.32 16.32
C ARG L 312 -48.95 -10.16 16.89
N LEU L 313 -48.20 -10.34 17.97
CA LEU L 313 -47.64 -9.20 18.69
C LEU L 313 -46.12 -9.16 18.76
N GLY L 314 -45.42 -10.16 18.21
CA GLY L 314 -43.98 -10.14 18.17
C GLY L 314 -43.32 -10.81 19.36
N PRO L 315 -42.02 -11.11 19.25
CA PRO L 315 -41.32 -11.85 20.32
C PRO L 315 -41.15 -11.06 21.60
N VAL L 316 -40.63 -9.83 21.51
CA VAL L 316 -40.36 -9.00 22.67
C VAL L 316 -41.18 -7.74 22.58
N TYR L 317 -41.52 -7.18 23.75
CA TYR L 317 -42.25 -5.93 23.92
C TYR L 317 -43.73 -6.07 23.56
N ASN L 318 -44.11 -7.21 22.98
CA ASN L 318 -45.49 -7.47 22.54
C ASN L 318 -46.04 -6.30 21.75
N ASP L 319 -45.32 -5.89 20.72
CA ASP L 319 -45.67 -4.69 19.96
C ASP L 319 -46.80 -4.98 18.98
N VAL L 320 -47.06 -4.00 18.12
CA VAL L 320 -48.02 -4.13 17.02
C VAL L 320 -47.21 -3.96 15.73
N PRO L 321 -47.46 -4.77 14.69
CA PRO L 321 -46.66 -4.66 13.47
C PRO L 321 -46.77 -3.28 12.84
N LYS L 322 -45.64 -2.81 12.29
CA LYS L 322 -45.58 -1.51 11.71
C LYS L 322 -45.13 -1.61 10.26
N LEU L 323 -45.33 -0.58 9.45
CA LEU L 323 -44.97 -0.56 8.05
C LEU L 323 -43.79 0.37 7.80
N ALA L 324 -43.13 0.15 6.66
CA ALA L 324 -41.98 0.94 6.23
C ALA L 324 -41.96 0.96 4.71
N CYS L 325 -40.81 1.32 4.14
CA CYS L 325 -40.70 1.46 2.68
C CYS L 325 -40.97 0.14 1.97
N LYS L 326 -40.40 -0.96 2.50
CA LYS L 326 -40.49 -2.24 1.81
C LYS L 326 -41.85 -2.92 2.00
N THR L 327 -42.71 -2.40 2.88
CA THR L 327 -44.07 -2.91 2.97
C THR L 327 -44.83 -2.65 1.68
N CYS L 328 -44.47 -1.60 0.96
CA CYS L 328 -45.09 -1.27 -0.33
C CYS L 328 -44.18 -1.49 -1.52
N HIS L 329 -42.91 -1.09 -1.43
CA HIS L 329 -42.01 -1.23 -2.57
C HIS L 329 -41.60 -2.69 -2.79
N LYS L 330 -41.27 -3.40 -1.72
CA LYS L 330 -40.91 -4.82 -1.78
C LYS L 330 -39.75 -5.08 -2.73
N GLY L 331 -38.74 -4.22 -2.68
CA GLY L 331 -37.53 -4.43 -3.46
C GLY L 331 -37.55 -3.91 -4.87
N TYR L 332 -38.46 -2.99 -5.20
CA TYR L 332 -38.56 -2.44 -6.53
C TYR L 332 -38.61 -0.92 -6.46
N GLN L 333 -38.18 -0.27 -7.55
CA GLN L 333 -38.11 1.19 -7.57
C GLN L 333 -39.47 1.82 -7.37
N GLN L 334 -40.50 1.28 -8.02
CA GLN L 334 -41.87 1.71 -7.80
C GLN L 334 -42.73 0.49 -7.49
N PRO L 335 -43.73 0.62 -6.62
CA PRO L 335 -44.60 -0.52 -6.32
C PRO L 335 -45.29 -1.05 -7.57
N LEU L 336 -45.14 -2.36 -7.79
CA LEU L 336 -45.63 -3.03 -9.00
C LEU L 336 -45.06 -2.42 -10.27
N GLN L 337 -43.87 -1.80 -10.15
CA GLN L 337 -43.15 -1.20 -11.28
C GLN L 337 -44.00 -0.16 -12.01
N GLY L 338 -44.78 0.60 -11.26
CA GLY L 338 -45.52 1.72 -11.82
C GLY L 338 -46.89 1.41 -12.35
N LEU L 339 -47.49 0.28 -11.94
CA LEU L 339 -48.82 -0.07 -12.42
C LEU L 339 -49.87 0.89 -11.89
N ASN L 340 -50.84 1.23 -12.74
CA ASN L 340 -51.94 2.11 -12.37
C ASN L 340 -53.02 1.27 -11.71
N VAL L 341 -53.10 1.32 -10.39
CA VAL L 341 -54.03 0.50 -9.62
C VAL L 341 -55.19 1.29 -9.06
N VAL L 342 -55.27 2.58 -9.34
CA VAL L 342 -56.33 3.44 -8.78
C VAL L 342 -57.33 3.90 -9.83
N ALA L 343 -57.02 3.75 -11.12
CA ALA L 343 -57.92 4.24 -12.16
C ALA L 343 -59.22 3.42 -12.20
N ASP L 344 -59.17 2.16 -11.78
CA ASP L 344 -60.35 1.31 -11.78
C ASP L 344 -61.15 1.37 -10.48
N TRP L 345 -60.65 2.05 -9.45
CA TRP L 345 -61.28 2.09 -8.14
C TRP L 345 -61.41 3.53 -7.67
N PRO L 346 -62.41 4.25 -8.16
CA PRO L 346 -62.64 5.61 -7.66
C PRO L 346 -63.06 5.66 -6.20
N GLU L 347 -63.54 4.55 -5.64
CA GLU L 347 -64.04 4.56 -4.27
C GLU L 347 -62.92 4.69 -3.26
N LEU L 348 -61.70 4.27 -3.61
CA LEU L 348 -60.56 4.32 -2.71
C LEU L 348 -59.64 5.50 -2.99
N ALA L 349 -60.09 6.48 -3.77
CA ALA L 349 -59.26 7.60 -4.15
C ALA L 349 -59.56 8.88 -3.38
N THR L 350 -60.81 9.08 -2.94
CA THR L 350 -61.22 10.32 -2.30
C THR L 350 -62.06 10.00 -1.08
N THR L 351 -61.81 10.73 0.02
CA THR L 351 -62.60 10.54 1.24
C THR L 351 -64.05 10.95 1.03
N GLU L 352 -64.31 11.94 0.19
CA GLU L 352 -65.65 12.43 -0.06
C GLU L 352 -66.37 11.45 -0.99
N GLY L 353 -67.53 11.87 -1.51
CA GLY L 353 -68.30 11.04 -2.41
C GLY L 353 -67.53 10.66 -3.65
N PRO L 354 -67.64 9.40 -4.07
CA PRO L 354 -66.89 8.93 -5.22
C PRO L 354 -67.26 9.71 -6.48
N PHE L 355 -66.25 10.01 -7.30
CA PHE L 355 -66.43 10.76 -8.53
C PHE L 355 -66.15 9.84 -9.71
N TYR L 356 -67.22 9.36 -10.34
CA TYR L 356 -67.10 8.43 -11.46
C TYR L 356 -66.96 9.13 -12.80
N ASP L 357 -66.86 10.46 -12.80
CA ASP L 357 -66.67 11.23 -14.03
C ASP L 357 -65.34 10.86 -14.69
N GLU M 1 -12.76 27.73 15.71
CA GLU M 1 -11.37 28.12 15.50
C GLU M 1 -11.30 29.33 14.57
N GLU M 2 -10.22 30.11 14.69
CA GLU M 2 -10.06 31.35 13.94
C GLU M 2 -8.87 31.25 13.00
N THR M 3 -8.69 32.30 12.21
CA THR M 3 -7.63 32.39 11.22
C THR M 3 -6.68 33.53 11.58
N PHE M 4 -5.40 33.33 11.28
CA PHE M 4 -4.40 34.37 11.52
C PHE M 4 -4.61 35.55 10.57
N PHE M 5 -4.76 35.27 9.29
CA PHE M 5 -5.04 36.30 8.29
C PHE M 5 -5.69 35.64 7.08
N GLY M 6 -6.72 36.29 6.55
CA GLY M 6 -7.40 35.74 5.39
C GLY M 6 -7.96 34.36 5.68
N ASN M 7 -7.53 33.38 4.90
CA ASN M 7 -7.92 31.98 5.07
C ASN M 7 -6.83 31.15 5.73
N PHE M 8 -5.79 31.78 6.28
CA PHE M 8 -4.66 31.06 6.85
C PHE M 8 -4.98 30.60 8.27
N ASP M 9 -4.94 29.29 8.49
CA ASP M 9 -5.18 28.71 9.80
C ASP M 9 -4.08 27.71 10.16
N LEU M 10 -4.30 26.93 11.23
CA LEU M 10 -3.27 26.00 11.69
C LEU M 10 -2.92 24.96 10.64
N ALA M 11 -3.92 24.48 9.90
CA ALA M 11 -3.68 23.46 8.89
C ALA M 11 -2.76 23.98 7.78
N SER M 12 -2.98 25.22 7.34
CA SER M 12 -2.13 25.80 6.31
C SER M 12 -0.69 25.95 6.81
N LEU M 13 -0.53 26.38 8.06
CA LEU M 13 0.80 26.51 8.64
C LEU M 13 1.51 25.16 8.67
N SER M 14 0.80 24.11 9.09
CA SER M 14 1.38 22.77 9.10
C SER M 14 1.76 22.33 7.69
N LEU M 15 0.91 22.61 6.71
CA LEU M 15 1.20 22.23 5.33
C LEU M 15 2.46 22.92 4.81
N TRP M 16 2.61 24.23 5.08
CA TRP M 16 3.77 24.95 4.58
C TRP M 16 5.05 24.49 5.30
N LEU M 17 4.96 24.22 6.60
CA LEU M 17 6.11 23.68 7.32
C LEU M 17 6.52 22.33 6.75
N PHE M 18 5.55 21.48 6.42
CA PHE M 18 5.87 20.20 5.81
C PHE M 18 6.50 20.39 4.44
N TYR M 19 6.03 21.38 3.67
CA TYR M 19 6.66 21.68 2.40
C TYR M 19 8.15 21.98 2.56
N GLY M 20 8.47 22.88 3.51
CA GLY M 20 9.87 23.21 3.74
C GLY M 20 10.69 22.01 4.17
N PHE M 21 10.16 21.23 5.11
CA PHE M 21 10.87 20.05 5.60
C PHE M 21 11.09 19.05 4.46
N PHE M 22 10.09 18.85 3.60
CA PHE M 22 10.23 17.91 2.50
C PHE M 22 11.27 18.38 1.50
N ALA M 23 11.33 19.69 1.22
CA ALA M 23 12.36 20.20 0.34
C ALA M 23 13.75 19.92 0.89
N LEU M 24 13.96 20.21 2.18
CA LEU M 24 15.26 19.94 2.80
C LEU M 24 15.58 18.46 2.79
N LEU M 25 14.58 17.61 3.06
CA LEU M 25 14.81 16.17 3.08
C LEU M 25 15.18 15.64 1.69
N ILE M 26 14.53 16.15 0.65
CA ILE M 26 14.88 15.74 -0.70
C ILE M 26 16.31 16.14 -1.03
N TYR M 27 16.70 17.36 -0.65
CA TYR M 27 18.08 17.79 -0.84
C TYR M 27 19.05 16.84 -0.15
N TYR M 28 18.78 16.51 1.12
CA TYR M 28 19.66 15.63 1.87
C TYR M 28 19.75 14.24 1.24
N LEU M 29 18.60 13.68 0.85
CA LEU M 29 18.58 12.34 0.27
C LEU M 29 19.34 12.28 -1.04
N GLN M 30 19.14 13.28 -1.91
CA GLN M 30 19.87 13.28 -3.18
C GLN M 30 21.37 13.47 -2.96
N THR M 31 21.76 14.35 -2.04
CA THR M 31 23.18 14.56 -1.80
C THR M 31 23.85 13.33 -1.19
N GLU M 32 23.13 12.60 -0.34
CA GLU M 32 23.69 11.39 0.28
C GLU M 32 24.03 10.31 -0.74
N ASN M 33 23.43 10.33 -1.93
CA ASN M 33 23.58 9.27 -2.90
C ASN M 33 24.63 9.60 -3.96
N MET M 34 25.52 10.54 -3.69
CA MET M 34 26.56 10.94 -4.62
C MET M 34 27.95 10.64 -4.09
N ARG M 35 28.09 9.56 -3.34
CA ARG M 35 29.36 9.15 -2.75
C ARG M 35 30.14 8.17 -3.63
N GLU M 36 29.57 7.73 -4.75
CA GLU M 36 30.25 6.84 -5.67
C GLU M 36 30.01 7.33 -7.10
N GLY M 37 31.10 7.42 -7.88
CA GLY M 37 31.00 7.72 -9.29
C GLY M 37 31.19 9.17 -9.68
N TYR M 38 31.57 10.04 -8.75
CA TYR M 38 31.72 11.45 -9.03
C TYR M 38 33.16 11.89 -8.77
N PRO M 39 33.64 12.95 -9.45
CA PRO M 39 32.96 13.81 -10.44
C PRO M 39 32.76 13.16 -11.80
N LEU M 40 31.85 13.70 -12.60
CA LEU M 40 31.55 13.15 -13.91
C LEU M 40 32.70 13.41 -14.89
N GLU M 41 32.77 12.56 -15.90
CA GLU M 41 33.80 12.65 -16.93
C GLU M 41 33.15 12.56 -18.31
N ASP M 42 33.89 12.99 -19.32
CA ASP M 42 33.43 12.89 -20.70
C ASP M 42 33.89 11.56 -21.29
N GLU M 43 33.72 11.39 -22.60
CA GLU M 43 34.07 10.15 -23.25
C GLU M 43 35.56 10.01 -23.53
N ASP M 44 36.35 11.07 -23.33
CA ASP M 44 37.78 11.02 -23.49
C ASP M 44 38.52 10.82 -22.17
N GLY M 45 37.81 10.64 -21.06
CA GLY M 45 38.41 10.46 -19.77
C GLY M 45 38.70 11.73 -19.00
N ASN M 46 38.41 12.89 -19.58
CA ASN M 46 38.64 14.16 -18.92
C ASN M 46 37.42 14.60 -18.12
N THR M 47 37.63 15.53 -17.20
CA THR M 47 36.52 16.04 -16.40
C THR M 47 35.59 16.88 -17.27
N ALA M 48 34.29 16.65 -17.13
CA ALA M 48 33.31 17.37 -17.92
C ALA M 48 33.14 18.80 -17.43
N ALA M 49 32.65 19.66 -18.31
CA ALA M 49 32.42 21.06 -17.95
C ALA M 49 31.20 21.21 -17.06
N ASN M 50 30.24 20.30 -17.16
CA ASN M 50 29.01 20.35 -16.38
C ASN M 50 29.04 19.29 -15.29
N GLN M 51 28.68 19.67 -14.07
CA GLN M 51 28.71 18.77 -12.93
C GLN M 51 27.38 18.66 -12.20
N GLY M 52 26.34 19.38 -12.64
CA GLY M 52 25.03 19.27 -12.05
C GLY M 52 24.75 20.35 -11.04
N PRO M 53 23.51 20.39 -10.53
CA PRO M 53 23.14 21.39 -9.52
C PRO M 53 23.41 20.99 -8.08
N PHE M 54 23.71 19.72 -7.81
CA PHE M 54 23.94 19.26 -6.45
C PHE M 54 25.43 19.17 -6.18
N PRO M 55 25.97 19.94 -5.24
CA PRO M 55 27.40 19.83 -4.92
C PRO M 55 27.70 18.53 -4.19
N LEU M 56 28.98 18.16 -4.20
CA LEU M 56 29.41 16.92 -3.60
C LEU M 56 29.22 16.96 -2.07
N PRO M 57 28.94 15.83 -1.46
CA PRO M 57 28.76 15.78 -0.01
C PRO M 57 30.11 15.81 0.71
N LYS M 58 30.04 15.79 2.04
CA LYS M 58 31.24 15.75 2.87
C LYS M 58 31.62 14.30 3.16
N GLU M 59 32.76 14.13 3.83
CA GLU M 59 33.37 12.81 3.98
C GLU M 59 32.81 12.08 5.19
N LYS M 60 32.78 10.76 5.08
CA LYS M 60 32.42 9.86 6.17
C LYS M 60 33.40 8.70 6.20
N THR M 61 33.60 8.12 7.37
CA THR M 61 34.60 7.09 7.58
C THR M 61 33.93 5.80 8.04
N PHE M 62 34.34 4.68 7.44
CA PHE M 62 33.89 3.35 7.83
C PHE M 62 35.06 2.62 8.49
N LYS M 63 34.79 2.01 9.64
CA LYS M 63 35.79 1.21 10.36
C LYS M 63 35.47 -0.25 10.12
N LEU M 64 36.34 -0.94 9.37
CA LEU M 64 36.09 -2.29 8.93
C LEU M 64 36.61 -3.31 9.94
N GLN M 65 36.03 -4.51 9.87
CA GLN M 65 36.38 -5.59 10.80
C GLN M 65 37.64 -6.32 10.33
N HIS M 66 38.15 -7.18 11.21
CA HIS M 66 39.30 -8.04 10.95
C HIS M 66 40.56 -7.24 10.63
N GLY M 67 40.63 -5.99 11.08
CA GLY M 67 41.83 -5.18 10.89
C GLY M 67 42.18 -4.89 9.45
N ARG M 68 41.16 -4.59 8.64
CA ARG M 68 41.37 -4.30 7.23
C ARG M 68 41.49 -2.80 6.97
N GLY M 69 41.47 -1.98 8.01
CA GLY M 69 41.69 -0.57 7.86
C GLY M 69 40.44 0.27 7.93
N GLU M 70 40.42 1.38 7.19
CA GLU M 70 39.28 2.27 7.16
C GLU M 70 39.00 2.68 5.72
N LEU M 71 37.75 3.08 5.47
CA LEU M 71 37.31 3.53 4.16
C LEU M 71 36.65 4.89 4.31
N THR M 72 37.08 5.86 3.50
CA THR M 72 36.56 7.21 3.54
C THR M 72 35.95 7.56 2.18
N LEU M 73 34.71 8.03 2.21
CA LEU M 73 33.97 8.38 1.01
C LEU M 73 33.32 9.74 1.17
N PRO M 74 33.22 10.52 0.08
CA PRO M 74 33.68 10.23 -1.28
C PRO M 74 35.19 10.38 -1.43
N GLY M 75 35.81 9.62 -2.32
CA GLY M 75 37.23 9.69 -2.52
C GLY M 75 37.62 9.21 -3.90
N GLU M 76 38.88 8.78 -4.01
CA GLU M 76 39.38 8.29 -5.28
C GLU M 76 38.80 6.91 -5.60
N ASP M 77 38.80 6.58 -6.88
CA ASP M 77 38.25 5.32 -7.36
C ASP M 77 39.34 4.26 -7.33
N VAL M 78 39.28 3.35 -6.36
CA VAL M 78 40.26 2.28 -6.25
C VAL M 78 39.89 1.04 -7.04
N GLN M 79 38.67 0.98 -7.60
CA GLN M 79 38.21 -0.15 -8.38
C GLN M 79 38.27 0.12 -9.88
N ARG M 80 39.00 1.15 -10.25
CA ARG M 80 39.11 1.54 -11.63
C ARG M 80 39.97 0.60 -12.48
N ARG M 81 39.52 0.29 -13.68
CA ARG M 81 40.34 -0.53 -14.57
C ARG M 81 41.37 0.34 -15.28
N ASP M 82 42.49 -0.28 -15.65
CA ASP M 82 43.65 0.46 -16.11
C ASP M 82 43.67 0.63 -17.63
N ASN M 83 43.70 -0.47 -18.38
CA ASN M 83 43.83 -0.45 -19.83
C ASN M 83 42.68 -1.24 -20.43
N LEU M 84 41.70 -0.54 -20.99
CA LEU M 84 40.54 -1.16 -21.60
C LEU M 84 40.71 -1.19 -23.12
N ALA M 85 40.41 -2.35 -23.71
CA ALA M 85 40.49 -2.52 -25.17
C ALA M 85 39.17 -2.09 -25.78
N LEU M 86 39.00 -0.77 -25.90
CA LEU M 86 37.78 -0.20 -26.46
C LEU M 86 38.15 0.89 -27.46
N ARG M 87 37.23 1.14 -28.39
CA ARG M 87 37.46 2.10 -29.47
C ARG M 87 36.21 2.96 -29.65
N LYS M 88 36.42 4.27 -29.80
CA LYS M 88 35.31 5.17 -30.04
C LYS M 88 34.81 5.03 -31.47
N THR M 89 33.49 5.07 -31.64
CA THR M 89 32.86 5.02 -32.95
C THR M 89 32.42 6.39 -33.44
N ALA M 90 32.81 7.46 -32.75
CA ALA M 90 32.45 8.81 -33.13
C ALA M 90 33.47 9.77 -32.54
N HIS M 91 33.46 11.01 -33.04
CA HIS M 91 34.39 12.02 -32.57
C HIS M 91 33.86 12.79 -31.36
N GLY M 92 32.56 12.77 -31.11
CA GLY M 92 31.97 13.43 -29.98
C GLY M 92 31.47 12.45 -28.94
N ASN M 93 30.62 12.96 -28.04
CA ASN M 93 30.05 12.17 -26.96
C ASN M 93 28.68 11.63 -27.36
N GLY M 94 28.28 10.56 -26.68
CA GLY M 94 26.95 10.01 -26.85
C GLY M 94 26.83 8.83 -27.79
N PHE M 95 27.93 8.20 -28.17
CA PHE M 95 27.92 7.08 -29.11
C PHE M 95 28.63 5.89 -28.49
N PRO M 96 28.27 4.66 -28.91
CA PRO M 96 28.81 3.46 -28.25
C PRO M 96 30.30 3.24 -28.46
N MET M 97 30.82 2.17 -27.88
CA MET M 97 32.22 1.78 -27.99
C MET M 97 32.32 0.45 -28.71
N GLU M 98 33.46 0.22 -29.35
CA GLU M 98 33.70 -0.98 -30.13
C GLU M 98 34.83 -1.79 -29.51
N PRO M 99 34.61 -3.07 -29.19
CA PRO M 99 35.70 -3.90 -28.66
C PRO M 99 36.84 -4.03 -29.65
N THR M 100 38.06 -4.06 -29.13
CA THR M 100 39.25 -4.19 -29.95
C THR M 100 39.63 -5.64 -30.20
N GLY M 101 39.60 -6.47 -29.17
CA GLY M 101 39.95 -7.86 -29.31
C GLY M 101 38.79 -8.80 -29.04
N ASP M 102 38.97 -9.72 -28.10
CA ASP M 102 37.90 -10.65 -27.72
C ASP M 102 37.19 -10.09 -26.50
N PRO M 103 35.93 -9.65 -26.62
CA PRO M 103 35.26 -9.05 -25.45
C PRO M 103 35.13 -9.99 -24.27
N MET M 104 34.94 -11.29 -24.51
CA MET M 104 34.84 -12.24 -23.39
C MET M 104 36.19 -12.40 -22.69
N LEU M 105 37.28 -12.38 -23.46
CA LEU M 105 38.61 -12.50 -22.88
C LEU M 105 39.16 -11.17 -22.36
N ASP M 106 38.66 -10.04 -22.88
CA ASP M 106 39.16 -8.73 -22.48
C ASP M 106 38.35 -8.09 -21.37
N GLY M 107 37.24 -8.71 -20.96
CA GLY M 107 36.45 -8.19 -19.85
C GLY M 107 35.81 -6.84 -20.11
N VAL M 108 35.19 -6.67 -21.27
CA VAL M 108 34.49 -5.44 -21.62
C VAL M 108 33.05 -5.78 -21.97
N GLY M 109 32.18 -4.77 -21.84
CA GLY M 109 30.78 -4.94 -22.09
C GLY M 109 30.08 -5.69 -20.97
N PRO M 110 29.14 -6.57 -21.31
CA PRO M 110 28.50 -7.41 -20.29
C PRO M 110 29.44 -8.41 -19.64
N ALA M 111 30.70 -8.49 -20.07
CA ALA M 111 31.71 -9.33 -19.44
C ALA M 111 32.65 -8.54 -18.55
N SER M 112 32.33 -7.29 -18.25
CA SER M 112 33.21 -6.44 -17.47
C SER M 112 33.22 -6.86 -16.01
N TRP M 113 34.38 -6.74 -15.37
CA TRP M 113 34.53 -7.02 -13.95
C TRP M 113 35.18 -5.82 -13.28
N SER M 114 34.98 -5.72 -11.97
CA SER M 114 35.51 -4.63 -11.18
C SER M 114 36.74 -5.09 -10.40
N LYS M 115 37.70 -4.18 -10.24
CA LYS M 115 38.92 -4.50 -9.53
C LYS M 115 38.73 -4.47 -8.04
N ARG M 116 38.21 -5.54 -7.50
CA ARG M 116 37.99 -5.69 -6.08
C ARG M 116 39.27 -6.15 -5.39
N ARG M 117 39.21 -6.29 -4.06
CA ARG M 117 40.37 -6.74 -3.30
C ARG M 117 40.66 -8.20 -3.60
N ASP M 118 41.95 -8.54 -3.60
CA ASP M 118 42.38 -9.92 -3.85
C ASP M 118 42.48 -10.72 -2.55
N VAL M 119 41.41 -10.67 -1.76
CA VAL M 119 41.33 -11.45 -0.52
C VAL M 119 39.94 -12.03 -0.38
N PRO M 120 39.84 -13.20 0.24
CA PRO M 120 38.53 -13.83 0.42
C PRO M 120 37.68 -13.07 1.42
N GLU M 121 36.36 -13.24 1.27
CA GLU M 121 35.41 -12.68 2.23
C GLU M 121 35.33 -13.57 3.46
N LEU M 122 35.32 -12.93 4.63
CA LEU M 122 35.38 -13.64 5.90
C LEU M 122 34.03 -13.58 6.61
N ASP M 123 33.78 -14.61 7.41
CA ASP M 123 32.60 -14.68 8.26
C ASP M 123 32.92 -14.07 9.63
N ALA M 124 32.04 -14.27 10.60
CA ALA M 124 32.23 -13.67 11.92
C ALA M 124 33.46 -14.23 12.63
N HIS M 125 33.80 -15.50 12.41
CA HIS M 125 34.95 -16.11 13.07
C HIS M 125 36.27 -15.76 12.41
N GLY M 126 36.26 -15.19 11.22
CA GLY M 126 37.48 -14.90 10.50
C GLY M 126 37.91 -15.96 9.51
N HIS M 127 37.06 -16.95 9.23
CA HIS M 127 37.30 -17.98 8.24
C HIS M 127 36.79 -17.55 6.88
N PRO M 128 37.32 -18.11 5.80
CA PRO M 128 36.74 -17.84 4.48
C PRO M 128 35.26 -18.23 4.44
N LYS M 129 34.46 -17.38 3.78
CA LYS M 129 33.01 -17.55 3.85
C LYS M 129 32.54 -18.72 3.00
N ILE M 130 33.12 -18.91 1.82
CA ILE M 130 32.70 -19.93 0.88
C ILE M 130 33.73 -21.06 0.92
N VAL M 131 33.27 -22.27 1.22
CA VAL M 131 34.14 -23.42 1.44
C VAL M 131 33.60 -24.60 0.63
N PRO M 132 34.45 -25.45 0.05
CA PRO M 132 33.95 -26.65 -0.61
C PRO M 132 33.24 -27.59 0.36
N MET M 133 32.26 -28.33 -0.15
CA MET M 133 31.44 -29.19 0.68
C MET M 133 32.22 -30.37 1.24
N SER M 134 33.37 -30.70 0.66
CA SER M 134 34.19 -31.80 1.17
C SER M 134 35.03 -31.40 2.37
N ALA M 135 35.05 -30.12 2.73
CA ALA M 135 35.80 -29.64 3.89
C ALA M 135 34.89 -29.06 4.97
N ALA M 136 33.57 -29.11 4.77
CA ALA M 136 32.61 -28.62 5.75
C ALA M 136 32.05 -29.82 6.51
N GLU M 137 32.28 -29.84 7.83
CA GLU M 137 31.87 -30.97 8.66
C GLU M 137 30.40 -30.82 9.04
N GLY M 138 29.62 -31.88 8.86
CA GLY M 138 28.24 -31.91 9.28
C GLY M 138 27.25 -31.33 8.29
N PHE M 139 27.63 -31.14 7.04
CA PHE M 139 26.74 -30.59 6.02
C PHE M 139 26.34 -31.69 5.04
N GLY M 140 25.07 -31.67 4.65
CA GLY M 140 24.56 -32.65 3.71
C GLY M 140 23.31 -32.15 3.02
N VAL M 141 22.96 -32.82 1.93
CA VAL M 141 21.80 -32.45 1.14
C VAL M 141 20.54 -32.89 1.87
N SER M 142 19.57 -31.97 2.00
CA SER M 142 18.33 -32.25 2.70
C SER M 142 17.09 -32.21 1.82
N ALA M 143 17.17 -31.60 0.65
CA ALA M 143 16.02 -31.52 -0.25
C ALA M 143 16.52 -31.31 -1.66
N GLY M 144 15.62 -31.50 -2.63
CA GLY M 144 15.95 -31.32 -4.01
C GLY M 144 16.75 -32.47 -4.60
N THR M 145 17.29 -32.23 -5.78
CA THR M 145 18.08 -33.21 -6.50
C THR M 145 19.56 -32.94 -6.29
N ASP M 146 20.31 -33.99 -5.95
CA ASP M 146 21.74 -33.87 -5.75
C ASP M 146 22.43 -33.78 -7.12
N PRO M 147 23.13 -32.70 -7.42
CA PRO M 147 23.76 -32.57 -8.74
C PRO M 147 25.11 -33.26 -8.87
N ARG M 148 25.69 -33.76 -7.78
CA ARG M 148 27.02 -34.35 -7.84
C ARG M 148 26.97 -35.68 -8.60
N GLY M 149 27.88 -35.83 -9.55
CA GLY M 149 27.94 -37.01 -10.39
C GLY M 149 27.21 -36.90 -11.71
N LEU M 150 26.39 -35.86 -11.89
CA LEU M 150 25.62 -35.70 -13.11
C LEU M 150 26.46 -35.04 -14.21
N PRO M 151 26.20 -35.37 -15.47
CA PRO M 151 26.91 -34.70 -16.56
C PRO M 151 26.42 -33.26 -16.74
N VAL M 152 27.28 -32.45 -17.36
CA VAL M 152 27.01 -31.04 -17.61
C VAL M 152 26.87 -30.82 -19.10
N MET M 153 25.77 -30.20 -19.51
CA MET M 153 25.50 -29.90 -20.91
C MET M 153 25.63 -28.40 -21.14
N ALA M 154 26.32 -28.03 -22.21
CA ALA M 154 26.59 -26.64 -22.50
C ALA M 154 25.40 -26.01 -23.22
N GLY M 155 25.57 -24.79 -23.73
CA GLY M 155 24.48 -24.09 -24.37
C GLY M 155 24.16 -24.57 -25.77
N ASP M 156 25.04 -25.39 -26.37
CA ASP M 156 24.82 -25.93 -27.70
C ASP M 156 24.64 -27.44 -27.69
N GLY M 157 24.38 -28.04 -26.53
CA GLY M 157 24.12 -29.46 -26.45
C GLY M 157 25.34 -30.35 -26.36
N GLU M 158 26.46 -29.83 -25.85
CA GLU M 158 27.69 -30.60 -25.72
C GLU M 158 27.93 -30.93 -24.25
N ILE M 159 28.26 -32.20 -23.97
CA ILE M 159 28.59 -32.63 -22.63
C ILE M 159 30.08 -32.40 -22.41
N VAL M 160 30.40 -31.65 -21.37
CA VAL M 160 31.79 -31.27 -21.10
C VAL M 160 32.39 -31.99 -19.91
N GLY M 161 31.58 -32.53 -19.00
CA GLY M 161 32.13 -33.19 -17.84
C GLY M 161 31.05 -33.48 -16.82
N LEU M 162 31.49 -33.77 -15.60
CA LEU M 162 30.61 -34.14 -14.50
C LEU M 162 30.74 -33.13 -13.36
N VAL M 163 29.66 -33.00 -12.59
CA VAL M 163 29.70 -32.20 -11.37
C VAL M 163 30.38 -33.03 -10.29
N SER M 164 31.43 -32.48 -9.69
CA SER M 164 32.23 -33.21 -8.72
C SER M 164 32.10 -32.71 -7.29
N ASP M 165 31.69 -31.46 -7.10
CA ASP M 165 31.62 -30.90 -5.75
C ASP M 165 30.70 -29.68 -5.78
N MET M 166 30.35 -29.22 -4.57
CA MET M 166 29.61 -27.99 -4.38
C MET M 166 30.33 -27.13 -3.37
N TRP M 167 30.32 -25.82 -3.59
CA TRP M 167 30.90 -24.86 -2.66
C TRP M 167 29.75 -24.15 -1.96
N ILE M 168 29.72 -24.24 -0.63
CA ILE M 168 28.57 -23.79 0.15
C ILE M 168 28.97 -22.59 0.99
N ASP M 169 27.95 -21.88 1.48
CA ASP M 169 28.11 -20.76 2.40
C ASP M 169 27.75 -21.28 3.79
N GLU M 170 28.77 -21.51 4.61
CA GLU M 170 28.55 -22.15 5.91
C GLU M 170 27.73 -21.27 6.84
N ALA M 171 27.96 -19.96 6.81
CA ALA M 171 27.28 -19.05 7.73
C ALA M 171 25.77 -19.01 7.45
N GLU M 172 25.38 -19.03 6.18
CA GLU M 172 23.99 -18.90 5.79
C GLU M 172 23.36 -20.19 5.28
N GLN M 173 24.13 -21.29 5.22
CA GLN M 173 23.63 -22.60 4.82
C GLN M 173 23.00 -22.55 3.43
N LEU M 174 23.74 -21.98 2.48
CA LEU M 174 23.29 -21.83 1.11
C LEU M 174 24.40 -22.23 0.15
N VAL M 175 24.02 -22.87 -0.95
CA VAL M 175 24.98 -23.29 -1.96
C VAL M 175 25.27 -22.13 -2.88
N ARG M 176 26.55 -21.86 -3.12
CA ARG M 176 27.00 -20.74 -3.95
C ARG M 176 27.52 -21.18 -5.32
N TYR M 177 28.38 -22.19 -5.36
CA TYR M 177 29.05 -22.58 -6.59
C TYR M 177 28.93 -24.08 -6.82
N LEU M 178 29.01 -24.47 -8.09
CA LEU M 178 29.09 -25.86 -8.51
C LEU M 178 30.41 -26.07 -9.24
N GLU M 179 31.18 -27.06 -8.79
CA GLU M 179 32.47 -27.35 -9.40
C GLU M 179 32.30 -28.36 -10.53
N LEU M 180 33.11 -28.19 -11.58
CA LEU M 180 33.00 -28.98 -12.79
C LEU M 180 34.37 -29.53 -13.14
N GLU M 181 34.42 -30.83 -13.47
CA GLU M 181 35.64 -31.48 -13.93
C GLU M 181 35.52 -31.70 -15.43
N LEU M 182 36.43 -31.11 -16.19
CA LEU M 182 36.32 -31.09 -17.64
C LEU M 182 36.92 -32.34 -18.26
N ASP M 183 36.31 -32.80 -19.35
CA ASP M 183 36.88 -33.88 -20.14
C ASP M 183 38.15 -33.39 -20.84
N PRO M 184 39.10 -34.29 -21.11
CA PRO M 184 40.33 -33.87 -21.80
C PRO M 184 40.08 -33.23 -23.14
N GLU M 185 39.02 -33.61 -23.85
CA GLU M 185 38.69 -33.00 -25.12
C GLU M 185 38.36 -31.53 -24.97
N TRP M 186 37.63 -31.17 -23.92
CA TRP M 186 37.12 -29.81 -23.74
C TRP M 186 37.99 -28.95 -22.83
N GLY M 187 39.12 -29.46 -22.35
CA GLY M 187 40.02 -28.68 -21.54
C GLY M 187 40.63 -29.52 -20.45
N ASP M 188 41.27 -28.85 -19.50
CA ASP M 188 41.93 -29.50 -18.38
C ASP M 188 41.63 -28.75 -17.10
N GLY M 189 41.70 -29.47 -15.98
CA GLY M 189 41.46 -28.87 -14.68
C GLY M 189 39.99 -28.83 -14.31
N LYS M 190 39.66 -27.92 -13.39
CA LYS M 190 38.31 -27.77 -12.89
C LYS M 190 37.89 -26.30 -12.97
N ARG M 191 36.59 -26.09 -13.13
CA ARG M 191 36.02 -24.76 -13.24
C ARG M 191 34.81 -24.63 -12.32
N LEU M 192 34.50 -23.40 -11.95
CA LEU M 192 33.39 -23.09 -11.06
C LEU M 192 32.25 -22.43 -11.84
N VAL M 193 31.01 -22.75 -11.46
CA VAL M 193 29.82 -22.12 -12.01
C VAL M 193 28.96 -21.62 -10.86
N GLN M 194 28.51 -20.38 -10.95
CA GLN M 194 27.62 -19.85 -9.92
C GLN M 194 26.25 -20.53 -10.00
N ARG M 195 25.64 -20.70 -8.83
CA ARG M 195 24.38 -21.43 -8.73
C ARG M 195 23.23 -20.73 -9.45
N GLN M 196 23.34 -19.43 -9.69
CA GLN M 196 22.25 -18.67 -10.28
C GLN M 196 22.15 -18.84 -11.80
N MET M 197 23.10 -19.53 -12.42
CA MET M 197 23.14 -19.67 -13.87
C MET M 197 23.03 -21.12 -14.32
N VAL M 198 22.49 -22.00 -13.48
CA VAL M 198 22.39 -23.42 -13.80
C VAL M 198 20.97 -23.89 -13.57
N ARG M 199 20.60 -24.97 -14.26
CA ARG M 199 19.29 -25.62 -14.13
C ARG M 199 19.52 -27.10 -13.90
N ILE M 200 19.29 -27.56 -12.67
CA ILE M 200 19.51 -28.95 -12.30
C ILE M 200 18.27 -29.76 -12.68
N LYS M 201 18.47 -30.80 -13.47
CA LYS M 201 17.42 -31.74 -13.82
C LYS M 201 17.70 -33.09 -13.16
N SER M 202 16.86 -34.07 -13.48
CA SER M 202 17.00 -35.38 -12.86
C SER M 202 18.22 -36.13 -13.38
N ASP M 203 18.63 -35.87 -14.62
CA ASP M 203 19.72 -36.59 -15.24
C ASP M 203 20.86 -35.71 -15.76
N ARG M 204 20.70 -34.39 -15.68
CA ARG M 204 21.70 -33.50 -16.21
C ARG M 204 21.65 -32.11 -15.66
N VAL M 205 22.72 -31.36 -15.80
CA VAL M 205 22.77 -29.96 -15.42
C VAL M 205 23.12 -29.16 -16.66
N LYS M 206 22.31 -28.15 -16.98
CA LYS M 206 22.44 -27.38 -18.20
C LYS M 206 22.88 -25.96 -17.91
N VAL M 207 23.85 -25.48 -18.68
CA VAL M 207 24.31 -24.10 -18.63
C VAL M 207 24.10 -23.50 -20.02
N ARG M 208 23.12 -22.61 -20.15
CA ARG M 208 22.74 -22.07 -21.45
C ARG M 208 23.49 -20.81 -21.83
N SER M 209 24.29 -20.24 -20.92
CA SER M 209 24.90 -18.94 -21.19
C SER M 209 26.02 -19.05 -22.23
N ILE M 210 26.88 -20.06 -22.10
CA ILE M 210 28.04 -20.20 -22.97
C ILE M 210 27.99 -21.56 -23.65
N TYR M 211 28.80 -21.70 -24.70
CA TYR M 211 28.85 -22.92 -25.48
C TYR M 211 29.96 -23.84 -24.98
N GLY M 212 30.16 -24.96 -25.68
CA GLY M 212 31.15 -25.92 -25.26
C GLY M 212 32.58 -25.41 -25.40
N LYS M 213 32.86 -24.67 -26.47
CA LYS M 213 34.21 -24.20 -26.73
C LYS M 213 34.66 -23.09 -25.80
N HIS M 214 33.75 -22.48 -25.04
CA HIS M 214 34.08 -21.39 -24.15
C HIS M 214 34.44 -21.84 -22.75
N PHE M 215 34.43 -23.14 -22.50
CA PHE M 215 34.66 -23.67 -21.15
C PHE M 215 36.11 -23.76 -20.71
N LYS M 216 37.01 -23.84 -21.66
CA LYS M 216 38.42 -23.94 -21.33
C LYS M 216 39.03 -22.62 -20.90
N ASN M 217 38.40 -21.50 -21.24
CA ASN M 217 38.94 -20.18 -20.94
C ASN M 217 38.26 -19.52 -19.74
N VAL M 218 37.48 -20.29 -18.98
CA VAL M 218 36.91 -19.75 -17.74
C VAL M 218 38.05 -19.46 -16.77
N PRO M 219 38.05 -18.32 -16.07
CA PRO M 219 39.13 -18.03 -15.13
C PRO M 219 39.19 -19.08 -14.02
N LYS M 220 40.41 -19.44 -13.66
CA LYS M 220 40.61 -20.42 -12.63
C LYS M 220 40.97 -19.80 -11.30
N THR M 221 40.67 -20.50 -10.22
CA THR M 221 41.05 -20.03 -8.89
C THR M 221 42.49 -20.41 -8.58
N LYS M 222 43.21 -19.59 -7.85
CA LYS M 222 44.60 -19.86 -7.51
C LYS M 222 44.71 -20.93 -6.46
N SER M 223 43.79 -20.92 -5.51
CA SER M 223 43.82 -21.91 -4.45
C SER M 223 42.67 -22.90 -4.60
N PRO M 224 42.88 -24.18 -4.28
CA PRO M 224 41.80 -25.17 -4.42
C PRO M 224 40.80 -25.16 -3.27
N ASN M 225 41.03 -24.37 -2.22
CA ASN M 225 40.17 -24.40 -1.05
C ASN M 225 39.49 -23.06 -0.76
N GLN M 226 39.77 -22.03 -1.54
CA GLN M 226 39.15 -20.73 -1.31
C GLN M 226 39.14 -19.93 -2.60
N VAL M 227 38.32 -18.88 -2.62
CA VAL M 227 38.20 -18.00 -3.77
C VAL M 227 38.13 -16.57 -3.25
N THR M 228 38.75 -15.65 -3.98
CA THR M 228 38.77 -14.25 -3.61
C THR M 228 37.68 -13.48 -4.33
N LEU M 229 37.48 -12.23 -3.91
CA LEU M 229 36.44 -11.40 -4.51
C LEU M 229 36.73 -11.09 -5.98
N LEU M 230 38.01 -10.82 -6.28
CA LEU M 230 38.39 -10.53 -7.66
C LEU M 230 38.12 -11.73 -8.57
N GLU M 231 38.49 -12.93 -8.12
CA GLU M 231 38.24 -14.14 -8.90
C GLU M 231 36.75 -14.38 -9.08
N GLU M 232 35.96 -14.20 -8.04
CA GLU M 232 34.54 -14.37 -8.18
C GLU M 232 33.97 -13.44 -9.18
N ASP M 233 34.41 -12.20 -9.19
CA ASP M 233 33.95 -11.22 -10.18
C ASP M 233 34.30 -11.58 -11.59
N LYS M 234 35.53 -11.96 -11.85
CA LYS M 234 35.93 -12.40 -13.16
C LYS M 234 35.24 -13.66 -13.60
N ILE M 235 35.11 -14.68 -12.77
CA ILE M 235 34.36 -15.89 -13.12
C ILE M 235 32.91 -15.59 -13.37
N MET M 236 32.24 -14.93 -12.45
CA MET M 236 30.84 -14.63 -12.60
C MET M 236 30.46 -13.78 -13.78
N ALA M 237 31.30 -12.83 -14.16
CA ALA M 237 31.05 -11.95 -15.30
C ALA M 237 31.38 -12.62 -16.58
N TYR M 238 32.47 -13.38 -16.64
CA TYR M 238 32.69 -14.22 -17.82
C TYR M 238 31.45 -15.03 -18.15
N TYR M 239 30.81 -15.61 -17.14
CA TYR M 239 29.59 -16.37 -17.40
C TYR M 239 28.45 -15.49 -17.89
N ALA M 240 28.39 -14.24 -17.41
CA ALA M 240 27.32 -13.34 -17.84
C ALA M 240 27.55 -12.81 -19.26
N GLY M 241 28.81 -12.70 -19.68
CA GLY M 241 29.09 -12.18 -21.02
C GLY M 241 28.62 -13.06 -22.15
N GLY M 242 28.40 -14.35 -21.88
CA GLY M 242 27.96 -15.26 -22.92
C GLY M 242 26.53 -15.05 -23.38
N THR M 243 25.71 -14.39 -22.57
CA THR M 243 24.35 -14.10 -23.00
C THR M 243 24.31 -13.17 -24.21
N LEU M 244 25.40 -12.48 -24.50
CA LEU M 244 25.50 -11.60 -25.65
C LEU M 244 26.62 -11.97 -26.62
N TYR M 245 27.76 -12.46 -26.13
CA TYR M 245 28.92 -12.65 -26.98
C TYR M 245 29.17 -14.10 -27.37
N ALA M 246 28.30 -15.04 -26.97
CA ALA M 246 28.55 -16.43 -27.32
C ALA M 246 28.14 -16.74 -28.75
N ASP M 247 27.37 -15.86 -29.38
CA ASP M 247 26.93 -16.07 -30.75
C ASP M 247 26.72 -14.73 -31.44
N GLU M 248 26.75 -14.75 -32.76
CA GLU M 248 26.51 -13.53 -33.53
C GLU M 248 25.02 -13.16 -33.54
N SER M 249 24.14 -14.17 -33.45
CA SER M 249 22.71 -13.89 -33.46
C SER M 249 22.22 -13.28 -32.15
N ARG M 250 22.96 -13.47 -31.06
CA ARG M 250 22.58 -12.87 -29.78
C ARG M 250 22.90 -11.38 -29.71
N LEU M 251 23.76 -10.88 -30.60
CA LEU M 251 24.15 -9.48 -30.64
C LEU M 251 23.34 -8.67 -31.64
N GLU M 252 23.00 -9.26 -32.78
CA GLU M 252 22.25 -8.56 -33.81
C GLU M 252 20.78 -8.44 -33.40
N PRO M 253 20.04 -7.52 -34.01
CA PRO M 253 18.62 -7.36 -33.65
C PRO M 253 17.83 -8.65 -33.87
N GLN M 254 16.92 -8.93 -32.94
CA GLN M 254 16.06 -10.10 -33.05
C GLN M 254 14.94 -9.89 -34.06
N LEU M 255 14.41 -8.67 -34.14
CA LEU M 255 13.29 -8.34 -35.01
C LEU M 255 12.09 -9.25 -34.78
N ALA N 1 28.34 13.58 -19.96
CA ALA N 1 28.98 13.38 -18.66
C ALA N 1 28.68 11.99 -18.11
N LEU N 2 29.72 11.16 -18.04
CA LEU N 2 29.61 9.78 -17.59
C LEU N 2 30.13 9.64 -16.16
N LEU N 3 29.69 8.57 -15.49
CA LEU N 3 30.30 8.18 -14.24
C LEU N 3 31.70 7.63 -14.49
N SER N 4 32.51 7.59 -13.44
CA SER N 4 33.90 7.17 -13.58
C SER N 4 34.05 5.70 -13.96
N PHE N 5 32.98 4.90 -13.85
CA PHE N 5 33.03 3.49 -14.18
C PHE N 5 32.04 3.11 -15.28
N GLU N 6 31.50 4.08 -16.01
CA GLU N 6 30.41 3.83 -16.96
C GLU N 6 30.90 3.50 -18.37
N ARG N 7 32.08 3.99 -18.75
CA ARG N 7 32.48 3.96 -20.15
C ARG N 7 32.60 2.54 -20.69
N LYS N 8 33.11 1.61 -19.87
CA LYS N 8 33.32 0.25 -20.36
C LYS N 8 32.02 -0.50 -20.60
N TYR N 9 30.91 -0.04 -20.03
CA TYR N 9 29.61 -0.67 -20.25
C TYR N 9 28.89 -0.14 -21.49
N ARG N 10 29.36 0.95 -22.07
CA ARG N 10 28.66 1.61 -23.18
C ARG N 10 29.12 0.97 -24.50
N VAL N 11 28.61 -0.23 -24.75
CA VAL N 11 28.92 -0.96 -25.97
C VAL N 11 27.66 -1.05 -26.82
N ARG N 12 27.86 -1.54 -28.05
CA ARG N 12 26.78 -1.68 -29.00
C ARG N 12 26.17 -3.05 -29.04
N GLY N 13 24.89 -3.13 -29.34
CA GLY N 13 24.20 -4.41 -29.43
C GLY N 13 23.09 -4.52 -28.40
N GLY N 14 22.41 -5.66 -28.45
CA GLY N 14 21.34 -5.93 -27.49
C GLY N 14 20.03 -5.24 -27.79
N THR N 15 19.75 -4.96 -29.06
CA THR N 15 18.51 -4.29 -29.45
C THR N 15 17.52 -5.30 -30.00
N LEU N 16 16.25 -5.15 -29.62
CA LEU N 16 15.21 -6.00 -30.19
C LEU N 16 14.92 -5.64 -31.64
N ILE N 17 15.01 -4.35 -31.97
CA ILE N 17 14.76 -3.87 -33.33
C ILE N 17 15.43 -2.51 -33.47
N GLY N 18 15.97 -2.25 -34.65
CA GLY N 18 16.56 -0.96 -34.98
C GLY N 18 18.04 -0.99 -35.25
N GLY N 19 18.77 -1.96 -34.71
CA GLY N 19 20.20 -2.01 -34.94
C GLY N 19 20.91 -0.79 -34.40
N ASP N 20 21.69 -0.13 -35.25
CA ASP N 20 22.44 1.06 -34.88
C ASP N 20 21.78 2.34 -35.38
N LEU N 21 20.54 2.26 -35.86
CA LEU N 21 19.85 3.45 -36.33
C LEU N 21 19.51 4.40 -35.17
N PHE N 22 19.13 3.83 -34.02
CA PHE N 22 18.78 4.62 -32.85
C PHE N 22 19.64 4.27 -31.63
N ASP N 23 20.82 3.68 -31.86
CA ASP N 23 21.67 3.20 -30.76
C ASP N 23 22.63 4.31 -30.34
N PHE N 24 22.17 5.18 -29.45
CA PHE N 24 23.01 6.23 -28.88
C PHE N 24 22.35 6.75 -27.62
N TRP N 25 23.00 7.74 -26.98
CA TRP N 25 22.51 8.33 -25.75
C TRP N 25 22.28 9.82 -25.93
N VAL N 26 21.34 10.36 -25.17
CA VAL N 26 21.09 11.80 -25.08
C VAL N 26 21.23 12.16 -23.61
N GLY N 27 22.38 12.73 -23.25
CA GLY N 27 22.70 12.95 -21.86
C GLY N 27 22.87 11.63 -21.14
N PRO N 28 22.13 11.44 -20.05
CA PRO N 28 22.14 10.13 -19.37
C PRO N 28 21.18 9.14 -20.02
N PHE N 29 20.15 9.63 -20.69
CA PHE N 29 19.10 8.78 -21.23
C PHE N 29 19.62 7.95 -22.39
N TYR N 30 19.08 6.73 -22.52
CA TYR N 30 19.34 5.86 -23.64
C TYR N 30 18.19 5.93 -24.63
N VAL N 31 18.53 6.04 -25.92
CA VAL N 31 17.56 6.17 -26.98
C VAL N 31 17.51 4.87 -27.77
N GLY N 32 16.31 4.53 -28.25
CA GLY N 32 16.11 3.43 -29.15
C GLY N 32 14.88 3.60 -30.01
N PHE N 33 14.40 2.51 -30.61
CA PHE N 33 13.11 2.55 -31.29
C PHE N 33 11.99 2.89 -30.31
N PHE N 34 11.97 2.21 -29.17
CA PHE N 34 10.92 2.42 -28.19
C PHE N 34 11.07 3.73 -27.45
N GLY N 35 12.30 4.28 -27.35
CA GLY N 35 12.45 5.62 -26.83
C GLY N 35 11.80 6.66 -27.73
N VAL N 36 11.95 6.51 -29.05
CA VAL N 36 11.30 7.39 -30.00
C VAL N 36 9.79 7.29 -29.88
N THR N 37 9.27 6.05 -29.82
CA THR N 37 7.83 5.88 -29.70
C THR N 37 7.30 6.47 -28.39
N THR N 38 8.04 6.27 -27.29
CA THR N 38 7.64 6.82 -26.00
C THR N 38 7.59 8.34 -26.04
N ALA N 39 8.64 8.96 -26.60
CA ALA N 39 8.67 10.41 -26.69
C ALA N 39 7.47 10.94 -27.49
N PHE N 40 7.21 10.33 -28.65
CA PHE N 40 6.09 10.77 -29.47
C PHE N 40 4.77 10.67 -28.72
N PHE N 41 4.49 9.50 -28.14
CA PHE N 41 3.21 9.28 -27.48
C PHE N 41 3.04 10.20 -26.28
N ALA N 42 4.08 10.34 -25.45
CA ALA N 42 3.98 11.18 -24.26
C ALA N 42 3.79 12.64 -24.62
N LEU N 43 4.54 13.14 -25.61
CA LEU N 43 4.39 14.53 -26.01
C LEU N 43 2.99 14.80 -26.58
N LEU N 44 2.49 13.88 -27.42
CA LEU N 44 1.15 14.05 -27.97
C LEU N 44 0.10 14.07 -26.86
N GLY N 45 0.21 13.14 -25.90
CA GLY N 45 -0.76 13.11 -24.81
C GLY N 45 -0.74 14.38 -23.97
N THR N 46 0.46 14.86 -23.62
CA THR N 46 0.55 16.07 -22.81
C THR N 46 -0.02 17.28 -23.54
N ILE N 47 0.32 17.44 -24.83
CA ILE N 47 -0.16 18.60 -25.57
C ILE N 47 -1.68 18.54 -25.75
N LEU N 48 -2.23 17.34 -25.96
CA LEU N 48 -3.67 17.20 -26.06
C LEU N 48 -4.35 17.54 -24.74
N ILE N 49 -3.74 17.12 -23.62
CA ILE N 49 -4.30 17.45 -22.31
C ILE N 49 -4.34 18.96 -22.11
N PHE N 50 -3.26 19.66 -22.49
CA PHE N 50 -3.26 21.11 -22.30
C PHE N 50 -4.19 21.82 -23.28
N TRP N 51 -4.37 21.27 -24.49
CA TRP N 51 -5.38 21.82 -25.40
C TRP N 51 -6.78 21.69 -24.81
N GLY N 52 -7.08 20.53 -24.24
CA GLY N 52 -8.37 20.37 -23.58
C GLY N 52 -8.54 21.30 -22.40
N ALA N 53 -7.46 21.52 -21.64
CA ALA N 53 -7.51 22.47 -20.53
C ALA N 53 -7.78 23.88 -21.02
N SER N 54 -7.14 24.29 -22.12
CA SER N 54 -7.38 25.61 -22.67
C SER N 54 -8.83 25.75 -23.14
N GLN N 55 -9.37 24.73 -23.78
CA GLN N 55 -10.76 24.80 -24.23
C GLN N 55 -11.77 24.66 -23.09
N GLN N 56 -11.34 24.15 -21.94
CA GLN N 56 -12.25 24.05 -20.80
C GLN N 56 -12.49 25.41 -20.17
N GLY N 57 -11.44 26.23 -20.06
CA GLY N 57 -11.59 27.57 -19.51
C GLY N 57 -10.80 27.78 -18.24
N THR N 58 -9.85 26.89 -17.95
CA THR N 58 -9.04 27.01 -16.75
C THR N 58 -7.70 26.31 -16.97
N PHE N 59 -6.64 26.91 -16.44
CA PHE N 59 -5.31 26.32 -16.44
C PHE N 59 -4.86 25.93 -15.04
N ASN N 60 -5.75 25.99 -14.06
CA ASN N 60 -5.39 25.65 -12.69
C ASN N 60 -5.09 24.15 -12.60
N PRO N 61 -3.91 23.76 -12.08
CA PRO N 61 -3.61 22.33 -11.98
C PRO N 61 -4.62 21.54 -11.15
N TRP N 62 -5.22 22.16 -10.13
CA TRP N 62 -6.17 21.45 -9.29
C TRP N 62 -7.52 21.26 -9.97
N LEU N 63 -7.84 22.04 -11.00
CA LEU N 63 -9.18 22.09 -11.54
C LEU N 63 -9.32 21.57 -12.96
N ILE N 64 -8.22 21.13 -13.59
CA ILE N 64 -8.31 20.60 -14.94
C ILE N 64 -9.01 19.24 -14.89
N ASN N 65 -10.00 19.05 -15.76
CA ASN N 65 -10.80 17.82 -15.78
C ASN N 65 -11.10 17.44 -17.22
N ILE N 66 -10.66 16.27 -17.64
CA ILE N 66 -10.99 15.69 -18.93
C ILE N 66 -11.75 14.39 -18.66
N ALA N 67 -12.98 14.30 -19.16
CA ALA N 67 -13.89 13.26 -18.72
C ALA N 67 -14.28 12.33 -19.86
N PRO N 68 -14.63 11.08 -19.55
CA PRO N 68 -15.10 10.16 -20.58
C PRO N 68 -16.49 10.54 -21.07
N PRO N 69 -16.94 9.97 -22.20
CA PRO N 69 -18.27 10.34 -22.72
C PRO N 69 -19.43 9.85 -21.87
N ASP N 70 -20.65 10.14 -22.29
CA ASP N 70 -21.83 9.67 -21.60
C ASP N 70 -22.05 8.18 -21.87
N LEU N 71 -22.88 7.56 -21.03
CA LEU N 71 -23.18 6.15 -21.17
C LEU N 71 -24.02 5.85 -22.41
N SER N 72 -24.67 6.85 -22.99
CA SER N 72 -25.53 6.62 -24.15
C SER N 72 -24.73 6.36 -25.42
N TYR N 73 -23.47 6.80 -25.46
CA TYR N 73 -22.65 6.59 -26.64
C TYR N 73 -22.16 5.15 -26.77
N GLY N 74 -22.28 4.35 -25.70
CA GLY N 74 -21.88 2.96 -25.79
C GLY N 74 -20.39 2.80 -25.96
N LEU N 75 -20.01 1.86 -26.83
CA LEU N 75 -18.60 1.59 -27.13
C LEU N 75 -18.14 2.28 -28.40
N GLY N 76 -18.95 3.19 -28.95
CA GLY N 76 -18.56 3.93 -30.13
C GLY N 76 -17.78 5.18 -29.79
N MET N 77 -17.47 5.94 -30.83
CA MET N 77 -16.68 7.16 -30.69
C MET N 77 -17.59 8.35 -30.41
N ALA N 78 -17.13 9.25 -29.56
CA ALA N 78 -17.86 10.45 -29.16
C ALA N 78 -17.21 11.68 -29.78
N PRO N 79 -17.94 12.79 -29.85
CA PRO N 79 -17.32 14.05 -30.33
C PRO N 79 -16.12 14.42 -29.46
N LEU N 80 -15.11 15.01 -30.10
CA LEU N 80 -13.83 15.24 -29.42
C LEU N 80 -13.98 16.16 -28.22
N MET N 81 -15.01 17.01 -28.21
CA MET N 81 -15.25 17.85 -27.03
C MET N 81 -16.09 17.13 -25.99
N GLU N 82 -17.01 16.26 -26.41
CA GLU N 82 -17.80 15.45 -25.49
C GLU N 82 -17.17 14.08 -25.25
N GLY N 83 -15.89 14.04 -24.87
CA GLY N 83 -15.26 12.83 -24.36
C GLY N 83 -14.38 12.06 -25.32
N GLY N 84 -14.21 12.50 -26.58
CA GLY N 84 -13.33 11.78 -27.48
C GLY N 84 -11.85 12.02 -27.21
N LEU N 85 -11.52 13.22 -26.71
CA LEU N 85 -10.14 13.52 -26.33
C LEU N 85 -9.66 12.55 -25.25
N TRP N 86 -10.56 12.15 -24.34
CA TRP N 86 -10.22 11.17 -23.33
C TRP N 86 -9.81 9.84 -23.96
N GLN N 87 -10.55 9.39 -24.98
CA GLN N 87 -10.22 8.14 -25.66
C GLN N 87 -8.86 8.24 -26.35
N ILE N 88 -8.61 9.36 -27.02
CA ILE N 88 -7.33 9.54 -27.71
C ILE N 88 -6.18 9.52 -26.71
N ILE N 89 -6.34 10.22 -25.59
CA ILE N 89 -5.29 10.26 -24.58
C ILE N 89 -5.08 8.89 -23.96
N THR N 90 -6.17 8.12 -23.80
CA THR N 90 -6.02 6.75 -23.27
C THR N 90 -5.20 5.89 -24.21
N ILE N 91 -5.46 5.99 -25.51
CA ILE N 91 -4.66 5.22 -26.49
C ILE N 91 -3.20 5.63 -26.41
N CYS N 92 -2.94 6.94 -26.34
CA CYS N 92 -1.56 7.42 -26.26
C CYS N 92 -0.86 6.92 -25.00
N ALA N 93 -1.57 6.94 -23.86
CA ALA N 93 -0.98 6.48 -22.61
C ALA N 93 -0.65 4.99 -22.65
N ILE N 94 -1.54 4.18 -23.23
CA ILE N 94 -1.27 2.75 -23.34
C ILE N 94 -0.01 2.52 -24.19
N GLY N 95 0.07 3.22 -25.32
CA GLY N 95 1.25 3.08 -26.16
C GLY N 95 2.53 3.49 -25.45
N ALA N 96 2.48 4.60 -24.72
CA ALA N 96 3.67 5.08 -24.00
C ALA N 96 4.11 4.10 -22.94
N PHE N 97 3.16 3.52 -22.18
CA PHE N 97 3.53 2.57 -21.15
C PHE N 97 4.16 1.32 -21.74
N VAL N 98 3.59 0.79 -22.82
CA VAL N 98 4.16 -0.40 -23.45
C VAL N 98 5.56 -0.11 -23.98
N SER N 99 5.74 1.06 -24.61
CA SER N 99 7.05 1.43 -25.12
C SER N 99 8.08 1.57 -24.00
N TRP N 100 7.67 2.13 -22.85
CA TRP N 100 8.56 2.23 -21.70
C TRP N 100 9.00 0.85 -21.23
N ALA N 101 8.05 -0.09 -21.15
CA ALA N 101 8.40 -1.44 -20.72
C ALA N 101 9.39 -2.10 -21.68
N LEU N 102 9.16 -1.95 -22.99
CA LEU N 102 10.07 -2.57 -23.95
C LEU N 102 11.45 -1.90 -23.95
N ARG N 103 11.51 -0.59 -23.70
CA ARG N 103 12.79 0.08 -23.55
C ARG N 103 13.55 -0.45 -22.33
N GLU N 104 12.84 -0.69 -21.22
CA GLU N 104 13.48 -1.32 -20.07
C GLU N 104 14.00 -2.71 -20.42
N VAL N 105 13.24 -3.45 -21.23
CA VAL N 105 13.69 -4.78 -21.67
C VAL N 105 15.01 -4.66 -22.45
N GLU N 106 15.08 -3.68 -23.36
CA GLU N 106 16.29 -3.50 -24.15
C GLU N 106 17.48 -3.12 -23.27
N ILE N 107 17.26 -2.25 -22.29
CA ILE N 107 18.36 -1.86 -21.39
C ILE N 107 18.84 -3.06 -20.59
N CYS N 108 17.90 -3.89 -20.10
CA CYS N 108 18.28 -5.10 -19.38
C CYS N 108 19.09 -6.04 -20.26
N ARG N 109 18.68 -6.20 -21.52
CA ARG N 109 19.42 -7.06 -22.43
C ARG N 109 20.83 -6.54 -22.67
N LYS N 110 20.97 -5.22 -22.84
CA LYS N 110 22.30 -4.65 -23.07
C LYS N 110 23.20 -4.82 -21.86
N LEU N 111 22.66 -4.64 -20.65
CA LEU N 111 23.49 -4.75 -19.46
C LEU N 111 23.77 -6.19 -19.04
N GLY N 112 23.08 -7.17 -19.63
CA GLY N 112 23.37 -8.56 -19.33
C GLY N 112 22.81 -9.07 -18.02
N MET N 113 21.70 -8.50 -17.54
CA MET N 113 21.08 -8.91 -16.30
C MET N 113 19.70 -9.50 -16.57
N GLY N 114 18.98 -9.80 -15.49
CA GLY N 114 17.67 -10.41 -15.60
C GLY N 114 16.58 -9.43 -16.01
N TYR N 115 15.42 -9.98 -16.33
CA TYR N 115 14.28 -9.21 -16.84
C TYR N 115 13.17 -9.07 -15.80
N HIS N 116 13.53 -8.90 -14.52
CA HIS N 116 12.51 -8.86 -13.47
C HIS N 116 11.76 -7.53 -13.46
N VAL N 117 12.47 -6.42 -13.72
CA VAL N 117 11.84 -5.10 -13.64
C VAL N 117 10.73 -4.91 -14.66
N PRO N 118 10.92 -5.23 -15.96
CA PRO N 118 9.79 -5.12 -16.89
C PRO N 118 8.62 -6.02 -16.51
N PHE N 119 8.91 -7.22 -15.98
CA PHE N 119 7.83 -8.09 -15.54
C PHE N 119 7.05 -7.47 -14.39
N ALA N 120 7.74 -6.79 -13.48
CA ALA N 120 7.04 -6.11 -12.39
C ALA N 120 6.22 -4.94 -12.90
N PHE N 121 6.75 -4.18 -13.87
CA PHE N 121 6.00 -3.07 -14.44
C PHE N 121 4.77 -3.54 -15.20
N SER N 122 4.84 -4.76 -15.76
CA SER N 122 3.70 -5.30 -16.49
C SER N 122 2.48 -5.46 -15.61
N VAL N 123 2.66 -5.69 -14.31
CA VAL N 123 1.52 -5.86 -13.42
C VAL N 123 0.80 -4.54 -13.20
N ALA N 124 1.55 -3.44 -13.05
CA ALA N 124 0.92 -2.13 -12.95
C ALA N 124 0.23 -1.76 -14.26
N ILE N 125 0.85 -2.09 -15.39
CA ILE N 125 0.19 -1.84 -16.68
C ILE N 125 -1.10 -2.64 -16.77
N PHE N 126 -1.09 -3.89 -16.28
CA PHE N 126 -2.28 -4.71 -16.27
C PHE N 126 -3.39 -4.10 -15.41
N ALA N 127 -3.03 -3.58 -14.24
CA ALA N 127 -4.02 -2.94 -13.38
C ALA N 127 -4.63 -1.72 -14.05
N TYR N 128 -3.80 -0.89 -14.69
CA TYR N 128 -4.33 0.28 -15.39
C TYR N 128 -5.25 -0.12 -16.52
N VAL N 129 -4.85 -1.14 -17.31
CA VAL N 129 -5.67 -1.59 -18.43
C VAL N 129 -6.98 -2.17 -17.94
N THR N 130 -6.96 -2.88 -16.80
CA THR N 130 -8.19 -3.37 -16.21
C THR N 130 -9.10 -2.21 -15.81
N LEU N 131 -8.50 -1.14 -15.27
CA LEU N 131 -9.31 0.01 -14.88
C LEU N 131 -9.95 0.69 -16.09
N VAL N 132 -9.21 0.89 -17.18
CA VAL N 132 -9.71 1.71 -18.28
C VAL N 132 -10.21 0.92 -19.49
N VAL N 133 -9.90 -0.37 -19.59
CA VAL N 133 -10.27 -1.11 -20.80
C VAL N 133 -11.20 -2.26 -20.47
N PHE N 134 -10.75 -3.19 -19.63
CA PHE N 134 -11.47 -4.45 -19.46
C PHE N 134 -12.82 -4.25 -18.79
N ARG N 135 -12.85 -3.51 -17.67
CA ARG N 135 -14.12 -3.28 -16.97
C ARG N 135 -15.11 -2.48 -17.81
N PRO N 136 -14.74 -1.36 -18.45
CA PRO N 136 -15.71 -0.70 -19.35
C PRO N 136 -16.15 -1.58 -20.50
N LEU N 137 -15.26 -2.42 -21.03
CA LEU N 137 -15.64 -3.32 -22.11
C LEU N 137 -16.67 -4.33 -21.66
N LEU N 138 -16.49 -4.89 -20.45
CA LEU N 138 -17.46 -5.86 -19.94
C LEU N 138 -18.78 -5.18 -19.59
N MET N 139 -18.73 -3.97 -19.05
CA MET N 139 -19.96 -3.27 -18.65
C MET N 139 -20.69 -2.66 -19.84
N GLY N 140 -20.01 -2.44 -20.96
CA GLY N 140 -20.66 -2.03 -22.18
C GLY N 140 -20.62 -0.56 -22.53
N ALA N 141 -19.72 0.21 -21.93
CA ALA N 141 -19.61 1.63 -22.26
C ALA N 141 -18.24 2.15 -21.84
N TRP N 142 -17.68 3.03 -22.68
CA TRP N 142 -16.41 3.68 -22.34
C TRP N 142 -16.55 4.71 -21.24
N GLY N 143 -17.77 5.07 -20.85
CA GLY N 143 -18.00 6.04 -19.80
C GLY N 143 -17.78 5.55 -18.40
N HIS N 144 -17.36 4.30 -18.22
CA HIS N 144 -17.06 3.75 -16.91
C HIS N 144 -15.62 3.96 -16.49
N GLY N 145 -14.79 4.60 -17.31
CA GLY N 145 -13.44 4.90 -16.92
C GLY N 145 -13.34 6.17 -16.10
N PHE N 146 -12.25 6.28 -15.34
CA PHE N 146 -12.10 7.43 -14.47
C PHE N 146 -11.59 8.64 -15.27
N PRO N 147 -11.96 9.85 -14.85
CA PRO N 147 -11.50 11.05 -15.56
C PRO N 147 -10.05 11.37 -15.26
N TYR N 148 -9.46 12.18 -16.14
CA TYR N 148 -8.07 12.59 -16.01
C TYR N 148 -8.02 13.95 -15.33
N GLY N 149 -8.17 13.93 -14.01
CA GLY N 149 -8.05 15.14 -13.21
C GLY N 149 -7.43 14.81 -11.87
N ILE N 150 -6.65 15.76 -11.35
CA ILE N 150 -5.93 15.51 -10.10
C ILE N 150 -6.92 15.32 -8.95
N TRP N 151 -7.93 16.18 -8.87
CA TRP N 151 -8.92 16.10 -7.80
C TRP N 151 -10.26 15.54 -8.27
N SER N 152 -10.45 15.37 -9.58
CA SER N 152 -11.69 14.81 -10.10
C SER N 152 -11.63 13.30 -10.27
N HIS N 153 -10.46 12.68 -10.13
CA HIS N 153 -10.36 11.23 -10.19
C HIS N 153 -10.50 10.58 -8.81
N LEU N 154 -10.78 11.38 -7.78
CA LEU N 154 -11.16 10.87 -6.46
C LEU N 154 -12.66 10.85 -6.24
N ASP N 155 -13.40 11.79 -6.85
CA ASP N 155 -14.86 11.74 -6.82
C ASP N 155 -15.37 10.48 -7.51
N TRP N 156 -14.72 10.10 -8.61
CA TRP N 156 -15.08 8.85 -9.29
C TRP N 156 -14.87 7.65 -8.36
N VAL N 157 -13.75 7.62 -7.64
CA VAL N 157 -13.48 6.52 -6.72
C VAL N 157 -14.54 6.48 -5.62
N SER N 158 -14.88 7.64 -5.06
CA SER N 158 -15.88 7.70 -4.00
C SER N 158 -17.24 7.20 -4.49
N ASN N 159 -17.69 7.69 -5.64
CA ASN N 159 -19.00 7.30 -6.15
C ASN N 159 -19.03 5.83 -6.54
N THR N 160 -17.93 5.31 -7.08
CA THR N 160 -17.89 3.90 -7.45
C THR N 160 -17.87 3.01 -6.21
N GLY N 161 -17.18 3.44 -5.16
CA GLY N 161 -17.19 2.68 -3.91
C GLY N 161 -18.56 2.68 -3.24
N TYR N 162 -19.25 3.81 -3.26
CA TYR N 162 -20.56 3.90 -2.63
C TYR N 162 -21.68 3.31 -3.48
N ALA N 163 -21.39 2.88 -4.70
CA ALA N 163 -22.39 2.23 -5.53
C ALA N 163 -22.74 0.82 -5.05
N TYR N 164 -21.99 0.27 -4.09
CA TYR N 164 -22.25 -1.06 -3.56
C TYR N 164 -22.50 -1.04 -2.06
N LEU N 165 -22.87 0.12 -1.55
CA LEU N 165 -23.27 0.30 -0.18
C LEU N 165 -22.16 0.34 0.84
N HIS N 166 -21.26 -0.63 0.85
CA HIS N 166 -20.17 -0.71 1.80
C HIS N 166 -19.08 -1.49 1.14
N PHE N 167 -18.13 -0.83 0.53
CA PHE N 167 -17.05 -1.48 -0.19
C PHE N 167 -15.99 -2.14 0.67
N HIS N 168 -16.00 -1.91 1.97
CA HIS N 168 -15.08 -2.53 2.90
C HIS N 168 -15.40 -3.97 3.15
N TYR N 169 -16.57 -4.41 2.74
CA TYR N 169 -17.01 -5.76 2.92
C TYR N 169 -16.66 -6.61 1.71
N ASN N 170 -15.96 -6.06 0.72
CA ASN N 170 -15.44 -6.82 -0.42
C ASN N 170 -14.25 -7.64 0.03
N PRO N 171 -14.29 -8.98 -0.10
CA PRO N 171 -13.16 -9.80 0.39
C PRO N 171 -11.85 -9.55 -0.36
N ALA N 172 -11.91 -9.33 -1.67
CA ALA N 172 -10.70 -9.05 -2.42
C ALA N 172 -10.10 -7.70 -2.04
N HIS N 173 -10.96 -6.72 -1.70
CA HIS N 173 -10.46 -5.46 -1.15
C HIS N 173 -9.71 -5.70 0.16
N MET N 174 -10.23 -6.60 1.00
CA MET N 174 -9.54 -6.95 2.24
C MET N 174 -8.17 -7.54 1.96
N LEU N 175 -8.11 -8.48 1.00
CA LEU N 175 -6.83 -9.11 0.66
C LEU N 175 -5.83 -8.07 0.16
N ALA N 176 -6.28 -7.18 -0.73
CA ALA N 176 -5.38 -6.17 -1.28
C ALA N 176 -4.87 -5.20 -0.21
N VAL N 177 -5.76 -4.77 0.69
CA VAL N 177 -5.33 -3.86 1.75
C VAL N 177 -4.33 -4.54 2.68
N THR N 178 -4.58 -5.82 3.01
CA THR N 178 -3.64 -6.55 3.85
C THR N 178 -2.27 -6.66 3.18
N PHE N 179 -2.26 -6.95 1.87
CA PHE N 179 -1.00 -7.04 1.15
C PHE N 179 -0.26 -5.69 1.13
N PHE N 180 -0.99 -4.60 0.93
CA PHE N 180 -0.38 -3.28 0.94
C PHE N 180 0.29 -2.99 2.29
N PHE N 181 -0.44 -3.23 3.38
CA PHE N 181 0.10 -2.95 4.70
C PHE N 181 1.32 -3.83 5.00
N THR N 182 1.24 -5.11 4.64
CA THR N 182 2.37 -6.01 4.88
C THR N 182 3.60 -5.58 4.08
N THR N 183 3.40 -5.15 2.84
CA THR N 183 4.53 -4.69 2.02
C THR N 183 5.19 -3.48 2.66
N THR N 184 4.38 -2.51 3.13
CA THR N 184 4.97 -1.33 3.75
C THR N 184 5.76 -1.69 5.01
N LEU N 185 5.21 -2.58 5.84
CA LEU N 185 5.91 -3.00 7.06
C LEU N 185 7.23 -3.69 6.72
N ALA N 186 7.21 -4.60 5.74
CA ALA N 186 8.41 -5.33 5.36
C ALA N 186 9.49 -4.38 4.83
N LEU N 187 9.09 -3.41 4.01
CA LEU N 187 10.06 -2.44 3.49
C LEU N 187 10.69 -1.65 4.62
N ALA N 188 9.87 -1.20 5.58
CA ALA N 188 10.42 -0.44 6.71
C ALA N 188 11.43 -1.27 7.49
N LEU N 189 11.07 -2.52 7.80
CA LEU N 189 11.98 -3.37 8.56
C LEU N 189 13.28 -3.63 7.81
N HIS N 190 13.19 -3.92 6.51
CA HIS N 190 14.39 -4.21 5.73
C HIS N 190 15.32 -2.99 5.68
N GLY N 191 14.77 -1.81 5.38
CA GLY N 191 15.60 -0.62 5.36
C GLY N 191 16.24 -0.33 6.69
N ALA N 192 15.47 -0.45 7.78
CA ALA N 192 16.01 -0.19 9.11
C ALA N 192 17.14 -1.16 9.45
N LEU N 193 16.95 -2.44 9.15
CA LEU N 193 17.98 -3.42 9.48
C LEU N 193 19.26 -3.16 8.69
N VAL N 194 19.14 -2.90 7.39
CA VAL N 194 20.34 -2.67 6.59
C VAL N 194 21.07 -1.42 7.07
N LEU N 195 20.32 -0.34 7.31
CA LEU N 195 20.95 0.90 7.74
C LEU N 195 21.62 0.75 9.10
N SER N 196 20.98 0.03 10.03
CA SER N 196 21.58 -0.17 11.35
C SER N 196 22.84 -1.03 11.26
N ALA N 197 22.83 -2.04 10.38
CA ALA N 197 24.03 -2.86 10.21
C ALA N 197 25.18 -2.05 9.63
N ALA N 198 24.90 -1.20 8.65
CA ALA N 198 25.96 -0.44 8.01
C ALA N 198 26.40 0.80 8.78
N ASN N 199 25.62 1.24 9.77
CA ASN N 199 25.89 2.47 10.51
C ASN N 199 25.84 2.20 12.00
N PRO N 200 26.94 1.74 12.60
CA PRO N 200 26.97 1.47 14.03
C PRO N 200 27.22 2.75 14.82
N PRO N 201 27.13 2.70 16.15
CA PRO N 201 27.49 3.88 16.95
C PRO N 201 28.94 4.29 16.72
N LYS N 202 29.21 5.56 17.00
CA LYS N 202 30.52 6.13 16.71
C LYS N 202 31.62 5.35 17.44
N GLY N 203 32.72 5.09 16.73
CA GLY N 203 33.83 4.35 17.29
C GLY N 203 33.70 2.85 17.23
N GLU N 204 32.70 2.32 16.54
CA GLU N 204 32.47 0.89 16.48
C GLU N 204 32.65 0.38 15.05
N GLU N 205 33.03 -0.89 14.94
CA GLU N 205 33.21 -1.51 13.64
C GLU N 205 31.86 -1.80 12.98
N VAL N 206 31.89 -1.91 11.65
CA VAL N 206 30.69 -2.25 10.88
C VAL N 206 30.34 -3.72 11.15
N LYS N 207 29.16 -4.13 10.72
CA LYS N 207 28.65 -5.48 10.97
C LYS N 207 28.50 -6.25 9.66
N GLY N 208 27.98 -7.47 9.77
CA GLY N 208 27.78 -8.34 8.64
C GLY N 208 26.46 -9.06 8.68
N PRO N 209 26.24 -9.96 7.72
CA PRO N 209 24.95 -10.69 7.68
C PRO N 209 24.69 -11.54 8.91
N ASP N 210 25.73 -12.10 9.53
CA ASP N 210 25.54 -12.91 10.72
C ASP N 210 24.91 -12.09 11.84
N ASN N 211 25.34 -10.84 11.98
CA ASN N 211 24.77 -9.97 13.01
C ASN N 211 23.30 -9.72 12.79
N GLU N 212 22.89 -9.48 11.54
CA GLU N 212 21.48 -9.27 11.25
C GLU N 212 20.67 -10.53 11.52
N ASP N 213 21.19 -11.69 11.10
CA ASP N 213 20.50 -12.95 11.37
C ASP N 213 20.29 -13.16 12.86
N THR N 214 21.32 -12.96 13.66
CA THR N 214 21.16 -13.06 15.11
C THR N 214 20.14 -12.08 15.64
N PHE N 215 20.22 -10.82 15.29
CA PHE N 215 19.24 -9.84 15.72
C PHE N 215 17.80 -10.28 15.53
N PHE N 216 17.37 -10.65 14.32
CA PHE N 216 15.99 -11.05 14.07
C PHE N 216 15.60 -12.38 14.67
N ARG N 217 16.54 -13.27 14.90
CA ARG N 217 16.24 -14.49 15.58
C ARG N 217 16.09 -14.14 17.04
N ASP N 218 16.90 -13.24 17.61
CA ASP N 218 16.66 -12.82 18.98
C ASP N 218 15.34 -12.05 19.09
N PHE N 219 15.03 -11.23 18.08
CA PHE N 219 13.86 -10.37 18.16
C PHE N 219 12.56 -11.17 18.11
N ILE N 220 12.36 -11.92 17.02
CA ILE N 220 11.08 -12.59 16.80
C ILE N 220 11.19 -14.09 16.69
N GLY N 221 12.40 -14.64 16.70
CA GLY N 221 12.58 -16.08 16.66
C GLY N 221 12.76 -16.67 15.28
N TYR N 222 12.81 -15.85 14.23
CA TYR N 222 13.00 -16.35 12.88
C TYR N 222 13.66 -15.27 12.03
N SER N 223 14.49 -15.71 11.09
CA SER N 223 15.14 -14.83 10.13
C SER N 223 14.94 -15.40 8.73
N ILE N 224 14.57 -14.52 7.79
CA ILE N 224 14.29 -14.97 6.43
C ILE N 224 15.54 -15.04 5.56
N GLY N 225 16.59 -14.30 5.91
CA GLY N 225 17.82 -14.29 5.14
C GLY N 225 17.92 -13.09 4.23
N THR N 226 19.14 -12.86 3.73
CA THR N 226 19.40 -11.71 2.86
C THR N 226 18.85 -11.90 1.46
N LEU N 227 18.57 -13.14 1.06
CA LEU N 227 18.01 -13.42 -0.27
C LEU N 227 16.50 -13.62 -0.26
N GLY N 228 15.94 -14.17 0.82
CA GLY N 228 14.51 -14.41 0.87
C GLY N 228 13.69 -13.14 1.08
N ILE N 229 14.29 -12.11 1.66
CA ILE N 229 13.57 -10.88 1.94
C ILE N 229 13.18 -10.17 0.63
N HIS N 230 14.08 -10.19 -0.36
CA HIS N 230 13.79 -9.55 -1.64
C HIS N 230 12.70 -10.30 -2.39
N ARG N 231 12.76 -11.63 -2.38
CA ARG N 231 11.69 -12.43 -2.97
C ARG N 231 10.36 -12.13 -2.31
N VAL N 232 10.36 -12.06 -0.97
CA VAL N 232 9.12 -11.81 -0.23
C VAL N 232 8.55 -10.46 -0.60
N GLY N 233 9.39 -9.42 -0.65
CA GLY N 233 8.90 -8.09 -0.99
C GLY N 233 8.34 -8.01 -2.40
N LEU N 234 9.06 -8.60 -3.37
CA LEU N 234 8.57 -8.60 -4.74
C LEU N 234 7.24 -9.32 -4.85
N LEU N 235 7.13 -10.49 -4.21
CA LEU N 235 5.89 -11.26 -4.27
C LEU N 235 4.75 -10.49 -3.61
N LEU N 236 5.02 -9.82 -2.48
CA LEU N 236 3.98 -9.06 -1.81
C LEU N 236 3.45 -7.93 -2.69
N ALA N 237 4.36 -7.18 -3.34
CA ALA N 237 3.91 -6.09 -4.21
C ALA N 237 3.12 -6.61 -5.40
N LEU N 238 3.59 -7.69 -6.03
CA LEU N 238 2.87 -8.23 -7.17
C LEU N 238 1.49 -8.76 -6.76
N ASN N 239 1.41 -9.41 -5.60
CA ASN N 239 0.12 -9.90 -5.11
C ASN N 239 -0.83 -8.74 -4.81
N ALA N 240 -0.31 -7.66 -4.23
CA ALA N 240 -1.15 -6.49 -3.97
C ALA N 240 -1.74 -5.96 -5.27
N GLY N 241 -0.90 -5.81 -6.30
CA GLY N 241 -1.42 -5.32 -7.58
C GLY N 241 -2.46 -6.25 -8.18
N PHE N 242 -2.16 -7.55 -8.18
CA PHE N 242 -3.08 -8.52 -8.78
C PHE N 242 -4.42 -8.55 -8.07
N TRP N 243 -4.42 -8.51 -6.74
CA TRP N 243 -5.68 -8.57 -6.01
C TRP N 243 -6.43 -7.25 -6.09
N SER N 244 -5.74 -6.12 -6.23
CA SER N 244 -6.44 -4.87 -6.52
C SER N 244 -7.18 -4.97 -7.84
N ALA N 245 -6.51 -5.51 -8.87
CA ALA N 245 -7.17 -5.67 -10.17
C ALA N 245 -8.38 -6.60 -10.05
N VAL N 246 -8.24 -7.72 -9.33
CA VAL N 246 -9.35 -8.65 -9.18
C VAL N 246 -10.51 -7.99 -8.43
N CYS N 247 -10.21 -7.24 -7.38
CA CYS N 247 -11.26 -6.60 -6.59
C CYS N 247 -12.03 -5.59 -7.43
N ILE N 248 -11.33 -4.81 -8.26
CA ILE N 248 -12.05 -3.84 -9.08
C ILE N 248 -12.83 -4.54 -10.19
N ILE N 249 -12.32 -5.65 -10.72
CA ILE N 249 -12.99 -6.28 -11.85
C ILE N 249 -14.19 -7.14 -11.43
N ILE N 250 -14.25 -7.60 -10.18
CA ILE N 250 -15.41 -8.39 -9.77
C ILE N 250 -16.57 -7.53 -9.29
N SER N 251 -16.35 -6.23 -9.05
CA SER N 251 -17.37 -5.40 -8.45
C SER N 251 -18.52 -5.13 -9.41
N GLY N 252 -18.21 -4.82 -10.67
CA GLY N 252 -19.23 -4.42 -11.61
C GLY N 252 -19.89 -5.55 -12.39
N PRO N 253 -19.11 -6.29 -13.18
CA PRO N 253 -19.70 -7.28 -14.09
C PRO N 253 -20.12 -8.59 -13.45
N VAL N 254 -19.66 -8.90 -12.25
CA VAL N 254 -19.96 -10.18 -11.61
C VAL N 254 -20.96 -10.03 -10.47
N TRP N 255 -20.72 -9.10 -9.56
CA TRP N 255 -21.63 -8.80 -8.46
C TRP N 255 -22.40 -7.53 -8.79
N THR N 256 -23.66 -7.48 -8.39
CA THR N 256 -24.49 -6.32 -8.65
C THR N 256 -25.09 -5.71 -7.39
N LYS N 257 -25.43 -6.53 -6.40
CA LYS N 257 -26.08 -6.05 -5.18
C LYS N 257 -25.03 -5.51 -4.22
N GLY N 258 -25.45 -5.25 -2.98
CA GLY N 258 -24.51 -4.76 -1.99
C GLY N 258 -23.55 -5.84 -1.54
N TRP N 259 -22.37 -5.41 -1.09
CA TRP N 259 -21.33 -6.33 -0.66
C TRP N 259 -21.59 -6.98 0.71
N PRO N 260 -22.17 -6.28 1.68
CA PRO N 260 -22.49 -6.96 2.96
C PRO N 260 -23.38 -8.19 2.78
N GLU N 261 -24.27 -8.18 1.79
CA GLU N 261 -25.19 -9.30 1.62
C GLU N 261 -24.49 -10.55 1.12
N TRP N 262 -23.27 -10.42 0.57
CA TRP N 262 -22.54 -11.57 0.06
C TRP N 262 -22.20 -12.59 1.15
N TRP N 263 -22.24 -12.19 2.43
CA TRP N 263 -21.86 -13.07 3.53
C TRP N 263 -23.04 -13.92 4.03
N ASN N 264 -24.18 -13.84 3.35
CA ASN N 264 -25.33 -14.68 3.72
C ASN N 264 -25.04 -16.16 3.53
N TRP N 265 -24.07 -16.53 2.69
CA TRP N 265 -23.70 -17.93 2.57
C TRP N 265 -23.11 -18.44 3.88
N TRP N 266 -22.30 -17.62 4.54
CA TRP N 266 -21.78 -18.00 5.85
C TRP N 266 -22.86 -17.89 6.92
N LEU N 267 -23.69 -16.84 6.86
CA LEU N 267 -24.67 -16.63 7.91
C LEU N 267 -25.82 -17.63 7.88
N GLU N 268 -26.00 -18.35 6.76
CA GLU N 268 -27.13 -19.27 6.61
C GLU N 268 -26.69 -20.69 6.28
N MET N 269 -25.54 -21.12 6.79
CA MET N 269 -25.10 -22.48 6.54
C MET N 269 -25.98 -23.47 7.29
N PRO N 270 -26.26 -24.64 6.71
CA PRO N 270 -27.14 -25.61 7.38
C PRO N 270 -26.57 -26.16 8.67
N ILE N 271 -25.26 -26.08 8.90
CA ILE N 271 -24.66 -26.68 10.09
C ILE N 271 -25.09 -25.94 11.35
N TRP N 272 -25.37 -24.65 11.25
CA TRP N 272 -25.73 -23.88 12.44
C TRP N 272 -27.10 -24.34 12.96
N PRO N 273 -27.28 -24.40 14.29
CA PRO N 273 -28.55 -24.79 14.91
C PRO N 273 -29.67 -23.81 14.60
N PRO O 1 14.00 -21.71 -20.36
CA PRO O 1 14.51 -20.38 -20.05
C PRO O 1 15.58 -20.40 -18.97
N GLU O 2 16.14 -19.23 -18.66
CA GLU O 2 17.15 -19.12 -17.63
C GLU O 2 16.51 -19.25 -16.24
N TYR O 3 17.33 -19.68 -15.28
CA TYR O 3 16.88 -19.76 -13.90
C TYR O 3 16.57 -18.36 -13.36
N GLN O 4 15.42 -18.22 -12.70
CA GLN O 4 14.94 -16.92 -12.26
C GLN O 4 15.19 -16.65 -10.78
N ASN O 5 15.66 -17.65 -10.02
CA ASN O 5 16.03 -17.48 -8.62
C ASN O 5 14.83 -17.07 -7.76
N ILE O 6 13.71 -17.76 -7.94
CA ILE O 6 12.58 -17.60 -7.06
C ILE O 6 12.44 -18.75 -6.06
N PHE O 7 12.76 -19.98 -6.47
CA PHE O 7 12.77 -21.12 -5.57
C PHE O 7 14.12 -21.82 -5.67
N THR O 8 14.59 -22.33 -4.54
CA THR O 8 15.92 -22.95 -4.49
C THR O 8 15.87 -24.36 -5.06
N GLN O 9 16.85 -24.68 -5.90
CA GLN O 9 16.87 -25.99 -6.56
C GLN O 9 17.18 -27.11 -5.56
N VAL O 10 18.21 -26.92 -4.74
CA VAL O 10 18.66 -27.96 -3.81
C VAL O 10 19.01 -27.30 -2.48
N GLN O 11 18.61 -27.94 -1.39
CA GLN O 11 18.85 -27.45 -0.05
C GLN O 11 19.96 -28.25 0.62
N VAL O 12 20.67 -27.58 1.53
CA VAL O 12 21.71 -28.21 2.34
C VAL O 12 21.46 -27.86 3.80
N GLN O 13 21.80 -28.77 4.70
CA GLN O 13 21.57 -28.59 6.12
C GLN O 13 22.82 -28.93 6.90
N GLY O 14 23.18 -28.06 7.84
CA GLY O 14 24.31 -28.28 8.69
C GLY O 14 23.97 -28.08 10.16
N PRO O 15 24.98 -27.98 11.01
CA PRO O 15 24.72 -27.73 12.43
C PRO O 15 24.03 -26.39 12.64
N ALA O 16 23.15 -26.35 13.64
CA ALA O 16 22.37 -25.16 13.91
C ALA O 16 23.26 -24.02 14.40
N GLU O 17 22.92 -22.80 13.98
CA GLU O 17 23.65 -21.61 14.40
C GLU O 17 23.00 -21.03 15.65
N LEU O 18 23.80 -20.86 16.71
CA LEU O 18 23.29 -20.36 17.97
C LEU O 18 23.33 -18.84 18.08
N GLY O 19 24.20 -18.18 17.35
CA GLY O 19 24.24 -16.73 17.33
C GLY O 19 25.57 -16.17 17.80
N VAL O 20 25.83 -14.93 17.41
CA VAL O 20 27.04 -14.24 17.84
C VAL O 20 26.88 -13.75 19.27
N ASP O 21 28.00 -13.36 19.87
CA ASP O 21 27.99 -12.91 21.26
C ASP O 21 29.14 -11.93 21.49
N ASN O 22 29.04 -11.21 22.60
CA ASN O 22 30.06 -10.25 23.01
C ASN O 22 30.08 -10.25 24.54
N GLU O 23 30.71 -9.22 25.14
CA GLU O 23 30.84 -9.19 26.59
C GLU O 23 29.50 -8.94 27.28
N ASN O 24 28.48 -8.52 26.54
CA ASN O 24 27.15 -8.33 27.13
C ASN O 24 26.48 -9.64 27.49
N ASN O 25 27.01 -10.78 27.02
CA ASN O 25 26.53 -12.11 27.38
C ASN O 25 25.06 -12.30 26.99
N LEU O 26 24.80 -12.23 25.68
CA LEU O 26 23.45 -12.49 25.18
C LEU O 26 23.04 -13.94 25.37
N THR O 27 23.98 -14.84 25.62
CA THR O 27 23.67 -16.27 25.69
C THR O 27 22.85 -16.61 26.92
N GLU O 28 22.99 -15.84 28.01
CA GLU O 28 22.36 -16.22 29.27
C GLU O 28 20.83 -16.23 29.21
N GLU O 29 20.24 -15.49 28.27
CA GLU O 29 18.79 -15.37 28.20
C GLU O 29 18.20 -16.07 26.97
N ARG O 30 19.02 -16.52 26.03
CA ARG O 30 18.53 -17.21 24.85
C ARG O 30 18.08 -18.63 25.20
N THR O 31 17.07 -19.11 24.50
CA THR O 31 16.56 -20.45 24.73
C THR O 31 17.47 -21.49 24.07
N THR O 32 17.23 -22.76 24.42
CA THR O 32 17.91 -23.89 23.80
C THR O 32 16.88 -24.75 23.10
N GLY O 33 17.15 -25.06 21.83
CA GLY O 33 16.23 -25.84 21.03
C GLY O 33 15.88 -25.17 19.72
N THR O 34 16.12 -25.87 18.61
CA THR O 34 15.90 -25.32 17.28
C THR O 34 15.23 -26.37 16.40
N GLY O 35 14.62 -25.90 15.31
CA GLY O 35 13.99 -26.79 14.36
C GLY O 35 14.33 -26.39 12.94
N PHE O 36 13.98 -27.25 12.00
CA PHE O 36 14.23 -27.04 10.58
C PHE O 36 12.96 -27.33 9.80
N SER O 37 12.59 -26.41 8.90
CA SER O 37 11.40 -26.54 8.07
C SER O 37 11.82 -26.57 6.62
N GLN O 38 11.62 -27.71 5.95
CA GLN O 38 11.99 -27.83 4.55
C GLN O 38 11.01 -27.10 3.64
N LEU O 39 9.76 -26.95 4.09
CA LEU O 39 8.77 -26.22 3.29
C LEU O 39 9.18 -24.76 3.10
N ILE O 40 9.65 -24.12 4.17
CA ILE O 40 10.07 -22.73 4.08
C ILE O 40 11.45 -22.60 3.41
N GLY O 41 12.23 -23.67 3.40
CA GLY O 41 13.54 -23.64 2.78
C GLY O 41 13.52 -23.42 1.28
N TRP O 42 12.36 -23.58 0.64
CA TRP O 42 12.25 -23.29 -0.78
C TRP O 42 12.34 -21.80 -1.08
N ILE O 43 12.07 -20.95 -0.09
CA ILE O 43 12.08 -19.50 -0.26
C ILE O 43 13.18 -18.84 0.55
N GLY O 44 13.24 -19.10 1.85
CA GLY O 44 14.20 -18.49 2.74
C GLY O 44 14.92 -19.53 3.58
N ASN O 45 15.36 -19.08 4.75
CA ASN O 45 16.09 -19.94 5.67
C ASN O 45 15.15 -20.99 6.28
N ALA O 46 15.74 -22.12 6.66
CA ALA O 46 14.97 -23.23 7.22
C ALA O 46 15.01 -23.32 8.73
N GLN O 47 16.06 -22.81 9.37
CA GLN O 47 16.18 -22.90 10.82
C GLN O 47 15.13 -22.03 11.50
N LEU O 48 14.52 -22.57 12.55
CA LEU O 48 13.51 -21.86 13.32
C LEU O 48 13.99 -21.74 14.76
N GLY O 49 14.04 -20.52 15.28
CA GLY O 49 14.53 -20.26 16.61
C GLY O 49 16.04 -20.20 16.66
N PRO O 50 16.60 -19.96 17.85
CA PRO O 50 15.94 -19.73 19.14
C PRO O 50 15.52 -18.26 19.32
N ILE O 51 14.88 -17.93 20.44
CA ILE O 51 14.39 -16.59 20.69
C ILE O 51 15.00 -16.09 22.00
N TYR O 52 15.04 -14.76 22.14
CA TYR O 52 15.60 -14.10 23.31
C TYR O 52 14.48 -13.70 24.26
N LEU O 53 14.55 -14.13 25.52
CA LEU O 53 13.52 -13.85 26.52
C LEU O 53 13.95 -12.92 27.61
N GLY O 54 13.72 -11.63 27.43
CA GLY O 54 14.05 -10.63 28.42
C GLY O 54 12.93 -10.46 29.44
N TRP O 55 12.85 -9.26 29.99
CA TRP O 55 11.71 -8.92 30.84
C TRP O 55 10.66 -8.13 30.07
N PHE O 56 11.08 -7.25 29.16
CA PHE O 56 10.13 -6.50 28.36
C PHE O 56 9.27 -7.44 27.51
N GLY O 57 9.89 -8.47 26.93
CA GLY O 57 9.14 -9.42 26.13
C GLY O 57 8.10 -10.20 26.93
N ILE O 58 8.49 -10.68 28.12
CA ILE O 58 7.55 -11.42 28.96
C ILE O 58 6.40 -10.51 29.41
N ILE O 59 6.72 -9.28 29.81
CA ILE O 59 5.68 -8.35 30.25
C ILE O 59 4.71 -8.08 29.10
N SER O 60 5.24 -7.82 27.91
CA SER O 60 4.40 -7.55 26.75
C SER O 60 3.52 -8.74 26.42
N LEU O 61 4.10 -9.95 26.45
CA LEU O 61 3.32 -11.14 26.13
C LEU O 61 2.18 -11.34 27.11
N VAL O 62 2.48 -11.24 28.41
CA VAL O 62 1.44 -11.46 29.42
C VAL O 62 0.35 -10.42 29.31
N THR O 63 0.73 -9.15 29.14
CA THR O 63 -0.27 -8.08 29.14
C THR O 63 -1.13 -8.12 27.87
N GLY O 64 -0.51 -8.42 26.72
CA GLY O 64 -1.29 -8.58 25.51
C GLY O 64 -2.22 -9.78 25.58
N THR O 65 -1.77 -10.86 26.22
CA THR O 65 -2.66 -12.00 26.44
C THR O 65 -3.84 -11.61 27.31
N LEU O 66 -3.61 -10.79 28.33
CA LEU O 66 -4.71 -10.32 29.17
C LEU O 66 -5.71 -9.50 28.36
N TRP O 67 -5.22 -8.60 27.51
CA TRP O 67 -6.11 -7.82 26.66
C TRP O 67 -6.93 -8.72 25.74
N PHE O 68 -6.26 -9.67 25.10
CA PHE O 68 -6.95 -10.62 24.20
C PHE O 68 -8.03 -11.38 24.94
N ASN O 69 -7.71 -11.89 26.13
CA ASN O 69 -8.67 -12.68 26.88
C ASN O 69 -9.86 -11.83 27.34
N ILE O 70 -9.60 -10.59 27.74
CA ILE O 70 -10.69 -9.70 28.16
C ILE O 70 -11.65 -9.48 27.00
N VAL O 71 -11.11 -9.12 25.82
CA VAL O 71 -11.97 -8.87 24.67
C VAL O 71 -12.74 -10.13 24.29
N GLY O 72 -12.06 -11.27 24.25
CA GLY O 72 -12.71 -12.50 23.85
C GLY O 72 -13.81 -12.94 24.82
N PHE O 73 -13.56 -12.83 26.12
CA PHE O 73 -14.57 -13.24 27.09
C PHE O 73 -15.75 -12.28 27.11
N ASN O 74 -15.52 -10.98 26.90
CA ASN O 74 -16.65 -10.07 26.77
C ASN O 74 -17.50 -10.41 25.56
N MET O 75 -16.85 -10.69 24.42
CA MET O 75 -17.60 -11.07 23.22
C MET O 75 -18.36 -12.36 23.42
N LEU O 76 -17.75 -13.33 24.12
CA LEU O 76 -18.44 -14.59 24.40
C LEU O 76 -19.65 -14.39 25.31
N SER O 77 -19.50 -13.55 26.34
CA SER O 77 -20.61 -13.31 27.26
C SER O 77 -21.74 -12.53 26.59
N GLN O 78 -21.41 -11.71 25.58
CA GLN O 78 -22.45 -10.94 24.90
C GLN O 78 -23.42 -11.80 24.12
N VAL O 79 -23.08 -13.07 23.86
CA VAL O 79 -23.89 -13.93 23.02
C VAL O 79 -24.61 -15.02 23.81
N GLY O 80 -24.45 -15.06 25.13
CA GLY O 80 -25.09 -16.09 25.93
C GLY O 80 -24.24 -17.31 26.16
N TYR O 81 -22.92 -17.22 25.98
CA TYR O 81 -22.00 -18.34 26.23
C TYR O 81 -22.28 -19.53 25.30
N SER O 82 -22.89 -19.27 24.15
CA SER O 82 -23.17 -20.32 23.17
C SER O 82 -21.99 -20.40 22.20
N ILE O 83 -21.28 -21.53 22.24
CA ILE O 83 -20.10 -21.73 21.39
C ILE O 83 -20.46 -21.73 19.92
N PRO O 84 -21.50 -22.45 19.46
CA PRO O 84 -21.86 -22.35 18.03
C PRO O 84 -22.21 -20.93 17.60
N GLU O 85 -22.91 -20.17 18.44
CA GLU O 85 -23.24 -18.79 18.10
C GLU O 85 -22.03 -17.89 18.21
N PHE O 86 -21.11 -18.21 19.12
CA PHE O 86 -19.84 -17.47 19.19
C PHE O 86 -19.04 -17.65 17.91
N ILE O 87 -19.02 -18.86 17.37
CA ILE O 87 -18.31 -19.10 16.12
C ILE O 87 -19.04 -18.45 14.95
N ARG O 88 -20.38 -18.51 14.95
CA ARG O 88 -21.15 -18.01 13.81
C ARG O 88 -21.00 -16.50 13.64
N GLN O 89 -20.99 -15.76 14.75
CA GLN O 89 -21.00 -14.30 14.72
C GLN O 89 -19.66 -13.70 15.11
N LEU O 90 -18.56 -14.43 14.89
CA LEU O 90 -17.26 -13.98 15.37
C LEU O 90 -16.85 -12.66 14.72
N PHE O 91 -17.06 -12.53 13.42
CA PHE O 91 -16.64 -11.32 12.71
C PHE O 91 -17.54 -10.12 12.99
N TRP O 92 -18.67 -10.31 13.67
CA TRP O 92 -19.62 -9.23 13.89
C TRP O 92 -19.59 -8.68 15.31
N LEU O 93 -18.95 -9.36 16.26
CA LEU O 93 -18.92 -8.90 17.64
C LEU O 93 -17.80 -7.88 17.84
N ALA O 94 -17.88 -7.16 18.96
CA ALA O 94 -16.88 -6.15 19.28
C ALA O 94 -16.97 -5.81 20.77
N LEU O 95 -16.01 -5.01 21.23
CA LEU O 95 -16.00 -4.43 22.57
C LEU O 95 -16.09 -2.92 22.39
N GLU O 96 -17.28 -2.37 22.63
CA GLU O 96 -17.61 -1.01 22.20
C GLU O 96 -16.97 0.03 23.12
N PRO O 97 -16.53 1.16 22.57
CA PRO O 97 -16.07 2.28 23.39
C PRO O 97 -17.21 2.87 24.21
N PRO O 98 -16.90 3.68 25.23
CA PRO O 98 -17.96 4.21 26.10
C PRO O 98 -18.89 5.16 25.35
N SER O 99 -19.99 5.51 26.03
CA SER O 99 -21.00 6.41 25.51
C SER O 99 -20.53 7.86 25.57
N PRO O 100 -21.02 8.70 24.66
CA PRO O 100 -20.58 10.11 24.66
C PRO O 100 -20.98 10.89 25.90
N GLU O 101 -21.96 10.42 26.67
CA GLU O 101 -22.47 11.20 27.79
C GLU O 101 -21.54 11.21 29.00
N TYR O 102 -20.55 10.32 29.05
CA TYR O 102 -19.68 10.23 30.21
C TYR O 102 -18.42 11.10 30.11
N GLY O 103 -18.20 11.76 28.98
CA GLY O 103 -17.04 12.63 28.84
C GLY O 103 -15.75 11.86 29.00
N LEU O 104 -14.86 12.38 29.84
CA LEU O 104 -13.59 11.73 30.15
C LEU O 104 -13.59 11.02 31.49
N ARG O 105 -14.74 10.94 32.16
CA ARG O 105 -14.83 10.22 33.42
C ARG O 105 -14.85 8.71 33.16
N MET O 106 -14.62 7.95 34.22
CA MET O 106 -14.60 6.50 34.10
C MET O 106 -16.02 5.97 34.00
N PRO O 107 -16.37 5.26 32.93
CA PRO O 107 -17.75 4.80 32.76
C PRO O 107 -17.99 3.50 33.51
N PRO O 108 -19.24 3.06 33.63
CA PRO O 108 -19.51 1.76 34.26
C PRO O 108 -18.99 0.61 33.42
N LEU O 109 -18.90 -0.56 34.05
CA LEU O 109 -18.41 -1.74 33.36
C LEU O 109 -19.28 -2.12 32.18
N ASP O 110 -20.59 -1.86 32.27
CA ASP O 110 -21.50 -2.19 31.19
C ASP O 110 -21.33 -1.28 29.98
N ASP O 111 -20.82 -0.06 30.17
CA ASP O 111 -20.77 0.93 29.12
C ASP O 111 -19.36 1.49 28.95
N GLY O 112 -18.34 0.65 29.06
CA GLY O 112 -17.00 1.06 28.68
C GLY O 112 -15.86 0.84 29.65
N GLY O 113 -16.14 0.32 30.85
CA GLY O 113 -15.07 0.10 31.81
C GLY O 113 -14.08 -0.96 31.34
N TRP O 114 -14.59 -2.08 30.85
CA TRP O 114 -13.71 -3.13 30.32
C TRP O 114 -12.92 -2.64 29.12
N PHE O 115 -13.53 -1.76 28.32
CA PHE O 115 -12.82 -1.16 27.19
C PHE O 115 -11.62 -0.37 27.67
N ILE O 116 -11.78 0.44 28.72
CA ILE O 116 -10.68 1.23 29.25
C ILE O 116 -9.60 0.32 29.83
N ILE O 117 -9.99 -0.73 30.56
CA ILE O 117 -9.00 -1.63 31.15
C ILE O 117 -8.19 -2.32 30.06
N ALA O 118 -8.88 -2.84 29.04
CA ALA O 118 -8.18 -3.51 27.95
C ALA O 118 -7.28 -2.55 27.19
N SER O 119 -7.72 -1.30 27.01
CA SER O 119 -6.90 -0.31 26.31
C SER O 119 -5.64 -0.01 27.11
N PHE O 120 -5.75 0.09 28.44
CA PHE O 120 -4.58 0.30 29.28
C PHE O 120 -3.60 -0.86 29.13
N PHE O 121 -4.10 -2.09 29.14
CA PHE O 121 -3.23 -3.25 28.96
C PHE O 121 -2.54 -3.22 27.59
N LEU O 122 -3.30 -2.90 26.54
CA LEU O 122 -2.71 -2.88 25.20
C LEU O 122 -1.61 -1.82 25.09
N LEU O 123 -1.86 -0.64 25.69
CA LEU O 123 -0.83 0.40 25.69
C LEU O 123 0.43 -0.08 26.39
N VAL O 124 0.28 -0.70 27.56
CA VAL O 124 1.45 -1.19 28.29
C VAL O 124 2.22 -2.20 27.46
N SER O 125 1.50 -3.12 26.80
CA SER O 125 2.16 -4.16 26.01
C SER O 125 2.95 -3.56 24.85
N VAL O 126 2.35 -2.59 24.14
CA VAL O 126 3.03 -1.99 23.00
C VAL O 126 4.28 -1.24 23.44
N ILE O 127 4.19 -0.49 24.55
CA ILE O 127 5.36 0.24 25.03
C ILE O 127 6.46 -0.73 25.46
N SER O 128 6.07 -1.85 26.08
CA SER O 128 7.06 -2.86 26.46
C SER O 128 7.77 -3.44 25.25
N TRP O 129 7.03 -3.72 24.18
CA TRP O 129 7.66 -4.24 22.96
C TRP O 129 8.62 -3.23 22.37
N TRP O 130 8.25 -1.94 22.37
CA TRP O 130 9.16 -0.93 21.86
C TRP O 130 10.44 -0.86 22.70
N LEU O 131 10.30 -0.93 24.02
CA LEU O 131 11.48 -0.90 24.87
C LEU O 131 12.37 -2.11 24.61
N ARG O 132 11.77 -3.29 24.36
CA ARG O 132 12.55 -4.46 24.03
C ARG O 132 13.32 -4.28 22.74
N THR O 133 12.66 -3.72 21.71
CA THR O 133 13.35 -3.54 20.43
C THR O 133 14.45 -2.49 20.53
N TYR O 134 14.34 -1.53 21.45
CA TYR O 134 15.45 -0.61 21.69
C TYR O 134 16.59 -1.30 22.42
N GLN O 135 16.26 -2.11 23.43
CA GLN O 135 17.29 -2.75 24.25
C GLN O 135 18.11 -3.74 23.45
N LEU O 136 17.46 -4.49 22.56
CA LEU O 136 18.20 -5.47 21.76
C LEU O 136 19.25 -4.79 20.89
N ALA O 137 18.86 -3.69 20.22
CA ALA O 137 19.80 -2.96 19.38
C ALA O 137 20.91 -2.33 20.22
N GLU O 138 20.58 -1.84 21.42
CA GLU O 138 21.61 -1.30 22.30
C GLU O 138 22.62 -2.36 22.69
N MET O 139 22.25 -3.59 23.01
CA MET O 139 23.19 -4.70 23.36
C MET O 139 23.96 -5.47 22.28
N HIS O 140 23.67 -5.24 21.00
CA HIS O 140 24.34 -5.94 19.90
C HIS O 140 25.25 -4.95 19.24
N LYS O 141 25.33 -3.73 19.74
CA LYS O 141 26.13 -2.66 19.17
C LYS O 141 25.72 -2.20 17.79
N MET O 142 24.45 -1.83 17.60
CA MET O 142 23.95 -1.46 16.28
C MET O 142 23.27 -0.10 16.37
N GLY O 143 22.88 0.41 15.21
CA GLY O 143 22.06 1.60 15.17
C GLY O 143 20.64 1.31 15.62
N LYS O 144 19.90 2.39 15.87
CA LYS O 144 18.54 2.30 16.41
C LYS O 144 17.49 2.69 15.38
N HIS O 145 17.71 2.30 14.13
CA HIS O 145 16.76 2.64 13.07
C HIS O 145 15.45 1.87 13.22
N VAL O 146 15.52 0.63 13.71
CA VAL O 146 14.31 -0.17 13.89
C VAL O 146 13.39 0.46 14.92
N ALA O 147 13.98 0.97 16.02
CA ALA O 147 13.17 1.60 17.06
C ALA O 147 12.49 2.86 16.53
N TRP O 148 13.20 3.66 15.73
CA TRP O 148 12.61 4.86 15.16
C TRP O 148 11.48 4.51 14.19
N ALA O 149 11.63 3.52 13.34
CA ALA O 149 10.56 3.17 12.43
C ALA O 149 9.34 2.57 13.12
N PHE O 150 9.49 2.00 14.31
CA PHE O 150 8.39 1.46 15.07
C PHE O 150 7.73 2.64 15.74
N ALA O 151 8.48 3.60 16.21
CA ALA O 151 7.94 4.74 16.87
C ALA O 151 7.16 5.53 15.90
N ALA O 152 7.52 5.47 14.63
CA ALA O 152 6.75 6.16 13.59
C ALA O 152 5.30 5.67 13.54
N ALA O 153 5.11 4.35 13.60
CA ALA O 153 3.76 3.78 13.60
C ALA O 153 3.08 3.91 14.96
N ILE O 154 3.85 3.82 16.05
CA ILE O 154 3.28 4.02 17.38
C ILE O 154 2.71 5.41 17.52
N TRP O 155 3.27 6.39 16.79
CA TRP O 155 2.72 7.75 16.81
C TRP O 155 1.28 7.77 16.30
N LEU O 156 1.03 7.15 15.15
CA LEU O 156 -0.33 7.08 14.62
C LEU O 156 -1.23 6.26 15.52
N PHE O 157 -0.71 5.17 16.07
CA PHE O 157 -1.47 4.36 17.03
C PHE O 157 -1.98 5.23 18.19
N LEU O 158 -1.07 5.99 18.80
CA LEU O 158 -1.43 6.83 19.94
C LEU O 158 -2.38 7.95 19.54
N VAL O 159 -2.17 8.54 18.36
CA VAL O 159 -3.05 9.60 17.90
C VAL O 159 -4.46 9.08 17.72
N LEU O 160 -4.60 7.89 17.11
CA LEU O 160 -5.92 7.32 16.91
C LEU O 160 -6.57 6.90 18.22
N GLY O 161 -5.78 6.56 19.24
CA GLY O 161 -6.39 6.06 20.46
C GLY O 161 -6.36 6.93 21.69
N LEU O 162 -5.32 7.73 21.87
CA LEU O 162 -5.12 8.43 23.14
C LEU O 162 -5.20 9.95 23.02
N PHE O 163 -4.43 10.55 22.12
CA PHE O 163 -4.31 12.01 22.11
C PHE O 163 -5.60 12.68 21.61
N ARG O 164 -6.15 12.18 20.51
CA ARG O 164 -7.37 12.79 19.97
C ARG O 164 -8.56 12.70 20.90
N PRO O 165 -8.86 11.56 21.56
CA PRO O 165 -9.96 11.58 22.54
C PRO O 165 -9.76 12.58 23.67
N ILE O 166 -8.53 12.79 24.11
CA ILE O 166 -8.28 13.77 25.17
C ILE O 166 -8.49 15.18 24.64
N LEU O 167 -8.02 15.46 23.43
CA LEU O 167 -8.21 16.79 22.85
C LEU O 167 -9.69 17.09 22.63
N MET O 168 -10.45 16.09 22.19
CA MET O 168 -11.89 16.25 21.98
C MET O 168 -12.69 16.09 23.26
N GLY O 169 -12.05 15.70 24.36
CA GLY O 169 -12.73 15.61 25.63
C GLY O 169 -13.79 14.54 25.74
N SER O 170 -13.52 13.34 25.25
CA SER O 170 -14.46 12.22 25.36
C SER O 170 -13.74 10.93 25.05
N TRP O 171 -14.03 9.89 25.82
CA TRP O 171 -13.51 8.55 25.56
C TRP O 171 -14.28 7.81 24.48
N SER O 172 -15.38 8.39 23.99
CA SER O 172 -16.21 7.77 22.96
C SER O 172 -15.66 7.97 21.56
N GLU O 173 -14.54 8.66 21.41
CA GLU O 173 -13.94 8.92 20.10
C GLU O 173 -12.96 7.86 19.68
N ALA O 174 -12.82 6.77 20.44
CA ALA O 174 -11.86 5.73 20.13
C ALA O 174 -12.45 4.75 19.12
N VAL O 175 -11.71 3.67 18.87
CA VAL O 175 -12.07 2.68 17.85
C VAL O 175 -12.52 1.41 18.57
N PRO O 176 -13.64 0.81 18.17
CA PRO O 176 -14.06 -0.46 18.78
C PRO O 176 -13.15 -1.61 18.38
N TYR O 177 -13.12 -2.62 19.24
CA TYR O 177 -12.28 -3.81 19.02
C TYR O 177 -13.12 -4.86 18.29
N GLY O 178 -13.09 -4.82 16.97
CA GLY O 178 -13.80 -5.78 16.16
C GLY O 178 -13.35 -5.73 14.72
N ILE O 179 -13.71 -6.77 13.97
CA ILE O 179 -13.28 -6.88 12.58
C ILE O 179 -14.07 -5.93 11.69
N PHE O 180 -15.38 -6.16 11.60
CA PHE O 180 -16.29 -5.31 10.83
C PHE O 180 -16.60 -4.00 11.56
N PRO O 181 -16.70 -3.98 12.90
CA PRO O 181 -16.91 -2.69 13.58
C PRO O 181 -15.83 -1.65 13.34
N HIS O 182 -14.59 -2.04 13.22
CA HIS O 182 -13.55 -1.07 12.99
C HIS O 182 -13.60 -0.52 11.58
N LEU O 183 -13.96 -1.29 10.57
CA LEU O 183 -14.22 -0.78 9.23
C LEU O 183 -15.44 0.15 9.24
N ASP O 184 -16.48 -0.21 9.99
CA ASP O 184 -17.63 0.68 10.15
C ASP O 184 -17.22 2.01 10.76
N TRP O 185 -16.35 1.97 11.77
CA TRP O 185 -15.83 3.19 12.37
C TRP O 185 -15.06 4.02 11.34
N THR O 186 -14.25 3.36 10.51
CA THR O 186 -13.52 4.09 9.47
C THR O 186 -14.48 4.82 8.54
N THR O 187 -15.49 4.12 8.04
CA THR O 187 -16.44 4.74 7.10
C THR O 187 -17.25 5.86 7.77
N ALA O 188 -17.71 5.62 9.01
CA ALA O 188 -18.49 6.63 9.72
C ALA O 188 -17.66 7.87 10.03
N PHE O 189 -16.39 7.68 10.40
CA PHE O 189 -15.50 8.81 10.63
C PHE O 189 -15.29 9.60 9.34
N SER O 190 -15.12 8.90 8.21
CA SER O 190 -14.97 9.60 6.95
C SER O 190 -16.22 10.42 6.61
N ILE O 191 -17.41 9.85 6.83
CA ILE O 191 -18.64 10.55 6.46
C ILE O 191 -18.90 11.72 7.41
N ARG O 192 -18.66 11.54 8.71
CA ARG O 192 -19.08 12.52 9.71
C ARG O 192 -18.41 13.87 9.53
N TYR O 193 -17.17 13.88 9.05
CA TYR O 193 -16.37 15.09 9.00
C TYR O 193 -16.10 15.53 7.55
N GLY O 194 -17.14 15.48 6.72
CA GLY O 194 -17.01 15.88 5.33
C GLY O 194 -16.53 14.72 4.48
N ASN O 195 -15.51 14.97 3.67
CA ASN O 195 -14.88 13.93 2.86
C ASN O 195 -13.40 13.90 3.21
N LEU O 196 -12.91 12.72 3.61
CA LEU O 196 -11.50 12.60 3.97
C LEU O 196 -10.58 12.61 2.76
N TYR O 197 -11.13 12.53 1.55
CA TYR O 197 -10.32 12.69 0.34
C TYR O 197 -9.73 14.09 0.27
N TYR O 198 -10.50 15.09 0.68
CA TYR O 198 -10.10 16.48 0.57
C TYR O 198 -9.27 16.95 1.76
N ASN O 199 -8.92 16.04 2.67
CA ASN O 199 -7.91 16.34 3.67
C ASN O 199 -6.53 16.20 3.04
N PRO O 200 -5.75 17.28 2.96
CA PRO O 200 -4.45 17.18 2.25
C PRO O 200 -3.48 16.18 2.85
N PHE O 201 -3.53 15.97 4.17
CA PHE O 201 -2.58 15.05 4.79
C PHE O 201 -2.94 13.59 4.53
N HIS O 202 -4.23 13.27 4.38
CA HIS O 202 -4.61 11.95 3.90
C HIS O 202 -4.05 11.70 2.51
N ALA O 203 -4.09 12.72 1.65
CA ALA O 203 -3.50 12.62 0.32
C ALA O 203 -1.99 12.41 0.39
N LEU O 204 -1.31 13.13 1.29
CA LEU O 204 0.13 12.95 1.44
C LEU O 204 0.48 11.55 1.93
N SER O 205 -0.29 11.03 2.90
CA SER O 205 -0.05 9.68 3.39
C SER O 205 -0.30 8.65 2.29
N ILE O 206 -1.33 8.86 1.47
CA ILE O 206 -1.59 7.96 0.35
C ILE O 206 -0.42 8.00 -0.64
N VAL O 207 0.10 9.21 -0.90
CA VAL O 207 1.23 9.36 -1.79
C VAL O 207 2.42 8.56 -1.30
N PHE O 208 2.72 8.67 0.01
CA PHE O 208 3.88 7.96 0.55
C PHE O 208 3.66 6.46 0.60
N LEU O 209 2.43 6.01 0.85
CA LEU O 209 2.16 4.57 0.83
C LEU O 209 2.34 3.99 -0.58
N TYR O 210 1.81 4.68 -1.58
CA TYR O 210 1.99 4.25 -2.97
C TYR O 210 3.48 4.23 -3.33
N GLY O 211 4.20 5.28 -2.93
CA GLY O 211 5.62 5.32 -3.23
C GLY O 211 6.41 4.21 -2.55
N SER O 212 6.04 3.87 -1.31
CA SER O 212 6.73 2.79 -0.62
C SER O 212 6.49 1.45 -1.29
N VAL O 213 5.24 1.17 -1.70
CA VAL O 213 4.97 -0.09 -2.38
C VAL O 213 5.71 -0.15 -3.72
N LEU O 214 5.69 0.95 -4.46
CA LEU O 214 6.43 1.01 -5.73
C LEU O 214 7.92 0.81 -5.52
N LEU O 215 8.48 1.44 -4.49
CA LEU O 215 9.91 1.32 -4.22
C LEU O 215 10.29 -0.10 -3.84
N PHE O 216 9.52 -0.84 -3.04
CA PHE O 216 9.86 -2.26 -2.76
C PHE O 216 9.71 -3.13 -3.96
N ALA O 217 8.73 -2.86 -4.77
CA ALA O 217 8.67 -3.66 -6.00
C ALA O 217 9.92 -3.45 -6.84
N MET O 218 10.31 -2.18 -7.03
CA MET O 218 11.48 -1.87 -7.85
C MET O 218 12.75 -2.47 -7.27
N HIS O 219 12.93 -2.35 -5.95
CA HIS O 219 14.16 -2.82 -5.33
C HIS O 219 14.25 -4.34 -5.35
N GLY O 220 13.13 -5.02 -5.08
CA GLY O 220 13.14 -6.47 -5.16
C GLY O 220 13.47 -6.96 -6.56
N ALA O 221 12.85 -6.36 -7.57
CA ALA O 221 13.14 -6.75 -8.95
C ALA O 221 14.60 -6.48 -9.30
N THR O 222 15.13 -5.32 -8.89
CA THR O 222 16.51 -4.97 -9.21
C THR O 222 17.48 -5.93 -8.54
N ILE O 223 17.26 -6.28 -7.27
CA ILE O 223 18.18 -7.16 -6.58
C ILE O 223 18.12 -8.57 -7.14
N LEU O 224 16.92 -9.04 -7.48
CA LEU O 224 16.82 -10.36 -8.09
C LEU O 224 17.40 -10.38 -9.51
N ALA O 225 17.47 -9.22 -10.18
CA ALA O 225 18.04 -9.18 -11.52
C ALA O 225 19.56 -9.32 -11.50
N VAL O 226 20.23 -8.71 -10.54
CA VAL O 226 21.69 -8.72 -10.49
C VAL O 226 22.20 -9.74 -9.47
N THR O 227 21.39 -10.73 -9.12
CA THR O 227 21.82 -11.76 -8.16
C THR O 227 22.82 -12.73 -8.77
N ARG O 228 22.99 -12.74 -10.09
CA ARG O 228 24.02 -13.56 -10.72
C ARG O 228 25.42 -13.03 -10.48
N PHE O 229 25.55 -11.80 -9.99
CA PHE O 229 26.84 -11.21 -9.65
C PHE O 229 27.03 -11.09 -8.14
N GLY O 230 26.33 -11.90 -7.36
CA GLY O 230 26.38 -11.79 -5.91
C GLY O 230 25.78 -10.50 -5.39
N GLY O 231 24.67 -10.05 -5.96
CA GLY O 231 24.06 -8.80 -5.58
C GLY O 231 23.26 -8.83 -4.29
N ASP O 232 22.96 -10.01 -3.77
CA ASP O 232 22.21 -10.11 -2.53
C ASP O 232 23.08 -9.89 -1.29
N ARG O 233 24.40 -9.92 -1.44
CA ARG O 233 25.32 -9.62 -0.33
C ARG O 233 25.61 -8.12 -0.37
N GLU O 234 24.66 -7.35 0.17
CA GLU O 234 24.68 -5.90 0.00
C GLU O 234 25.78 -5.24 0.83
N LEU O 235 26.03 -5.77 2.03
CA LEU O 235 27.01 -5.13 2.92
C LEU O 235 28.42 -5.17 2.34
N GLU O 236 28.81 -6.31 1.78
CA GLU O 236 30.13 -6.41 1.17
C GLU O 236 30.24 -5.53 -0.07
N GLN O 237 29.13 -5.35 -0.80
CA GLN O 237 29.12 -4.42 -1.91
C GLN O 237 29.31 -2.98 -1.42
N ILE O 238 28.70 -2.64 -0.28
CA ILE O 238 28.88 -1.31 0.28
C ILE O 238 30.33 -1.10 0.70
N TYR O 239 30.93 -2.08 1.37
CA TYR O 239 32.31 -1.94 1.82
C TYR O 239 33.29 -2.01 0.66
N ASP O 240 33.03 -2.86 -0.33
CA ASP O 240 33.92 -3.03 -1.49
C ASP O 240 33.03 -3.14 -2.73
N ARG O 241 32.97 -2.05 -3.50
CA ARG O 241 32.07 -2.00 -4.64
C ARG O 241 32.44 -3.03 -5.69
N GLY O 242 31.43 -3.72 -6.21
CA GLY O 242 31.62 -4.70 -7.27
C GLY O 242 30.87 -4.33 -8.53
N THR O 243 30.81 -5.25 -9.50
CA THR O 243 30.13 -4.97 -10.75
C THR O 243 28.61 -4.97 -10.62
N ALA O 244 28.07 -5.68 -9.63
CA ALA O 244 26.62 -5.74 -9.46
C ALA O 244 26.06 -4.36 -9.14
N SER O 245 26.70 -3.63 -8.23
CA SER O 245 26.23 -2.29 -7.89
C SER O 245 26.33 -1.36 -9.09
N GLU O 246 27.41 -1.46 -9.86
CA GLU O 246 27.58 -0.61 -11.03
C GLU O 246 26.48 -0.88 -12.06
N ARG O 247 26.19 -2.15 -12.33
CA ARG O 247 25.14 -2.46 -13.30
C ARG O 247 23.77 -2.03 -12.80
N ALA O 248 23.49 -2.23 -11.50
CA ALA O 248 22.20 -1.82 -10.94
C ALA O 248 22.03 -0.32 -11.03
N GLY O 249 23.09 0.45 -10.75
CA GLY O 249 23.01 1.89 -10.87
C GLY O 249 22.86 2.36 -12.31
N LEU O 250 23.60 1.72 -13.22
CA LEU O 250 23.55 2.14 -14.63
C LEU O 250 22.19 1.85 -15.26
N PHE O 251 21.54 0.76 -14.85
CA PHE O 251 20.19 0.49 -15.34
C PHE O 251 19.25 1.67 -15.09
N TRP O 252 19.20 2.13 -13.85
CA TRP O 252 18.28 3.21 -13.52
C TRP O 252 18.75 4.56 -14.06
N ARG O 253 20.06 4.76 -14.15
CA ARG O 253 20.56 6.00 -14.77
C ARG O 253 20.18 6.08 -16.23
N TRP O 254 20.30 4.97 -16.97
CA TRP O 254 19.89 4.97 -18.36
C TRP O 254 18.38 4.97 -18.52
N THR O 255 17.64 4.51 -17.50
CA THR O 255 16.19 4.48 -17.60
C THR O 255 15.56 5.84 -17.34
N MET O 256 15.92 6.48 -16.23
CA MET O 256 15.23 7.72 -15.83
C MET O 256 16.16 8.90 -15.57
N GLY O 257 17.46 8.77 -15.85
CA GLY O 257 18.36 9.90 -15.78
C GLY O 257 19.06 10.10 -14.45
N PHE O 258 18.69 9.36 -13.41
CA PHE O 258 19.40 9.45 -12.14
C PHE O 258 19.25 8.11 -11.43
N ASN O 259 20.18 7.85 -10.51
CA ASN O 259 20.27 6.55 -9.86
C ASN O 259 20.63 6.76 -8.39
N ALA O 260 21.00 5.67 -7.72
CA ALA O 260 21.36 5.71 -6.31
C ALA O 260 22.63 4.90 -6.07
N THR O 261 22.97 4.69 -4.80
CA THR O 261 24.03 3.78 -4.40
C THR O 261 23.46 2.62 -3.62
N MET O 262 24.31 1.64 -3.33
CA MET O 262 23.85 0.44 -2.62
C MET O 262 23.39 0.78 -1.21
N GLU O 263 23.95 1.83 -0.60
CA GLU O 263 23.56 2.22 0.75
C GLU O 263 22.48 3.30 0.75
N GLY O 264 22.43 4.14 -0.29
CA GLY O 264 21.50 5.24 -0.32
C GLY O 264 20.07 4.87 -0.65
N ILE O 265 19.86 3.74 -1.34
CA ILE O 265 18.51 3.31 -1.66
C ILE O 265 17.76 2.91 -0.38
N HIS O 266 18.46 2.35 0.59
CA HIS O 266 17.81 1.97 1.85
C HIS O 266 17.37 3.19 2.63
N ARG O 267 18.08 4.31 2.50
CA ARG O 267 17.61 5.56 3.12
C ARG O 267 16.32 6.03 2.48
N TRP O 268 16.23 5.95 1.15
CA TRP O 268 14.98 6.28 0.46
C TRP O 268 13.84 5.40 0.96
N ALA O 269 14.08 4.10 1.05
CA ALA O 269 13.04 3.18 1.50
C ALA O 269 12.62 3.49 2.93
N TRP O 270 13.53 3.71 3.85
CA TRP O 270 13.21 4.02 5.22
C TRP O 270 12.34 5.25 5.35
N TRP O 271 12.61 6.30 4.63
CA TRP O 271 11.86 7.53 4.73
C TRP O 271 10.50 7.52 4.11
N PHE O 272 10.31 6.82 3.01
CA PHE O 272 9.02 6.73 2.39
C PHE O 272 8.07 5.93 3.22
N ALA O 273 8.59 4.97 3.95
CA ALA O 273 7.78 4.13 4.78
C ALA O 273 7.45 4.80 6.05
N VAL O 274 8.38 5.51 6.61
CA VAL O 274 8.18 6.22 7.84
C VAL O 274 7.31 7.43 7.64
N LEU O 275 7.38 8.07 6.49
CA LEU O 275 6.60 9.30 6.35
C LEU O 275 5.10 9.08 6.26
N THR O 276 4.62 7.83 6.09
CA THR O 276 3.19 7.62 5.95
C THR O 276 2.45 7.78 7.28
N PRO O 277 2.77 7.03 8.34
CA PRO O 277 2.02 7.21 9.59
C PRO O 277 2.17 8.59 10.21
N ILE O 278 3.31 9.27 9.99
CA ILE O 278 3.49 10.60 10.55
C ILE O 278 2.48 11.58 9.94
N THR O 279 2.41 11.60 8.61
CA THR O 279 1.45 12.48 7.95
C THR O 279 0.02 12.08 8.26
N GLY O 280 -0.24 10.77 8.35
CA GLY O 280 -1.58 10.33 8.72
C GLY O 280 -2.00 10.80 10.09
N GLY O 281 -1.11 10.68 11.08
CA GLY O 281 -1.43 11.16 12.41
C GLY O 281 -1.60 12.66 12.47
N ILE O 282 -0.76 13.40 11.75
CA ILE O 282 -0.91 14.85 11.73
C ILE O 282 -2.27 15.24 11.12
N GLY O 283 -2.66 14.55 10.04
CA GLY O 283 -3.94 14.85 9.43
C GLY O 283 -5.13 14.47 10.31
N ILE O 284 -5.04 13.34 11.00
CA ILE O 284 -6.13 12.90 11.86
C ILE O 284 -6.27 13.83 13.06
N LEU O 285 -5.14 14.31 13.59
CA LEU O 285 -5.18 15.16 14.78
C LEU O 285 -5.90 16.49 14.53
N LEU O 286 -5.94 16.94 13.27
CA LEU O 286 -6.56 18.22 12.95
C LEU O 286 -8.06 18.12 12.68
N THR O 287 -8.59 16.92 12.53
CA THR O 287 -10.00 16.74 12.19
C THR O 287 -10.87 16.94 13.43
N GLY O 288 -11.90 17.76 13.30
CA GLY O 288 -12.78 18.06 14.42
C GLY O 288 -12.25 19.13 15.36
N THR O 289 -10.99 19.02 15.76
CA THR O 289 -10.40 20.03 16.62
C THR O 289 -10.21 21.36 15.90
N VAL O 290 -9.93 21.33 14.60
CA VAL O 290 -9.68 22.52 13.80
C VAL O 290 -10.67 22.62 12.63
N VAL O 291 -10.75 21.57 11.82
CA VAL O 291 -11.59 21.56 10.62
C VAL O 291 -12.71 20.56 10.83
N ASP O 292 -13.94 21.01 10.58
CA ASP O 292 -15.13 20.17 10.75
C ASP O 292 -15.75 19.72 9.44
N ASN O 293 -15.42 20.35 8.33
CA ASN O 293 -15.92 19.95 7.01
C ASN O 293 -14.79 20.17 6.01
N TRP O 294 -14.32 19.08 5.40
CA TRP O 294 -13.17 19.18 4.52
C TRP O 294 -13.57 19.59 3.11
N PHE O 295 -14.78 19.23 2.66
CA PHE O 295 -15.24 19.72 1.36
C PHE O 295 -15.46 21.23 1.38
N LEU O 296 -16.01 21.75 2.48
CA LEU O 296 -16.15 23.20 2.60
C LEU O 296 -14.79 23.87 2.70
N TRP O 297 -13.83 23.24 3.37
CA TRP O 297 -12.47 23.76 3.41
C TRP O 297 -11.86 23.83 2.01
N ALA O 298 -12.05 22.77 1.22
CA ALA O 298 -11.54 22.76 -0.14
C ALA O 298 -12.22 23.83 -0.99
N VAL O 299 -13.53 24.01 -0.82
CA VAL O 299 -14.25 25.03 -1.57
C VAL O 299 -13.73 26.42 -1.21
N GLU O 300 -13.53 26.67 0.09
CA GLU O 300 -13.02 27.97 0.52
C GLU O 300 -11.59 28.20 0.04
N HIS O 301 -10.80 27.13 -0.08
CA HIS O 301 -9.43 27.23 -0.55
C HIS O 301 -9.30 26.97 -2.04
N ASN O 302 -10.40 26.78 -2.76
CA ASN O 302 -10.44 26.82 -4.22
C ASN O 302 -9.63 25.69 -4.86
N PHE O 303 -9.93 24.46 -4.46
CA PHE O 303 -9.46 23.31 -5.23
C PHE O 303 -10.53 22.21 -5.28
N ALA O 304 -11.80 22.60 -5.25
CA ALA O 304 -12.90 21.66 -5.40
C ALA O 304 -13.46 21.76 -6.81
N PRO O 305 -13.50 20.68 -7.58
CA PRO O 305 -13.94 20.77 -8.98
C PRO O 305 -15.42 21.12 -9.09
N ASP O 306 -15.78 21.68 -10.23
CA ASP O 306 -17.14 22.10 -10.54
C ASP O 306 -17.66 21.33 -11.74
N TYR O 307 -18.94 20.99 -11.71
CA TYR O 307 -19.59 20.22 -12.77
C TYR O 307 -20.74 21.01 -13.37
N THR O 308 -20.93 20.87 -14.68
CA THR O 308 -21.91 21.63 -15.42
C THR O 308 -23.19 20.83 -15.70
N GLN O 309 -23.08 19.53 -15.94
CA GLN O 309 -24.22 18.72 -16.33
C GLN O 309 -25.20 18.57 -15.15
N ASP O 310 -26.32 17.92 -15.43
CA ASP O 310 -27.44 17.84 -14.49
C ASP O 310 -27.40 16.54 -13.69
N TYR O 311 -28.35 16.43 -12.76
CA TYR O 311 -28.47 15.29 -11.87
C TYR O 311 -29.80 14.59 -12.10
N GLY O 312 -29.82 13.27 -11.86
CA GLY O 312 -31.03 12.50 -12.01
C GLY O 312 -31.01 11.58 -13.22
N TYR O 313 -31.75 10.47 -13.14
CA TYR O 313 -31.77 9.53 -14.27
C TYR O 313 -32.65 10.01 -15.40
N GLU O 314 -33.60 10.90 -15.10
CA GLU O 314 -34.59 11.35 -16.07
C GLU O 314 -34.01 12.35 -16.99
N ALA O 315 -32.84 12.84 -16.67
CA ALA O 315 -32.10 13.71 -17.56
C ALA O 315 -31.27 12.95 -18.57
N TYR O 316 -31.25 11.62 -18.50
CA TYR O 316 -30.41 10.81 -19.39
C TYR O 316 -31.19 9.68 -20.04
N THR O 317 -32.24 9.20 -19.40
CA THR O 317 -32.98 8.04 -19.91
C THR O 317 -34.38 8.04 -19.30
N THR O 318 -35.11 6.95 -19.53
CA THR O 318 -36.48 6.78 -19.07
C THR O 318 -36.57 5.47 -18.28
N TYR O 319 -37.47 5.46 -17.29
CA TYR O 319 -37.63 4.26 -16.47
C TYR O 319 -38.08 3.07 -17.29
N ASP O 320 -39.04 3.27 -18.20
CA ASP O 320 -39.47 2.19 -19.09
C ASP O 320 -38.36 1.78 -20.03
N GLY O 321 -37.59 2.75 -20.54
CA GLY O 321 -36.49 2.43 -21.43
C GLY O 321 -35.41 1.60 -20.75
N PHE O 322 -35.16 1.86 -19.46
CA PHE O 322 -34.19 1.07 -18.73
C PHE O 322 -34.63 -0.38 -18.61
N LEU O 323 -35.91 -0.62 -18.33
CA LEU O 323 -36.45 -1.96 -18.21
C LEU O 323 -36.58 -2.66 -19.55
N GLY O 324 -36.59 -1.92 -20.66
CA GLY O 324 -36.78 -2.53 -21.96
C GLY O 324 -38.22 -2.72 -22.36
N ARG O 325 -39.15 -2.01 -21.74
CA ARG O 325 -40.57 -2.14 -22.05
C ARG O 325 -40.94 -1.29 -23.26
N MET P 1 28.27 31.04 39.07
CA MET P 1 27.62 32.09 38.30
C MET P 1 28.61 32.74 37.33
N SER P 2 29.85 32.87 37.77
CA SER P 2 30.91 33.43 36.94
C SER P 2 31.68 32.38 36.15
N LYS P 3 31.32 31.10 36.31
CA LYS P 3 31.97 30.01 35.59
C LYS P 3 31.09 29.45 34.48
N PHE P 4 30.19 30.29 33.95
CA PHE P 4 29.25 29.84 32.93
C PHE P 4 29.91 29.59 31.58
N TYR P 5 31.15 30.01 31.38
CA TYR P 5 31.83 29.81 30.11
C TYR P 5 32.16 28.33 29.87
N LYS P 6 32.11 27.50 30.91
CA LYS P 6 32.46 26.09 30.78
C LYS P 6 31.43 25.29 29.99
N ILE P 7 30.28 25.87 29.66
CA ILE P 7 29.25 25.14 28.93
C ILE P 7 29.76 24.70 27.56
N TRP P 8 30.67 25.47 26.97
CA TRP P 8 31.22 25.10 25.67
C TRP P 8 32.11 23.87 25.72
N LEU P 9 32.52 23.43 26.92
CA LEU P 9 33.28 22.20 27.06
C LEU P 9 32.38 20.96 27.03
N ILE P 10 31.07 21.13 27.16
CA ILE P 10 30.13 20.03 27.10
C ILE P 10 29.39 19.97 25.76
N PHE P 11 28.96 21.13 25.26
CA PHE P 11 28.18 21.21 24.03
C PHE P 11 29.06 21.63 22.86
N ASP P 12 28.81 21.05 21.70
CA ASP P 12 29.48 21.47 20.48
C ASP P 12 28.82 22.76 19.97
N PRO P 13 29.55 23.87 19.89
CA PRO P 13 28.91 25.13 19.48
C PRO P 13 28.32 25.10 18.08
N ARG P 14 28.86 24.27 17.18
CA ARG P 14 28.40 24.24 15.80
C ARG P 14 26.93 23.85 15.70
N ARG P 15 26.55 22.90 16.52
CA ARG P 15 25.20 22.41 16.44
C ARG P 15 24.32 23.33 17.19
N VAL P 16 24.79 23.87 18.29
CA VAL P 16 24.01 24.73 19.16
C VAL P 16 23.61 26.01 18.45
N PHE P 17 24.53 26.59 17.67
CA PHE P 17 24.23 27.85 16.99
C PHE P 17 23.12 27.67 15.97
N VAL P 18 23.17 26.59 15.19
CA VAL P 18 22.13 26.34 14.17
C VAL P 18 20.78 26.11 14.85
N ALA P 19 20.77 25.28 15.90
CA ALA P 19 19.52 25.04 16.62
C ALA P 19 18.96 26.32 17.20
N GLN P 20 19.84 27.17 17.76
CA GLN P 20 19.41 28.44 18.33
C GLN P 20 18.78 29.33 17.27
N GLY P 21 19.43 29.43 16.10
CA GLY P 21 18.88 30.27 15.04
C GLY P 21 17.50 29.81 14.60
N VAL P 22 17.37 28.51 14.34
CA VAL P 22 16.09 27.98 13.88
C VAL P 22 15.00 28.21 14.93
N PHE P 23 15.32 27.88 16.20
CA PHE P 23 14.34 28.02 17.26
C PHE P 23 13.93 29.48 17.46
N LEU P 24 14.90 30.40 17.44
CA LEU P 24 14.59 31.80 17.65
C LEU P 24 13.70 32.35 16.54
N PHE P 25 14.03 32.04 15.27
CA PHE P 25 13.20 32.55 14.19
C PHE P 25 11.79 31.97 14.26
N LEU P 26 11.68 30.67 14.53
CA LEU P 26 10.36 30.05 14.59
C LEU P 26 9.53 30.64 15.74
N LEU P 27 10.15 30.86 16.90
CA LEU P 27 9.43 31.42 18.03
C LEU P 27 8.95 32.84 17.73
N ALA P 28 9.82 33.67 17.13
CA ALA P 28 9.42 35.03 16.80
C ALA P 28 8.28 35.06 15.80
N ALA P 29 8.37 34.23 14.75
CA ALA P 29 7.31 34.18 13.76
C ALA P 29 5.99 33.70 14.37
N MET P 30 6.07 32.70 15.24
CA MET P 30 4.86 32.19 15.89
C MET P 30 4.22 33.27 16.78
N ILE P 31 5.04 34.00 17.53
CA ILE P 31 4.48 35.03 18.40
C ILE P 31 3.83 36.14 17.58
N HIS P 32 4.47 36.55 16.47
CA HIS P 32 3.86 37.56 15.62
C HIS P 32 2.54 37.08 15.02
N LEU P 33 2.49 35.81 14.59
CA LEU P 33 1.24 35.26 14.06
C LEU P 33 0.15 35.22 15.12
N VAL P 34 0.51 34.82 16.35
CA VAL P 34 -0.46 34.79 17.43
C VAL P 34 -0.99 36.18 17.72
N LEU P 35 -0.12 37.18 17.70
CA LEU P 35 -0.57 38.57 17.87
C LEU P 35 -1.52 38.96 16.75
N LEU P 36 -1.23 38.56 15.52
CA LEU P 36 -2.13 38.87 14.41
C LEU P 36 -3.48 38.14 14.55
N SER P 37 -3.50 37.00 15.26
CA SER P 37 -4.72 36.22 15.35
C SER P 37 -5.83 36.95 16.12
N THR P 38 -5.46 37.81 17.07
CA THR P 38 -6.44 38.48 17.90
C THR P 38 -7.14 39.59 17.12
N GLU P 39 -8.04 40.32 17.79
CA GLU P 39 -8.76 41.42 17.18
C GLU P 39 -8.40 42.78 17.76
N HIS P 40 -7.76 42.83 18.92
CA HIS P 40 -7.32 44.09 19.51
C HIS P 40 -5.88 44.42 19.18
N PHE P 41 -5.05 43.41 18.94
CA PHE P 41 -3.63 43.60 18.67
C PHE P 41 -3.27 43.42 17.20
N ASN P 42 -4.26 43.36 16.31
CA ASN P 42 -4.00 43.34 14.88
C ASN P 42 -3.81 44.78 14.41
N TRP P 43 -2.57 45.13 14.06
CA TRP P 43 -2.28 46.51 13.67
C TRP P 43 -2.65 46.82 12.23
N PHE P 44 -2.91 45.80 11.40
CA PHE P 44 -3.35 46.04 10.03
C PHE P 44 -4.80 46.49 9.98
N GLU P 45 -5.65 45.89 10.82
CA GLU P 45 -7.06 46.28 10.85
C GLU P 45 -7.27 47.59 11.58
N LEU P 46 -6.39 47.92 12.54
CA LEU P 46 -6.52 49.19 13.25
C LEU P 46 -6.30 50.38 12.35
N ALA P 47 -5.43 50.24 11.34
CA ALA P 47 -5.21 51.34 10.40
C ALA P 47 -6.47 51.63 9.59
N ALA P 48 -7.16 50.58 9.13
CA ALA P 48 -8.41 50.78 8.42
C ALA P 48 -9.51 51.30 9.34
N ALA P 49 -9.53 50.83 10.59
CA ALA P 49 -10.50 51.31 11.55
C ALA P 49 -10.30 52.80 11.86
N ASN P 50 -9.04 53.24 11.92
CA ASN P 50 -8.71 54.63 12.19
C ASN P 50 -8.69 55.47 10.91
N ALA P 51 -9.31 55.00 9.84
CA ALA P 51 -9.35 55.75 8.58
C ALA P 51 -10.80 56.04 8.16
N ASP Q 1 41.09 18.18 34.56
CA ASP Q 1 40.54 18.94 33.45
C ASP Q 1 39.59 18.09 32.62
N LEU Q 2 38.30 18.40 32.69
CA LEU Q 2 37.27 17.67 31.98
C LEU Q 2 36.95 18.37 30.68
N SER Q 3 36.97 17.63 29.58
CA SER Q 3 36.70 18.18 28.26
C SER Q 3 36.09 17.09 27.38
N PHE Q 4 35.03 17.44 26.65
CA PHE Q 4 34.39 16.52 25.72
C PHE Q 4 34.37 17.02 24.28
N THR Q 5 34.50 18.33 24.06
CA THR Q 5 34.42 18.90 22.72
C THR Q 5 35.77 19.21 22.11
N GLY Q 6 36.85 19.24 22.90
CA GLY Q 6 38.18 19.48 22.38
C GLY Q 6 38.72 20.88 22.59
N LEU Q 7 38.02 21.74 23.31
CA LEU Q 7 38.48 23.09 23.57
C LEU Q 7 39.27 23.15 24.87
N THR Q 8 39.91 24.30 25.09
CA THR Q 8 40.66 24.57 26.30
C THR Q 8 39.94 25.64 27.12
N ASP Q 9 40.56 26.03 28.24
CA ASP Q 9 39.96 27.03 29.10
C ASP Q 9 39.91 28.40 28.44
N GLU Q 10 41.03 28.82 27.85
CA GLU Q 10 41.09 30.15 27.24
C GLU Q 10 40.19 30.25 26.02
N GLN Q 11 40.14 29.20 25.19
CA GLN Q 11 39.29 29.23 24.01
C GLN Q 11 37.82 29.32 24.38
N ALA Q 12 37.40 28.53 25.37
CA ALA Q 12 36.02 28.62 25.84
C ALA Q 12 35.72 29.98 26.45
N GLN Q 13 36.68 30.54 27.19
CA GLN Q 13 36.50 31.86 27.77
C GLN Q 13 36.28 32.90 26.68
N GLU Q 14 37.10 32.86 25.62
CA GLU Q 14 36.96 33.81 24.53
C GLU Q 14 35.64 33.62 23.79
N LEU Q 15 35.24 32.37 23.55
CA LEU Q 15 33.98 32.11 22.86
C LEU Q 15 32.80 32.65 23.65
N HIS Q 16 32.78 32.40 24.96
CA HIS Q 16 31.68 32.91 25.77
C HIS Q 16 31.71 34.42 25.87
N SER Q 17 32.90 35.02 25.94
CA SER Q 17 32.99 36.47 26.00
C SER Q 17 32.46 37.12 24.73
N VAL Q 18 32.69 36.48 23.58
CA VAL Q 18 32.13 37.01 22.33
C VAL Q 18 30.62 36.78 22.29
N TYR Q 19 30.16 35.61 22.74
CA TYR Q 19 28.74 35.28 22.67
C TYR Q 19 27.90 36.21 23.54
N MET Q 20 28.39 36.55 24.73
CA MET Q 20 27.59 37.34 25.66
C MET Q 20 27.33 38.75 25.13
N SER Q 21 28.27 39.31 24.35
CA SER Q 21 28.05 40.63 23.77
C SER Q 21 26.86 40.64 22.82
N GLY Q 22 26.82 39.65 21.92
CA GLY Q 22 25.67 39.55 21.03
C GLY Q 22 24.38 39.27 21.78
N LEU Q 23 24.46 38.43 22.81
CA LEU Q 23 23.27 38.15 23.62
C LEU Q 23 22.73 39.43 24.25
N TRP Q 24 23.62 40.25 24.83
CA TRP Q 24 23.18 41.47 25.49
C TRP Q 24 22.66 42.50 24.49
N LEU Q 25 23.29 42.58 23.31
CA LEU Q 25 22.78 43.51 22.29
C LEU Q 25 21.39 43.11 21.83
N PHE Q 26 21.17 41.82 21.59
CA PHE Q 26 19.86 41.32 21.21
C PHE Q 26 18.83 41.60 22.30
N SER Q 27 19.21 41.37 23.56
CA SER Q 27 18.30 41.61 24.68
C SER Q 27 17.94 43.08 24.80
N ALA Q 28 18.94 43.98 24.62
CA ALA Q 28 18.66 45.41 24.69
C ALA Q 28 17.71 45.85 23.59
N VAL Q 29 17.94 45.37 22.36
CA VAL Q 29 17.03 45.71 21.26
C VAL Q 29 15.62 45.21 21.57
N ALA Q 30 15.51 43.98 22.07
CA ALA Q 30 14.20 43.43 22.40
C ALA Q 30 13.52 44.24 23.49
N VAL Q 31 14.27 44.67 24.50
CA VAL Q 31 13.70 45.46 25.59
C VAL Q 31 13.17 46.79 25.06
N VAL Q 32 13.95 47.46 24.20
CA VAL Q 32 13.49 48.72 23.63
C VAL Q 32 12.22 48.50 22.81
N ALA Q 33 12.18 47.45 22.00
CA ALA Q 33 11.01 47.18 21.19
C ALA Q 33 9.78 46.89 22.04
N HIS Q 34 9.94 46.08 23.10
CA HIS Q 34 8.82 45.77 23.98
C HIS Q 34 8.32 47.01 24.71
N LEU Q 35 9.24 47.88 25.14
CA LEU Q 35 8.83 49.12 25.79
C LEU Q 35 8.03 50.01 24.83
N ALA Q 36 8.52 50.15 23.60
CA ALA Q 36 7.79 50.95 22.62
C ALA Q 36 6.41 50.38 22.34
N THR Q 37 6.32 49.05 22.21
CA THR Q 37 5.04 48.41 21.96
C THR Q 37 4.08 48.63 23.14
N PHE Q 38 4.59 48.52 24.38
CA PHE Q 38 3.75 48.71 25.55
C PHE Q 38 3.24 50.15 25.61
N ILE Q 39 4.09 51.12 25.29
CA ILE Q 39 3.64 52.51 25.27
C ILE Q 39 2.60 52.70 24.18
N TRP Q 40 2.77 52.03 23.04
CA TRP Q 40 1.78 52.15 21.96
C TRP Q 40 0.43 51.54 22.36
N ARG Q 41 0.45 50.32 22.87
CA ARG Q 41 -0.78 49.58 23.19
C ARG Q 41 -0.51 48.69 24.39
N PRO Q 42 -0.79 49.16 25.60
CA PRO Q 42 -0.51 48.33 26.79
C PRO Q 42 -1.37 47.07 26.82
N TRP Q 43 -0.79 46.00 27.36
CA TRP Q 43 -1.49 44.75 27.56
C TRP Q 43 -1.70 44.41 29.02
N PHE Q 44 -1.36 45.31 29.94
CA PHE Q 44 -1.57 45.07 31.37
C PHE Q 44 -2.49 46.13 31.96
N MET R 1 31.98 43.36 20.39
CA MET R 1 31.37 43.61 19.09
C MET R 1 32.43 43.66 18.00
N SER R 2 33.64 44.06 18.37
CA SER R 2 34.75 44.11 17.42
C SER R 2 35.23 42.71 17.04
N LYS R 3 35.00 41.71 17.89
CA LYS R 3 35.41 40.35 17.62
C LYS R 3 34.34 39.55 16.89
N PHE R 4 33.35 40.22 16.30
CA PHE R 4 32.30 39.55 15.56
C PHE R 4 32.77 38.99 14.22
N TYR R 5 33.98 39.32 13.79
CA TYR R 5 34.50 38.78 12.55
C TYR R 5 34.84 37.31 12.65
N LYS R 6 34.91 36.77 13.88
CA LYS R 6 35.31 35.39 14.09
C LYS R 6 34.18 34.40 13.90
N ILE R 7 32.98 34.86 13.54
CA ILE R 7 31.88 33.96 13.25
C ILE R 7 32.18 33.12 12.01
N TRP R 8 33.12 33.55 11.18
CA TRP R 8 33.53 32.78 10.00
C TRP R 8 34.53 31.68 10.34
N LEU R 9 34.95 31.57 11.60
CA LEU R 9 35.79 30.48 12.05
C LEU R 9 34.96 29.30 12.56
N ILE R 10 33.64 29.38 12.49
CA ILE R 10 32.75 28.31 12.91
C ILE R 10 31.94 27.77 11.73
N PHE R 11 31.22 28.65 11.05
CA PHE R 11 30.39 28.27 9.91
C PHE R 11 31.15 28.44 8.60
N ASP R 12 30.92 27.54 7.67
CA ASP R 12 31.45 27.68 6.32
C ASP R 12 30.63 28.75 5.60
N PRO R 13 31.25 29.80 5.06
CA PRO R 13 30.47 30.86 4.40
C PRO R 13 29.64 30.38 3.23
N ARG R 14 30.07 29.32 2.54
CA ARG R 14 29.35 28.83 1.37
C ARG R 14 27.94 28.35 1.73
N ARG R 15 27.81 27.64 2.85
CA ARG R 15 26.49 27.21 3.30
C ARG R 15 25.64 28.39 3.75
N VAL R 16 26.25 29.30 4.52
CA VAL R 16 25.51 30.39 5.14
C VAL R 16 24.98 31.35 4.07
N PHE R 17 25.74 31.57 3.01
CA PHE R 17 25.30 32.49 1.96
C PHE R 17 24.03 31.96 1.28
N VAL R 18 24.01 30.68 0.94
CA VAL R 18 22.84 30.08 0.29
C VAL R 18 21.65 30.09 1.24
N ALA R 19 21.87 29.71 2.50
CA ALA R 19 20.76 29.71 3.46
C ALA R 19 20.20 31.11 3.64
N GLN R 20 21.07 32.11 3.74
CA GLN R 20 20.63 33.49 3.91
C GLN R 20 19.85 33.97 2.69
N GLY R 21 20.31 33.65 1.49
CA GLY R 21 19.58 34.06 0.30
C GLY R 21 18.19 33.46 0.23
N VAL R 22 18.09 32.15 0.49
CA VAL R 22 16.78 31.50 0.45
C VAL R 22 15.86 32.09 1.52
N PHE R 23 16.37 32.28 2.73
CA PHE R 23 15.56 32.82 3.81
C PHE R 23 15.09 34.24 3.49
N LEU R 24 15.99 35.08 2.95
CA LEU R 24 15.64 36.46 2.64
C LEU R 24 14.55 36.53 1.58
N PHE R 25 14.71 35.75 0.50
CA PHE R 25 13.69 35.79 -0.55
C PHE R 25 12.35 35.28 -0.02
N LEU R 26 12.36 34.19 0.75
CA LEU R 26 11.12 33.65 1.27
C LEU R 26 10.43 34.64 2.20
N LEU R 27 11.20 35.30 3.07
CA LEU R 27 10.62 36.27 3.98
C LEU R 27 10.02 37.46 3.23
N ALA R 28 10.74 37.97 2.23
CA ALA R 28 10.22 39.10 1.46
C ALA R 28 8.93 38.73 0.74
N ALA R 29 8.91 37.55 0.11
CA ALA R 29 7.70 37.11 -0.59
C ALA R 29 6.54 36.92 0.37
N MET R 30 6.81 36.33 1.54
CA MET R 30 5.76 36.12 2.53
C MET R 30 5.18 37.43 3.02
N ILE R 31 6.03 38.42 3.31
CA ILE R 31 5.54 39.71 3.78
C ILE R 31 4.73 40.41 2.70
N HIS R 32 5.23 40.41 1.46
CA HIS R 32 4.50 41.04 0.37
C HIS R 32 3.14 40.38 0.15
N LEU R 33 3.08 39.05 0.32
CA LEU R 33 1.81 38.35 0.16
C LEU R 33 0.86 38.64 1.33
N VAL R 34 1.39 38.77 2.53
CA VAL R 34 0.56 39.10 3.68
C VAL R 34 -0.06 40.48 3.53
N LEU R 35 0.69 41.42 2.94
CA LEU R 35 0.14 42.75 2.71
C LEU R 35 -1.05 42.70 1.76
N LEU R 36 -0.97 41.88 0.72
CA LEU R 36 -2.05 41.79 -0.27
C LEU R 36 -3.34 41.23 0.31
N SER R 37 -3.28 40.44 1.37
CA SER R 37 -4.47 39.76 1.88
C SER R 37 -5.40 40.69 2.65
N THR R 38 -4.97 41.90 2.97
CA THR R 38 -5.83 42.87 3.63
C THR R 38 -6.61 43.65 2.58
N GLU R 39 -7.42 44.61 3.04
CA GLU R 39 -8.16 45.48 2.14
C GLU R 39 -7.67 46.92 2.14
N HIS R 40 -6.96 47.35 3.18
CA HIS R 40 -6.44 48.71 3.25
C HIS R 40 -5.05 48.84 2.66
N PHE R 41 -4.33 47.72 2.46
CA PHE R 41 -2.96 47.75 1.95
C PHE R 41 -2.81 47.02 0.63
N ASN R 42 -3.90 46.74 -0.06
CA ASN R 42 -3.85 46.15 -1.39
C ASN R 42 -3.80 47.28 -2.41
N TRP R 43 -2.62 47.49 -3.02
CA TRP R 43 -2.47 48.61 -3.93
C TRP R 43 -3.19 48.38 -5.25
N PHE R 44 -3.38 47.12 -5.66
CA PHE R 44 -4.17 46.83 -6.85
C PHE R 44 -5.62 47.28 -6.66
N GLU R 45 -6.24 46.88 -5.56
CA GLU R 45 -7.61 47.29 -5.26
C GLU R 45 -7.72 48.79 -5.01
N LEU R 46 -6.71 49.39 -4.36
CA LEU R 46 -6.72 50.83 -4.15
C LEU R 46 -6.67 51.58 -5.47
N ALA R 47 -5.84 51.13 -6.40
CA ALA R 47 -5.79 51.75 -7.72
C ALA R 47 -7.10 51.55 -8.48
N ALA R 48 -7.69 50.36 -8.35
CA ALA R 48 -8.97 50.10 -9.03
C ALA R 48 -10.07 51.01 -8.49
N ALA R 49 -10.12 51.21 -7.17
CA ALA R 49 -11.17 52.03 -6.57
C ALA R 49 -10.93 53.51 -6.75
N ASN R 50 -9.74 53.92 -7.17
CA ASN R 50 -9.41 55.33 -7.34
C ASN R 50 -9.68 55.85 -8.74
N ALA R 51 -10.22 55.03 -9.63
CA ALA R 51 -10.50 55.47 -10.99
C ALA R 51 -12.01 55.62 -11.21
N ASP S 1 45.14 29.27 18.04
CA ASP S 1 43.80 29.79 17.80
C ASP S 1 42.88 28.69 17.26
N LEU S 2 41.61 28.74 17.67
CA LEU S 2 40.64 27.72 17.32
C LEU S 2 39.97 28.06 16.00
N SER S 3 39.96 27.10 15.06
CA SER S 3 39.36 27.31 13.75
C SER S 3 38.81 25.99 13.23
N PHE S 4 37.53 25.99 12.88
CA PHE S 4 36.85 24.80 12.37
C PHE S 4 36.74 24.77 10.84
N THR S 5 36.87 25.91 10.18
CA THR S 5 36.63 25.99 8.74
C THR S 5 37.90 26.04 7.91
N GLY S 6 39.04 26.35 8.52
CA GLY S 6 40.30 26.46 7.80
C GLY S 6 40.72 27.87 7.47
N LEU S 7 39.91 28.87 7.80
CA LEU S 7 40.29 30.27 7.58
C LEU S 7 41.18 30.77 8.72
N THR S 8 41.92 31.83 8.42
CA THR S 8 42.76 32.50 9.41
C THR S 8 42.13 33.84 9.79
N ASP S 9 42.74 34.51 10.75
CA ASP S 9 42.14 35.71 11.33
C ASP S 9 41.99 36.83 10.29
N GLU S 10 43.04 37.07 9.49
CA GLU S 10 43.01 38.18 8.54
C GLU S 10 41.94 37.98 7.47
N GLN S 11 41.84 36.76 6.94
CA GLN S 11 40.83 36.47 5.93
C GLN S 11 39.43 36.62 6.49
N ALA S 12 39.23 36.19 7.74
CA ALA S 12 37.93 36.38 8.40
C ALA S 12 37.62 37.87 8.56
N GLN S 13 38.61 38.67 8.94
CA GLN S 13 38.40 40.11 9.06
C GLN S 13 37.97 40.72 7.74
N GLU S 14 38.66 40.35 6.65
CA GLU S 14 38.32 40.90 5.34
C GLU S 14 36.92 40.48 4.91
N LEU S 15 36.59 39.22 5.09
CA LEU S 15 35.28 38.76 4.71
C LEU S 15 34.25 39.52 5.50
N HIS S 16 34.39 39.60 6.83
CA HIS S 16 33.40 40.26 7.65
C HIS S 16 33.23 41.72 7.24
N SER S 17 34.33 42.39 6.86
CA SER S 17 34.21 43.77 6.39
C SER S 17 33.35 43.85 5.13
N VAL S 18 33.61 42.97 4.16
CA VAL S 18 32.81 42.98 2.93
C VAL S 18 31.35 42.68 3.24
N TYR S 19 31.11 41.68 4.10
CA TYR S 19 29.74 41.30 4.45
C TYR S 19 29.00 42.45 5.13
N MET S 20 29.68 43.16 6.04
CA MET S 20 29.04 44.27 6.73
C MET S 20 28.75 45.41 5.78
N SER S 21 29.63 45.67 4.81
CA SER S 21 29.34 46.70 3.82
C SER S 21 28.08 46.36 3.02
N GLY S 22 27.98 45.11 2.58
CA GLY S 22 26.77 44.70 1.86
C GLY S 22 25.53 44.80 2.72
N LEU S 23 25.63 44.39 3.99
CA LEU S 23 24.50 44.47 4.91
C LEU S 23 24.05 45.92 5.10
N TRP S 24 25.00 46.84 5.25
CA TRP S 24 24.63 48.24 5.45
C TRP S 24 23.97 48.82 4.21
N LEU S 25 24.46 48.46 3.01
CA LEU S 25 23.80 48.91 1.79
C LEU S 25 22.36 48.42 1.74
N PHE S 26 22.16 47.13 2.02
CA PHE S 26 20.81 46.57 2.02
C PHE S 26 19.91 47.28 3.03
N SER S 27 20.43 47.53 4.23
CA SER S 27 19.65 48.18 5.27
C SER S 27 19.28 49.61 4.89
N ALA S 28 20.19 50.34 4.25
CA ALA S 28 19.86 51.70 3.82
C ALA S 28 18.76 51.70 2.76
N VAL S 29 18.84 50.77 1.80
CA VAL S 29 17.79 50.69 0.78
C VAL S 29 16.45 50.35 1.45
N ALA S 30 16.46 49.41 2.39
CA ALA S 30 15.23 49.03 3.08
C ALA S 30 14.66 50.19 3.88
N VAL S 31 15.53 51.00 4.49
CA VAL S 31 15.08 52.15 5.26
C VAL S 31 14.39 53.15 4.34
N VAL S 32 14.97 53.41 3.17
CA VAL S 32 14.34 54.32 2.22
C VAL S 32 12.97 53.79 1.80
N ALA S 33 12.89 52.49 1.52
CA ALA S 33 11.62 51.90 1.10
C ALA S 33 10.56 52.02 2.18
N HIS S 34 10.93 51.70 3.43
CA HIS S 34 9.97 51.79 4.53
C HIS S 34 9.52 53.22 4.78
N LEU S 35 10.44 54.18 4.67
CA LEU S 35 10.07 55.59 4.84
C LEU S 35 9.06 56.00 3.77
N ALA S 36 9.32 55.66 2.51
CA ALA S 36 8.39 56.01 1.44
C ALA S 36 7.03 55.37 1.66
N THR S 37 7.01 54.09 2.05
CA THR S 37 5.75 53.40 2.28
C THR S 37 4.96 54.05 3.42
N PHE S 38 5.64 54.38 4.51
CA PHE S 38 4.94 55.00 5.65
C PHE S 38 4.39 56.36 5.27
N ILE S 39 5.14 57.13 4.47
CA ILE S 39 4.61 58.43 4.03
C ILE S 39 3.37 58.23 3.16
N TRP S 40 3.40 57.24 2.26
CA TRP S 40 2.27 57.02 1.37
C TRP S 40 1.03 56.57 2.14
N ARG S 41 1.11 55.51 2.97
CA ARG S 41 -0.05 54.95 3.70
C ARG S 41 0.43 54.50 5.09
N PRO S 42 0.33 55.32 6.20
CA PRO S 42 0.96 55.02 7.49
C PRO S 42 0.20 54.01 8.32
N TRP S 43 0.91 53.02 8.86
CA TRP S 43 0.38 52.18 9.91
C TRP S 43 0.68 52.86 11.25
N PHE S 44 0.52 52.11 12.34
CA PHE S 44 0.62 52.66 13.70
C PHE S 44 -0.41 53.77 13.92
N MET T 1 30.18 48.36 -2.40
CA MET T 1 31.61 48.32 -2.10
C MET T 1 32.42 48.09 -3.36
N SER T 2 33.64 48.63 -3.38
CA SER T 2 34.54 48.42 -4.51
C SER T 2 35.05 47.00 -4.59
N LYS T 3 35.01 46.25 -3.48
CA LYS T 3 35.54 44.89 -3.42
C LYS T 3 34.44 43.84 -3.45
N PHE T 4 33.39 44.05 -4.24
CA PHE T 4 32.32 43.07 -4.39
C PHE T 4 32.65 42.01 -5.43
N TYR T 5 33.83 42.05 -6.02
CA TYR T 5 34.24 41.04 -7.00
C TYR T 5 34.75 39.76 -6.35
N LYS T 6 34.89 39.72 -5.03
CA LYS T 6 35.39 38.55 -4.34
C LYS T 6 34.32 37.51 -4.07
N ILE T 7 33.06 37.78 -4.45
CA ILE T 7 32.01 36.77 -4.35
C ILE T 7 32.29 35.60 -5.27
N TRP T 8 33.05 35.83 -6.34
CA TRP T 8 33.40 34.78 -7.29
C TRP T 8 34.56 33.92 -6.83
N LEU T 9 35.21 34.29 -5.72
CA LEU T 9 36.16 33.42 -5.05
C LEU T 9 35.50 32.56 -3.99
N ILE T 10 34.21 32.67 -3.77
CA ILE T 10 33.48 31.84 -2.81
C ILE T 10 32.50 30.94 -3.54
N PHE T 11 31.90 31.42 -4.62
CA PHE T 11 30.88 30.67 -5.34
C PHE T 11 31.26 30.28 -6.76
N ASP T 12 30.76 29.16 -7.25
CA ASP T 12 31.04 28.69 -8.60
C ASP T 12 30.12 29.41 -9.59
N PRO T 13 30.67 30.10 -10.59
CA PRO T 13 29.81 30.89 -11.50
C PRO T 13 28.77 30.07 -12.25
N ARG T 14 29.05 28.80 -12.59
CA ARG T 14 28.12 28.04 -13.43
C ARG T 14 26.81 27.76 -12.68
N ARG T 15 26.91 27.24 -11.46
CA ARG T 15 25.70 26.94 -10.69
C ARG T 15 24.91 28.20 -10.40
N VAL T 16 25.62 29.28 -10.06
CA VAL T 16 24.96 30.57 -9.78
C VAL T 16 24.21 31.05 -11.02
N PHE T 17 24.85 30.96 -12.19
CA PHE T 17 24.21 31.41 -13.42
C PHE T 17 22.96 30.61 -13.72
N VAL T 18 23.03 29.28 -13.57
CA VAL T 18 21.86 28.44 -13.85
C VAL T 18 20.71 28.77 -12.90
N ALA T 19 21.03 28.89 -11.60
CA ALA T 19 19.99 29.18 -10.61
C ALA T 19 19.37 30.54 -10.85
N GLN T 20 20.18 31.54 -11.15
CA GLN T 20 19.65 32.89 -11.40
C GLN T 20 18.81 32.92 -12.67
N GLY T 21 19.23 32.20 -13.71
CA GLY T 21 18.43 32.11 -14.92
C GLY T 21 17.07 31.49 -14.68
N VAL T 22 17.01 30.44 -13.86
CA VAL T 22 15.71 29.86 -13.51
C VAL T 22 14.89 30.85 -12.70
N PHE T 23 15.52 31.50 -11.72
CA PHE T 23 14.81 32.38 -10.79
C PHE T 23 14.19 33.57 -11.51
N LEU T 24 14.92 34.18 -12.44
CA LEU T 24 14.42 35.38 -13.10
C LEU T 24 13.16 35.07 -13.93
N PHE T 25 13.21 33.98 -14.69
CA PHE T 25 12.04 33.62 -15.50
C PHE T 25 10.86 33.23 -14.62
N LEU T 26 11.10 32.50 -13.53
CA LEU T 26 10.01 32.14 -12.64
C LEU T 26 9.36 33.38 -12.04
N LEU T 27 10.18 34.34 -11.59
CA LEU T 27 9.65 35.57 -11.02
C LEU T 27 8.84 36.35 -12.03
N ALA T 28 9.36 36.48 -13.27
CA ALA T 28 8.65 37.24 -14.29
C ALA T 28 7.31 36.59 -14.62
N ALA T 29 7.29 35.26 -14.76
CA ALA T 29 6.04 34.56 -15.06
C ALA T 29 5.04 34.73 -13.92
N MET T 30 5.51 34.63 -12.67
CA MET T 30 4.59 34.81 -11.54
C MET T 30 4.01 36.22 -11.51
N ILE T 31 4.84 37.23 -11.77
CA ILE T 31 4.34 38.60 -11.75
C ILE T 31 3.32 38.84 -12.86
N HIS T 32 3.62 38.37 -14.07
CA HIS T 32 2.66 38.54 -15.17
C HIS T 32 1.35 37.81 -14.86
N LEU T 33 1.43 36.61 -14.29
CA LEU T 33 0.20 35.87 -13.96
C LEU T 33 -0.58 36.57 -12.86
N VAL T 34 0.11 37.13 -11.85
CA VAL T 34 -0.58 37.86 -10.80
C VAL T 34 -1.29 39.08 -11.38
N LEU T 35 -0.65 39.75 -12.35
CA LEU T 35 -1.31 40.85 -13.03
C LEU T 35 -2.56 40.38 -13.78
N LEU T 36 -2.49 39.21 -14.41
CA LEU T 36 -3.62 38.73 -15.20
C LEU T 36 -4.82 38.31 -14.33
N SER T 37 -4.62 38.10 -13.03
CA SER T 37 -5.69 37.64 -12.16
C SER T 37 -6.49 38.76 -11.52
N THR T 38 -6.19 40.02 -11.85
CA THR T 38 -6.94 41.15 -11.34
C THR T 38 -7.97 41.60 -12.37
N GLU T 39 -8.62 42.72 -12.07
CA GLU T 39 -9.62 43.31 -12.96
C GLU T 39 -9.19 44.62 -13.58
N HIS T 40 -8.44 45.45 -12.85
CA HIS T 40 -8.00 46.74 -13.36
C HIS T 40 -6.78 46.65 -14.26
N PHE T 41 -6.07 45.52 -14.27
CA PHE T 41 -4.82 45.40 -15.01
C PHE T 41 -4.80 44.24 -16.00
N ASN T 42 -5.92 43.55 -16.19
CA ASN T 42 -6.01 42.49 -17.19
C ASN T 42 -6.17 43.13 -18.56
N TRP T 43 -5.15 43.00 -19.41
CA TRP T 43 -5.17 43.72 -20.69
C TRP T 43 -6.04 43.03 -21.73
N PHE T 44 -6.22 41.71 -21.64
CA PHE T 44 -7.14 41.03 -22.56
C PHE T 44 -8.57 41.51 -22.35
N GLU T 45 -9.02 41.54 -21.09
CA GLU T 45 -10.36 42.01 -20.80
C GLU T 45 -10.51 43.50 -21.06
N LEU T 46 -9.45 44.28 -20.83
CA LEU T 46 -9.49 45.70 -21.14
C LEU T 46 -9.64 45.93 -22.64
N ALA T 47 -8.93 45.14 -23.45
CA ALA T 47 -9.09 45.23 -24.90
C ALA T 47 -10.49 44.80 -25.32
N ALA T 48 -11.03 43.75 -24.70
CA ALA T 48 -12.37 43.29 -25.03
C ALA T 48 -13.42 44.35 -24.70
N ALA T 49 -13.26 45.03 -23.57
CA ALA T 49 -14.25 46.03 -23.16
C ALA T 49 -14.22 47.26 -24.07
N ASN T 50 -13.02 47.68 -24.49
CA ASN T 50 -12.88 48.89 -25.29
C ASN T 50 -13.24 48.68 -26.76
N ALA T 51 -13.46 47.46 -27.19
CA ALA T 51 -13.81 47.17 -28.58
C ALA T 51 -15.29 47.43 -28.82
N ASP U 1 46.06 34.11 -1.46
CA ASP U 1 44.90 34.52 -0.68
C ASP U 1 43.83 33.45 -0.68
N LEU U 2 42.73 33.71 0.01
CA LEU U 2 41.65 32.72 0.12
C LEU U 2 40.93 32.57 -1.22
N SER U 3 40.70 31.33 -1.61
CA SER U 3 39.99 31.04 -2.86
C SER U 3 39.40 29.64 -2.76
N PHE U 4 38.08 29.54 -2.66
CA PHE U 4 37.39 28.26 -2.57
C PHE U 4 37.15 27.62 -3.92
N THR U 5 37.32 28.34 -5.02
CA THR U 5 37.04 27.84 -6.35
C THR U 5 38.26 27.69 -7.24
N GLY U 6 39.44 28.10 -6.77
CA GLY U 6 40.65 28.01 -7.56
C GLY U 6 40.92 29.19 -8.46
N LEU U 7 40.07 30.21 -8.43
CA LEU U 7 40.25 31.39 -9.26
C LEU U 7 41.29 32.32 -8.64
N THR U 8 41.73 33.30 -9.44
CA THR U 8 42.63 34.35 -8.99
C THR U 8 41.91 35.69 -9.00
N ASP U 9 42.57 36.70 -8.45
CA ASP U 9 41.93 38.01 -8.25
C ASP U 9 41.57 38.66 -9.58
N GLU U 10 42.48 38.64 -10.55
CA GLU U 10 42.25 39.34 -11.82
C GLU U 10 41.07 38.72 -12.58
N GLN U 11 41.00 37.39 -12.61
CA GLN U 11 39.89 36.73 -13.29
C GLN U 11 38.56 37.07 -12.63
N ALA U 12 38.54 37.12 -11.29
CA ALA U 12 37.31 37.50 -10.59
C ALA U 12 36.93 38.93 -10.91
N GLN U 13 37.91 39.84 -10.99
CA GLN U 13 37.61 41.23 -11.34
C GLN U 13 36.99 41.31 -12.73
N GLU U 14 37.56 40.59 -13.69
CA GLU U 14 37.02 40.61 -15.05
C GLU U 14 35.60 40.06 -15.08
N LEU U 15 35.38 38.93 -14.42
CA LEU U 15 34.06 38.30 -14.41
C LEU U 15 33.02 39.22 -13.78
N HIS U 16 33.38 39.85 -12.66
CA HIS U 16 32.45 40.75 -11.99
C HIS U 16 32.15 41.97 -12.84
N SER U 17 33.15 42.49 -13.55
CA SER U 17 32.91 43.65 -14.41
C SER U 17 31.89 43.32 -15.51
N VAL U 18 32.07 42.17 -16.17
CA VAL U 18 31.12 41.80 -17.23
C VAL U 18 29.72 41.54 -16.64
N TYR U 19 29.67 40.88 -15.48
CA TYR U 19 28.37 40.62 -14.85
C TYR U 19 27.66 41.92 -14.49
N MET U 20 28.42 42.88 -14.00
CA MET U 20 27.84 44.12 -13.64
C MET U 20 27.34 44.85 -14.83
N SER U 21 28.04 44.85 -15.93
CA SER U 21 27.56 45.46 -17.17
C SER U 21 26.22 44.86 -17.60
N GLY U 22 26.14 43.53 -17.59
CA GLY U 22 24.88 42.88 -17.95
C GLY U 22 23.74 43.24 -17.01
N LEU U 23 24.03 43.30 -15.70
CA LEU U 23 23.01 43.66 -14.73
C LEU U 23 22.48 45.07 -14.97
N TRP U 24 23.38 46.01 -15.26
CA TRP U 24 22.95 47.38 -15.51
C TRP U 24 22.10 47.47 -16.78
N LEU U 25 22.48 46.73 -17.83
CA LEU U 25 21.65 46.72 -19.04
C LEU U 25 20.25 46.20 -18.75
N PHE U 26 20.16 45.09 -18.01
CA PHE U 26 18.86 44.52 -17.66
C PHE U 26 18.04 45.51 -16.85
N SER U 27 18.67 46.17 -15.88
CA SER U 27 17.95 47.12 -15.04
C SER U 27 17.46 48.32 -15.84
N ALA U 28 18.25 48.80 -16.80
CA ALA U 28 17.80 49.92 -17.62
C ALA U 28 16.59 49.54 -18.46
N VAL U 29 16.61 48.34 -19.06
CA VAL U 29 15.45 47.92 -19.85
C VAL U 29 14.22 47.79 -18.96
N ALA U 30 14.39 47.22 -17.77
CA ALA U 30 13.25 47.10 -16.85
C ALA U 30 12.72 48.46 -16.44
N VAL U 31 13.60 49.43 -16.22
CA VAL U 31 13.17 50.77 -15.84
C VAL U 31 12.34 51.41 -16.94
N VAL U 32 12.79 51.27 -18.20
CA VAL U 32 12.02 51.82 -19.31
C VAL U 32 10.65 51.18 -19.37
N ALA U 33 10.59 49.85 -19.21
CA ALA U 33 9.30 49.15 -19.26
C ALA U 33 8.38 49.61 -18.15
N HIS U 34 8.90 49.76 -16.93
CA HIS U 34 8.08 50.21 -15.81
C HIS U 34 7.56 51.62 -16.03
N LEU U 35 8.40 52.52 -16.55
CA LEU U 35 7.94 53.88 -16.80
C LEU U 35 6.82 53.90 -17.84
N ALA U 36 6.98 53.14 -18.93
CA ALA U 36 5.92 53.09 -19.94
C ALA U 36 4.64 52.53 -19.35
N THR U 37 4.73 51.46 -18.55
CA THR U 37 3.54 50.86 -17.97
C THR U 37 2.84 51.83 -17.02
N PHE U 38 3.62 52.55 -16.20
CA PHE U 38 3.03 53.53 -15.30
C PHE U 38 2.32 54.64 -16.06
N ILE U 39 2.91 55.10 -17.17
CA ILE U 39 2.24 56.11 -17.97
C ILE U 39 0.93 55.57 -18.54
N TRP U 40 0.92 54.32 -18.99
CA TRP U 40 -0.30 53.75 -19.57
C TRP U 40 -1.39 53.58 -18.52
N ARG U 41 -1.08 52.94 -17.40
CA ARG U 41 -2.05 52.65 -16.35
C ARG U 41 -1.39 52.83 -14.99
N PRO U 42 -1.57 53.99 -14.36
CA PRO U 42 -0.84 54.27 -13.11
C PRO U 42 -1.38 53.50 -11.93
N TRP U 43 -0.49 52.84 -11.20
CA TRP U 43 -0.76 52.40 -9.83
C TRP U 43 -0.29 53.48 -8.88
N PHE U 44 -0.39 53.21 -7.58
CA PHE U 44 -0.16 54.21 -6.54
C PHE U 44 -1.11 55.39 -6.72
N MET V 1 29.75 44.74 -22.18
CA MET V 1 28.97 44.65 -23.40
C MET V 1 29.81 44.18 -24.53
N SER V 2 30.98 44.79 -24.73
CA SER V 2 31.81 44.20 -25.78
C SER V 2 32.44 42.88 -25.35
N LYS V 3 32.30 42.48 -24.09
CA LYS V 3 32.88 41.25 -23.59
C LYS V 3 31.82 40.19 -23.27
N PHE V 4 30.64 40.29 -23.89
CA PHE V 4 29.61 39.28 -23.66
C PHE V 4 29.93 37.95 -24.30
N TYR V 5 30.92 37.91 -25.21
CA TYR V 5 31.30 36.66 -25.86
C TYR V 5 31.98 35.68 -24.91
N LYS V 6 32.39 36.12 -23.72
CA LYS V 6 33.08 35.26 -22.77
C LYS V 6 32.14 34.36 -21.99
N ILE V 7 30.84 34.37 -22.33
CA ILE V 7 29.91 33.43 -21.70
C ILE V 7 30.16 32.02 -22.17
N TRP V 8 30.73 31.83 -23.36
CA TRP V 8 31.00 30.51 -23.90
C TRP V 8 32.28 29.90 -23.36
N LEU V 9 33.05 30.65 -22.58
CA LEU V 9 34.14 30.07 -21.80
C LEU V 9 33.65 29.48 -20.48
N ILE V 10 32.35 29.63 -20.17
CA ILE V 10 31.75 29.10 -18.97
C ILE V 10 30.71 28.02 -19.27
N PHE V 11 29.90 28.23 -20.31
CA PHE V 11 28.83 27.31 -20.67
C PHE V 11 29.17 26.60 -21.98
N ASP V 12 28.88 25.31 -22.03
CA ASP V 12 29.08 24.55 -23.25
C ASP V 12 27.95 24.82 -24.23
N PRO V 13 28.26 25.24 -25.46
CA PRO V 13 27.18 25.59 -26.41
C PRO V 13 26.23 24.44 -26.74
N ARG V 14 26.71 23.19 -26.67
CA ARG V 14 25.88 22.06 -27.06
C ARG V 14 24.66 21.92 -26.14
N ARG V 15 24.86 22.09 -24.84
CA ARG V 15 23.74 22.00 -23.88
C ARG V 15 22.87 23.25 -23.94
N VAL V 16 23.50 24.41 -24.10
CA VAL V 16 22.77 25.67 -24.11
C VAL V 16 21.81 25.73 -25.29
N PHE V 17 22.25 25.25 -26.46
CA PHE V 17 21.38 25.29 -27.64
C PHE V 17 20.14 24.42 -27.44
N VAL V 18 20.32 23.22 -26.89
CA VAL V 18 19.20 22.32 -26.68
C VAL V 18 18.22 22.92 -25.67
N ALA V 19 18.75 23.43 -24.55
CA ALA V 19 17.90 24.03 -23.54
C ALA V 19 17.13 25.22 -24.10
N GLN V 20 17.82 26.07 -24.87
CA GLN V 20 17.17 27.25 -25.44
C GLN V 20 16.08 26.86 -26.44
N GLY V 21 16.33 25.85 -27.27
CA GLY V 21 15.30 25.40 -28.20
C GLY V 21 14.07 24.87 -27.49
N VAL V 22 14.27 24.03 -26.47
CA VAL V 22 13.14 23.49 -25.72
C VAL V 22 12.36 24.63 -25.06
N PHE V 23 13.08 25.57 -24.44
CA PHE V 23 12.43 26.70 -23.78
C PHE V 23 11.62 27.54 -24.76
N LEU V 24 12.20 27.83 -25.93
CA LEU V 24 11.51 28.66 -26.91
C LEU V 24 10.25 27.98 -27.43
N PHE V 25 10.33 26.68 -27.75
CA PHE V 25 9.14 26.00 -28.24
C PHE V 25 8.06 25.95 -27.17
N LEU V 26 8.43 25.65 -25.92
CA LEU V 26 7.44 25.60 -24.85
C LEU V 26 6.79 26.95 -24.63
N LEU V 27 7.58 28.03 -24.64
CA LEU V 27 7.02 29.37 -24.45
C LEU V 27 6.07 29.73 -25.59
N ALA V 28 6.47 29.46 -26.83
CA ALA V 28 5.60 29.77 -27.96
C ALA V 28 4.29 28.99 -27.88
N ALA V 29 4.36 27.70 -27.54
CA ALA V 29 3.15 26.91 -27.41
C ALA V 29 2.25 27.44 -26.30
N MET V 30 2.84 27.82 -25.16
CA MET V 30 2.05 28.33 -24.05
C MET V 30 1.34 29.62 -24.44
N ILE V 31 2.03 30.52 -25.13
CA ILE V 31 1.41 31.79 -25.51
C ILE V 31 0.31 31.57 -26.54
N HIS V 32 0.59 30.77 -27.57
CA HIS V 32 -0.42 30.47 -28.59
C HIS V 32 -1.64 29.80 -27.97
N LEU V 33 -1.45 29.01 -26.91
CA LEU V 33 -2.58 28.39 -26.24
C LEU V 33 -3.34 29.37 -25.36
N VAL V 34 -2.62 30.28 -24.69
CA VAL V 34 -3.27 31.26 -23.82
C VAL V 34 -4.16 32.19 -24.64
N LEU V 35 -3.73 32.54 -25.85
CA LEU V 35 -4.58 33.37 -26.71
C LEU V 35 -5.88 32.66 -27.07
N LEU V 36 -5.86 31.33 -27.15
CA LEU V 36 -7.05 30.57 -27.56
C LEU V 36 -8.04 30.34 -26.43
N SER V 37 -7.67 30.63 -25.19
CA SER V 37 -8.58 30.44 -24.05
C SER V 37 -9.46 31.65 -23.78
N THR V 38 -9.33 32.71 -24.57
CA THR V 38 -10.15 33.89 -24.44
C THR V 38 -11.22 33.91 -25.53
N GLU V 39 -11.96 35.00 -25.62
CA GLU V 39 -12.98 35.17 -26.65
C GLU V 39 -12.64 36.26 -27.65
N HIS V 40 -11.86 37.27 -27.25
CA HIS V 40 -11.54 38.37 -28.14
C HIS V 40 -10.46 37.99 -29.17
N PHE V 41 -9.55 37.09 -28.81
CA PHE V 41 -8.42 36.76 -29.68
C PHE V 41 -8.44 35.32 -30.18
N ASN V 42 -9.52 34.58 -29.96
CA ASN V 42 -9.65 33.21 -30.46
C ASN V 42 -10.04 33.27 -31.93
N TRP V 43 -9.09 32.98 -32.82
CA TRP V 43 -9.34 33.21 -34.24
C TRP V 43 -10.29 32.18 -34.84
N PHE V 44 -10.37 30.98 -34.27
CA PHE V 44 -11.32 29.99 -34.78
C PHE V 44 -12.76 30.44 -34.54
N GLU V 45 -13.07 30.88 -33.33
CA GLU V 45 -14.42 31.34 -33.03
C GLU V 45 -14.74 32.62 -33.77
N LEU V 46 -13.76 33.50 -33.94
CA LEU V 46 -13.98 34.71 -34.74
C LEU V 46 -14.29 34.38 -36.19
N ALA V 47 -13.57 33.41 -36.76
CA ALA V 47 -13.87 32.97 -38.12
C ALA V 47 -15.26 32.36 -38.21
N ALA V 48 -15.65 31.58 -37.19
CA ALA V 48 -16.99 31.01 -37.18
C ALA V 48 -18.06 32.09 -37.10
N ALA V 49 -17.82 33.13 -36.30
CA ALA V 49 -18.85 34.16 -36.09
C ALA V 49 -19.01 35.05 -37.31
N ASN V 50 -17.92 35.30 -38.04
CA ASN V 50 -17.97 36.18 -39.20
C ASN V 50 -18.50 35.49 -40.45
N ALA V 51 -19.11 34.32 -40.31
CA ALA V 51 -19.66 33.60 -41.46
C ALA V 51 -21.03 33.03 -41.13
N ASP W 1 43.90 33.06 -17.89
CA ASP W 1 42.74 32.94 -18.75
C ASP W 1 41.79 31.85 -18.25
N LEU W 2 40.57 32.24 -17.91
CA LEU W 2 39.65 31.26 -17.39
C LEU W 2 38.96 30.55 -18.53
N SER W 3 38.76 29.26 -18.41
CA SER W 3 38.05 28.46 -19.41
C SER W 3 37.61 27.16 -18.76
N PHE W 4 36.30 26.96 -18.65
CA PHE W 4 35.76 25.71 -18.13
C PHE W 4 35.39 24.73 -19.23
N THR W 5 35.08 25.22 -20.43
CA THR W 5 34.71 24.38 -21.55
C THR W 5 35.88 24.02 -22.45
N GLY W 6 37.07 24.56 -22.18
CA GLY W 6 38.23 24.27 -23.00
C GLY W 6 38.34 25.07 -24.27
N LEU W 7 37.54 26.13 -24.43
CA LEU W 7 37.58 26.94 -25.63
C LEU W 7 38.69 27.99 -25.53
N THR W 8 38.95 28.64 -26.66
CA THR W 8 39.87 29.76 -26.75
C THR W 8 39.08 31.05 -26.92
N ASP W 9 39.78 32.18 -26.70
CA ASP W 9 39.13 33.49 -26.81
C ASP W 9 38.61 33.73 -28.23
N GLU W 10 39.44 33.44 -29.24
CA GLU W 10 39.04 33.67 -30.62
C GLU W 10 37.85 32.78 -31.00
N GLN W 11 37.85 31.53 -30.52
CA GLN W 11 36.73 30.64 -30.78
C GLN W 11 35.44 31.19 -30.18
N ALA W 12 35.52 31.73 -28.96
CA ALA W 12 34.35 32.32 -28.33
C ALA W 12 33.84 33.52 -29.11
N GLN W 13 34.74 34.38 -29.58
CA GLN W 13 34.32 35.53 -30.38
C GLN W 13 33.62 35.08 -31.67
N GLU W 14 34.20 34.10 -32.35
CA GLU W 14 33.65 33.64 -33.61
C GLU W 14 32.29 32.96 -33.40
N LEU W 15 32.12 32.27 -32.27
CA LEU W 15 30.83 31.67 -31.96
C LEU W 15 29.78 32.75 -31.67
N HIS W 16 30.15 33.75 -30.86
CA HIS W 16 29.21 34.78 -30.47
C HIS W 16 28.74 35.61 -31.67
N SER W 17 29.63 35.84 -32.64
CA SER W 17 29.23 36.59 -33.83
C SER W 17 28.04 35.94 -34.52
N VAL W 18 28.14 34.64 -34.82
CA VAL W 18 27.06 33.94 -35.50
C VAL W 18 25.84 33.82 -34.60
N TYR W 19 26.04 33.63 -33.29
CA TYR W 19 24.89 33.56 -32.38
C TYR W 19 24.07 34.84 -32.44
N MET W 20 24.73 36.00 -32.36
CA MET W 20 24.00 37.26 -32.43
C MET W 20 23.39 37.47 -33.81
N SER W 21 24.08 37.01 -34.86
CA SER W 21 23.52 37.12 -36.21
C SER W 21 22.19 36.40 -36.31
N GLY W 22 22.11 35.19 -35.75
CA GLY W 22 20.83 34.48 -35.73
C GLY W 22 19.79 35.11 -34.84
N LEU W 23 20.21 35.62 -33.67
CA LEU W 23 19.27 36.23 -32.74
C LEU W 23 18.58 37.44 -33.35
N TRP W 24 19.34 38.26 -34.08
CA TRP W 24 18.74 39.45 -34.69
C TRP W 24 17.70 39.08 -35.74
N LEU W 25 17.96 38.04 -36.54
CA LEU W 25 16.97 37.59 -37.52
C LEU W 25 15.71 37.07 -36.84
N PHE W 26 15.87 36.29 -35.78
CA PHE W 26 14.71 35.80 -35.04
C PHE W 26 13.88 36.95 -34.50
N SER W 27 14.55 37.94 -33.90
CA SER W 27 13.86 39.09 -33.34
C SER W 27 13.14 39.90 -34.42
N ALA W 28 13.77 40.05 -35.59
CA ALA W 28 13.14 40.81 -36.67
C ALA W 28 11.87 40.13 -37.16
N VAL W 29 11.91 38.80 -37.31
CA VAL W 29 10.71 38.08 -37.74
C VAL W 29 9.61 38.23 -36.69
N ALA W 30 9.98 38.12 -35.40
CA ALA W 30 8.99 38.28 -34.35
C ALA W 30 8.38 39.69 -34.35
N VAL W 31 9.22 40.71 -34.60
CA VAL W 31 8.73 42.09 -34.63
C VAL W 31 7.75 42.29 -35.77
N VAL W 32 8.06 41.77 -36.95
CA VAL W 32 7.15 41.90 -38.08
C VAL W 32 5.82 41.21 -37.77
N ALA W 33 5.88 40.01 -37.18
CA ALA W 33 4.65 39.31 -36.82
C ALA W 33 3.82 40.11 -35.81
N HIS W 34 4.49 40.69 -34.81
CA HIS W 34 3.77 41.49 -33.81
C HIS W 34 3.13 42.72 -34.45
N LEU W 35 3.83 43.38 -35.37
CA LEU W 35 3.25 44.54 -36.02
C LEU W 35 2.00 44.16 -36.81
N ALA W 36 2.07 43.06 -37.58
CA ALA W 36 0.90 42.61 -38.33
C ALA W 36 -0.25 42.25 -37.41
N THR W 37 0.03 41.57 -36.29
CA THR W 37 -1.02 41.19 -35.37
C THR W 37 -1.67 42.43 -34.74
N PHE W 38 -0.86 43.42 -34.35
CA PHE W 38 -1.42 44.63 -33.77
C PHE W 38 -2.28 45.38 -34.79
N ILE W 39 -1.85 45.41 -36.05
CA ILE W 39 -2.70 46.02 -37.08
C ILE W 39 -4.02 45.27 -37.20
N TRP W 40 -3.98 43.95 -37.06
CA TRP W 40 -5.22 43.16 -37.15
C TRP W 40 -6.13 43.42 -35.95
N ARG W 41 -5.79 42.95 -34.74
CA ARG W 41 -6.61 43.18 -33.54
C ARG W 41 -5.81 43.87 -32.40
N PRO W 42 -5.96 45.21 -32.19
CA PRO W 42 -5.15 45.82 -31.12
C PRO W 42 -5.28 45.32 -29.69
N TRP W 43 -4.31 45.56 -28.84
CA TRP W 43 -4.43 45.21 -27.43
C TRP W 43 -4.10 46.35 -26.55
N PHE W 44 -3.71 47.47 -27.14
CA PHE W 44 -3.35 48.66 -26.36
C PHE W 44 -4.06 49.87 -26.90
N MET X 1 24.93 35.41 -40.83
CA MET X 1 23.89 34.77 -41.61
C MET X 1 24.50 33.87 -42.69
N SER X 2 25.67 34.26 -43.18
CA SER X 2 26.40 33.47 -44.17
C SER X 2 27.28 32.40 -43.54
N LYS X 3 27.36 32.35 -42.21
CA LYS X 3 28.14 31.36 -41.50
C LYS X 3 27.26 30.39 -40.72
N PHE X 4 25.99 30.24 -41.11
CA PHE X 4 25.09 29.33 -40.41
C PHE X 4 25.50 27.87 -40.60
N TYR X 5 26.32 27.56 -41.60
CA TYR X 5 26.74 26.18 -41.83
C TYR X 5 27.63 25.62 -40.72
N LYS X 6 28.14 26.47 -39.83
CA LYS X 6 29.03 26.03 -38.76
C LYS X 6 28.28 25.27 -37.66
N ILE X 7 26.95 25.19 -37.72
CA ILE X 7 26.21 24.41 -36.74
C ILE X 7 26.56 22.94 -36.85
N TRP X 8 26.98 22.49 -38.03
CA TRP X 8 27.36 21.09 -38.24
C TRP X 8 28.75 20.77 -37.74
N LEU X 9 29.51 21.77 -37.30
CA LEU X 9 30.71 21.55 -36.50
C LEU X 9 30.40 21.45 -35.02
N ILE X 10 29.15 21.65 -34.64
CA ILE X 10 28.71 21.55 -33.26
C ILE X 10 27.87 20.31 -33.01
N PHE X 11 26.98 19.96 -33.94
CA PHE X 11 26.04 18.87 -33.78
C PHE X 11 26.28 17.80 -34.84
N ASP X 12 26.20 16.54 -34.43
CA ASP X 12 26.23 15.43 -35.37
C ASP X 12 24.86 15.24 -36.00
N PRO X 13 24.79 15.06 -37.33
CA PRO X 13 23.49 14.92 -37.99
C PRO X 13 22.68 13.71 -37.55
N ARG X 14 23.34 12.68 -37.02
CA ARG X 14 22.63 11.42 -36.74
C ARG X 14 21.60 11.58 -35.64
N ARG X 15 21.81 12.54 -34.72
CA ARG X 15 20.82 12.77 -33.67
C ARG X 15 19.85 13.88 -34.06
N VAL X 16 20.35 14.93 -34.71
CA VAL X 16 19.52 16.06 -35.10
C VAL X 16 18.43 15.60 -36.08
N PHE X 17 18.79 14.72 -37.01
CA PHE X 17 17.82 14.28 -38.00
C PHE X 17 16.66 13.53 -37.36
N VAL X 18 16.95 12.63 -36.41
CA VAL X 18 15.87 11.89 -35.76
C VAL X 18 15.04 12.81 -34.88
N ALA X 19 15.68 13.77 -34.20
CA ALA X 19 14.93 14.71 -33.39
C ALA X 19 13.95 15.52 -34.25
N GLN X 20 14.43 16.02 -35.40
CA GLN X 20 13.57 16.79 -36.28
C GLN X 20 12.47 15.92 -36.88
N GLY X 21 12.78 14.67 -37.21
CA GLY X 21 11.77 13.77 -37.74
C GLY X 21 10.65 13.50 -36.76
N VAL X 22 10.99 13.32 -35.49
CA VAL X 22 9.95 13.16 -34.47
C VAL X 22 9.16 14.45 -34.31
N PHE X 23 9.85 15.60 -34.25
CA PHE X 23 9.20 16.87 -33.97
C PHE X 23 8.20 17.24 -35.06
N LEU X 24 8.58 17.07 -36.32
CA LEU X 24 7.69 17.48 -37.41
C LEU X 24 6.41 16.66 -37.44
N PHE X 25 6.52 15.34 -37.26
CA PHE X 25 5.32 14.51 -37.25
C PHE X 25 4.45 14.82 -36.04
N LEU X 26 5.06 15.06 -34.88
CA LEU X 26 4.28 15.45 -33.71
C LEU X 26 3.49 16.73 -33.97
N LEU X 27 4.15 17.72 -34.57
CA LEU X 27 3.50 18.99 -34.89
C LEU X 27 2.33 18.78 -35.85
N ALA X 28 2.57 18.03 -36.93
CA ALA X 28 1.53 17.83 -37.93
C ALA X 28 0.32 17.12 -37.33
N ALA X 29 0.57 16.06 -36.56
CA ALA X 29 -0.53 15.32 -35.94
C ALA X 29 -1.32 16.19 -34.98
N MET X 30 -0.69 16.86 -34.04
CA MET X 30 -1.41 17.77 -33.17
C MET X 30 -2.21 18.80 -33.97
N ILE X 31 -1.61 19.46 -34.94
CA ILE X 31 -2.36 20.50 -35.65
C ILE X 31 -3.61 19.92 -36.31
N HIS X 32 -3.46 18.78 -36.99
CA HIS X 32 -4.62 18.16 -37.64
C HIS X 32 -5.68 17.77 -36.59
N LEU X 33 -5.25 17.23 -35.46
CA LEU X 33 -6.20 16.87 -34.40
C LEU X 33 -6.88 18.09 -33.81
N VAL X 34 -6.14 19.19 -33.63
CA VAL X 34 -6.74 20.41 -33.11
C VAL X 34 -7.79 20.94 -34.07
N LEU X 35 -7.50 20.88 -35.38
CA LEU X 35 -8.49 21.29 -36.38
C LEU X 35 -9.72 20.40 -36.33
N LEU X 36 -9.54 19.10 -36.12
CA LEU X 36 -10.67 18.18 -36.12
C LEU X 36 -11.61 18.37 -34.94
N SER X 37 -11.24 19.16 -33.92
CA SER X 37 -12.05 19.29 -32.73
C SER X 37 -12.89 20.56 -32.71
N THR X 38 -12.92 21.31 -33.80
CA THR X 38 -13.73 22.51 -33.90
C THR X 38 -14.99 22.24 -34.73
N GLU X 39 -15.84 23.25 -34.84
CA GLU X 39 -17.08 23.13 -35.59
C GLU X 39 -17.00 23.78 -36.97
N HIS X 40 -16.14 24.79 -37.14
CA HIS X 40 -16.04 25.48 -38.42
C HIS X 40 -15.02 24.86 -39.36
N PHE X 41 -14.08 24.07 -38.85
CA PHE X 41 -13.00 23.52 -39.67
C PHE X 41 -12.96 22.00 -39.66
N ASN X 42 -14.00 21.34 -39.16
CA ASN X 42 -14.07 19.88 -39.17
C ASN X 42 -14.63 19.45 -40.53
N TRP X 43 -13.76 18.89 -41.38
CA TRP X 43 -14.16 18.56 -42.75
C TRP X 43 -14.93 17.26 -42.85
N PHE X 44 -15.07 16.51 -41.76
CA PHE X 44 -15.89 15.30 -41.81
C PHE X 44 -17.37 15.61 -41.60
N GLU X 45 -17.69 16.45 -40.61
CA GLU X 45 -19.07 16.86 -40.39
C GLU X 45 -19.56 17.81 -41.46
N LEU X 46 -18.64 18.56 -42.09
CA LEU X 46 -19.03 19.48 -43.16
C LEU X 46 -19.59 18.70 -44.36
N ALA X 47 -18.97 17.57 -44.70
CA ALA X 47 -19.47 16.78 -45.82
C ALA X 47 -20.85 16.20 -45.51
N ALA X 48 -21.06 15.73 -44.28
CA ALA X 48 -22.36 15.21 -43.90
C ALA X 48 -23.42 16.29 -43.92
N ALA X 49 -23.09 17.49 -43.41
CA ALA X 49 -24.05 18.59 -43.42
C ALA X 49 -24.35 19.06 -44.84
N ASN X 50 -23.32 19.12 -45.69
CA ASN X 50 -23.51 19.59 -47.06
C ASN X 50 -24.30 18.60 -47.90
N ALA X 51 -24.41 17.35 -47.47
CA ALA X 51 -25.14 16.33 -48.22
C ALA X 51 -26.42 15.94 -47.49
N ASP Y 1 41.07 25.99 -34.55
CA ASP Y 1 39.75 25.76 -35.15
C ASP Y 1 38.87 24.92 -34.23
N LEU Y 2 37.59 25.26 -34.18
CA LEU Y 2 36.63 24.59 -33.31
C LEU Y 2 35.81 23.60 -34.12
N SER Y 3 35.83 22.33 -33.70
CA SER Y 3 35.06 21.29 -34.37
C SER Y 3 34.81 20.17 -33.37
N PHE Y 4 33.57 20.05 -32.89
CA PHE Y 4 33.23 19.01 -31.93
C PHE Y 4 32.94 17.67 -32.59
N THR Y 5 32.43 17.69 -33.82
CA THR Y 5 32.00 16.47 -34.49
C THR Y 5 33.07 15.87 -35.40
N GLY Y 6 34.21 16.52 -35.55
CA GLY Y 6 35.27 16.00 -36.38
C GLY Y 6 35.16 16.31 -37.85
N LEU Y 7 34.15 17.06 -38.27
CA LEU Y 7 34.00 17.44 -39.67
C LEU Y 7 34.93 18.61 -40.02
N THR Y 8 35.16 18.78 -41.32
CA THR Y 8 35.92 19.91 -41.82
C THR Y 8 34.95 21.01 -42.29
N ASP Y 9 35.51 22.08 -42.85
CA ASP Y 9 34.69 23.19 -43.30
C ASP Y 9 33.91 22.84 -44.56
N GLU Y 10 34.56 22.21 -45.54
CA GLU Y 10 33.91 21.90 -46.81
C GLU Y 10 32.77 20.90 -46.62
N GLN Y 11 32.98 19.89 -45.77
CA GLN Y 11 31.93 18.92 -45.51
C GLN Y 11 30.71 19.57 -44.89
N ALA Y 12 30.94 20.48 -43.93
CA ALA Y 12 29.84 21.20 -43.31
C ALA Y 12 29.10 22.07 -44.32
N GLN Y 13 29.84 22.74 -45.21
CA GLN Y 13 29.19 23.55 -46.24
C GLN Y 13 28.32 22.70 -47.16
N GLU Y 14 28.83 21.54 -47.58
CA GLU Y 14 28.05 20.66 -48.45
C GLU Y 14 26.79 20.16 -47.74
N LEU Y 15 26.95 19.74 -46.48
CA LEU Y 15 25.81 19.27 -45.71
C LEU Y 15 24.75 20.36 -45.55
N HIS Y 16 25.19 21.59 -45.27
CA HIS Y 16 24.25 22.70 -45.15
C HIS Y 16 23.55 22.98 -46.46
N SER Y 17 24.27 22.87 -47.58
CA SER Y 17 23.64 23.08 -48.88
C SER Y 17 22.50 22.10 -49.10
N VAL Y 18 22.75 20.82 -48.84
CA VAL Y 18 21.71 19.81 -49.06
C VAL Y 18 20.54 20.02 -48.08
N TYR Y 19 20.85 20.36 -46.83
CA TYR Y 19 19.80 20.58 -45.83
C TYR Y 19 18.90 21.75 -46.24
N MET Y 20 19.49 22.86 -46.69
CA MET Y 20 18.70 23.99 -47.14
C MET Y 20 17.87 23.65 -48.37
N SER Y 21 18.43 22.83 -49.27
CA SER Y 21 17.69 22.40 -50.44
C SER Y 21 16.43 21.64 -50.03
N GLY Y 22 16.54 20.75 -49.04
CA GLY Y 22 15.35 20.06 -48.56
C GLY Y 22 14.36 20.99 -47.87
N LEU Y 23 14.87 21.92 -47.04
CA LEU Y 23 14.01 22.82 -46.30
C LEU Y 23 13.16 23.69 -47.22
N TRP Y 24 13.77 24.20 -48.29
CA TRP Y 24 13.03 25.08 -49.20
C TRP Y 24 11.89 24.34 -49.89
N LEU Y 25 12.11 23.09 -50.30
CA LEU Y 25 11.04 22.31 -50.91
C LEU Y 25 9.91 22.05 -49.91
N PHE Y 26 10.27 21.69 -48.68
CA PHE Y 26 9.24 21.50 -47.65
C PHE Y 26 8.40 22.76 -47.47
N SER Y 27 9.07 23.91 -47.37
CA SER Y 27 8.36 25.17 -47.15
C SER Y 27 7.48 25.52 -48.33
N ALA Y 28 7.95 25.29 -49.56
CA ALA Y 28 7.14 25.59 -50.73
C ALA Y 28 5.88 24.76 -50.77
N VAL Y 29 6.00 23.46 -50.48
CA VAL Y 29 4.81 22.60 -50.47
C VAL Y 29 3.84 23.06 -49.39
N ALA Y 30 4.36 23.41 -48.21
CA ALA Y 30 3.48 23.90 -47.14
C ALA Y 30 2.78 25.18 -47.54
N VAL Y 31 3.48 26.09 -48.24
CA VAL Y 31 2.88 27.36 -48.65
C VAL Y 31 1.76 27.12 -49.65
N VAL Y 32 1.98 26.22 -50.62
CA VAL Y 32 0.92 25.92 -51.58
C VAL Y 32 -0.29 25.34 -50.87
N ALA Y 33 -0.07 24.41 -49.94
CA ALA Y 33 -1.18 23.81 -49.21
C ALA Y 33 -1.96 24.86 -48.41
N HIS Y 34 -1.23 25.77 -47.76
CA HIS Y 34 -1.89 26.82 -46.97
C HIS Y 34 -2.68 27.76 -47.86
N LEU Y 35 -2.17 28.09 -49.04
CA LEU Y 35 -2.92 28.94 -49.96
C LEU Y 35 -4.22 28.27 -50.38
N ALA Y 36 -4.15 26.97 -50.72
CA ALA Y 36 -5.37 26.26 -51.09
C ALA Y 36 -6.37 26.22 -49.93
N THR Y 37 -5.88 25.95 -48.72
CA THR Y 37 -6.77 25.90 -47.56
C THR Y 37 -7.42 27.25 -47.30
N PHE Y 38 -6.65 28.35 -47.41
CA PHE Y 38 -7.22 29.66 -47.19
C PHE Y 38 -8.27 30.01 -48.24
N ILE Y 39 -8.03 29.61 -49.49
CA ILE Y 39 -9.05 29.85 -50.52
C ILE Y 39 -10.31 29.05 -50.21
N TRP Y 40 -10.15 27.83 -49.68
CA TRP Y 40 -11.32 27.01 -49.36
C TRP Y 40 -12.08 27.58 -48.17
N ARG Y 41 -11.46 27.70 -47.00
CA ARG Y 41 -12.11 28.26 -45.81
C ARG Y 41 -11.25 29.36 -45.06
N PRO Y 42 -11.37 30.70 -45.36
CA PRO Y 42 -10.53 31.71 -44.73
C PRO Y 42 -10.69 31.71 -43.21
N TRP Y 43 -9.59 32.08 -42.53
CA TRP Y 43 -9.59 32.23 -41.08
C TRP Y 43 -9.21 33.65 -40.65
N PHE Y 44 -9.23 34.62 -41.56
CA PHE Y 44 -8.91 35.99 -41.23
C PHE Y 44 -9.97 36.95 -41.74
N MET Z 1 18.63 18.81 -54.22
CA MET Z 1 17.59 17.95 -54.78
C MET Z 1 18.19 16.81 -55.58
N SER Z 2 19.27 17.10 -56.29
CA SER Z 2 20.01 16.09 -57.04
C SER Z 2 21.06 15.39 -56.20
N LYS Z 3 21.24 15.80 -54.95
CA LYS Z 3 22.20 15.18 -54.05
C LYS Z 3 21.52 14.63 -52.80
N PHE Z 4 20.25 14.23 -52.93
CA PHE Z 4 19.51 13.61 -51.84
C PHE Z 4 19.94 12.17 -51.58
N TYR Z 5 20.69 11.56 -52.49
CA TYR Z 5 21.16 10.20 -52.33
C TYR Z 5 22.14 10.04 -51.17
N LYS Z 6 22.69 11.15 -50.65
CA LYS Z 6 23.65 11.08 -49.56
C LYS Z 6 23.02 10.71 -48.24
N ILE Z 7 21.69 10.62 -48.17
CA ILE Z 7 21.03 10.22 -46.93
C ILE Z 7 21.40 8.79 -46.55
N TRP Z 8 21.76 7.96 -47.54
CA TRP Z 8 22.17 6.59 -47.26
C TRP Z 8 23.62 6.49 -46.81
N LEU Z 9 24.38 7.59 -46.86
CA LEU Z 9 25.68 7.66 -46.22
C LEU Z 9 25.57 8.03 -44.75
N ILE Z 10 24.37 8.31 -44.26
CA ILE Z 10 24.14 8.66 -42.86
C ILE Z 10 23.39 7.55 -42.14
N PHE Z 11 22.42 6.92 -42.81
CA PHE Z 11 21.54 5.94 -42.19
C PHE Z 11 21.68 4.59 -42.89
N ASP Z 12 21.59 3.52 -42.11
CA ASP Z 12 21.68 2.17 -42.67
C ASP Z 12 20.34 1.79 -43.29
N PRO Z 13 20.30 1.43 -44.57
CA PRO Z 13 19.02 1.08 -45.20
C PRO Z 13 18.32 -0.11 -44.56
N ARG Z 14 19.08 -1.09 -44.05
CA ARG Z 14 18.47 -2.27 -43.46
C ARG Z 14 17.60 -1.90 -42.27
N ARG Z 15 18.07 -1.01 -41.42
CA ARG Z 15 17.34 -0.61 -40.23
C ARG Z 15 16.30 0.47 -40.52
N VAL Z 16 16.33 1.08 -41.70
CA VAL Z 16 15.36 2.10 -42.07
C VAL Z 16 14.13 1.48 -42.74
N PHE Z 17 14.35 0.43 -43.55
CA PHE Z 17 13.24 -0.16 -44.30
C PHE Z 17 12.19 -0.75 -43.38
N VAL Z 18 12.61 -1.44 -42.32
CA VAL Z 18 11.66 -2.08 -41.40
C VAL Z 18 10.81 -1.03 -40.70
N ALA Z 19 11.46 0.02 -40.20
CA ALA Z 19 10.75 1.08 -39.52
C ALA Z 19 9.77 1.78 -40.47
N GLN Z 20 10.19 2.01 -41.71
CA GLN Z 20 9.30 2.63 -42.69
C GLN Z 20 8.07 1.76 -42.95
N GLY Z 21 8.27 0.45 -43.09
CA GLY Z 21 7.14 -0.44 -43.30
C GLY Z 21 6.17 -0.44 -42.12
N VAL Z 22 6.71 -0.50 -40.90
CA VAL Z 22 5.86 -0.49 -39.71
C VAL Z 22 5.07 0.81 -39.64
N PHE Z 23 5.75 1.94 -39.87
CA PHE Z 23 5.08 3.24 -39.84
C PHE Z 23 3.97 3.32 -40.88
N LEU Z 24 4.24 2.87 -42.11
CA LEU Z 24 3.24 2.95 -43.17
C LEU Z 24 2.02 2.09 -42.85
N PHE Z 25 2.24 0.86 -42.37
CA PHE Z 25 1.09 0.00 -42.06
C PHE Z 25 0.28 0.56 -40.92
N LEU Z 26 0.94 1.08 -39.87
CA LEU Z 26 0.20 1.65 -38.76
C LEU Z 26 -0.59 2.88 -39.18
N LEU Z 27 -0.01 3.73 -40.03
CA LEU Z 27 -0.74 4.90 -40.52
C LEU Z 27 -1.96 4.48 -41.34
N ALA Z 28 -1.80 3.49 -42.22
CA ALA Z 28 -2.93 3.05 -43.03
C ALA Z 28 -4.05 2.49 -42.16
N ALA Z 29 -3.69 1.67 -41.16
CA ALA Z 29 -4.70 1.12 -40.27
C ALA Z 29 -5.41 2.21 -39.49
N MET Z 30 -4.66 3.19 -39.00
CA MET Z 30 -5.27 4.29 -38.25
C MET Z 30 -6.25 5.07 -39.13
N ILE Z 31 -5.88 5.35 -40.38
CA ILE Z 31 -6.76 6.14 -41.24
C ILE Z 31 -8.02 5.35 -41.59
N HIS Z 32 -7.88 4.05 -41.89
CA HIS Z 32 -9.04 3.24 -42.20
C HIS Z 32 -9.99 3.17 -41.00
N LEU Z 33 -9.44 2.99 -39.79
CA LEU Z 33 -10.29 2.95 -38.59
C LEU Z 33 -10.96 4.29 -38.34
N VAL Z 34 -10.23 5.40 -38.55
CA VAL Z 34 -10.82 6.73 -38.36
C VAL Z 34 -11.99 6.93 -39.31
N LEU Z 35 -11.84 6.49 -40.56
CA LEU Z 35 -12.97 6.53 -41.50
C LEU Z 35 -14.12 5.66 -41.00
N LEU Z 36 -13.82 4.47 -40.48
CA LEU Z 36 -14.86 3.59 -39.99
C LEU Z 36 -15.59 4.15 -38.77
N SER Z 37 -14.97 5.06 -38.02
CA SER Z 37 -15.56 5.55 -36.78
C SER Z 37 -16.59 6.65 -36.99
N THR Z 38 -16.82 7.09 -38.23
CA THR Z 38 -17.78 8.14 -38.51
C THR Z 38 -19.08 7.53 -39.06
N GLU Z 39 -20.00 8.39 -39.49
CA GLU Z 39 -21.29 7.98 -40.03
C GLU Z 39 -21.39 8.18 -41.53
N HIS Z 40 -20.78 9.23 -42.06
CA HIS Z 40 -20.91 9.53 -43.50
C HIS Z 40 -20.06 8.58 -44.34
N PHE Z 41 -18.93 8.11 -43.81
CA PHE Z 41 -17.97 7.33 -44.59
C PHE Z 41 -17.86 5.88 -44.15
N ASN Z 42 -18.80 5.40 -43.33
CA ASN Z 42 -18.77 4.02 -42.86
C ASN Z 42 -19.40 3.14 -43.93
N TRP Z 43 -18.56 2.59 -44.82
CA TRP Z 43 -19.06 1.84 -45.95
C TRP Z 43 -19.73 0.53 -45.56
N PHE Z 44 -19.56 0.07 -44.32
CA PHE Z 44 -20.29 -1.11 -43.86
C PHE Z 44 -21.76 -0.80 -43.58
N GLU Z 45 -22.07 0.44 -43.23
CA GLU Z 45 -23.44 0.81 -42.87
C GLU Z 45 -24.23 1.35 -44.06
N LEU Z 46 -23.58 1.99 -45.03
CA LEU Z 46 -24.27 2.40 -46.23
C LEU Z 46 -24.77 1.19 -47.02
N ALA Z 47 -24.03 0.07 -46.95
CA ALA Z 47 -24.50 -1.15 -47.63
C ALA Z 47 -25.80 -1.65 -47.03
N ALA Z 48 -25.93 -1.58 -45.70
CA ALA Z 48 -27.15 -2.04 -45.04
C ALA Z 48 -28.29 -1.03 -45.24
N ALA Z 49 -28.00 0.27 -45.15
CA ALA Z 49 -29.05 1.27 -45.26
C ALA Z 49 -29.57 1.37 -46.69
N ASN Z 50 -28.71 1.18 -47.68
CA ASN Z 50 -29.15 1.24 -49.07
C ASN Z 50 -30.10 0.09 -49.39
N ALA Z 51 -29.84 -1.08 -48.82
CA ALA Z 51 -30.70 -2.25 -49.05
C ALA Z 51 -31.57 -2.52 -47.83
N ASP AA 1 35.95 11.31 -48.68
CA ASP AA 1 34.50 11.34 -48.60
C ASP AA 1 34.02 11.07 -47.16
N LEU AA 2 32.77 11.42 -46.88
CA LEU AA 2 32.18 11.23 -45.57
C LEU AA 2 31.17 10.10 -45.63
N SER AA 3 31.28 9.16 -44.69
CA SER AA 3 30.38 8.01 -44.64
C SER AA 3 30.34 7.47 -43.23
N PHE AA 4 29.15 7.46 -42.63
CA PHE AA 4 28.94 6.86 -41.32
C PHE AA 4 28.42 5.43 -41.40
N THR AA 5 28.10 4.93 -42.59
CA THR AA 5 27.52 3.61 -42.77
C THR AA 5 28.44 2.61 -43.43
N GLY AA 6 29.45 3.07 -44.17
CA GLY AA 6 30.34 2.19 -44.89
C GLY AA 6 30.09 2.12 -46.38
N LEU AA 7 28.97 2.65 -46.86
CA LEU AA 7 28.68 2.66 -48.29
C LEU AA 7 29.55 3.70 -49.00
N THR AA 8 29.65 3.56 -50.31
CA THR AA 8 30.35 4.51 -51.15
C THR AA 8 29.35 5.42 -51.86
N ASP AA 9 29.86 6.29 -52.72
CA ASP AA 9 29.02 7.23 -53.44
C ASP AA 9 28.15 6.52 -54.48
N GLU AA 10 28.78 5.65 -55.28
CA GLU AA 10 28.06 4.96 -56.36
C GLU AA 10 26.97 4.05 -55.80
N GLN AA 11 27.28 3.34 -54.71
CA GLN AA 11 26.29 2.45 -54.10
C GLN AA 11 25.10 3.24 -53.57
N ALA AA 12 25.36 4.40 -52.96
CA ALA AA 12 24.27 5.23 -52.46
C ALA AA 12 23.39 5.73 -53.60
N GLN AA 13 23.99 6.17 -54.70
CA GLN AA 13 23.20 6.59 -55.85
C GLN AA 13 22.35 5.44 -56.39
N GLU AA 14 22.96 4.25 -56.49
CA GLU AA 14 22.25 3.10 -57.03
C GLU AA 14 21.06 2.74 -56.15
N LEU AA 15 21.25 2.77 -54.83
CA LEU AA 15 20.17 2.47 -53.92
C LEU AA 15 19.06 3.52 -54.00
N HIS AA 16 19.44 4.79 -54.07
CA HIS AA 16 18.44 5.87 -54.12
C HIS AA 16 17.57 5.77 -55.36
N SER AA 17 18.16 5.35 -56.49
CA SER AA 17 17.37 5.21 -57.71
C SER AA 17 16.20 4.26 -57.52
N VAL AA 18 16.47 3.05 -57.00
CA VAL AA 18 15.41 2.05 -56.83
C VAL AA 18 14.43 2.49 -55.75
N TYR AA 19 14.94 3.12 -54.68
CA TYR AA 19 14.04 3.60 -53.63
C TYR AA 19 13.05 4.62 -54.19
N MET AA 20 13.53 5.54 -55.02
CA MET AA 20 12.63 6.54 -55.60
C MET AA 20 11.66 5.91 -56.59
N SER AA 21 12.09 4.90 -57.34
CA SER AA 21 11.16 4.20 -58.24
C SER AA 21 10.01 3.57 -57.45
N GLY AA 22 10.34 2.89 -56.36
CA GLY AA 22 9.30 2.30 -55.52
C GLY AA 22 8.38 3.36 -54.92
N LEU AA 23 8.96 4.47 -54.47
CA LEU AA 23 8.14 5.56 -53.91
C LEU AA 23 7.17 6.10 -54.95
N TRP AA 24 7.63 6.27 -56.20
CA TRP AA 24 6.75 6.79 -57.24
C TRP AA 24 5.62 5.81 -57.56
N LEU AA 25 5.93 4.51 -57.60
CA LEU AA 25 4.87 3.54 -57.85
C LEU AA 25 3.81 3.57 -56.73
N PHE AA 26 4.27 3.63 -55.48
CA PHE AA 26 3.35 3.70 -54.36
C PHE AA 26 2.48 4.95 -54.44
N SER AA 27 3.10 6.10 -54.77
CA SER AA 27 2.36 7.35 -54.85
C SER AA 27 1.32 7.31 -55.97
N ALA AA 28 1.66 6.71 -57.11
CA ALA AA 28 0.70 6.60 -58.20
C ALA AA 28 -0.51 5.76 -57.79
N VAL AA 29 -0.25 4.63 -57.13
CA VAL AA 29 -1.37 3.78 -56.70
C VAL AA 29 -2.25 4.53 -55.71
N ALA AA 30 -1.64 5.24 -54.76
CA ALA AA 30 -2.41 6.01 -53.79
C ALA AA 30 -3.23 7.10 -54.46
N VAL AA 31 -2.66 7.76 -55.48
CA VAL AA 31 -3.37 8.82 -56.19
C VAL AA 31 -4.60 8.26 -56.89
N VAL AA 32 -4.45 7.12 -57.56
CA VAL AA 32 -5.60 6.51 -58.24
C VAL AA 32 -6.68 6.14 -57.23
N ALA AA 33 -6.29 5.55 -56.10
CA ALA AA 33 -7.27 5.19 -55.08
C ALA AA 33 -8.00 6.41 -54.55
N HIS AA 34 -7.26 7.50 -54.30
CA HIS AA 34 -7.87 8.72 -53.77
C HIS AA 34 -8.84 9.32 -54.77
N LEU AA 35 -8.48 9.31 -56.07
CA LEU AA 35 -9.40 9.84 -57.08
C LEU AA 35 -10.68 9.03 -57.13
N ALA AA 36 -10.57 7.69 -57.09
CA ALA AA 36 -11.78 6.86 -57.08
C ALA AA 36 -12.64 7.14 -55.86
N THR AA 37 -12.00 7.25 -54.69
CA THR AA 37 -12.76 7.52 -53.46
C THR AA 37 -13.46 8.87 -53.52
N PHE AA 38 -12.79 9.90 -54.04
CA PHE AA 38 -13.40 11.21 -54.16
C PHE AA 38 -14.59 11.18 -55.11
N ILE AA 39 -14.46 10.45 -56.22
CA ILE AA 39 -15.59 10.34 -57.14
C ILE AA 39 -16.77 9.63 -56.47
N TRP AA 40 -16.48 8.59 -55.68
CA TRP AA 40 -17.56 7.85 -55.01
C TRP AA 40 -18.28 8.71 -53.99
N ARG AA 41 -17.53 9.34 -53.08
CA ARG AA 41 -18.12 10.13 -51.98
C ARG AA 41 -17.21 11.33 -51.74
N PRO AA 42 -17.60 12.51 -52.23
CA PRO AA 42 -16.66 13.65 -52.22
C PRO AA 42 -16.65 14.37 -50.87
N TRP AA 43 -15.45 14.58 -50.36
CA TRP AA 43 -15.23 15.51 -49.26
C TRP AA 43 -14.91 16.88 -49.84
N PHE AA 44 -14.49 17.82 -48.99
CA PHE AA 44 -14.27 19.21 -49.40
C PHE AA 44 -15.52 19.80 -50.03
N MET BA 1 11.23 -0.31 -61.23
CA MET BA 1 10.91 -1.71 -61.30
C MET BA 1 12.10 -2.17 -62.00
N SER BA 2 12.09 -3.38 -62.56
CA SER BA 2 13.20 -3.93 -63.32
C SER BA 2 14.38 -4.22 -62.45
N LYS BA 3 14.61 -3.39 -61.43
CA LYS BA 3 15.72 -3.58 -60.50
C LYS BA 3 15.27 -3.77 -59.08
N PHE BA 4 14.10 -4.36 -58.90
CA PHE BA 4 13.54 -4.53 -57.57
C PHE BA 4 14.05 -5.79 -56.98
N TYR BA 5 14.78 -6.60 -57.74
CA TYR BA 5 15.28 -7.88 -57.25
C TYR BA 5 16.34 -7.69 -56.21
N LYS BA 6 16.97 -6.54 -56.19
CA LYS BA 6 18.06 -6.29 -55.26
C LYS BA 6 17.62 -6.21 -53.81
N ILE BA 7 16.32 -6.35 -53.53
CA ILE BA 7 15.85 -6.37 -52.15
C ILE BA 7 16.39 -7.59 -51.42
N TRP BA 8 16.70 -8.67 -52.15
CA TRP BA 8 17.22 -9.87 -51.55
C TRP BA 8 18.72 -9.80 -51.26
N LEU BA 9 19.39 -8.74 -51.70
CA LEU BA 9 20.75 -8.45 -51.27
C LEU BA 9 20.78 -7.63 -49.98
N ILE BA 10 19.62 -7.26 -49.45
CA ILE BA 10 19.52 -6.49 -48.23
C ILE BA 10 18.86 -7.29 -47.11
N PHE BA 11 17.86 -8.09 -47.44
CA PHE BA 11 17.07 -8.81 -46.45
C PHE BA 11 17.34 -10.31 -46.53
N ASP BA 12 17.33 -10.96 -45.37
CA ASP BA 12 17.54 -12.40 -45.28
C ASP BA 12 16.23 -13.12 -45.59
N PRO BA 13 16.21 -14.04 -46.57
CA PRO BA 13 14.94 -14.61 -47.01
C PRO BA 13 14.14 -15.33 -45.93
N ARG BA 14 14.80 -16.01 -44.98
CA ARG BA 14 14.09 -16.82 -44.01
C ARG BA 14 13.20 -15.96 -43.11
N ARG BA 15 13.78 -14.92 -42.51
CA ARG BA 15 13.02 -14.04 -41.64
C ARG BA 15 11.93 -13.32 -42.41
N VAL BA 16 12.21 -12.94 -43.66
CA VAL BA 16 11.23 -12.26 -44.49
C VAL BA 16 10.02 -13.16 -44.72
N PHE BA 17 10.27 -14.43 -45.06
CA PHE BA 17 9.17 -15.35 -45.30
C PHE BA 17 8.37 -15.60 -44.02
N VAL BA 18 9.06 -15.77 -42.89
CA VAL BA 18 8.36 -16.02 -41.63
C VAL BA 18 7.46 -14.84 -41.27
N ALA BA 19 8.01 -13.63 -41.34
CA ALA BA 19 7.24 -12.43 -41.01
C ALA BA 19 6.07 -12.25 -41.98
N GLN BA 20 6.30 -12.51 -43.28
CA GLN BA 20 5.23 -12.37 -44.26
C GLN BA 20 4.10 -13.34 -43.97
N GLY BA 21 4.42 -14.60 -43.66
CA GLY BA 21 3.38 -15.56 -43.33
C GLY BA 21 2.59 -15.17 -42.11
N VAL BA 22 3.28 -14.76 -41.04
CA VAL BA 22 2.60 -14.36 -39.81
C VAL BA 22 1.68 -13.18 -40.08
N PHE BA 23 2.19 -12.16 -40.78
CA PHE BA 23 1.41 -10.96 -41.05
C PHE BA 23 0.18 -11.29 -41.91
N LEU BA 24 0.35 -12.12 -42.94
CA LEU BA 24 -0.77 -12.45 -43.80
C LEU BA 24 -1.85 -13.22 -43.05
N PHE BA 25 -1.44 -14.19 -42.23
CA PHE BA 25 -2.43 -14.95 -41.47
C PHE BA 25 -3.18 -14.05 -40.49
N LEU BA 26 -2.45 -13.18 -39.77
CA LEU BA 26 -3.11 -12.30 -38.83
C LEU BA 26 -4.06 -11.34 -39.54
N LEU BA 27 -3.66 -10.80 -40.69
CA LEU BA 27 -4.54 -9.90 -41.43
C LEU BA 27 -5.80 -10.60 -41.90
N ALA BA 28 -5.66 -11.83 -42.42
CA ALA BA 28 -6.84 -12.57 -42.87
C ALA BA 28 -7.78 -12.87 -41.71
N ALA BA 29 -7.23 -13.28 -40.56
CA ALA BA 29 -8.07 -13.53 -39.39
C ALA BA 29 -8.79 -12.27 -38.95
N MET BA 30 -8.09 -11.14 -38.92
CA MET BA 30 -8.72 -9.89 -38.50
C MET BA 30 -9.85 -9.49 -39.44
N ILE BA 31 -9.62 -9.62 -40.76
CA ILE BA 31 -10.67 -9.23 -41.71
C ILE BA 31 -11.88 -10.14 -41.59
N HIS BA 32 -11.66 -11.46 -41.47
CA HIS BA 32 -12.79 -12.37 -41.32
C HIS BA 32 -13.57 -12.09 -40.04
N LEU BA 33 -12.87 -11.81 -38.94
CA LEU BA 33 -13.55 -11.49 -37.68
C LEU BA 33 -14.34 -10.19 -37.81
N VAL BA 34 -13.76 -9.17 -38.44
CA VAL BA 34 -14.46 -7.89 -38.60
C VAL BA 34 -15.72 -8.09 -39.44
N LEU BA 35 -15.64 -8.91 -40.48
CA LEU BA 35 -16.85 -9.23 -41.24
C LEU BA 35 -17.87 -9.97 -40.37
N LEU BA 36 -17.40 -10.89 -39.52
CA LEU BA 36 -18.30 -11.63 -38.65
C LEU BA 36 -18.96 -10.75 -37.60
N SER BA 37 -18.37 -9.61 -37.26
CA SER BA 37 -18.88 -8.76 -36.19
C SER BA 37 -19.92 -7.76 -36.66
N THR BA 38 -20.35 -7.82 -37.91
CA THR BA 38 -21.32 -6.89 -38.46
C THR BA 38 -22.70 -7.53 -38.51
N GLU BA 39 -23.66 -6.82 -39.09
CA GLU BA 39 -25.03 -7.29 -39.26
C GLU BA 39 -25.35 -7.65 -40.70
N HIS BA 40 -25.00 -6.80 -41.65
CA HIS BA 40 -25.31 -7.05 -43.06
C HIS BA 40 -24.43 -8.13 -43.68
N PHE BA 41 -23.26 -8.40 -43.08
CA PHE BA 41 -22.28 -9.30 -43.67
C PHE BA 41 -21.97 -10.48 -42.77
N ASN BA 42 -23.01 -11.11 -42.21
CA ASN BA 42 -22.87 -12.34 -41.43
C ASN BA 42 -23.64 -13.44 -42.17
N TRP BA 43 -22.89 -14.37 -42.77
CA TRP BA 43 -23.48 -15.33 -43.69
C TRP BA 43 -24.21 -16.47 -42.99
N PHE BA 44 -24.04 -16.64 -41.68
CA PHE BA 44 -24.74 -17.72 -40.99
C PHE BA 44 -26.23 -17.46 -40.88
N GLU BA 45 -26.62 -16.20 -40.74
CA GLU BA 45 -28.02 -15.84 -40.50
C GLU BA 45 -28.75 -15.39 -41.76
N LEU BA 46 -28.01 -14.94 -42.77
CA LEU BA 46 -28.65 -14.46 -43.99
C LEU BA 46 -29.37 -15.60 -44.73
N ALA BA 47 -28.86 -16.83 -44.61
CA ALA BA 47 -29.57 -17.97 -45.16
C ALA BA 47 -30.90 -18.18 -44.45
N ALA BA 48 -30.92 -18.04 -43.12
CA ALA BA 48 -32.17 -18.13 -42.38
C ALA BA 48 -33.12 -16.99 -42.76
N ALA BA 49 -32.56 -15.84 -43.14
CA ALA BA 49 -33.39 -14.74 -43.60
C ALA BA 49 -34.15 -15.11 -44.87
N ASN BA 50 -33.49 -15.81 -45.80
CA ASN BA 50 -34.13 -16.23 -47.04
C ASN BA 50 -34.69 -17.64 -46.98
N ALA BA 51 -34.66 -18.29 -45.82
CA ALA BA 51 -35.18 -19.64 -45.68
C ALA BA 51 -36.69 -19.69 -45.87
N ASP CA 1 28.85 -6.41 -55.80
CA ASP CA 1 28.94 -5.07 -55.23
C ASP CA 1 28.42 -5.05 -53.80
N LEU CA 2 27.25 -4.43 -53.62
CA LEU CA 2 26.63 -4.33 -52.30
C LEU CA 2 25.89 -5.62 -52.00
N SER CA 3 26.25 -6.27 -50.89
CA SER CA 3 25.58 -7.50 -50.48
C SER CA 3 25.69 -7.63 -48.97
N PHE CA 4 24.59 -7.36 -48.26
CA PHE CA 4 24.54 -7.53 -46.82
C PHE CA 4 24.23 -8.94 -46.38
N THR CA 5 23.79 -9.80 -47.30
CA THR CA 5 23.41 -11.17 -46.96
C THR CA 5 24.37 -12.21 -47.53
N GLY CA 6 25.34 -11.80 -48.34
CA GLY CA 6 26.25 -12.73 -48.97
C GLY CA 6 25.72 -13.37 -50.23
N LEU CA 7 24.51 -13.05 -50.65
CA LEU CA 7 23.94 -13.60 -51.87
C LEU CA 7 24.55 -12.92 -53.09
N THR CA 8 24.67 -13.67 -54.18
CA THR CA 8 25.14 -13.11 -55.44
C THR CA 8 23.96 -12.49 -56.19
N ASP CA 9 24.19 -12.12 -57.45
CA ASP CA 9 23.19 -11.40 -58.22
C ASP CA 9 22.21 -12.34 -58.94
N GLU CA 10 22.73 -13.38 -59.60
CA GLU CA 10 21.87 -14.27 -60.36
C GLU CA 10 20.93 -15.04 -59.44
N GLN CA 11 21.43 -15.46 -58.27
CA GLN CA 11 20.57 -16.14 -57.29
C GLN CA 11 19.46 -15.22 -56.83
N ALA CA 12 19.78 -13.95 -56.60
CA ALA CA 12 18.75 -12.99 -56.20
C ALA CA 12 17.70 -12.81 -57.29
N GLN CA 13 18.15 -12.76 -58.55
CA GLN CA 13 17.20 -12.65 -59.66
C GLN CA 13 16.26 -13.84 -59.72
N GLU CA 14 16.82 -15.06 -59.59
CA GLU CA 14 15.99 -16.26 -59.62
C GLU CA 14 15.00 -16.29 -58.45
N LEU CA 15 15.48 -15.93 -57.26
CA LEU CA 15 14.61 -15.89 -56.08
C LEU CA 15 13.48 -14.89 -56.27
N HIS CA 16 13.79 -13.70 -56.81
CA HIS CA 16 12.74 -12.71 -57.05
C HIS CA 16 11.74 -13.20 -58.09
N SER CA 17 12.22 -13.89 -59.13
CA SER CA 17 11.31 -14.42 -60.13
C SER CA 17 10.32 -15.40 -59.51
N VAL CA 18 10.83 -16.31 -58.67
CA VAL CA 18 9.94 -17.28 -58.02
C VAL CA 18 8.95 -16.57 -57.10
N TYR CA 19 9.44 -15.57 -56.35
CA TYR CA 19 8.57 -14.86 -55.41
C TYR CA 19 7.45 -14.12 -56.15
N MET CA 20 7.78 -13.47 -57.27
CA MET CA 20 6.75 -12.81 -58.08
C MET CA 20 5.76 -13.83 -58.64
N SER CA 21 6.26 -14.99 -59.06
CA SER CA 21 5.37 -16.01 -59.60
C SER CA 21 4.36 -16.48 -58.56
N GLY CA 22 4.80 -16.66 -57.32
CA GLY CA 22 3.86 -17.01 -56.26
C GLY CA 22 2.89 -15.88 -55.93
N LEU CA 23 3.40 -14.64 -55.88
CA LEU CA 23 2.56 -13.50 -55.51
C LEU CA 23 1.43 -13.29 -56.52
N TRP CA 24 1.73 -13.45 -57.81
CA TRP CA 24 0.69 -13.26 -58.82
C TRP CA 24 -0.44 -14.27 -58.67
N LEU CA 25 -0.11 -15.53 -58.40
CA LEU CA 25 -1.13 -16.54 -58.19
C LEU CA 25 -1.98 -16.23 -56.96
N PHE CA 26 -1.33 -15.82 -55.86
CA PHE CA 26 -2.08 -15.46 -54.66
C PHE CA 26 -3.04 -14.32 -54.94
N SER CA 27 -2.56 -13.28 -55.64
CA SER CA 27 -3.40 -12.14 -55.95
C SER CA 27 -4.56 -12.53 -56.86
N ALA CA 28 -4.32 -13.41 -57.83
CA ALA CA 28 -5.39 -13.84 -58.73
C ALA CA 28 -6.48 -14.58 -57.96
N VAL CA 29 -6.08 -15.49 -57.07
CA VAL CA 29 -7.08 -16.21 -56.27
C VAL CA 29 -7.89 -15.25 -55.41
N ALA CA 30 -7.20 -14.28 -54.77
CA ALA CA 30 -7.90 -13.30 -53.95
C ALA CA 30 -8.87 -12.47 -54.77
N VAL CA 31 -8.47 -12.08 -55.99
CA VAL CA 31 -9.33 -11.29 -56.86
C VAL CA 31 -10.58 -12.08 -57.24
N VAL CA 32 -10.41 -13.37 -57.57
CA VAL CA 32 -11.57 -14.19 -57.90
C VAL CA 32 -12.52 -14.28 -56.71
N ALA CA 33 -11.98 -14.49 -55.51
CA ALA CA 33 -12.82 -14.56 -54.32
C ALA CA 33 -13.56 -13.25 -54.09
N HIS CA 34 -12.88 -12.11 -54.25
CA HIS CA 34 -13.53 -10.82 -54.05
C HIS CA 34 -14.63 -10.59 -55.08
N LEU CA 35 -14.40 -10.98 -56.33
CA LEU CA 35 -15.43 -10.81 -57.36
C LEU CA 35 -16.66 -11.65 -57.03
N ALA CA 36 -16.44 -12.90 -56.60
CA ALA CA 36 -17.58 -13.73 -56.21
C ALA CA 36 -18.34 -13.14 -55.03
N THR CA 37 -17.61 -12.62 -54.04
CA THR CA 37 -18.26 -12.02 -52.87
C THR CA 37 -19.07 -10.79 -53.26
N PHE CA 38 -18.52 -9.94 -54.13
CA PHE CA 38 -19.24 -8.76 -54.55
C PHE CA 38 -20.49 -9.13 -55.35
N ILE CA 39 -20.39 -10.17 -56.19
CA ILE CA 39 -21.57 -10.63 -56.91
C ILE CA 39 -22.63 -11.12 -55.93
N TRP CA 40 -22.21 -11.83 -54.88
CA TRP CA 40 -23.18 -12.34 -53.91
C TRP CA 40 -23.83 -11.20 -53.12
N ARG CA 41 -23.04 -10.25 -52.64
CA ARG CA 41 -23.55 -9.17 -51.79
C ARG CA 41 -22.66 -7.94 -51.97
N PRO CA 42 -23.12 -6.93 -52.70
CA PRO CA 42 -22.28 -5.76 -52.95
C PRO CA 42 -22.11 -4.89 -51.71
N TRP CA 43 -20.93 -4.29 -51.59
CA TRP CA 43 -20.63 -3.34 -50.53
C TRP CA 43 -20.50 -1.91 -51.03
N PHE CA 44 -20.82 -1.65 -52.29
CA PHE CA 44 -20.80 -0.30 -52.83
C PHE CA 44 -22.13 0.04 -53.49
N MET DA 1 5.70 -21.25 -60.94
CA MET DA 1 4.99 -22.36 -60.29
C MET DA 1 5.71 -23.68 -60.53
N SER DA 2 6.51 -23.72 -61.60
CA SER DA 2 7.29 -24.92 -61.89
C SER DA 2 8.47 -25.09 -60.94
N LYS DA 3 8.93 -23.99 -60.35
CA LYS DA 3 10.11 -24.04 -59.47
C LYS DA 3 9.74 -23.71 -58.03
N PHE DA 4 8.61 -24.20 -57.55
CA PHE DA 4 8.21 -24.04 -56.15
C PHE DA 4 8.84 -25.07 -55.24
N TYR DA 5 9.58 -26.03 -55.78
CA TYR DA 5 10.20 -27.05 -54.94
C TYR DA 5 11.41 -26.52 -54.18
N LYS DA 6 11.89 -25.33 -54.53
CA LYS DA 6 13.09 -24.74 -53.92
C LYS DA 6 12.83 -24.18 -52.54
N ILE DA 7 11.61 -24.24 -52.01
CA ILE DA 7 11.38 -23.77 -50.65
C ILE DA 7 12.14 -24.64 -49.64
N TRP DA 8 12.34 -25.92 -49.96
CA TRP DA 8 13.09 -26.81 -49.08
C TRP DA 8 14.58 -26.52 -49.09
N LEU DA 9 15.08 -25.84 -50.12
CA LEU DA 9 16.45 -25.35 -50.11
C LEU DA 9 16.64 -24.23 -49.09
N ILE DA 10 15.55 -23.63 -48.62
CA ILE DA 10 15.62 -22.51 -47.68
C ILE DA 10 15.19 -22.97 -46.29
N PHE DA 11 14.10 -23.73 -46.23
CA PHE DA 11 13.51 -24.15 -44.96
C PHE DA 11 13.76 -25.64 -44.72
N ASP DA 12 14.03 -25.98 -43.47
CA ASP DA 12 14.18 -27.38 -43.09
C ASP DA 12 12.84 -28.10 -43.22
N PRO DA 13 12.79 -29.26 -43.88
CA PRO DA 13 11.47 -29.86 -44.18
C PRO DA 13 10.72 -30.37 -42.97
N ARG DA 14 11.40 -31.08 -42.06
CA ARG DA 14 10.71 -31.74 -40.96
C ARG DA 14 10.20 -30.74 -39.93
N ARG DA 15 11.01 -29.71 -39.63
CA ARG DA 15 10.55 -28.64 -38.76
C ARG DA 15 9.30 -27.98 -39.33
N VAL DA 16 9.27 -27.82 -40.66
CA VAL DA 16 8.09 -27.30 -41.32
C VAL DA 16 6.90 -28.23 -41.14
N PHE DA 17 7.13 -29.54 -41.31
CA PHE DA 17 6.03 -30.50 -41.27
C PHE DA 17 5.37 -30.56 -39.90
N VAL DA 18 6.19 -30.59 -38.84
CA VAL DA 18 5.62 -30.71 -37.50
C VAL DA 18 4.80 -29.46 -37.15
N ALA DA 19 5.34 -28.28 -37.45
CA ALA DA 19 4.63 -27.04 -37.18
C ALA DA 19 3.35 -26.95 -38.01
N GLN DA 20 3.41 -27.41 -39.26
CA GLN DA 20 2.23 -27.42 -40.12
C GLN DA 20 1.14 -28.30 -39.53
N GLY DA 21 1.51 -29.49 -39.05
CA GLY DA 21 0.53 -30.37 -38.43
C GLY DA 21 -0.09 -29.77 -37.19
N VAL DA 22 0.74 -29.15 -36.34
CA VAL DA 22 0.21 -28.52 -35.13
C VAL DA 22 -0.76 -27.39 -35.48
N PHE DA 23 -0.37 -26.54 -36.44
CA PHE DA 23 -1.22 -25.43 -36.85
C PHE DA 23 -2.53 -25.92 -37.44
N LEU DA 24 -2.47 -26.96 -38.27
CA LEU DA 24 -3.70 -27.50 -38.86
C LEU DA 24 -4.61 -28.09 -37.81
N PHE DA 25 -4.05 -28.80 -36.82
CA PHE DA 25 -4.88 -29.37 -35.77
C PHE DA 25 -5.58 -28.27 -34.96
N LEU DA 26 -4.84 -27.22 -34.59
CA LEU DA 26 -5.48 -26.13 -33.87
C LEU DA 26 -6.52 -25.40 -34.72
N LEU DA 27 -6.27 -25.21 -36.02
CA LEU DA 27 -7.25 -24.57 -36.89
C LEU DA 27 -8.52 -25.40 -36.97
N ALA DA 28 -8.39 -26.72 -37.12
CA ALA DA 28 -9.56 -27.59 -37.16
C ALA DA 28 -10.33 -27.54 -35.84
N ALA DA 29 -9.63 -27.51 -34.73
CA ALA DA 29 -10.29 -27.37 -33.45
C ALA DA 29 -11.26 -26.23 -33.43
N MET DA 30 -10.76 -25.00 -33.56
CA MET DA 30 -11.61 -23.80 -33.58
C MET DA 30 -12.80 -23.83 -34.53
N ILE DA 31 -12.58 -24.21 -35.78
CA ILE DA 31 -13.67 -24.21 -36.74
C ILE DA 31 -14.77 -25.17 -36.32
N HIS DA 32 -14.43 -26.28 -35.68
CA HIS DA 32 -15.44 -27.18 -35.14
C HIS DA 32 -16.08 -26.65 -33.87
N LEU DA 33 -15.37 -25.87 -33.07
CA LEU DA 33 -15.98 -25.28 -31.90
C LEU DA 33 -16.84 -24.07 -32.23
N VAL DA 34 -16.62 -23.44 -33.38
CA VAL DA 34 -17.36 -22.24 -33.74
C VAL DA 34 -18.57 -22.76 -34.45
N LEU DA 35 -18.40 -23.90 -35.12
CA LEU DA 35 -19.50 -24.50 -35.82
C LEU DA 35 -20.38 -25.17 -34.83
N LEU DA 36 -20.06 -25.07 -33.54
CA LEU DA 36 -20.96 -25.54 -32.53
C LEU DA 36 -21.87 -24.33 -32.33
N SER DA 37 -22.59 -23.92 -33.39
CA SER DA 37 -23.45 -22.74 -33.35
C SER DA 37 -24.87 -23.14 -33.30
N THR DA 38 -25.63 -22.52 -32.41
CA THR DA 38 -27.01 -22.97 -32.25
C THR DA 38 -27.92 -22.34 -33.27
N GLU DA 39 -27.75 -22.73 -34.51
CA GLU DA 39 -28.56 -22.22 -35.57
C GLU DA 39 -28.65 -23.46 -36.34
N HIS DA 40 -28.38 -23.38 -37.63
CA HIS DA 40 -28.36 -24.60 -38.40
C HIS DA 40 -27.01 -25.29 -38.35
N PHE DA 41 -26.30 -25.21 -37.22
CA PHE DA 41 -24.92 -25.73 -37.20
C PHE DA 41 -24.44 -26.72 -36.11
N ASN DA 42 -25.06 -26.73 -34.94
CA ASN DA 42 -24.67 -27.67 -33.89
C ASN DA 42 -25.41 -28.99 -34.04
N TRP DA 43 -24.65 -30.09 -34.04
CA TRP DA 43 -25.25 -31.39 -34.24
C TRP DA 43 -24.88 -32.37 -33.17
N PHE DA 44 -23.91 -32.01 -32.32
CA PHE DA 44 -23.54 -32.88 -31.22
C PHE DA 44 -24.81 -33.03 -30.43
N GLU DA 45 -25.40 -31.90 -30.09
CA GLU DA 45 -26.68 -31.98 -29.41
C GLU DA 45 -27.69 -32.57 -30.39
N LEU DA 46 -28.29 -33.70 -30.03
CA LEU DA 46 -29.34 -34.29 -30.86
C LEU DA 46 -30.40 -34.77 -29.91
N ALA DA 47 -30.09 -34.76 -28.62
CA ALA DA 47 -31.06 -35.20 -27.61
C ALA DA 47 -32.12 -34.15 -27.49
N ALA DA 48 -31.72 -32.90 -27.22
CA ALA DA 48 -32.67 -31.80 -27.17
C ALA DA 48 -32.74 -31.20 -28.55
N ALA DA 49 -32.91 -32.05 -29.56
CA ALA DA 49 -32.98 -31.58 -30.93
C ALA DA 49 -34.22 -32.10 -31.62
N ASN DA 50 -34.12 -33.28 -32.23
CA ASN DA 50 -35.24 -33.82 -33.00
C ASN DA 50 -35.49 -35.33 -32.79
N ALA DA 51 -35.37 -35.81 -31.55
CA ALA DA 51 -35.59 -37.22 -31.28
C ALA DA 51 -37.04 -37.53 -30.93
N ASP EA 1 22.70 -23.78 -56.77
CA ASP EA 1 22.84 -22.41 -56.27
C ASP EA 1 22.99 -22.40 -54.74
N LEU EA 2 22.14 -21.61 -54.09
CA LEU EA 2 22.18 -21.48 -52.64
C LEU EA 2 21.29 -22.53 -51.98
N SER EA 3 21.75 -23.08 -50.85
CA SER EA 3 20.99 -24.08 -50.14
C SER EA 3 21.41 -23.94 -48.74
N PHE EA 4 20.51 -23.60 -47.85
CA PHE EA 4 20.89 -23.55 -46.45
C PHE EA 4 20.48 -24.80 -45.70
N THR EA 5 20.02 -25.84 -46.39
CA THR EA 5 19.53 -27.04 -45.72
C THR EA 5 20.45 -28.21 -45.93
N GLY EA 6 21.14 -28.24 -47.05
CA GLY EA 6 22.11 -29.28 -47.35
C GLY EA 6 21.59 -30.28 -48.35
N LEU EA 7 20.72 -29.84 -49.25
CA LEU EA 7 20.17 -30.68 -50.31
C LEU EA 7 20.51 -30.05 -51.66
N THR EA 8 20.34 -30.84 -52.72
CA THR EA 8 20.53 -30.39 -54.08
C THR EA 8 19.16 -30.25 -54.75
N ASP EA 9 19.19 -29.91 -56.04
CA ASP EA 9 17.94 -29.74 -56.78
C ASP EA 9 17.17 -31.05 -56.86
N GLU EA 10 17.87 -32.16 -57.08
CA GLU EA 10 17.19 -33.46 -57.21
C GLU EA 10 16.54 -33.86 -55.90
N GLN EA 11 17.20 -33.59 -54.77
CA GLN EA 11 16.65 -33.99 -53.48
C GLN EA 11 15.37 -33.20 -53.15
N ALA EA 12 15.40 -31.88 -53.37
CA ALA EA 12 14.21 -31.08 -53.13
C ALA EA 12 13.10 -31.44 -54.11
N GLN EA 13 13.44 -31.69 -55.37
CA GLN EA 13 12.45 -32.08 -56.35
C GLN EA 13 11.80 -33.42 -56.02
N GLU EA 14 12.54 -34.36 -55.46
CA GLU EA 14 11.98 -35.63 -55.02
C GLU EA 14 11.18 -35.51 -53.74
N LEU EA 15 11.60 -34.66 -52.80
CA LEU EA 15 10.88 -34.48 -51.55
C LEU EA 15 9.62 -33.65 -51.70
N HIS EA 16 9.51 -32.84 -52.75
CA HIS EA 16 8.30 -32.05 -53.00
C HIS EA 16 7.14 -32.91 -53.50
N SER EA 17 7.42 -34.02 -54.16
CA SER EA 17 6.36 -34.85 -54.75
C SER EA 17 5.45 -35.42 -53.67
N VAL EA 18 6.04 -35.93 -52.58
CA VAL EA 18 5.25 -36.52 -51.50
C VAL EA 18 4.36 -35.46 -50.86
N TYR EA 19 4.94 -34.28 -50.61
CA TYR EA 19 4.17 -33.20 -50.01
C TYR EA 19 3.00 -32.79 -50.90
N MET EA 20 3.25 -32.66 -52.21
CA MET EA 20 2.18 -32.27 -53.12
C MET EA 20 1.11 -33.35 -53.22
N SER EA 21 1.51 -34.62 -53.23
CA SER EA 21 0.54 -35.72 -53.29
C SER EA 21 -0.33 -35.75 -52.04
N GLY EA 22 0.27 -35.54 -50.86
CA GLY EA 22 -0.53 -35.45 -49.65
C GLY EA 22 -1.47 -34.26 -49.65
N LEU EA 23 -0.95 -33.10 -49.98
CA LEU EA 23 -1.75 -31.90 -49.90
C LEU EA 23 -2.91 -32.04 -50.85
N TRP EA 24 -2.64 -32.50 -52.06
CA TRP EA 24 -3.70 -32.68 -53.04
C TRP EA 24 -4.67 -33.82 -52.75
N LEU EA 25 -4.49 -34.58 -51.69
CA LEU EA 25 -5.43 -35.62 -51.33
C LEU EA 25 -6.19 -35.20 -50.11
N PHE EA 26 -5.51 -34.54 -49.18
CA PHE EA 26 -6.15 -34.06 -47.97
C PHE EA 26 -7.18 -33.03 -48.37
N SER EA 27 -6.94 -32.34 -49.47
CA SER EA 27 -7.86 -31.33 -49.92
C SER EA 27 -9.04 -31.95 -50.61
N ALA EA 28 -8.84 -32.97 -51.43
CA ALA EA 28 -9.98 -33.67 -52.02
C ALA EA 28 -10.93 -34.18 -50.94
N VAL EA 29 -10.38 -34.75 -49.85
CA VAL EA 29 -11.21 -35.21 -48.75
C VAL EA 29 -11.99 -34.03 -48.15
N ALA EA 30 -11.31 -32.90 -47.97
CA ALA EA 30 -11.99 -31.71 -47.45
C ALA EA 30 -13.09 -31.23 -48.39
N VAL EA 31 -12.87 -31.30 -49.70
CA VAL EA 31 -13.89 -30.89 -50.66
C VAL EA 31 -15.11 -31.80 -50.57
N VAL EA 32 -14.89 -33.11 -50.47
CA VAL EA 32 -16.03 -34.01 -50.33
C VAL EA 32 -16.80 -33.73 -49.05
N ALA EA 33 -16.09 -33.51 -47.94
CA ALA EA 33 -16.78 -33.19 -46.68
C ALA EA 33 -17.57 -31.89 -46.79
N HIS EA 34 -16.99 -30.87 -47.42
CA HIS EA 34 -17.68 -29.60 -47.58
C HIS EA 34 -18.93 -29.75 -48.46
N LEU EA 35 -18.82 -30.53 -49.54
CA LEU EA 35 -19.97 -30.74 -50.40
C LEU EA 35 -21.09 -31.47 -49.65
N ALA EA 36 -20.73 -32.47 -48.86
CA ALA EA 36 -21.74 -33.18 -48.07
C ALA EA 36 -22.43 -32.23 -47.09
N THR EA 37 -21.63 -31.39 -46.41
CA THR EA 37 -22.21 -30.45 -45.45
C THR EA 37 -23.12 -29.45 -46.15
N PHE EA 38 -22.71 -28.96 -47.33
CA PHE EA 38 -23.54 -28.03 -48.07
C PHE EA 38 -24.85 -28.68 -48.50
N ILE EA 39 -24.80 -29.94 -48.94
CA ILE EA 39 -26.02 -30.67 -49.29
C ILE EA 39 -26.92 -30.77 -48.07
N TRP EA 40 -26.34 -31.01 -46.90
CA TRP EA 40 -27.09 -31.08 -45.66
C TRP EA 40 -27.85 -29.78 -45.37
N ARG EA 41 -27.11 -28.68 -45.19
CA ARG EA 41 -27.71 -27.39 -44.85
C ARG EA 41 -26.92 -26.28 -45.53
N PRO EA 42 -27.44 -25.69 -46.60
CA PRO EA 42 -26.71 -24.63 -47.30
C PRO EA 42 -26.53 -23.40 -46.44
N TRP EA 43 -25.42 -22.70 -46.67
CA TRP EA 43 -25.11 -21.47 -45.95
C TRP EA 43 -24.93 -20.25 -46.86
N PHE EA 44 -25.10 -20.38 -48.17
CA PHE EA 44 -25.22 -19.23 -49.06
C PHE EA 44 -26.68 -18.94 -49.37
N MET FA 1 -6.25 -65.27 10.17
CA MET FA 1 -6.40 -64.26 11.21
C MET FA 1 -5.35 -64.43 12.30
N SER FA 2 -4.64 -65.57 12.28
CA SER FA 2 -3.62 -65.85 13.28
C SER FA 2 -2.29 -65.17 12.98
N LYS FA 3 -2.15 -64.51 11.84
CA LYS FA 3 -0.93 -63.81 11.47
C LYS FA 3 -1.13 -62.30 11.42
N PHE FA 4 -2.11 -61.77 12.15
CA PHE FA 4 -2.35 -60.33 12.18
C PHE FA 4 -1.25 -59.57 12.89
N TYR FA 5 -0.43 -60.26 13.71
CA TYR FA 5 0.63 -59.61 14.46
C TYR FA 5 1.73 -59.05 13.58
N LYS FA 6 1.80 -59.44 12.30
CA LYS FA 6 2.84 -58.93 11.42
C LYS FA 6 2.64 -57.45 11.06
N ILE FA 7 1.50 -56.86 11.38
CA ILE FA 7 1.28 -55.45 11.09
C ILE FA 7 2.23 -54.58 11.90
N TRP FA 8 2.68 -55.07 13.06
CA TRP FA 8 3.66 -54.35 13.86
C TRP FA 8 5.08 -54.51 13.31
N LEU FA 9 5.30 -55.42 12.36
CA LEU FA 9 6.58 -55.51 11.68
C LEU FA 9 6.70 -54.51 10.53
N ILE FA 10 5.63 -53.76 10.24
CA ILE FA 10 5.61 -52.80 9.15
C ILE FA 10 5.28 -51.40 9.65
N PHE FA 11 4.19 -51.26 10.39
CA PHE FA 11 3.74 -49.96 10.88
C PHE FA 11 4.48 -49.58 12.16
N ASP FA 12 4.81 -48.30 12.27
CA ASP FA 12 5.44 -47.80 13.48
C ASP FA 12 4.39 -47.71 14.60
N PRO FA 13 4.59 -48.40 15.73
CA PRO FA 13 3.55 -48.41 16.77
C PRO FA 13 3.22 -47.04 17.33
N ARG FA 14 4.22 -46.16 17.47
CA ARG FA 14 3.99 -44.86 18.10
C ARG FA 14 3.13 -43.96 17.22
N ARG FA 15 3.44 -43.89 15.93
CA ARG FA 15 2.66 -43.06 15.01
C ARG FA 15 1.22 -43.56 14.92
N VAL FA 16 1.04 -44.87 14.82
CA VAL FA 16 -0.30 -45.46 14.74
C VAL FA 16 -1.06 -45.19 16.04
N PHE FA 17 -0.39 -45.30 17.19
CA PHE FA 17 -1.04 -45.04 18.46
C PHE FA 17 -1.50 -43.59 18.56
N VAL FA 18 -0.65 -42.65 18.14
CA VAL FA 18 -1.03 -41.24 18.19
C VAL FA 18 -2.21 -40.98 17.26
N ALA FA 19 -2.16 -41.52 16.04
CA ALA FA 19 -3.24 -41.32 15.09
C ALA FA 19 -4.55 -41.89 15.61
N GLN FA 20 -4.52 -43.09 16.19
CA GLN FA 20 -5.72 -43.70 16.73
C GLN FA 20 -6.25 -42.91 17.92
N GLY FA 21 -5.35 -42.43 18.79
CA GLY FA 21 -5.79 -41.65 19.93
C GLY FA 21 -6.48 -40.36 19.52
N VAL FA 22 -5.98 -39.71 18.48
CA VAL FA 22 -6.66 -38.52 17.96
C VAL FA 22 -8.00 -38.91 17.33
N PHE FA 23 -8.00 -39.95 16.50
CA PHE FA 23 -9.16 -40.28 15.69
C PHE FA 23 -10.34 -40.76 16.55
N LEU FA 24 -10.07 -41.58 17.57
CA LEU FA 24 -11.15 -42.10 18.40
C LEU FA 24 -11.84 -40.99 19.16
N PHE FA 25 -11.05 -40.08 19.75
CA PHE FA 25 -11.65 -38.95 20.47
C PHE FA 25 -12.42 -38.03 19.53
N LEU FA 26 -11.88 -37.78 18.33
CA LEU FA 26 -12.59 -36.95 17.37
C LEU FA 26 -13.91 -37.57 16.97
N LEU FA 27 -13.91 -38.88 16.69
CA LEU FA 27 -15.14 -39.56 16.29
C LEU FA 27 -16.16 -39.56 17.42
N ALA FA 28 -15.72 -39.78 18.66
CA ALA FA 28 -16.63 -39.75 19.80
C ALA FA 28 -17.24 -38.36 19.98
N ALA FA 29 -16.42 -37.31 19.84
CA ALA FA 29 -16.94 -35.96 19.98
C ALA FA 29 -17.95 -35.63 18.89
N MET FA 30 -17.65 -36.00 17.64
CA MET FA 30 -18.59 -35.76 16.55
C MET FA 30 -19.89 -36.54 16.75
N ILE FA 31 -19.81 -37.79 17.21
CA ILE FA 31 -21.01 -38.57 17.44
C ILE FA 31 -21.86 -37.94 18.54
N HIS FA 32 -21.24 -37.54 19.64
CA HIS FA 32 -21.99 -36.91 20.72
C HIS FA 32 -22.64 -35.59 20.26
N LEU FA 33 -21.90 -34.79 19.49
CA LEU FA 33 -22.45 -33.53 18.99
C LEU FA 33 -23.59 -33.76 18.01
N VAL FA 34 -23.46 -34.77 17.15
CA VAL FA 34 -24.54 -35.10 16.21
C VAL FA 34 -25.78 -35.54 16.97
N LEU FA 35 -25.60 -36.35 18.02
CA LEU FA 35 -26.73 -36.70 18.87
C LEU FA 35 -27.32 -35.46 19.54
N LEU FA 36 -26.49 -34.45 19.83
CA LEU FA 36 -26.98 -33.23 20.46
C LEU FA 36 -27.70 -32.31 19.48
N SER FA 37 -27.50 -32.48 18.18
CA SER FA 37 -28.07 -31.56 17.19
C SER FA 37 -29.49 -31.93 16.79
N THR FA 38 -30.05 -33.00 17.35
CA THR FA 38 -31.40 -33.42 17.03
C THR FA 38 -32.36 -33.01 18.16
N GLU FA 39 -33.63 -33.34 17.99
CA GLU FA 39 -34.66 -33.02 18.97
C GLU FA 39 -35.05 -34.20 19.83
N HIS FA 40 -35.09 -35.41 19.26
CA HIS FA 40 -35.51 -36.58 20.00
C HIS FA 40 -34.43 -37.09 20.95
N PHE FA 41 -33.16 -36.80 20.67
CA PHE FA 41 -32.05 -37.33 21.45
C PHE FA 41 -31.24 -36.20 22.10
N ASN FA 42 -31.91 -35.13 22.53
CA ASN FA 42 -31.25 -34.02 23.23
C ASN FA 42 -31.68 -34.08 24.69
N TRP FA 43 -30.82 -34.65 25.54
CA TRP FA 43 -31.17 -34.82 26.94
C TRP FA 43 -31.22 -33.49 27.68
N PHE FA 44 -30.39 -32.52 27.28
CA PHE FA 44 -30.41 -31.21 27.92
C PHE FA 44 -31.77 -30.54 27.77
N GLU FA 45 -32.35 -30.60 26.58
CA GLU FA 45 -33.68 -30.04 26.36
C GLU FA 45 -34.77 -30.94 26.93
N LEU FA 46 -34.56 -32.26 26.91
CA LEU FA 46 -35.54 -33.18 27.45
C LEU FA 46 -35.73 -32.98 28.95
N ALA FA 47 -34.64 -32.69 29.67
CA ALA FA 47 -34.74 -32.43 31.10
C ALA FA 47 -35.59 -31.19 31.37
N ALA FA 48 -35.38 -30.13 30.59
CA ALA FA 48 -36.18 -28.91 30.77
C ALA FA 48 -37.63 -29.13 30.38
N ALA FA 49 -37.89 -29.94 29.35
CA ALA FA 49 -39.26 -30.21 28.94
C ALA FA 49 -40.02 -30.98 30.02
N ASN FA 50 -39.36 -31.92 30.67
CA ASN FA 50 -39.99 -32.77 31.68
C ASN FA 50 -39.98 -32.13 33.07
N ALA FA 51 -39.40 -30.94 33.22
CA ALA FA 51 -39.36 -30.27 34.50
C ALA FA 51 -40.64 -29.48 34.75
N ASP GA 1 12.64 -61.39 8.85
CA ASP GA 1 11.56 -61.75 7.93
C ASP GA 1 11.06 -60.52 7.18
N LEU GA 2 10.18 -59.76 7.83
CA LEU GA 2 9.63 -58.53 7.24
C LEU GA 2 9.61 -57.42 8.30
N SER GA 3 10.70 -57.31 9.06
CA SER GA 3 10.79 -56.31 10.10
C SER GA 3 11.14 -54.94 9.53
N PHE GA 4 10.46 -53.92 10.04
CA PHE GA 4 10.72 -52.55 9.59
C PHE GA 4 11.00 -51.63 10.78
N THR GA 5 10.35 -51.89 11.91
CA THR GA 5 10.47 -51.03 13.09
C THR GA 5 11.48 -51.54 14.11
N GLY GA 6 11.93 -52.79 13.98
CA GLY GA 6 12.90 -53.33 14.92
C GLY GA 6 12.28 -54.28 15.92
N LEU GA 7 11.27 -55.03 15.48
CA LEU GA 7 10.57 -55.98 16.34
C LEU GA 7 10.88 -57.41 15.93
N THR GA 8 10.77 -58.31 16.90
CA THR GA 8 10.86 -59.74 16.66
C THR GA 8 9.45 -60.32 16.56
N ASP GA 9 9.39 -61.61 16.19
CA ASP GA 9 8.10 -62.25 15.99
C ASP GA 9 7.33 -62.35 17.31
N GLU GA 10 7.97 -62.84 18.36
CA GLU GA 10 7.32 -62.96 19.65
C GLU GA 10 7.03 -61.60 20.27
N GLN GA 11 7.89 -60.60 20.03
CA GLN GA 11 7.59 -59.24 20.49
C GLN GA 11 6.32 -58.71 19.85
N ALA GA 12 6.17 -58.90 18.54
CA ALA GA 12 4.95 -58.49 17.85
C ALA GA 12 3.74 -59.27 18.34
N GLN GA 13 3.92 -60.57 18.62
CA GLN GA 13 2.82 -61.37 19.17
C GLN GA 13 2.36 -60.82 20.52
N GLU GA 14 3.31 -60.48 21.40
CA GLU GA 14 2.96 -59.93 22.71
C GLU GA 14 2.26 -58.58 22.55
N LEU GA 15 2.79 -57.72 21.67
CA LEU GA 15 2.16 -56.43 21.43
C LEU GA 15 0.73 -56.59 20.95
N HIS GA 16 0.53 -57.50 19.99
CA HIS GA 16 -0.80 -57.75 19.45
C HIS GA 16 -1.75 -58.28 20.54
N SER GA 17 -1.26 -59.19 21.38
CA SER GA 17 -2.09 -59.75 22.44
C SER GA 17 -2.55 -58.67 23.41
N VAL GA 18 -1.61 -57.85 23.90
CA VAL GA 18 -1.97 -56.79 24.85
C VAL GA 18 -2.92 -55.79 24.21
N TYR GA 19 -2.61 -55.37 22.98
CA TYR GA 19 -3.44 -54.38 22.30
C TYR GA 19 -4.84 -54.91 22.06
N MET GA 20 -4.97 -56.17 21.65
CA MET GA 20 -6.28 -56.74 21.39
C MET GA 20 -7.07 -56.90 22.69
N SER GA 21 -6.40 -57.29 23.79
CA SER GA 21 -7.10 -57.40 25.06
C SER GA 21 -7.65 -56.04 25.49
N GLY GA 22 -6.82 -54.99 25.38
CA GLY GA 22 -7.29 -53.65 25.73
C GLY GA 22 -8.44 -53.20 24.86
N LEU GA 23 -8.32 -53.43 23.54
CA LEU GA 23 -9.37 -53.02 22.61
C LEU GA 23 -10.68 -53.74 22.90
N TRP GA 24 -10.61 -55.04 23.19
CA TRP GA 24 -11.83 -55.79 23.45
C TRP GA 24 -12.47 -55.41 24.77
N LEU GA 25 -11.67 -55.08 25.80
CA LEU GA 25 -12.27 -54.57 27.02
C LEU GA 25 -12.94 -53.22 26.79
N PHE GA 26 -12.28 -52.35 26.01
CA PHE GA 26 -12.86 -51.04 25.70
C PHE GA 26 -14.17 -51.19 24.95
N SER GA 27 -14.24 -52.13 24.02
CA SER GA 27 -15.48 -52.42 23.31
C SER GA 27 -16.52 -53.09 24.19
N ALA GA 28 -16.09 -53.89 25.17
CA ALA GA 28 -17.04 -54.52 26.09
C ALA GA 28 -17.76 -53.47 26.92
N VAL GA 29 -17.04 -52.44 27.38
CA VAL GA 29 -17.70 -51.36 28.10
C VAL GA 29 -18.71 -50.64 27.21
N ALA GA 30 -18.33 -50.36 25.97
CA ALA GA 30 -19.21 -49.67 25.03
C ALA GA 30 -20.43 -50.50 24.66
N VAL GA 31 -20.32 -51.82 24.67
CA VAL GA 31 -21.50 -52.65 24.40
C VAL GA 31 -22.56 -52.47 25.48
N VAL GA 32 -22.13 -52.48 26.75
CA VAL GA 32 -23.07 -52.22 27.85
C VAL GA 32 -23.64 -50.82 27.74
N ALA GA 33 -22.80 -49.85 27.37
CA ALA GA 33 -23.30 -48.49 27.17
C ALA GA 33 -24.37 -48.43 26.10
N HIS GA 34 -24.14 -49.10 24.97
CA HIS GA 34 -25.11 -49.11 23.87
C HIS GA 34 -26.41 -49.81 24.27
N LEU GA 35 -26.33 -50.92 24.98
CA LEU GA 35 -27.55 -51.56 25.46
C LEU GA 35 -28.32 -50.68 26.43
N ALA GA 36 -27.61 -49.96 27.30
CA ALA GA 36 -28.28 -49.02 28.20
C ALA GA 36 -28.99 -47.93 27.42
N THR GA 37 -28.33 -47.37 26.39
CA THR GA 37 -28.96 -46.34 25.58
C THR GA 37 -30.18 -46.87 24.85
N PHE GA 38 -30.10 -48.09 24.31
CA PHE GA 38 -31.25 -48.68 23.64
C PHE GA 38 -32.41 -48.91 24.60
N ILE GA 39 -32.11 -49.39 25.80
CA ILE GA 39 -33.18 -49.65 26.78
C ILE GA 39 -33.83 -48.35 27.22
N TRP GA 40 -33.02 -47.30 27.41
CA TRP GA 40 -33.59 -46.01 27.82
C TRP GA 40 -34.48 -45.43 26.74
N ARG GA 41 -34.02 -45.48 25.48
CA ARG GA 41 -34.79 -44.93 24.35
C ARG GA 41 -34.39 -45.68 23.09
N PRO GA 42 -35.26 -46.55 22.57
CA PRO GA 42 -34.97 -47.22 21.31
C PRO GA 42 -34.86 -46.23 20.16
N TRP GA 43 -33.97 -46.52 19.22
CA TRP GA 43 -33.77 -45.68 18.04
C TRP GA 43 -34.00 -46.39 16.72
N PHE GA 44 -34.37 -47.66 16.73
CA PHE GA 44 -34.63 -48.39 15.49
C PHE GA 44 -36.13 -48.44 15.19
#